data_8EP1
#
_entry.id   8EP1
#
_cell.length_a   1.00
_cell.length_b   1.00
_cell.length_c   1.00
_cell.angle_alpha   90.00
_cell.angle_beta   90.00
_cell.angle_gamma   90.00
#
_symmetry.space_group_name_H-M   'P 1'
#
loop_
_entity.id
_entity.type
_entity.pdbx_description
1 polymer 'Potassium voltage-gated channel subfamily H member 1'
2 polymer Calmodulin-1
#
loop_
_entity_poly.entity_id
_entity_poly.type
_entity_poly.pdbx_seq_one_letter_code
_entity_poly.pdbx_strand_id
1 'polypeptide(L)'
;LVAPQNTFLENIVRRSNDTNFVLGNAQIVDWPIVYSNDGFCKLSGYHRAEVMQKSSACSFMYGELTDKDTVEKVRQTFEN
YEMNSFEILMYKKNRTPVWFFVKIAPIRNEQDKVVLFLCTFSDITAFKQPIEDDSCKGWGKFARLTRALTSSRGVLQQLA
PSVQKGENVHKHSRLAEVLQLGSDILPQYKQEAPKTPPHIILHYCVFKTTWDWIILILTFYTAILVPYNVSFKTRQNNVA
WLVVDSIVDVIFLVDIVLNFHTTFVGPAGEVISDPKLIRMNYLKTWFVIDLLSCLPYDVINAFENVDEGISSLFSSLKVV
RLLRLGRVARKLDHYIEYGAAVLVLLVCVFGLAAHWMACIWYSIGDYEIFDEDTKTIRNNSWLYQLALDIGTPYQFNGSG
SGKWEGGPSKNSVYISSLYFTMTSLTSVGFGNIAPSTDIEKIFAVAIMMIGSLLYATIFGNVTTIFQQMYANTNRYHEML
NSVRDFLKLYQVPKGLSERVMDYIVSTWSMSRGIDTEKVLQICPKDMRADICVHLNRKVFKEHPAFRLASDGCLRALAME
FQTVHCAPGDLIYHAGESVDSLCFVVSGSLEVIQDDEVVAILGKGDVFGDVFWKEATLAQSCANVRALTYCDLHVIKRDA
LQKVLEFYTAFSHSFSRNLILTYNLRKRIVFRKISDVKREEEERMKRKNEAPLILPPDHPVRRLFQRFRQQKE
;
A,D,C,B
2 'polypeptide(L)'
;EEQIAEFKEAFSLFDKDGDGTITTKELGTVMRSLGQNPTEAELQDMINEVDADGNGTIDFPEFLTMMARKMKDTDSEEEI
REAFRVFDKDGNGYISAAELRHVMTNLGEKLTDEEVDEMIREADIDGDGQVNYEEFVQMMTA
;
E,H,G,F
#
# COMPACT_ATOMS: atom_id res chain seq x y z
N LEU A 1 30.53 4.64 -13.16
CA LEU A 1 29.35 5.49 -13.29
C LEU A 1 29.75 6.95 -13.38
N VAL A 2 30.01 7.42 -14.60
CA VAL A 2 30.38 8.80 -14.85
C VAL A 2 29.51 9.34 -15.99
N ALA A 3 29.44 10.67 -16.07
CA ALA A 3 28.62 11.32 -17.06
C ALA A 3 29.40 12.42 -17.77
N PRO A 4 29.10 12.67 -19.05
CA PRO A 4 29.68 13.85 -19.72
C PRO A 4 29.27 15.13 -19.02
N GLN A 5 30.27 15.90 -18.60
CA GLN A 5 30.08 16.97 -17.64
C GLN A 5 30.65 18.27 -18.19
N ASN A 6 29.89 19.35 -18.03
CA ASN A 6 30.33 20.68 -18.42
C ASN A 6 30.94 21.36 -17.21
N THR A 7 32.25 21.64 -17.27
CA THR A 7 32.95 22.23 -16.14
C THR A 7 33.45 23.64 -16.49
N PHE A 8 32.61 24.41 -17.19
CA PHE A 8 33.01 25.74 -17.62
C PHE A 8 33.07 26.71 -16.44
N LEU A 9 31.93 26.89 -15.75
CA LEU A 9 31.88 27.86 -14.66
C LEU A 9 32.86 27.50 -13.56
N GLU A 10 32.93 26.22 -13.21
CA GLU A 10 33.77 25.81 -12.10
C GLU A 10 35.25 26.07 -12.39
N ASN A 11 35.70 25.70 -13.60
CA ASN A 11 37.08 25.97 -13.97
C ASN A 11 37.36 27.47 -14.06
N ILE A 12 36.43 28.25 -14.59
CA ILE A 12 36.71 29.67 -14.77
C ILE A 12 36.77 30.38 -13.41
N VAL A 13 35.91 30.00 -12.47
CA VAL A 13 35.93 30.65 -11.16
C VAL A 13 37.11 30.16 -10.34
N ARG A 14 37.52 28.89 -10.53
CA ARG A 14 38.71 28.40 -9.83
C ARG A 14 39.97 29.07 -10.36
N ARG A 15 40.03 29.30 -11.66
CA ARG A 15 41.21 29.91 -12.28
C ARG A 15 41.21 31.43 -12.15
N SER A 16 40.07 32.04 -11.80
CA SER A 16 39.99 33.49 -11.74
C SER A 16 40.99 34.05 -10.73
N ASN A 17 41.10 33.43 -9.55
CA ASN A 17 42.01 33.86 -8.50
C ASN A 17 41.73 35.32 -8.09
N ASP A 18 40.52 35.52 -7.58
CA ASP A 18 40.07 36.83 -7.07
C ASP A 18 40.09 37.90 -8.16
N THR A 19 39.58 37.54 -9.33
CA THR A 19 39.42 38.50 -10.41
C THR A 19 37.96 38.54 -10.88
N ASN A 20 37.71 39.20 -12.01
CA ASN A 20 36.36 39.36 -12.54
C ASN A 20 36.33 38.95 -14.01
N PHE A 21 35.13 38.71 -14.51
CA PHE A 21 34.96 38.32 -15.91
C PHE A 21 33.50 38.53 -16.33
N VAL A 22 33.33 38.77 -17.62
CA VAL A 22 32.01 38.98 -18.22
C VAL A 22 31.96 38.22 -19.54
N LEU A 23 30.88 37.48 -19.75
CA LEU A 23 30.73 36.61 -20.91
C LEU A 23 29.81 37.25 -21.95
N GLY A 24 30.07 36.97 -23.21
CA GLY A 24 29.26 37.50 -24.29
C GLY A 24 29.20 36.56 -25.48
N ASN A 25 28.12 36.69 -26.25
CA ASN A 25 27.89 35.80 -27.38
C ASN A 25 28.77 36.19 -28.56
N ALA A 26 29.05 35.21 -29.42
CA ALA A 26 30.00 35.40 -30.51
C ALA A 26 29.36 35.42 -31.88
N GLN A 27 28.29 34.65 -32.10
CA GLN A 27 27.60 34.61 -33.39
C GLN A 27 26.42 35.59 -33.42
N ILE A 28 26.49 36.65 -32.64
CA ILE A 28 25.35 37.54 -32.44
C ILE A 28 25.80 38.99 -32.64
N VAL A 29 24.97 39.76 -33.36
CA VAL A 29 25.35 41.12 -33.75
C VAL A 29 25.30 42.06 -32.56
N ASP A 30 26.34 42.88 -32.43
CA ASP A 30 26.59 43.85 -31.36
C ASP A 30 26.91 43.19 -30.03
N TRP A 31 26.83 41.86 -29.95
CA TRP A 31 27.26 41.09 -28.80
C TRP A 31 26.62 41.53 -27.48
N PRO A 32 25.33 41.25 -27.28
CA PRO A 32 24.77 41.38 -25.92
C PRO A 32 25.44 40.46 -24.90
N ILE A 33 25.48 40.93 -23.66
CA ILE A 33 26.12 40.19 -22.58
C ILE A 33 25.29 38.99 -22.15
N VAL A 34 25.95 37.85 -21.94
CA VAL A 34 25.29 36.66 -21.45
C VAL A 34 25.59 36.38 -19.98
N TYR A 35 26.62 37.02 -19.40
CA TYR A 35 26.92 36.76 -18.00
C TYR A 35 27.73 37.91 -17.41
N SER A 36 27.49 38.16 -16.12
CA SER A 36 28.27 39.08 -15.31
C SER A 36 28.70 38.43 -14.00
N ASN A 37 29.52 39.14 -13.23
CA ASN A 37 30.15 38.61 -12.04
C ASN A 37 30.02 39.61 -10.90
N ASP A 38 30.04 39.07 -9.68
CA ASP A 38 29.82 39.89 -8.48
C ASP A 38 30.88 40.99 -8.36
N GLY A 39 32.13 40.65 -8.66
CA GLY A 39 33.18 41.66 -8.63
C GLY A 39 32.90 42.83 -9.56
N PHE A 40 32.47 42.52 -10.80
CA PHE A 40 32.15 43.59 -11.73
C PHE A 40 31.00 44.45 -11.22
N CYS A 41 29.92 43.82 -10.77
CA CYS A 41 28.75 44.59 -10.39
C CYS A 41 29.01 45.39 -9.12
N LYS A 42 30.01 44.99 -8.34
CA LYS A 42 30.38 45.80 -7.18
C LYS A 42 31.27 46.98 -7.59
N LEU A 43 32.21 46.75 -8.51
CA LEU A 43 33.12 47.82 -8.89
C LEU A 43 32.43 48.87 -9.77
N SER A 44 31.54 48.44 -10.66
CA SER A 44 30.90 49.36 -11.60
C SER A 44 29.55 49.87 -11.12
N GLY A 45 29.05 49.37 -10.00
CA GLY A 45 27.81 49.87 -9.43
C GLY A 45 26.56 49.47 -10.17
N TYR A 46 26.67 48.71 -11.25
CA TYR A 46 25.53 48.28 -12.05
C TYR A 46 25.10 46.90 -11.59
N HIS A 47 23.80 46.73 -11.36
CA HIS A 47 23.28 45.44 -10.94
C HIS A 47 23.31 44.46 -12.11
N ARG A 48 23.31 43.16 -11.78
CA ARG A 48 23.44 42.14 -12.82
C ARG A 48 22.25 42.18 -13.79
N ALA A 49 21.05 42.40 -13.26
CA ALA A 49 19.87 42.37 -14.12
C ALA A 49 19.85 43.53 -15.11
N GLU A 50 20.38 44.68 -14.70
CA GLU A 50 20.41 45.85 -15.58
C GLU A 50 21.60 45.87 -16.54
N VAL A 51 22.60 44.99 -16.37
CA VAL A 51 23.66 44.90 -17.37
C VAL A 51 23.36 43.83 -18.41
N MET A 52 22.48 42.88 -18.13
CA MET A 52 22.22 41.80 -19.07
C MET A 52 21.64 42.34 -20.37
N GLN A 53 22.01 41.66 -21.46
CA GLN A 53 21.60 42.02 -22.81
C GLN A 53 22.14 43.40 -23.21
N LYS A 54 23.42 43.61 -22.93
CA LYS A 54 24.09 44.85 -23.29
C LYS A 54 25.28 44.54 -24.19
N SER A 55 25.59 45.50 -25.06
CA SER A 55 26.66 45.35 -26.04
C SER A 55 27.97 44.94 -25.39
N SER A 56 28.64 43.93 -25.95
CA SER A 56 29.91 43.54 -25.32
C SER A 56 31.05 44.49 -25.68
N ALA A 57 30.80 45.43 -26.59
CA ALA A 57 31.74 46.52 -26.85
C ALA A 57 31.85 47.47 -25.67
N CYS A 58 31.03 47.29 -24.62
CA CYS A 58 31.08 48.09 -23.41
C CYS A 58 30.75 49.55 -23.67
N SER A 59 29.88 49.81 -24.64
CA SER A 59 29.53 51.18 -24.98
C SER A 59 28.72 51.86 -23.87
N PHE A 60 28.03 51.08 -23.04
CA PHE A 60 27.07 51.67 -22.11
C PHE A 60 27.74 52.30 -20.89
N MET A 61 29.03 52.05 -20.66
CA MET A 61 29.79 52.88 -19.73
C MET A 61 30.85 53.74 -20.45
N TYR A 62 30.52 54.26 -21.62
CA TYR A 62 31.43 55.18 -22.29
C TYR A 62 31.26 56.59 -21.71
N GLY A 63 32.11 57.49 -22.16
CA GLY A 63 32.06 58.86 -21.68
C GLY A 63 32.89 59.81 -22.51
N GLU A 64 33.05 61.04 -21.99
CA GLU A 64 33.66 62.11 -22.78
C GLU A 64 35.12 61.79 -23.12
N LEU A 65 35.83 61.14 -22.21
CA LEU A 65 37.25 60.87 -22.42
C LEU A 65 37.51 59.55 -23.12
N THR A 66 36.47 58.83 -23.51
CA THR A 66 36.66 57.60 -24.28
C THR A 66 37.16 57.94 -25.69
N ASP A 67 38.10 57.15 -26.17
CA ASP A 67 38.74 57.39 -27.47
C ASP A 67 38.07 56.54 -28.54
N LYS A 68 37.70 57.19 -29.65
CA LYS A 68 37.13 56.46 -30.78
C LYS A 68 38.12 55.46 -31.35
N ASP A 69 39.42 55.74 -31.22
CA ASP A 69 40.44 54.79 -31.65
C ASP A 69 40.30 53.47 -30.88
N THR A 70 40.09 53.56 -29.57
CA THR A 70 39.91 52.35 -28.78
C THR A 70 38.60 51.64 -29.13
N VAL A 71 37.57 52.40 -29.50
CA VAL A 71 36.33 51.78 -29.95
C VAL A 71 36.57 50.98 -31.22
N GLU A 72 37.28 51.57 -32.19
CA GLU A 72 37.62 50.85 -33.41
C GLU A 72 38.50 49.63 -33.10
N LYS A 73 39.38 49.76 -32.12
CA LYS A 73 40.26 48.63 -31.79
C LYS A 73 39.47 47.47 -31.20
N VAL A 74 38.59 47.76 -30.23
CA VAL A 74 37.79 46.70 -29.65
C VAL A 74 36.84 46.11 -30.70
N ARG A 75 36.36 46.94 -31.63
CA ARG A 75 35.47 46.42 -32.67
C ARG A 75 36.22 45.48 -33.61
N GLN A 76 37.42 45.88 -34.06
CA GLN A 76 38.16 45.01 -34.97
C GLN A 76 38.65 43.75 -34.24
N THR A 77 38.89 43.84 -32.94
CA THR A 77 39.27 42.64 -32.20
C THR A 77 38.10 41.69 -32.06
N PHE A 78 36.91 42.21 -31.78
CA PHE A 78 35.73 41.36 -31.68
C PHE A 78 35.42 40.71 -33.04
N GLU A 79 35.53 41.48 -34.13
CA GLU A 79 35.16 40.92 -35.42
C GLU A 79 36.27 40.07 -36.04
N ASN A 80 37.51 40.19 -35.56
CA ASN A 80 38.59 39.32 -36.03
C ASN A 80 38.90 38.17 -35.08
N TYR A 81 38.33 38.19 -33.86
CA TYR A 81 38.48 37.11 -32.89
C TYR A 81 39.96 36.85 -32.55
N GLU A 82 40.57 37.82 -31.88
CA GLU A 82 41.97 37.68 -31.47
C GLU A 82 42.20 38.11 -30.03
N MET A 83 43.21 37.51 -29.41
CA MET A 83 43.57 37.83 -28.03
C MET A 83 44.09 39.27 -28.02
N ASN A 84 43.69 40.07 -27.03
CA ASN A 84 44.34 41.37 -26.94
C ASN A 84 43.95 42.01 -25.62
N SER A 85 44.63 43.11 -25.29
CA SER A 85 44.47 43.73 -23.98
C SER A 85 44.69 45.23 -24.11
N PHE A 86 43.70 46.02 -23.70
CA PHE A 86 43.69 47.47 -23.80
C PHE A 86 43.55 48.12 -22.44
N GLU A 87 43.86 49.41 -22.41
CA GLU A 87 43.59 50.29 -21.28
C GLU A 87 42.90 51.53 -21.80
N ILE A 88 41.86 51.96 -21.11
CA ILE A 88 40.93 52.96 -21.62
C ILE A 88 40.08 53.48 -20.47
N LEU A 89 39.78 54.77 -20.48
CA LEU A 89 39.04 55.36 -19.38
C LEU A 89 37.56 54.95 -19.42
N MET A 90 37.08 54.36 -18.33
CA MET A 90 35.69 53.92 -18.21
C MET A 90 34.91 54.81 -17.24
N TYR A 91 33.60 54.60 -17.22
CA TYR A 91 32.67 55.42 -16.44
C TYR A 91 31.76 54.54 -15.60
N LYS A 92 31.57 54.91 -14.33
CA LYS A 92 30.72 54.14 -13.44
C LYS A 92 29.32 54.76 -13.37
N LYS A 93 28.53 54.29 -12.41
CA LYS A 93 27.15 54.77 -12.28
C LYS A 93 27.08 56.25 -11.97
N ASN A 94 27.97 56.73 -11.10
CA ASN A 94 28.09 58.14 -10.71
C ASN A 94 28.85 58.98 -11.73
N ARG A 95 29.09 58.43 -12.93
CA ARG A 95 29.80 59.04 -14.06
C ARG A 95 31.18 59.54 -13.68
N THR A 96 31.75 59.08 -12.58
CA THR A 96 33.11 59.48 -12.23
C THR A 96 34.12 58.66 -13.05
N PRO A 97 35.03 59.31 -13.77
CA PRO A 97 35.99 58.57 -14.59
C PRO A 97 37.07 57.92 -13.73
N VAL A 98 37.37 56.66 -14.03
CA VAL A 98 38.36 55.89 -13.30
C VAL A 98 39.22 55.11 -14.31
N TRP A 99 40.54 55.16 -14.12
CA TRP A 99 41.46 54.52 -15.05
C TRP A 99 41.24 53.02 -15.10
N PHE A 100 41.34 52.45 -16.30
CA PHE A 100 40.87 51.08 -16.49
C PHE A 100 41.75 50.34 -17.48
N PHE A 101 41.82 49.02 -17.31
CA PHE A 101 42.52 48.12 -18.21
C PHE A 101 41.57 46.98 -18.56
N VAL A 102 41.66 46.47 -19.79
CA VAL A 102 40.78 45.40 -20.26
C VAL A 102 41.59 44.40 -21.07
N LYS A 103 41.03 43.19 -21.21
CA LYS A 103 41.59 42.14 -22.05
C LYS A 103 40.49 41.19 -22.47
N ILE A 104 40.47 40.83 -23.76
CA ILE A 104 39.43 39.99 -24.34
C ILE A 104 40.03 38.66 -24.75
N ALA A 105 39.21 37.60 -24.68
CA ALA A 105 39.65 36.26 -25.08
C ALA A 105 38.44 35.42 -25.45
N PRO A 106 38.10 35.35 -26.73
CA PRO A 106 37.01 34.45 -27.15
C PRO A 106 37.40 32.99 -26.99
N ILE A 107 36.38 32.13 -26.90
CA ILE A 107 36.55 30.70 -26.68
C ILE A 107 35.94 29.95 -27.85
N ARG A 108 36.59 28.86 -28.26
CA ARG A 108 36.12 28.06 -29.38
C ARG A 108 35.07 27.07 -28.89
N ASN A 109 34.71 26.11 -29.76
CA ASN A 109 33.71 25.11 -29.44
C ASN A 109 34.14 23.77 -30.01
N GLU A 110 33.59 22.70 -29.44
CA GLU A 110 33.91 21.34 -29.88
C GLU A 110 33.55 21.12 -31.34
N GLN A 111 32.58 21.86 -31.86
CA GLN A 111 32.13 21.75 -33.25
C GLN A 111 32.90 22.67 -34.18
N ASP A 112 34.10 23.10 -33.78
CA ASP A 112 34.96 23.99 -34.57
C ASP A 112 34.24 25.29 -34.91
N LYS A 113 33.91 26.04 -33.85
CA LYS A 113 33.26 27.33 -34.00
C LYS A 113 33.53 28.16 -32.75
N VAL A 114 33.30 29.46 -32.86
CA VAL A 114 33.43 30.38 -31.74
C VAL A 114 32.03 30.78 -31.30
N VAL A 115 31.71 30.55 -30.03
CA VAL A 115 30.37 30.72 -29.51
C VAL A 115 30.31 31.80 -28.43
N LEU A 116 31.31 31.86 -27.55
CA LEU A 116 31.28 32.75 -26.41
C LEU A 116 32.53 33.63 -26.41
N PHE A 117 32.38 34.86 -25.95
CA PHE A 117 33.49 35.75 -25.66
C PHE A 117 33.82 35.74 -24.18
N LEU A 118 35.01 36.22 -23.85
CA LEU A 118 35.43 36.37 -22.47
C LEU A 118 36.33 37.60 -22.35
N CYS A 119 35.84 38.58 -21.60
CA CYS A 119 36.54 39.84 -21.36
C CYS A 119 36.79 39.99 -19.87
N THR A 120 38.05 40.21 -19.51
CA THR A 120 38.45 40.40 -18.12
C THR A 120 38.74 41.87 -17.85
N PHE A 121 38.78 42.22 -16.57
CA PHE A 121 38.83 43.61 -16.15
C PHE A 121 39.80 43.80 -14.99
N SER A 122 40.31 45.02 -14.88
CA SER A 122 41.21 45.38 -13.78
C SER A 122 41.23 46.89 -13.66
N ASP A 123 41.63 47.36 -12.49
CA ASP A 123 41.69 48.79 -12.19
C ASP A 123 43.15 49.18 -11.98
N ILE A 124 43.53 50.31 -12.56
CA ILE A 124 44.91 50.76 -12.43
C ILE A 124 44.87 52.25 -12.09
N THR A 125 43.76 52.65 -11.44
CA THR A 125 43.53 54.06 -11.15
C THR A 125 44.65 54.68 -10.34
N ALA A 126 45.18 53.93 -9.37
CA ALA A 126 46.20 54.47 -8.48
C ALA A 126 47.58 54.57 -9.11
N PHE A 127 47.83 53.91 -10.26
CA PHE A 127 49.15 53.90 -10.86
C PHE A 127 49.15 54.62 -12.21
N LYS A 128 48.12 55.41 -12.50
CA LYS A 128 48.04 56.11 -13.76
C LYS A 128 48.04 57.61 -13.51
N GLN A 129 47.90 58.37 -14.59
CA GLN A 129 47.84 59.82 -14.49
C GLN A 129 46.58 60.24 -13.74
N PRO A 130 46.67 61.10 -12.74
CA PRO A 130 45.47 61.49 -11.99
C PRO A 130 44.61 62.45 -12.80
N ILE A 131 43.36 62.07 -13.03
CA ILE A 131 42.39 62.89 -13.76
C ILE A 131 41.15 63.02 -12.90
N GLU A 132 40.67 64.26 -12.75
CA GLU A 132 39.49 64.53 -11.93
C GLU A 132 38.53 65.42 -12.69
N ASP A 133 37.24 65.26 -12.40
CA ASP A 133 36.18 66.06 -13.00
C ASP A 133 35.54 67.03 -12.02
N ASP A 134 35.14 66.55 -10.84
CA ASP A 134 34.57 67.43 -9.82
C ASP A 134 34.81 66.77 -8.46
N SER A 135 35.74 67.32 -7.69
CA SER A 135 36.09 66.76 -6.39
C SER A 135 36.28 67.90 -5.40
N CYS A 136 36.09 67.57 -4.12
CA CYS A 136 36.27 68.56 -3.06
C CYS A 136 37.73 69.00 -2.98
N LYS A 137 38.66 68.06 -3.11
CA LYS A 137 40.08 68.38 -3.04
C LYS A 137 40.86 67.36 -3.88
N GLY A 138 42.07 67.74 -4.27
CA GLY A 138 42.90 66.85 -5.05
C GLY A 138 43.30 65.60 -4.28
N TRP A 139 43.73 65.77 -3.03
CA TRP A 139 44.11 64.62 -2.22
C TRP A 139 42.89 63.76 -1.88
N GLY A 140 41.73 64.39 -1.71
CA GLY A 140 40.52 63.61 -1.50
C GLY A 140 40.18 62.73 -2.68
N LYS A 141 40.28 63.29 -3.89
CA LYS A 141 40.05 62.49 -5.10
C LYS A 141 41.11 61.39 -5.23
N PHE A 142 42.36 61.71 -4.88
CA PHE A 142 43.41 60.70 -4.93
C PHE A 142 43.12 59.56 -3.97
N ALA A 143 42.68 59.88 -2.75
CA ALA A 143 42.35 58.83 -1.78
C ALA A 143 41.15 58.02 -2.25
N ARG A 144 40.16 58.68 -2.86
CA ARG A 144 39.00 57.96 -3.39
C ARG A 144 39.42 56.99 -4.50
N LEU A 145 40.31 57.44 -5.39
CA LEU A 145 40.77 56.57 -6.47
C LEU A 145 41.60 55.41 -5.93
N THR A 146 42.49 55.66 -4.97
CA THR A 146 43.32 54.60 -4.42
C THR A 146 42.52 53.60 -3.62
N ARG A 147 41.41 54.03 -3.00
CA ARG A 147 40.60 53.13 -2.21
C ARG A 147 39.96 52.03 -3.03
N ALA A 148 39.85 52.22 -4.34
CA ALA A 148 39.27 51.21 -5.23
C ALA A 148 40.31 50.25 -5.77
N LEU A 149 41.58 50.39 -5.38
CA LEU A 149 42.66 49.53 -5.86
C LEU A 149 43.04 48.47 -4.85
N THR A 150 42.06 47.94 -4.11
CA THR A 150 42.35 46.94 -3.10
C THR A 150 42.89 45.65 -3.72
N SER A 151 42.30 45.23 -4.85
CA SER A 151 42.74 43.99 -5.49
C SER A 151 44.19 44.10 -5.95
N SER A 152 44.57 45.23 -6.55
CA SER A 152 45.94 45.41 -7.00
C SER A 152 46.89 45.58 -5.82
N ARG A 153 46.44 46.30 -4.78
CA ARG A 153 47.27 46.53 -3.62
C ARG A 153 47.40 45.30 -2.72
N GLY A 154 46.61 44.26 -2.97
CA GLY A 154 46.68 43.05 -2.17
C GLY A 154 47.93 42.23 -2.43
N VAL A 155 47.83 40.92 -2.23
CA VAL A 155 48.98 40.03 -2.39
C VAL A 155 49.48 40.00 -3.83
N LEU A 156 48.70 40.51 -4.78
CA LEU A 156 49.15 40.55 -6.16
C LEU A 156 50.38 41.43 -6.31
N GLN A 157 50.39 42.58 -5.64
CA GLN A 157 51.52 43.50 -5.66
C GLN A 157 51.81 44.01 -4.26
N GLN A 158 51.84 43.09 -3.28
CA GLN A 158 52.05 43.48 -1.89
C GLN A 158 53.46 43.98 -1.63
N LEU A 159 54.42 43.64 -2.49
CA LEU A 159 55.81 44.07 -2.29
C LEU A 159 56.08 45.46 -2.86
N ALA A 160 55.09 46.10 -3.47
CA ALA A 160 55.31 47.42 -4.05
C ALA A 160 55.70 48.47 -3.03
N PRO A 161 54.99 48.64 -1.89
CA PRO A 161 55.41 49.69 -0.95
C PRO A 161 56.80 49.51 -0.39
N SER A 162 57.26 48.26 -0.25
CA SER A 162 58.59 48.00 0.29
C SER A 162 59.69 48.28 -0.73
N VAL A 163 59.35 48.51 -1.99
CA VAL A 163 60.34 48.73 -3.04
C VAL A 163 60.00 50.01 -3.81
N GLN A 164 60.78 50.31 -4.83
CA GLN A 164 60.56 51.48 -5.66
C GLN A 164 60.72 51.10 -7.13
N LYS A 165 60.06 51.87 -8.00
CA LYS A 165 60.09 51.64 -9.44
C LYS A 165 59.64 50.22 -9.79
N GLY A 166 58.61 49.75 -9.08
CA GLY A 166 58.06 48.43 -9.30
C GLY A 166 57.09 48.32 -10.45
N GLU A 167 56.88 49.41 -11.18
CA GLU A 167 55.98 49.40 -12.33
C GLU A 167 56.45 48.46 -13.43
N ASN A 168 57.74 48.17 -13.49
CA ASN A 168 58.27 47.29 -14.53
C ASN A 168 57.79 45.84 -14.36
N VAL A 169 57.32 45.48 -13.17
CA VAL A 169 56.85 44.12 -12.92
C VAL A 169 55.40 44.06 -12.50
N HIS A 170 54.78 45.17 -12.09
CA HIS A 170 53.39 45.13 -11.67
C HIS A 170 52.47 44.77 -12.83
N LYS A 171 52.72 45.35 -14.01
CA LYS A 171 51.90 45.04 -15.18
C LYS A 171 52.05 43.58 -15.57
N HIS A 172 53.28 43.06 -15.53
CA HIS A 172 53.49 41.65 -15.85
C HIS A 172 52.78 40.74 -14.85
N SER A 173 52.85 41.09 -13.56
CA SER A 173 52.15 40.30 -12.55
C SER A 173 50.65 40.32 -12.76
N ARG A 174 50.10 41.49 -13.11
CA ARG A 174 48.67 41.59 -13.37
C ARG A 174 48.27 40.78 -14.60
N LEU A 175 49.09 40.82 -15.66
CA LEU A 175 48.77 40.11 -16.88
C LEU A 175 48.99 38.60 -16.77
N ALA A 176 49.83 38.15 -15.84
CA ALA A 176 50.09 36.72 -15.72
C ALA A 176 48.83 35.95 -15.36
N GLU A 177 48.03 36.48 -14.42
CA GLU A 177 46.80 35.80 -14.04
C GLU A 177 45.80 35.77 -15.18
N VAL A 178 45.71 36.86 -15.94
CA VAL A 178 44.75 36.93 -17.05
C VAL A 178 45.15 35.98 -18.16
N LEU A 179 46.46 35.85 -18.42
CA LEU A 179 46.94 35.01 -19.51
C LEU A 179 46.63 33.53 -19.29
N GLN A 180 46.35 33.12 -18.07
CA GLN A 180 46.04 31.72 -17.79
C GLN A 180 44.66 31.31 -18.28
N LEU A 181 43.82 32.26 -18.71
CA LEU A 181 42.44 31.95 -19.09
C LEU A 181 42.36 30.96 -20.26
N GLY A 182 43.43 30.80 -21.02
CA GLY A 182 43.43 29.81 -22.08
C GLY A 182 43.26 28.40 -21.55
N SER A 183 43.79 28.12 -20.36
CA SER A 183 43.60 26.81 -19.75
C SER A 183 42.14 26.54 -19.46
N ASP A 184 41.41 27.54 -18.96
CA ASP A 184 39.98 27.38 -18.74
C ASP A 184 39.20 27.33 -20.06
N ILE A 185 39.81 27.73 -21.17
CA ILE A 185 39.16 27.65 -22.47
C ILE A 185 39.27 26.27 -23.10
N LEU A 186 40.00 25.35 -22.48
CA LEU A 186 40.14 24.01 -23.05
C LEU A 186 38.82 23.27 -23.20
N PRO A 187 37.89 23.28 -22.24
CA PRO A 187 36.59 22.62 -22.49
C PRO A 187 35.83 23.18 -23.68
N GLN A 188 36.04 24.46 -24.01
CA GLN A 188 35.45 25.08 -25.19
C GLN A 188 33.92 25.02 -25.15
N TYR A 189 33.35 25.09 -23.95
CA TYR A 189 31.90 25.02 -23.76
C TYR A 189 31.33 23.75 -24.39
N LYS A 190 31.81 22.62 -23.89
CA LYS A 190 31.41 21.33 -24.44
C LYS A 190 31.41 20.29 -23.31
N GLN A 191 30.66 19.22 -23.55
CA GLN A 191 30.54 18.14 -22.57
C GLN A 191 31.83 17.32 -22.58
N GLU A 192 32.85 17.86 -21.91
CA GLU A 192 34.14 17.20 -21.86
C GLU A 192 34.06 15.95 -20.99
N ALA A 193 34.42 14.81 -21.57
CA ALA A 193 34.38 13.56 -20.84
C ALA A 193 35.63 13.40 -19.98
N PRO A 194 35.52 12.69 -18.86
CA PRO A 194 36.71 12.43 -18.01
C PRO A 194 37.63 11.38 -18.62
N LYS A 195 38.48 11.82 -19.54
CA LYS A 195 39.38 10.91 -20.24
C LYS A 195 40.40 10.31 -19.27
N THR A 196 40.70 9.04 -19.48
CA THR A 196 41.63 8.33 -18.60
C THR A 196 43.05 8.81 -18.86
N PRO A 197 43.86 8.95 -17.81
CA PRO A 197 45.26 9.33 -17.98
C PRO A 197 46.03 8.22 -18.68
N PRO A 198 47.13 8.55 -19.37
CA PRO A 198 47.86 7.53 -20.14
C PRO A 198 48.51 6.50 -19.23
N HIS A 199 48.71 5.30 -19.80
CA HIS A 199 49.37 4.19 -19.12
C HIS A 199 48.62 3.75 -17.87
N ILE A 200 47.31 3.99 -17.83
CA ILE A 200 46.43 3.50 -16.78
C ILE A 200 45.21 2.90 -17.44
N ILE A 201 44.90 1.65 -17.11
CA ILE A 201 43.87 0.88 -17.80
C ILE A 201 42.71 0.65 -16.82
N LEU A 202 41.49 0.78 -17.32
CA LEU A 202 40.30 0.56 -16.50
C LEU A 202 40.23 -0.89 -16.03
N HIS A 203 39.74 -1.09 -14.81
CA HIS A 203 39.67 -2.41 -14.21
C HIS A 203 38.49 -3.24 -14.72
N TYR A 204 37.61 -2.67 -15.52
CA TYR A 204 36.48 -3.39 -16.09
C TYR A 204 36.79 -3.90 -17.50
N CYS A 205 38.00 -3.68 -17.99
CA CYS A 205 38.38 -4.05 -19.35
C CYS A 205 38.38 -5.57 -19.52
N VAL A 206 38.31 -5.98 -20.79
CA VAL A 206 38.25 -7.40 -21.12
C VAL A 206 39.53 -8.11 -20.69
N PHE A 207 40.68 -7.46 -20.89
CA PHE A 207 41.96 -8.05 -20.48
C PHE A 207 41.95 -8.36 -18.98
N LYS A 208 41.42 -7.43 -18.18
CA LYS A 208 41.45 -7.64 -16.73
C LYS A 208 40.42 -8.68 -16.31
N THR A 209 39.29 -8.76 -17.02
CA THR A 209 38.33 -9.81 -16.75
C THR A 209 38.92 -11.19 -17.01
N THR A 210 39.66 -11.34 -18.13
CA THR A 210 40.28 -12.62 -18.40
C THR A 210 41.53 -12.85 -17.55
N TRP A 211 42.10 -11.80 -16.95
CA TRP A 211 43.23 -11.98 -16.05
C TRP A 211 42.77 -12.40 -14.66
N ASP A 212 41.56 -11.96 -14.26
CA ASP A 212 41.04 -12.31 -12.95
C ASP A 212 40.76 -13.81 -12.83
N TRP A 213 40.20 -14.41 -13.89
CA TRP A 213 39.96 -15.85 -13.84
C TRP A 213 41.26 -16.63 -13.71
N ILE A 214 42.31 -16.22 -14.44
CA ILE A 214 43.55 -16.99 -14.40
C ILE A 214 44.23 -16.83 -13.05
N ILE A 215 44.22 -15.61 -12.50
CA ILE A 215 44.82 -15.47 -11.18
C ILE A 215 44.02 -16.26 -10.16
N LEU A 216 42.70 -16.35 -10.33
CA LEU A 216 41.88 -17.15 -9.43
C LEU A 216 42.28 -18.62 -9.47
N ILE A 217 42.41 -19.17 -10.68
CA ILE A 217 42.72 -20.60 -10.78
C ILE A 217 44.14 -20.87 -10.29
N LEU A 218 45.08 -19.95 -10.56
CA LEU A 218 46.43 -20.14 -10.05
C LEU A 218 46.48 -20.08 -8.53
N THR A 219 45.79 -19.12 -7.91
CA THR A 219 45.82 -19.05 -6.46
C THR A 219 45.12 -20.26 -5.84
N PHE A 220 44.07 -20.77 -6.50
CA PHE A 220 43.42 -21.99 -6.04
C PHE A 220 44.38 -23.18 -6.10
N TYR A 221 45.10 -23.33 -7.20
CA TYR A 221 46.06 -24.41 -7.35
C TYR A 221 47.16 -24.33 -6.30
N THR A 222 47.71 -23.12 -6.09
CA THR A 222 48.77 -22.95 -5.11
C THR A 222 48.27 -23.25 -3.69
N ALA A 223 47.07 -22.76 -3.36
CA ALA A 223 46.52 -23.01 -2.04
C ALA A 223 46.32 -24.49 -1.80
N ILE A 224 45.94 -25.25 -2.84
CA ILE A 224 45.84 -26.69 -2.67
C ILE A 224 47.21 -27.32 -2.48
N LEU A 225 48.17 -26.95 -3.34
CA LEU A 225 49.41 -27.72 -3.42
C LEU A 225 50.37 -27.44 -2.28
N VAL A 226 50.41 -26.20 -1.76
CA VAL A 226 51.48 -25.82 -0.85
C VAL A 226 51.50 -26.65 0.44
N PRO A 227 50.38 -26.80 1.18
CA PRO A 227 50.47 -27.56 2.44
C PRO A 227 50.89 -29.01 2.23
N TYR A 228 50.43 -29.64 1.14
CA TYR A 228 50.84 -31.00 0.82
C TYR A 228 52.35 -31.07 0.63
N ASN A 229 52.92 -30.09 -0.07
CA ASN A 229 54.37 -30.05 -0.26
C ASN A 229 55.09 -29.84 1.07
N VAL A 230 54.56 -28.96 1.91
CA VAL A 230 55.35 -28.54 3.08
C VAL A 230 55.28 -29.56 4.21
N SER A 231 54.18 -30.31 4.33
CA SER A 231 54.04 -31.17 5.50
C SER A 231 54.30 -32.65 5.22
N PHE A 232 53.99 -33.13 4.01
CA PHE A 232 54.10 -34.56 3.74
C PHE A 232 55.52 -35.00 3.39
N LYS A 233 56.51 -34.14 3.64
CA LYS A 233 57.93 -34.52 3.54
C LYS A 233 58.27 -35.07 2.16
N THR A 234 57.61 -34.56 1.13
CA THR A 234 57.89 -35.00 -0.22
C THR A 234 59.26 -34.49 -0.66
N ARG A 235 59.90 -35.26 -1.53
CA ARG A 235 61.24 -34.94 -2.02
C ARG A 235 61.15 -34.14 -3.32
N GLN A 236 62.32 -33.68 -3.77
CA GLN A 236 62.43 -32.90 -5.00
C GLN A 236 62.98 -33.72 -6.16
N ASN A 237 62.54 -34.98 -6.28
CA ASN A 237 62.98 -35.81 -7.39
C ASN A 237 62.48 -35.30 -8.73
N ASN A 238 61.43 -34.49 -8.74
CA ASN A 238 60.86 -33.95 -9.97
C ASN A 238 61.24 -32.46 -10.07
N VAL A 239 61.96 -32.10 -11.13
CA VAL A 239 62.45 -30.74 -11.26
C VAL A 239 61.42 -29.84 -11.94
N ALA A 240 60.50 -30.44 -12.71
CA ALA A 240 59.54 -29.65 -13.47
C ALA A 240 58.64 -28.82 -12.56
N TRP A 241 58.37 -29.32 -11.35
CA TRP A 241 57.53 -28.57 -10.43
C TRP A 241 58.19 -27.26 -10.01
N LEU A 242 59.52 -27.22 -9.96
CA LEU A 242 60.20 -25.96 -9.67
C LEU A 242 60.04 -24.97 -10.82
N VAL A 243 60.06 -25.45 -12.06
CA VAL A 243 59.80 -24.56 -13.20
C VAL A 243 58.39 -24.02 -13.13
N VAL A 244 57.43 -24.89 -12.80
CA VAL A 244 56.05 -24.46 -12.63
C VAL A 244 55.94 -23.43 -11.51
N ASP A 245 56.63 -23.67 -10.40
CA ASP A 245 56.61 -22.72 -9.29
C ASP A 245 57.19 -21.38 -9.73
N SER A 246 58.25 -21.41 -10.53
CA SER A 246 58.86 -20.17 -11.00
C SER A 246 57.91 -19.39 -11.91
N ILE A 247 57.25 -20.07 -12.84
CA ILE A 247 56.33 -19.36 -13.74
C ILE A 247 55.13 -18.84 -12.94
N VAL A 248 54.68 -19.62 -11.95
CA VAL A 248 53.61 -19.18 -11.06
C VAL A 248 54.02 -17.90 -10.33
N ASP A 249 55.23 -17.88 -9.77
CA ASP A 249 55.69 -16.70 -9.04
C ASP A 249 55.82 -15.49 -9.96
N VAL A 250 56.34 -15.69 -11.17
CA VAL A 250 56.50 -14.53 -12.06
C VAL A 250 55.14 -14.03 -12.52
N ILE A 251 54.15 -14.91 -12.62
CA ILE A 251 52.80 -14.44 -12.93
C ILE A 251 52.25 -13.58 -11.79
N PHE A 252 52.43 -14.02 -10.54
CA PHE A 252 52.01 -13.16 -9.43
C PHE A 252 52.76 -11.83 -9.41
N LEU A 253 54.05 -11.86 -9.75
CA LEU A 253 54.81 -10.60 -9.83
C LEU A 253 54.26 -9.70 -10.92
N VAL A 254 53.90 -10.25 -12.08
CA VAL A 254 53.30 -9.45 -13.13
C VAL A 254 51.98 -8.87 -12.64
N ASP A 255 51.20 -9.63 -11.88
CA ASP A 255 49.94 -9.13 -11.36
C ASP A 255 50.16 -7.98 -10.38
N ILE A 256 51.11 -8.12 -9.47
CA ILE A 256 51.35 -7.08 -8.48
C ILE A 256 51.88 -5.81 -9.15
N VAL A 257 52.67 -5.99 -10.22
CA VAL A 257 53.16 -4.83 -10.97
C VAL A 257 52.02 -4.15 -11.71
N LEU A 258 51.12 -4.95 -12.32
CA LEU A 258 50.01 -4.39 -13.05
C LEU A 258 49.04 -3.66 -12.13
N ASN A 259 48.95 -4.09 -10.87
CA ASN A 259 48.01 -3.46 -9.95
C ASN A 259 48.34 -1.98 -9.71
N PHE A 260 49.59 -1.57 -9.97
CA PHE A 260 49.92 -0.15 -9.91
C PHE A 260 49.12 0.65 -10.93
N HIS A 261 49.16 0.24 -12.19
CA HIS A 261 48.56 1.01 -13.28
C HIS A 261 47.16 0.47 -13.57
N THR A 262 46.27 0.66 -12.58
CA THR A 262 44.90 0.19 -12.70
C THR A 262 44.03 0.99 -11.73
N THR A 263 42.94 1.53 -12.24
CA THR A 263 42.01 2.28 -11.41
C THR A 263 41.27 1.35 -10.46
N PHE A 264 40.82 1.91 -9.34
CA PHE A 264 40.02 1.17 -8.38
C PHE A 264 38.82 2.02 -7.97
N VAL A 265 37.78 1.33 -7.50
CA VAL A 265 36.57 2.01 -7.05
C VAL A 265 36.82 2.59 -5.66
N GLY A 266 36.60 3.90 -5.51
CA GLY A 266 36.78 4.56 -4.24
C GLY A 266 35.62 4.28 -3.30
N PRO A 267 35.93 3.81 -2.08
CA PRO A 267 34.86 3.56 -1.10
C PRO A 267 34.06 4.79 -0.74
N ALA A 268 34.70 5.96 -0.73
CA ALA A 268 34.02 7.21 -0.42
C ALA A 268 33.46 7.91 -1.66
N GLY A 269 33.68 7.34 -2.85
CA GLY A 269 33.18 7.92 -4.08
C GLY A 269 32.73 6.86 -5.03
N GLU A 270 32.93 7.09 -6.33
CA GLU A 270 32.56 6.12 -7.35
C GLU A 270 33.78 5.61 -8.11
N VAL A 271 34.56 6.49 -8.73
CA VAL A 271 35.73 6.11 -9.52
C VAL A 271 36.84 7.10 -9.24
N ILE A 272 38.04 6.59 -8.95
CA ILE A 272 39.22 7.42 -8.71
C ILE A 272 40.29 7.01 -9.71
N SER A 273 40.81 7.99 -10.45
CA SER A 273 41.80 7.73 -11.49
C SER A 273 42.91 8.77 -11.45
N ASP A 274 43.42 9.08 -10.25
CA ASP A 274 44.49 10.05 -10.11
C ASP A 274 45.78 9.32 -9.79
N PRO A 275 46.71 9.18 -10.74
CA PRO A 275 47.93 8.39 -10.48
C PRO A 275 48.77 8.91 -9.34
N LYS A 276 48.64 10.18 -8.99
CA LYS A 276 49.37 10.71 -7.84
C LYS A 276 48.93 10.08 -6.53
N LEU A 277 47.76 9.44 -6.50
CA LEU A 277 47.25 8.82 -5.28
C LEU A 277 46.80 7.38 -5.45
N ILE A 278 46.64 6.87 -6.67
CA ILE A 278 46.29 5.47 -6.86
C ILE A 278 47.38 4.57 -6.28
N ARG A 279 48.64 4.87 -6.62
CA ARG A 279 49.76 4.08 -6.14
C ARG A 279 49.91 4.22 -4.62
N MET A 280 49.67 5.42 -4.09
CA MET A 280 49.74 5.61 -2.65
C MET A 280 48.68 4.79 -1.92
N ASN A 281 47.45 4.79 -2.45
CA ASN A 281 46.39 4.00 -1.86
C ASN A 281 46.73 2.52 -1.91
N TYR A 282 47.26 2.05 -3.04
CA TYR A 282 47.62 0.63 -3.14
C TYR A 282 48.72 0.27 -2.14
N LEU A 283 49.74 1.11 -2.03
CA LEU A 283 50.86 0.78 -1.14
C LEU A 283 50.42 0.82 0.32
N LYS A 284 49.52 1.74 0.67
CA LYS A 284 49.03 1.79 2.05
C LYS A 284 47.94 0.76 2.32
N THR A 285 47.39 0.14 1.28
CA THR A 285 46.34 -0.86 1.47
C THR A 285 46.87 -2.28 1.48
N TRP A 286 47.48 -2.73 0.38
CA TRP A 286 47.82 -4.14 0.24
C TRP A 286 49.19 -4.44 -0.35
N PHE A 287 49.96 -3.42 -0.74
CA PHE A 287 51.15 -3.69 -1.56
C PHE A 287 52.26 -4.37 -0.75
N VAL A 288 52.45 -3.96 0.50
CA VAL A 288 53.57 -4.50 1.29
C VAL A 288 53.32 -5.96 1.63
N ILE A 289 52.10 -6.31 2.03
CA ILE A 289 51.80 -7.69 2.37
C ILE A 289 51.85 -8.56 1.12
N ASP A 290 51.48 -8.00 -0.03
CA ASP A 290 51.56 -8.73 -1.28
C ASP A 290 53.00 -8.97 -1.70
N LEU A 291 53.87 -7.99 -1.48
CA LEU A 291 55.30 -8.20 -1.77
C LEU A 291 55.89 -9.27 -0.87
N LEU A 292 55.71 -9.13 0.46
CA LEU A 292 56.25 -10.15 1.35
C LEU A 292 55.59 -11.51 1.10
N SER A 293 54.41 -11.50 0.46
CA SER A 293 53.77 -12.70 -0.04
C SER A 293 54.41 -13.24 -1.30
N CYS A 294 54.94 -12.36 -2.16
CA CYS A 294 55.28 -12.73 -3.53
C CYS A 294 56.79 -12.79 -3.76
N LEU A 295 57.54 -13.31 -2.80
CA LEU A 295 58.97 -13.49 -2.95
C LEU A 295 59.23 -14.99 -3.15
N PRO A 296 60.01 -15.37 -4.16
CA PRO A 296 60.26 -16.80 -4.39
C PRO A 296 61.21 -17.40 -3.37
N TYR A 297 60.69 -17.73 -2.18
CA TYR A 297 61.53 -18.34 -1.15
C TYR A 297 62.04 -19.70 -1.59
N ASP A 298 61.20 -20.51 -2.24
CA ASP A 298 61.59 -21.83 -2.70
C ASP A 298 62.55 -21.77 -3.88
N VAL A 299 62.38 -20.81 -4.79
CA VAL A 299 63.29 -20.68 -5.92
C VAL A 299 64.67 -20.28 -5.43
N ILE A 300 64.74 -19.35 -4.47
CA ILE A 300 66.01 -19.02 -3.85
C ILE A 300 66.54 -20.21 -3.07
N ASN A 301 65.64 -20.99 -2.46
CA ASN A 301 66.04 -22.17 -1.69
C ASN A 301 66.73 -23.21 -2.57
N ALA A 302 66.55 -23.13 -3.89
CA ALA A 302 67.28 -24.02 -4.78
C ALA A 302 68.79 -23.85 -4.63
N PHE A 303 69.23 -22.65 -4.25
CA PHE A 303 70.63 -22.41 -3.90
C PHE A 303 70.84 -22.44 -2.39
N GLU A 304 70.11 -21.60 -1.65
CA GLU A 304 70.18 -21.58 -0.20
C GLU A 304 68.99 -20.78 0.33
N ASN A 305 68.58 -21.12 1.55
CA ASN A 305 67.47 -20.43 2.21
C ASN A 305 67.87 -20.11 3.64
N VAL A 306 67.51 -18.89 4.09
CA VAL A 306 67.84 -18.46 5.44
C VAL A 306 67.08 -19.26 6.49
N ASP A 307 65.92 -19.81 6.14
CA ASP A 307 65.13 -20.58 7.09
C ASP A 307 64.29 -21.61 6.34
N GLU A 308 64.11 -22.76 6.97
CA GLU A 308 63.29 -23.82 6.37
C GLU A 308 61.81 -23.52 6.52
N GLY A 309 61.42 -22.89 7.62
CA GLY A 309 60.01 -22.61 7.88
C GLY A 309 59.43 -21.47 7.08
N ILE A 310 60.27 -20.74 6.32
CA ILE A 310 59.75 -19.66 5.48
C ILE A 310 58.82 -20.21 4.42
N SER A 311 59.15 -21.36 3.84
CA SER A 311 58.27 -22.00 2.87
C SER A 311 56.94 -22.42 3.47
N SER A 312 56.88 -22.61 4.79
CA SER A 312 55.60 -22.92 5.42
C SER A 312 54.72 -21.68 5.53
N LEU A 313 55.30 -20.56 5.97
CA LEU A 313 54.55 -19.31 5.99
C LEU A 313 54.23 -18.82 4.58
N PHE A 314 54.94 -19.36 3.58
CA PHE A 314 54.63 -19.06 2.19
C PHE A 314 53.20 -19.45 1.85
N SER A 315 52.65 -20.44 2.55
CA SER A 315 51.25 -20.82 2.35
C SER A 315 50.32 -19.68 2.70
N SER A 316 50.28 -19.29 3.97
CA SER A 316 49.41 -18.20 4.40
C SER A 316 49.77 -16.90 3.68
N LEU A 317 51.02 -16.80 3.19
CA LEU A 317 51.38 -15.67 2.35
C LEU A 317 50.54 -15.66 1.08
N LYS A 318 50.43 -16.79 0.39
CA LYS A 318 49.63 -16.85 -0.82
C LYS A 318 48.14 -16.75 -0.51
N VAL A 319 47.74 -17.11 0.72
CA VAL A 319 46.33 -17.09 1.08
C VAL A 319 45.78 -15.67 1.14
N VAL A 320 46.63 -14.65 1.23
CA VAL A 320 46.12 -13.28 1.30
C VAL A 320 45.35 -12.95 0.04
N ARG A 321 45.50 -13.79 -0.95
CA ARG A 321 44.74 -13.44 -2.08
C ARG A 321 43.37 -13.89 -1.80
N LEU A 322 43.29 -15.09 -1.25
CA LEU A 322 41.98 -15.68 -1.03
C LEU A 322 41.01 -14.68 -0.41
N LEU A 323 41.50 -13.67 0.30
CA LEU A 323 40.66 -12.59 0.80
C LEU A 323 40.71 -11.38 -0.12
N ARG A 324 41.90 -11.03 -0.63
CA ARG A 324 42.02 -9.92 -1.55
C ARG A 324 41.21 -10.16 -2.81
N LEU A 325 41.27 -11.38 -3.35
CA LEU A 325 40.47 -11.72 -4.52
C LEU A 325 39.09 -12.23 -4.10
N GLY A 326 39.03 -13.00 -3.01
CA GLY A 326 37.79 -13.66 -2.65
C GLY A 326 36.67 -12.69 -2.31
N ARG A 327 36.98 -11.62 -1.58
CA ARG A 327 35.95 -10.62 -1.32
C ARG A 327 35.70 -9.75 -2.54
N VAL A 328 36.74 -9.53 -3.35
CA VAL A 328 36.52 -8.95 -4.67
C VAL A 328 35.84 -9.93 -5.60
N ALA A 329 35.92 -11.24 -5.30
CA ALA A 329 35.19 -12.23 -6.07
C ALA A 329 33.69 -12.11 -5.93
N ARG A 330 33.20 -11.11 -5.18
CA ARG A 330 31.81 -10.69 -5.37
C ARG A 330 31.61 -10.08 -6.76
N LYS A 331 32.69 -9.66 -7.42
CA LYS A 331 32.65 -9.38 -8.84
C LYS A 331 32.63 -10.65 -9.68
N LEU A 332 33.18 -11.74 -9.18
CA LEU A 332 32.92 -13.04 -9.79
C LEU A 332 31.45 -13.39 -9.72
N ASP A 333 30.74 -12.84 -8.73
CA ASP A 333 29.29 -12.94 -8.68
C ASP A 333 28.70 -11.96 -9.70
N HIS A 334 29.01 -12.19 -10.97
CA HIS A 334 28.50 -11.36 -12.06
C HIS A 334 27.57 -12.14 -12.98
N TYR A 335 27.99 -13.31 -13.45
CA TYR A 335 27.08 -14.22 -14.15
C TYR A 335 27.56 -15.66 -14.01
N ILE A 336 27.05 -16.35 -13.00
CA ILE A 336 26.98 -17.81 -12.98
C ILE A 336 25.51 -18.08 -12.61
N GLU A 337 24.64 -17.16 -13.04
CA GLU A 337 23.32 -16.95 -12.43
C GLU A 337 22.36 -18.08 -12.78
N TYR A 338 22.55 -19.20 -12.07
CA TYR A 338 21.47 -20.17 -11.84
C TYR A 338 21.69 -20.67 -10.42
N GLY A 339 21.05 -19.99 -9.46
CA GLY A 339 21.42 -20.14 -8.07
C GLY A 339 22.63 -19.30 -7.76
N ALA A 340 22.77 -18.88 -6.51
CA ALA A 340 23.88 -18.01 -6.13
C ALA A 340 25.21 -18.74 -6.26
N ALA A 341 26.23 -18.01 -6.75
CA ALA A 341 27.57 -18.57 -6.83
C ALA A 341 28.18 -18.80 -5.46
N VAL A 342 27.55 -18.27 -4.42
CA VAL A 342 28.01 -18.52 -3.05
C VAL A 342 28.03 -20.02 -2.76
N LEU A 343 27.23 -20.79 -3.50
CA LEU A 343 27.19 -22.24 -3.31
C LEU A 343 28.46 -22.89 -3.83
N VAL A 344 28.90 -22.51 -5.03
CA VAL A 344 30.17 -22.97 -5.55
C VAL A 344 31.29 -22.54 -4.62
N LEU A 345 31.21 -21.31 -4.10
CA LEU A 345 32.22 -20.83 -3.18
C LEU A 345 32.26 -21.68 -1.91
N LEU A 346 31.11 -22.02 -1.35
CA LEU A 346 31.08 -22.78 -0.10
C LEU A 346 31.54 -24.22 -0.32
N VAL A 347 31.17 -24.84 -1.45
CA VAL A 347 31.64 -26.20 -1.69
C VAL A 347 33.15 -26.20 -1.92
N CYS A 348 33.67 -25.19 -2.62
CA CYS A 348 35.11 -25.11 -2.83
C CYS A 348 35.86 -24.89 -1.52
N VAL A 349 35.32 -24.02 -0.66
CA VAL A 349 36.01 -23.77 0.60
C VAL A 349 35.90 -24.98 1.51
N PHE A 350 34.81 -25.73 1.41
CA PHE A 350 34.72 -27.00 2.13
C PHE A 350 35.80 -27.95 1.67
N GLY A 351 36.01 -28.04 0.35
CA GLY A 351 37.07 -28.91 -0.16
C GLY A 351 38.45 -28.50 0.32
N LEU A 352 38.76 -27.20 0.24
CA LEU A 352 40.09 -26.75 0.63
C LEU A 352 40.29 -26.88 2.14
N ALA A 353 39.24 -26.65 2.93
CA ALA A 353 39.34 -26.86 4.36
C ALA A 353 39.57 -28.34 4.69
N ALA A 354 38.88 -29.23 3.97
CA ALA A 354 39.13 -30.65 4.16
C ALA A 354 40.57 -31.02 3.83
N HIS A 355 41.12 -30.45 2.76
CA HIS A 355 42.52 -30.67 2.44
C HIS A 355 43.43 -30.17 3.55
N TRP A 356 43.19 -28.97 4.05
CA TRP A 356 44.00 -28.41 5.12
C TRP A 356 43.98 -29.31 6.34
N MET A 357 42.80 -29.77 6.73
CA MET A 357 42.69 -30.52 7.97
C MET A 357 43.20 -31.95 7.79
N ALA A 358 43.14 -32.49 6.57
CA ALA A 358 43.84 -33.75 6.29
C ALA A 358 45.33 -33.58 6.47
N CYS A 359 45.88 -32.49 5.94
CA CYS A 359 47.29 -32.21 6.12
C CYS A 359 47.67 -32.16 7.60
N ILE A 360 46.87 -31.45 8.39
CA ILE A 360 47.27 -31.25 9.78
C ILE A 360 47.01 -32.51 10.61
N TRP A 361 46.05 -33.34 10.18
CA TRP A 361 45.90 -34.66 10.78
C TRP A 361 47.11 -35.53 10.52
N TYR A 362 47.63 -35.52 9.29
CA TYR A 362 48.87 -36.25 9.01
C TYR A 362 50.01 -35.74 9.87
N SER A 363 50.13 -34.42 9.99
CA SER A 363 51.19 -33.85 10.80
C SER A 363 51.10 -34.35 12.24
N ILE A 364 49.89 -34.34 12.80
CA ILE A 364 49.70 -34.81 14.18
C ILE A 364 50.09 -36.28 14.30
N GLY A 365 49.63 -37.11 13.38
CA GLY A 365 49.93 -38.53 13.46
C GLY A 365 51.42 -38.81 13.38
N ASP A 366 52.11 -38.15 12.45
CA ASP A 366 53.55 -38.34 12.32
C ASP A 366 54.28 -37.83 13.56
N TYR A 367 53.78 -36.75 14.16
CA TYR A 367 54.37 -36.26 15.40
C TYR A 367 54.14 -37.23 16.55
N GLU A 368 53.08 -38.03 16.48
CA GLU A 368 52.70 -38.86 17.61
C GLU A 368 53.29 -40.27 17.57
N ILE A 369 53.48 -40.86 16.38
CA ILE A 369 53.70 -42.30 16.30
C ILE A 369 54.90 -42.74 17.13
N PHE A 370 56.04 -42.07 16.99
CA PHE A 370 57.26 -42.55 17.61
C PHE A 370 57.56 -41.78 18.88
N ASP A 371 58.28 -42.44 19.79
CA ASP A 371 58.60 -41.91 21.10
C ASP A 371 60.03 -41.40 21.19
N GLU A 372 60.69 -41.19 20.05
CA GLU A 372 62.05 -40.64 19.97
C GLU A 372 62.99 -41.56 20.75
N ASP A 373 63.74 -41.06 21.72
CA ASP A 373 64.73 -41.88 22.42
C ASP A 373 64.10 -42.99 23.25
N THR A 374 62.83 -42.86 23.61
CA THR A 374 62.17 -43.90 24.39
C THR A 374 62.01 -45.20 23.61
N LYS A 375 62.08 -45.14 22.28
CA LYS A 375 61.99 -46.30 21.40
C LYS A 375 60.67 -47.05 21.55
N THR A 376 59.64 -46.38 22.05
CA THR A 376 58.33 -47.01 22.21
C THR A 376 57.57 -46.97 20.90
N ILE A 377 56.97 -48.11 20.55
CA ILE A 377 56.19 -48.21 19.31
C ILE A 377 54.93 -47.36 19.38
N ARG A 378 54.31 -47.26 20.55
CA ARG A 378 53.13 -46.43 20.76
C ARG A 378 51.99 -46.92 19.86
N ASN A 379 51.57 -48.14 20.17
CA ASN A 379 50.66 -48.91 19.32
C ASN A 379 49.25 -48.34 19.26
N ASN A 380 48.85 -47.52 20.24
CA ASN A 380 47.48 -47.03 20.29
C ASN A 380 47.27 -45.88 19.30
N SER A 381 48.35 -45.38 18.70
CA SER A 381 48.24 -44.31 17.71
C SER A 381 47.46 -44.79 16.50
N TRP A 382 46.77 -43.85 15.84
CA TRP A 382 45.94 -44.21 14.70
C TRP A 382 46.77 -44.69 13.53
N LEU A 383 47.96 -44.12 13.32
CA LEU A 383 48.74 -44.48 12.15
C LEU A 383 49.24 -45.91 12.25
N TYR A 384 49.64 -46.36 13.44
CA TYR A 384 50.08 -47.74 13.63
C TYR A 384 48.93 -48.73 13.50
N GLN A 385 47.74 -48.36 13.99
CA GLN A 385 46.57 -49.19 13.75
C GLN A 385 46.28 -49.31 12.26
N LEU A 386 46.39 -48.20 11.54
CA LEU A 386 46.18 -48.23 10.10
C LEU A 386 47.24 -49.09 9.42
N ALA A 387 48.49 -49.01 9.88
CA ALA A 387 49.54 -49.84 9.32
C ALA A 387 49.26 -51.32 9.54
N LEU A 388 48.79 -51.68 10.73
CA LEU A 388 48.45 -53.08 11.00
C LEU A 388 47.28 -53.53 10.13
N ASP A 389 46.27 -52.68 9.95
CA ASP A 389 45.09 -53.08 9.21
C ASP A 389 45.37 -53.16 7.71
N ILE A 390 46.06 -52.16 7.17
CA ILE A 390 46.34 -52.08 5.73
C ILE A 390 47.27 -53.19 5.29
N GLY A 391 48.00 -53.80 6.21
CA GLY A 391 49.01 -54.78 5.89
C GLY A 391 50.41 -54.18 5.94
N THR A 392 51.39 -55.05 5.72
CA THR A 392 52.81 -54.72 5.80
C THR A 392 53.13 -53.98 7.09
N PRO A 393 53.05 -54.64 8.24
CA PRO A 393 53.32 -53.96 9.51
C PRO A 393 54.80 -53.63 9.66
N TYR A 394 55.09 -52.82 10.67
CA TYR A 394 56.46 -52.39 10.92
C TYR A 394 57.31 -53.54 11.41
N GLN A 395 58.62 -53.44 11.14
CA GLN A 395 59.59 -54.44 11.56
C GLN A 395 60.92 -53.75 11.84
N PHE A 396 61.76 -54.43 12.61
CA PHE A 396 63.06 -53.89 12.99
C PHE A 396 64.12 -54.95 12.80
N ASN A 397 65.36 -54.49 12.64
CA ASN A 397 66.49 -55.38 12.45
C ASN A 397 67.34 -55.47 13.72
N LYS A 403 66.92 -49.56 13.53
CA LYS A 403 66.14 -49.11 12.39
C LYS A 403 64.76 -49.75 12.39
N TRP A 404 63.80 -49.08 11.73
CA TRP A 404 62.43 -49.55 11.67
C TRP A 404 61.93 -49.51 10.23
N GLU A 405 60.99 -50.41 9.92
CA GLU A 405 60.45 -50.49 8.57
C GLU A 405 59.59 -49.26 8.26
N GLY A 406 59.37 -49.04 6.96
CA GLY A 406 58.59 -47.89 6.53
C GLY A 406 57.08 -48.07 6.66
N GLY A 407 56.60 -49.29 6.59
CA GLY A 407 55.18 -49.56 6.70
C GLY A 407 54.37 -48.98 5.55
N PRO A 408 53.35 -48.19 5.87
CA PRO A 408 52.45 -47.68 4.85
C PRO A 408 53.13 -46.69 3.91
N SER A 409 52.66 -46.66 2.67
CA SER A 409 53.16 -45.72 1.69
C SER A 409 52.42 -44.38 1.80
N LYS A 410 53.10 -43.32 1.35
CA LYS A 410 52.58 -41.97 1.55
C LYS A 410 51.26 -41.75 0.83
N ASN A 411 51.08 -42.39 -0.34
CA ASN A 411 49.85 -42.21 -1.10
C ASN A 411 48.63 -42.64 -0.29
N SER A 412 48.66 -43.85 0.26
CA SER A 412 47.53 -44.33 1.05
C SER A 412 47.36 -43.51 2.33
N VAL A 413 48.46 -43.04 2.92
CA VAL A 413 48.37 -42.26 4.15
C VAL A 413 47.65 -40.94 3.88
N TYR A 414 48.01 -40.28 2.78
CA TYR A 414 47.32 -39.04 2.40
C TYR A 414 45.82 -39.24 2.27
N ILE A 415 45.41 -40.25 1.50
CA ILE A 415 43.98 -40.39 1.24
C ILE A 415 43.24 -40.82 2.51
N SER A 416 43.89 -41.64 3.34
CA SER A 416 43.26 -42.04 4.58
C SER A 416 43.03 -40.85 5.51
N SER A 417 44.03 -39.98 5.62
CA SER A 417 43.85 -38.75 6.39
C SER A 417 42.75 -37.90 5.79
N LEU A 418 42.69 -37.86 4.45
CA LEU A 418 41.62 -37.12 3.79
C LEU A 418 40.25 -37.66 4.17
N TYR A 419 40.09 -38.99 4.18
CA TYR A 419 38.81 -39.59 4.60
C TYR A 419 38.50 -39.22 6.03
N PHE A 420 39.50 -39.30 6.91
CA PHE A 420 39.23 -38.98 8.32
C PHE A 420 38.68 -37.56 8.45
N THR A 421 39.34 -36.62 7.80
CA THR A 421 38.89 -35.23 7.82
C THR A 421 37.49 -35.11 7.20
N MET A 422 37.23 -35.88 6.15
CA MET A 422 36.03 -35.67 5.35
C MET A 422 34.81 -36.25 6.07
N THR A 423 34.98 -37.42 6.68
CA THR A 423 33.97 -38.02 7.53
C THR A 423 33.76 -37.20 8.80
N SER A 424 34.81 -36.52 9.26
CA SER A 424 34.65 -35.64 10.43
C SER A 424 33.84 -34.41 10.08
N LEU A 425 34.17 -33.76 8.96
CA LEU A 425 33.47 -32.54 8.57
C LEU A 425 32.02 -32.82 8.22
N THR A 426 31.75 -33.87 7.45
CA THR A 426 30.36 -34.11 7.08
C THR A 426 29.57 -34.93 8.09
N SER A 427 30.18 -35.27 9.22
CA SER A 427 29.47 -35.81 10.38
C SER A 427 28.76 -37.12 10.08
N VAL A 428 29.42 -38.02 9.36
CA VAL A 428 28.94 -39.40 9.20
C VAL A 428 29.64 -40.35 10.14
N GLY A 429 30.94 -40.12 10.39
CA GLY A 429 31.67 -40.83 11.41
C GLY A 429 31.62 -42.34 11.28
N PHE A 430 32.29 -42.88 10.27
CA PHE A 430 32.18 -44.32 10.02
C PHE A 430 32.68 -45.14 11.19
N GLY A 431 33.92 -44.90 11.62
CA GLY A 431 34.45 -45.59 12.78
C GLY A 431 35.58 -46.56 12.53
N ASN A 432 36.23 -46.53 11.37
CA ASN A 432 37.34 -47.45 11.14
C ASN A 432 38.68 -46.90 11.62
N ILE A 433 38.94 -45.62 11.38
CA ILE A 433 40.21 -44.99 11.74
C ILE A 433 39.91 -43.97 12.84
N ALA A 434 40.55 -44.13 13.99
CA ALA A 434 40.09 -43.50 15.22
C ALA A 434 41.11 -42.54 15.78
N PRO A 435 40.67 -41.40 16.31
CA PRO A 435 41.49 -40.65 17.25
C PRO A 435 41.54 -41.38 18.59
N SER A 436 42.74 -41.58 19.10
CA SER A 436 42.94 -42.40 20.28
C SER A 436 43.84 -41.79 21.34
N THR A 437 44.68 -40.82 21.01
CA THR A 437 45.47 -40.14 22.02
C THR A 437 44.94 -38.73 22.22
N ASP A 438 45.61 -38.00 23.12
CA ASP A 438 45.04 -36.79 23.71
C ASP A 438 44.92 -35.68 22.66
N ILE A 439 45.92 -35.56 21.80
CA ILE A 439 45.95 -34.45 20.86
C ILE A 439 45.05 -34.73 19.66
N GLU A 440 44.99 -35.99 19.23
CA GLU A 440 43.95 -36.36 18.27
C GLU A 440 42.59 -36.03 18.86
N LYS A 441 42.51 -36.10 20.19
CA LYS A 441 41.25 -35.92 20.90
C LYS A 441 40.77 -34.49 20.70
N ILE A 442 41.65 -33.55 21.07
CA ILE A 442 41.36 -32.11 20.97
C ILE A 442 41.20 -31.69 19.51
N PHE A 443 41.97 -32.32 18.61
CA PHE A 443 41.79 -32.04 17.20
C PHE A 443 40.41 -32.44 16.72
N ALA A 444 39.92 -33.60 17.16
CA ALA A 444 38.56 -33.99 16.82
C ALA A 444 37.58 -32.95 17.32
N VAL A 445 37.77 -32.49 18.56
CA VAL A 445 36.96 -31.41 19.11
C VAL A 445 36.87 -30.22 18.14
N ALA A 446 38.02 -29.68 17.75
CA ALA A 446 38.00 -28.48 16.91
C ALA A 446 37.38 -28.77 15.54
N ILE A 447 37.75 -29.90 14.93
CA ILE A 447 37.29 -30.21 13.59
C ILE A 447 35.77 -30.37 13.57
N MET A 448 35.22 -31.04 14.58
CA MET A 448 33.78 -31.28 14.61
C MET A 448 33.02 -29.98 14.85
N MET A 449 33.53 -29.11 15.73
CA MET A 449 32.91 -27.78 15.86
C MET A 449 32.85 -27.05 14.53
N ILE A 450 34.00 -26.85 13.88
CA ILE A 450 34.02 -26.03 12.67
C ILE A 450 33.21 -26.68 11.55
N GLY A 451 33.23 -28.02 11.49
CA GLY A 451 32.42 -28.71 10.51
C GLY A 451 30.93 -28.49 10.73
N SER A 452 30.48 -28.53 11.98
CA SER A 452 29.08 -28.26 12.27
C SER A 452 28.71 -26.84 11.83
N LEU A 453 29.57 -25.88 12.12
CA LEU A 453 29.28 -24.50 11.70
C LEU A 453 29.12 -24.41 10.18
N LEU A 454 30.07 -24.98 9.43
CA LEU A 454 30.02 -24.82 7.99
C LEU A 454 28.85 -25.61 7.39
N TYR A 455 28.52 -26.75 8.00
CA TYR A 455 27.35 -27.54 7.64
C TYR A 455 26.08 -26.72 7.76
N ALA A 456 25.92 -26.03 8.89
CA ALA A 456 24.77 -25.14 9.08
C ALA A 456 24.75 -24.05 8.02
N THR A 457 25.92 -23.49 7.69
CA THR A 457 25.98 -22.45 6.68
C THR A 457 25.47 -22.95 5.33
N ILE A 458 25.91 -24.14 4.93
CA ILE A 458 25.46 -24.71 3.66
C ILE A 458 23.95 -24.84 3.65
N PHE A 459 23.40 -25.39 4.74
CA PHE A 459 21.96 -25.61 4.78
C PHE A 459 21.18 -24.31 4.68
N GLY A 460 21.60 -23.29 5.43
CA GLY A 460 20.92 -22.01 5.36
C GLY A 460 20.92 -21.44 3.95
N ASN A 461 22.08 -21.47 3.30
CA ASN A 461 22.18 -20.90 1.96
C ASN A 461 21.27 -21.64 0.98
N VAL A 462 21.28 -22.97 1.03
CA VAL A 462 20.51 -23.74 0.06
C VAL A 462 19.01 -23.54 0.28
N THR A 463 18.59 -23.45 1.55
CA THR A 463 17.18 -23.19 1.85
C THR A 463 16.76 -21.82 1.35
N THR A 464 17.62 -20.81 1.53
CA THR A 464 17.30 -19.49 1.00
C THR A 464 17.10 -19.55 -0.51
N ILE A 465 17.93 -20.33 -1.20
CA ILE A 465 17.78 -20.43 -2.66
C ILE A 465 16.41 -21.00 -3.01
N PHE A 466 16.04 -22.10 -2.34
CA PHE A 466 14.76 -22.74 -2.66
C PHE A 466 13.58 -21.82 -2.40
N GLN A 467 13.58 -21.12 -1.26
CA GLN A 467 12.45 -20.24 -0.99
C GLN A 467 12.40 -19.07 -1.97
N GLN A 468 13.56 -18.53 -2.35
CA GLN A 468 13.56 -17.47 -3.34
C GLN A 468 13.12 -17.96 -4.72
N MET A 469 13.43 -19.20 -5.09
CA MET A 469 12.98 -19.65 -6.40
C MET A 469 11.49 -19.93 -6.41
N TYR A 470 10.94 -20.45 -5.31
CA TYR A 470 9.55 -20.86 -5.34
C TYR A 470 8.59 -19.80 -4.79
N ALA A 471 9.07 -18.61 -4.43
CA ALA A 471 8.17 -17.60 -3.86
C ALA A 471 7.02 -17.23 -4.80
N ASN A 472 7.32 -16.89 -6.05
CA ASN A 472 6.33 -16.23 -6.91
C ASN A 472 5.21 -17.18 -7.35
N THR A 473 5.56 -18.43 -7.62
CA THR A 473 4.56 -19.37 -8.12
C THR A 473 3.43 -19.54 -7.11
N ASN A 474 3.78 -19.62 -5.82
CA ASN A 474 2.77 -19.80 -4.78
C ASN A 474 1.85 -18.60 -4.67
N ARG A 475 2.39 -17.39 -4.74
CA ARG A 475 1.54 -16.20 -4.64
C ARG A 475 0.59 -16.12 -5.83
N TYR A 476 1.08 -16.43 -7.03
CA TYR A 476 0.20 -16.41 -8.19
C TYR A 476 -0.92 -17.45 -8.07
N HIS A 477 -0.55 -18.66 -7.65
CA HIS A 477 -1.55 -19.72 -7.49
C HIS A 477 -2.57 -19.36 -6.42
N GLU A 478 -2.11 -18.77 -5.32
CA GLU A 478 -3.02 -18.37 -4.25
C GLU A 478 -4.00 -17.30 -4.74
N MET A 479 -3.51 -16.32 -5.49
CA MET A 479 -4.40 -15.29 -6.03
C MET A 479 -5.42 -15.91 -6.98
N LEU A 480 -4.98 -16.82 -7.83
CA LEU A 480 -5.91 -17.48 -8.75
C LEU A 480 -6.96 -18.27 -8.00
N ASN A 481 -6.55 -18.99 -6.95
CA ASN A 481 -7.50 -19.79 -6.18
C ASN A 481 -8.49 -18.90 -5.45
N SER A 482 -8.02 -17.76 -4.93
CA SER A 482 -8.93 -16.81 -4.28
C SER A 482 -9.96 -16.28 -5.27
N VAL A 483 -9.51 -15.94 -6.48
CA VAL A 483 -10.44 -15.47 -7.51
C VAL A 483 -11.46 -16.55 -7.84
N ARG A 484 -10.99 -17.80 -7.96
CA ARG A 484 -11.89 -18.90 -8.28
C ARG A 484 -12.93 -19.10 -7.18
N ASP A 485 -12.50 -19.02 -5.91
CA ASP A 485 -13.44 -19.14 -4.81
C ASP A 485 -14.46 -18.00 -4.83
N PHE A 486 -14.00 -16.79 -5.13
CA PHE A 486 -14.92 -15.66 -5.19
C PHE A 486 -15.97 -15.85 -6.28
N LEU A 487 -15.54 -16.31 -7.45
CA LEU A 487 -16.51 -16.52 -8.53
C LEU A 487 -17.45 -17.67 -8.20
N LYS A 488 -16.94 -18.71 -7.52
CA LYS A 488 -17.81 -19.81 -7.12
C LYS A 488 -18.85 -19.36 -6.11
N LEU A 489 -18.50 -18.44 -5.22
CA LEU A 489 -19.42 -18.05 -4.15
C LEU A 489 -20.67 -17.38 -4.71
N TYR A 490 -20.50 -16.45 -5.65
CA TYR A 490 -21.61 -15.60 -6.07
C TYR A 490 -22.37 -16.14 -7.28
N GLN A 491 -22.29 -17.45 -7.53
CA GLN A 491 -23.14 -18.12 -8.52
C GLN A 491 -23.01 -17.52 -9.92
N VAL A 492 -21.80 -17.09 -10.30
CA VAL A 492 -21.62 -16.55 -11.64
C VAL A 492 -21.73 -17.67 -12.67
N PRO A 493 -22.42 -17.46 -13.78
CA PRO A 493 -22.51 -18.52 -14.80
C PRO A 493 -21.16 -18.76 -15.48
N LYS A 494 -21.08 -19.90 -16.17
CA LYS A 494 -19.85 -20.28 -16.82
C LYS A 494 -19.46 -19.30 -17.92
N GLY A 495 -20.44 -18.77 -18.65
CA GLY A 495 -20.14 -17.89 -19.77
C GLY A 495 -19.37 -16.65 -19.37
N LEU A 496 -19.46 -16.24 -18.11
CA LEU A 496 -18.74 -15.08 -17.60
C LEU A 496 -17.52 -15.46 -16.77
N SER A 497 -17.61 -16.56 -16.01
CA SER A 497 -16.46 -17.03 -15.26
C SER A 497 -15.32 -17.42 -16.19
N GLU A 498 -15.64 -18.09 -17.30
CA GLU A 498 -14.62 -18.43 -18.28
C GLU A 498 -13.93 -17.18 -18.81
N ARG A 499 -14.71 -16.15 -19.13
CA ARG A 499 -14.12 -14.93 -19.66
C ARG A 499 -13.21 -14.26 -18.64
N VAL A 500 -13.65 -14.18 -17.38
CA VAL A 500 -12.83 -13.48 -16.39
C VAL A 500 -11.54 -14.25 -16.12
N MET A 501 -11.62 -15.59 -16.06
CA MET A 501 -10.40 -16.36 -15.80
C MET A 501 -9.45 -16.32 -16.99
N ASP A 502 -9.99 -16.40 -18.21
CA ASP A 502 -9.13 -16.23 -19.39
C ASP A 502 -8.46 -14.86 -19.38
N TYR A 503 -9.21 -13.80 -19.06
CA TYR A 503 -8.61 -12.47 -19.04
C TYR A 503 -7.50 -12.41 -18.01
N ILE A 504 -7.74 -12.95 -16.82
CA ILE A 504 -6.74 -12.89 -15.75
C ILE A 504 -5.48 -13.64 -16.15
N VAL A 505 -5.64 -14.86 -16.67
CA VAL A 505 -4.48 -15.68 -16.99
C VAL A 505 -3.70 -15.05 -18.15
N SER A 506 -4.41 -14.51 -19.13
CA SER A 506 -3.73 -13.89 -20.27
C SER A 506 -2.97 -12.64 -19.85
N THR A 507 -3.60 -11.78 -19.05
CA THR A 507 -2.92 -10.55 -18.64
C THR A 507 -1.76 -10.84 -17.70
N TRP A 508 -1.85 -11.91 -16.91
CA TRP A 508 -0.71 -12.28 -16.08
C TRP A 508 0.42 -12.85 -16.92
N SER A 509 0.08 -13.66 -17.93
CA SER A 509 1.11 -14.24 -18.79
C SER A 509 1.83 -13.16 -19.58
N MET A 510 1.10 -12.13 -20.02
CA MET A 510 1.72 -11.08 -20.82
C MET A 510 2.47 -10.07 -19.95
N SER A 511 1.78 -9.46 -18.98
CA SER A 511 2.37 -8.40 -18.18
C SER A 511 3.33 -8.92 -17.12
N ARG A 512 3.18 -10.17 -16.69
CA ARG A 512 4.00 -10.76 -15.62
C ARG A 512 3.85 -9.90 -14.36
N GLY A 513 4.87 -9.90 -13.50
CA GLY A 513 4.83 -9.13 -12.28
C GLY A 513 5.43 -7.74 -12.42
N ILE A 514 5.04 -7.03 -13.47
CA ILE A 514 5.53 -5.68 -13.74
C ILE A 514 4.35 -4.74 -13.89
N ASP A 515 4.42 -3.59 -13.21
CA ASP A 515 3.40 -2.56 -13.30
C ASP A 515 3.91 -1.44 -14.20
N THR A 516 3.22 -1.21 -15.32
CA THR A 516 3.63 -0.16 -16.24
C THR A 516 3.54 1.21 -15.58
N GLU A 517 2.47 1.46 -14.83
CA GLU A 517 2.30 2.74 -14.17
C GLU A 517 3.42 2.99 -13.17
N LYS A 518 3.76 1.98 -12.38
CA LYS A 518 4.83 2.14 -11.40
C LYS A 518 6.15 2.44 -12.09
N VAL A 519 6.46 1.71 -13.16
CA VAL A 519 7.69 1.96 -13.91
C VAL A 519 7.70 3.38 -14.44
N LEU A 520 6.56 3.86 -14.92
CA LEU A 520 6.48 5.24 -15.39
C LEU A 520 6.75 6.22 -14.25
N GLN A 521 6.08 6.05 -13.12
CA GLN A 521 6.23 7.01 -12.02
C GLN A 521 7.64 6.97 -11.42
N ILE A 522 8.37 5.88 -11.60
CA ILE A 522 9.74 5.82 -11.10
C ILE A 522 10.60 6.88 -11.79
N CYS A 523 10.48 6.99 -13.12
CA CYS A 523 11.29 7.93 -13.87
C CYS A 523 10.84 9.37 -13.60
N PRO A 524 11.75 10.35 -13.78
CA PRO A 524 11.37 11.75 -13.58
C PRO A 524 10.53 12.29 -14.73
N LYS A 525 10.15 13.57 -14.65
CA LYS A 525 9.15 14.12 -15.55
C LYS A 525 9.62 14.09 -17.01
N ASP A 526 10.88 14.46 -17.24
CA ASP A 526 11.37 14.51 -18.61
C ASP A 526 11.40 13.13 -19.26
N MET A 527 11.95 12.16 -18.53
CA MET A 527 11.96 10.79 -19.03
C MET A 527 10.55 10.27 -19.18
N ARG A 528 9.65 10.62 -18.26
CA ARG A 528 8.26 10.18 -18.39
C ARG A 528 7.65 10.70 -19.69
N ALA A 529 7.85 11.98 -19.98
CA ALA A 529 7.29 12.55 -21.20
C ALA A 529 7.89 11.90 -22.44
N ASP A 530 9.21 11.68 -22.43
CA ASP A 530 9.85 11.05 -23.58
C ASP A 530 9.35 9.62 -23.79
N ILE A 531 9.20 8.87 -22.69
CA ILE A 531 8.63 7.53 -22.78
C ILE A 531 7.22 7.58 -23.35
N CYS A 532 6.40 8.52 -22.88
CA CYS A 532 5.04 8.61 -23.41
C CYS A 532 5.04 8.90 -24.90
N VAL A 533 5.92 9.80 -25.35
CA VAL A 533 6.03 10.11 -26.77
C VAL A 533 6.42 8.85 -27.54
N HIS A 534 7.40 8.10 -27.02
CA HIS A 534 7.83 6.89 -27.71
C HIS A 534 6.71 5.85 -27.78
N LEU A 535 6.01 5.64 -26.67
CA LEU A 535 4.91 4.68 -26.65
C LEU A 535 3.77 5.06 -27.59
N ASN A 536 3.47 6.35 -27.73
CA ASN A 536 2.37 6.75 -28.57
C ASN A 536 2.81 7.25 -29.94
N ARG A 537 4.08 7.07 -30.29
CA ARG A 537 4.61 7.68 -31.51
C ARG A 537 3.88 7.23 -32.76
N LYS A 538 3.26 6.06 -32.73
CA LYS A 538 2.58 5.57 -33.92
C LYS A 538 1.50 6.55 -34.37
N VAL A 539 0.65 6.96 -33.44
CA VAL A 539 -0.51 7.76 -33.82
C VAL A 539 -0.10 9.16 -34.27
N PHE A 540 0.92 9.75 -33.65
CA PHE A 540 1.36 11.07 -34.11
C PHE A 540 1.93 11.00 -35.52
N LYS A 541 2.85 10.05 -35.76
CA LYS A 541 3.56 10.03 -37.03
C LYS A 541 2.71 9.51 -38.18
N GLU A 542 1.67 8.73 -37.90
CA GLU A 542 0.82 8.26 -38.99
C GLU A 542 -0.37 9.19 -39.24
N HIS A 543 -1.08 9.61 -38.20
CA HIS A 543 -2.28 10.42 -38.39
C HIS A 543 -1.89 11.81 -38.88
N PRO A 544 -2.48 12.29 -39.98
CA PRO A 544 -2.11 13.62 -40.49
C PRO A 544 -2.51 14.76 -39.56
N ALA A 545 -3.45 14.54 -38.64
CA ALA A 545 -3.90 15.61 -37.77
C ALA A 545 -2.83 16.09 -36.80
N PHE A 546 -1.79 15.30 -36.58
CA PHE A 546 -0.72 15.66 -35.65
C PHE A 546 0.54 16.15 -36.36
N ARG A 547 0.48 16.36 -37.67
CA ARG A 547 1.67 16.79 -38.39
C ARG A 547 1.97 18.27 -38.21
N LEU A 548 1.08 19.02 -37.55
CA LEU A 548 1.35 20.42 -37.21
C LEU A 548 1.52 20.62 -35.71
N ALA A 549 1.99 19.59 -35.01
CA ALA A 549 2.09 19.62 -33.56
C ALA A 549 3.45 20.11 -33.13
N SER A 550 3.45 21.10 -32.24
CA SER A 550 4.69 21.55 -31.61
C SER A 550 5.09 20.56 -30.52
N ASP A 551 6.33 20.70 -30.04
CA ASP A 551 6.83 19.78 -29.03
C ASP A 551 6.05 19.89 -27.74
N GLY A 552 5.72 21.11 -27.32
CA GLY A 552 5.01 21.29 -26.06
C GLY A 552 3.62 20.67 -26.08
N CYS A 553 2.85 20.94 -27.13
CA CYS A 553 1.52 20.34 -27.23
C CYS A 553 1.60 18.84 -27.41
N LEU A 554 2.58 18.38 -28.19
CA LEU A 554 2.77 16.95 -28.38
C LEU A 554 3.03 16.26 -27.05
N ARG A 555 3.88 16.86 -26.21
CA ARG A 555 4.18 16.24 -24.91
C ARG A 555 3.00 16.33 -23.97
N ALA A 556 2.31 17.47 -23.94
CA ALA A 556 1.15 17.61 -23.07
C ALA A 556 0.05 16.62 -23.43
N LEU A 557 -0.10 16.31 -24.71
CA LEU A 557 -1.03 15.26 -25.12
C LEU A 557 -0.49 13.88 -24.78
N ALA A 558 0.79 13.62 -25.05
CA ALA A 558 1.35 12.29 -24.85
C ALA A 558 1.32 11.88 -23.38
N MET A 559 1.40 12.85 -22.47
CA MET A 559 1.29 12.52 -21.05
C MET A 559 -0.03 11.84 -20.73
N GLU A 560 -1.08 12.11 -21.50
CA GLU A 560 -2.39 11.65 -21.13
C GLU A 560 -2.80 10.35 -21.81
N PHE A 561 -2.40 10.12 -23.07
CA PHE A 561 -2.90 8.96 -23.82
C PHE A 561 -2.65 7.67 -23.07
N GLN A 562 -3.66 6.80 -23.08
CA GLN A 562 -3.59 5.50 -22.45
C GLN A 562 -3.94 4.43 -23.47
N THR A 563 -3.16 3.34 -23.47
CA THR A 563 -3.34 2.27 -24.44
C THR A 563 -4.21 1.18 -23.85
N VAL A 564 -5.04 0.57 -24.70
CA VAL A 564 -5.98 -0.47 -24.28
C VAL A 564 -5.84 -1.66 -25.21
N HIS A 565 -5.67 -2.85 -24.63
CA HIS A 565 -5.66 -4.10 -25.38
C HIS A 565 -7.03 -4.74 -25.23
N CYS A 566 -7.74 -4.93 -26.34
CA CYS A 566 -9.08 -5.48 -26.33
C CYS A 566 -9.07 -6.84 -27.02
N ALA A 567 -9.59 -7.85 -26.33
CA ALA A 567 -9.71 -9.19 -26.88
C ALA A 567 -10.85 -9.24 -27.88
N PRO A 568 -10.83 -10.22 -28.79
CA PRO A 568 -11.97 -10.38 -29.70
C PRO A 568 -13.25 -10.68 -28.93
N GLY A 569 -14.35 -10.04 -29.36
CA GLY A 569 -15.65 -10.28 -28.78
C GLY A 569 -16.06 -9.29 -27.71
N ASP A 570 -15.12 -8.56 -27.11
CA ASP A 570 -15.47 -7.60 -26.07
C ASP A 570 -16.00 -6.30 -26.70
N LEU A 571 -16.87 -5.62 -25.97
CA LEU A 571 -17.45 -4.37 -26.43
C LEU A 571 -16.84 -3.20 -25.68
N ILE A 572 -16.80 -2.05 -26.36
CA ILE A 572 -16.18 -0.85 -25.82
C ILE A 572 -17.23 0.18 -25.42
N TYR A 573 -18.10 0.56 -26.36
CA TYR A 573 -19.10 1.60 -26.13
C TYR A 573 -20.49 0.98 -26.35
N HIS A 574 -21.22 0.78 -25.26
CA HIS A 574 -22.55 0.21 -25.36
C HIS A 574 -23.58 1.26 -25.75
N ALA A 575 -24.64 0.81 -26.40
CA ALA A 575 -25.77 1.70 -26.69
C ALA A 575 -26.38 2.18 -25.38
N GLY A 576 -26.63 3.47 -25.29
CA GLY A 576 -27.11 4.09 -24.08
C GLY A 576 -26.03 4.67 -23.18
N GLU A 577 -24.76 4.35 -23.42
CA GLU A 577 -23.69 4.85 -22.59
C GLU A 577 -23.23 6.22 -23.07
N SER A 578 -22.75 7.02 -22.12
CA SER A 578 -22.22 8.34 -22.45
C SER A 578 -20.87 8.19 -23.15
N VAL A 579 -20.68 8.95 -24.22
CA VAL A 579 -19.42 8.95 -24.97
C VAL A 579 -18.59 10.14 -24.49
N ASP A 580 -17.40 9.86 -23.97
CA ASP A 580 -16.57 10.93 -23.41
C ASP A 580 -15.09 10.77 -23.73
N SER A 581 -14.73 10.00 -24.76
CA SER A 581 -13.33 9.71 -24.99
C SER A 581 -13.09 9.47 -26.47
N LEU A 582 -12.16 10.22 -27.06
CA LEU A 582 -11.73 9.96 -28.42
C LEU A 582 -10.67 8.87 -28.41
N CYS A 583 -10.71 7.99 -29.41
CA CYS A 583 -9.83 6.82 -29.42
C CYS A 583 -9.41 6.48 -30.84
N PHE A 584 -8.12 6.23 -31.01
CA PHE A 584 -7.53 5.92 -32.31
C PHE A 584 -7.21 4.44 -32.40
N VAL A 585 -7.53 3.84 -33.55
CA VAL A 585 -7.23 2.44 -33.78
C VAL A 585 -5.85 2.33 -34.42
N VAL A 586 -4.98 1.53 -33.83
CA VAL A 586 -3.64 1.33 -34.34
C VAL A 586 -3.39 -0.08 -34.86
N SER A 587 -4.15 -1.07 -34.40
CA SER A 587 -3.97 -2.44 -34.86
C SER A 587 -5.33 -3.13 -34.90
N GLY A 588 -5.42 -4.15 -35.75
CA GLY A 588 -6.64 -4.93 -35.85
C GLY A 588 -7.77 -4.16 -36.52
N SER A 589 -9.00 -4.58 -36.20
CA SER A 589 -10.18 -3.98 -36.82
C SER A 589 -11.37 -4.09 -35.88
N LEU A 590 -12.24 -3.08 -35.94
CA LEU A 590 -13.41 -2.94 -35.07
C LEU A 590 -14.65 -2.73 -35.93
N GLU A 591 -15.82 -3.09 -35.39
CA GLU A 591 -17.07 -2.86 -36.09
C GLU A 591 -18.04 -2.15 -35.17
N VAL A 592 -18.97 -1.41 -35.77
CA VAL A 592 -20.05 -0.76 -35.04
C VAL A 592 -21.37 -1.38 -35.49
N ILE A 593 -22.17 -1.78 -34.51
CA ILE A 593 -23.45 -2.47 -34.77
C ILE A 593 -24.57 -1.57 -34.27
N GLN A 594 -25.61 -1.42 -35.09
CA GLN A 594 -26.76 -0.59 -34.77
C GLN A 594 -28.03 -1.34 -35.14
N ASP A 595 -28.89 -1.58 -34.14
CA ASP A 595 -30.17 -2.26 -34.33
C ASP A 595 -29.96 -3.64 -34.95
N ASP A 596 -28.86 -4.29 -34.56
CA ASP A 596 -28.49 -5.60 -35.07
C ASP A 596 -28.23 -5.56 -36.57
N GLU A 597 -27.56 -4.48 -37.01
CA GLU A 597 -27.12 -4.35 -38.38
C GLU A 597 -25.80 -3.59 -38.41
N VAL A 598 -24.92 -3.98 -39.33
CA VAL A 598 -23.61 -3.37 -39.45
C VAL A 598 -23.73 -2.13 -40.32
N VAL A 599 -23.24 -0.99 -39.80
CA VAL A 599 -23.28 0.26 -40.52
C VAL A 599 -21.90 0.74 -40.93
N ALA A 600 -20.85 0.35 -40.22
CA ALA A 600 -19.50 0.74 -40.58
C ALA A 600 -18.52 -0.26 -39.98
N ILE A 601 -17.34 -0.34 -40.58
CA ILE A 601 -16.27 -1.19 -40.11
C ILE A 601 -15.00 -0.34 -40.02
N LEU A 602 -14.20 -0.58 -38.99
CA LEU A 602 -13.06 0.25 -38.68
C LEU A 602 -11.78 -0.55 -38.79
N GLY A 603 -10.74 0.09 -39.32
CA GLY A 603 -9.46 -0.57 -39.49
C GLY A 603 -8.29 0.23 -38.94
N LYS A 604 -7.10 0.01 -39.49
CA LYS A 604 -5.92 0.71 -39.02
C LYS A 604 -5.99 2.19 -39.37
N GLY A 605 -5.48 3.02 -38.47
CA GLY A 605 -5.44 4.45 -38.70
C GLY A 605 -6.80 5.11 -38.82
N ASP A 606 -7.74 4.70 -37.97
CA ASP A 606 -9.07 5.26 -37.98
C ASP A 606 -9.47 5.67 -36.57
N VAL A 607 -10.26 6.73 -36.48
CA VAL A 607 -10.67 7.30 -35.20
C VAL A 607 -12.19 7.44 -35.20
N PHE A 608 -12.79 7.29 -34.03
CA PHE A 608 -14.24 7.42 -33.90
C PHE A 608 -14.59 7.96 -32.53
N GLY A 609 -15.63 8.79 -32.49
CA GLY A 609 -16.06 9.44 -31.27
C GLY A 609 -17.02 10.58 -31.54
N ASP A 610 -16.75 11.75 -30.96
CA ASP A 610 -17.57 12.93 -31.17
C ASP A 610 -16.70 14.17 -31.06
N VAL A 611 -17.17 15.26 -31.67
CA VAL A 611 -16.44 16.53 -31.63
C VAL A 611 -16.73 17.24 -30.32
N PHE A 612 -15.89 16.97 -29.31
CA PHE A 612 -16.12 17.51 -27.98
C PHE A 612 -15.91 19.02 -27.96
N TRP A 613 -14.89 19.50 -28.66
CA TRP A 613 -14.56 20.93 -28.64
C TRP A 613 -15.61 21.78 -29.32
N LYS A 614 -16.44 21.20 -30.20
CA LYS A 614 -17.47 21.95 -30.91
C LYS A 614 -18.86 21.74 -30.30
N GLU A 615 -19.24 20.51 -30.00
CA GLU A 615 -20.54 20.26 -29.38
C GLU A 615 -20.61 20.86 -27.99
N ALA A 616 -19.53 20.76 -27.22
CA ALA A 616 -19.45 21.28 -25.85
C ALA A 616 -20.54 20.69 -24.96
N THR A 617 -20.97 19.47 -25.26
CA THR A 617 -21.96 18.78 -24.45
C THR A 617 -21.82 17.29 -24.66
N LEU A 618 -22.21 16.54 -23.63
CA LEU A 618 -22.22 15.09 -23.68
C LEU A 618 -23.45 14.55 -24.38
N ALA A 619 -23.32 13.36 -24.95
CA ALA A 619 -24.38 12.73 -25.74
C ALA A 619 -24.41 11.23 -25.50
N GLN A 620 -25.56 10.64 -25.79
CA GLN A 620 -25.74 9.20 -25.65
C GLN A 620 -25.18 8.46 -26.86
N SER A 621 -24.55 7.31 -26.60
CA SER A 621 -24.10 6.46 -27.69
C SER A 621 -25.29 5.82 -28.38
N CYS A 622 -25.32 5.92 -29.71
CA CYS A 622 -26.45 5.43 -30.50
C CYS A 622 -26.22 4.04 -31.07
N ALA A 623 -25.07 3.44 -30.84
CA ALA A 623 -24.79 2.13 -31.40
C ALA A 623 -23.68 1.46 -30.58
N ASN A 624 -23.61 0.14 -30.69
CA ASN A 624 -22.57 -0.62 -30.02
C ASN A 624 -21.37 -0.83 -30.94
N VAL A 625 -20.19 -0.83 -30.34
CA VAL A 625 -18.95 -1.15 -31.03
C VAL A 625 -18.37 -2.42 -30.41
N ARG A 626 -18.02 -3.38 -31.26
CA ARG A 626 -17.57 -4.69 -30.83
C ARG A 626 -16.22 -5.02 -31.44
N ALA A 627 -15.41 -5.75 -30.68
CA ALA A 627 -14.10 -6.18 -31.16
C ALA A 627 -14.23 -7.37 -32.10
N LEU A 628 -13.37 -7.38 -33.11
CA LEU A 628 -13.24 -8.51 -34.02
C LEU A 628 -11.94 -9.27 -33.84
N THR A 629 -10.81 -8.59 -33.98
CA THR A 629 -9.49 -9.17 -33.88
C THR A 629 -8.81 -8.61 -32.64
N TYR A 630 -7.65 -9.17 -32.28
CA TYR A 630 -6.86 -8.62 -31.20
C TYR A 630 -6.38 -7.23 -31.59
N CYS A 631 -6.96 -6.20 -30.98
CA CYS A 631 -6.73 -4.83 -31.39
C CYS A 631 -6.12 -4.02 -30.25
N ASP A 632 -5.47 -2.92 -30.63
CA ASP A 632 -4.86 -1.99 -29.69
C ASP A 632 -5.47 -0.62 -29.91
N LEU A 633 -5.92 0.01 -28.82
CA LEU A 633 -6.59 1.29 -28.88
C LEU A 633 -5.81 2.34 -28.10
N HIS A 634 -5.88 3.58 -28.56
CA HIS A 634 -5.24 4.73 -27.91
C HIS A 634 -6.33 5.73 -27.59
N VAL A 635 -6.72 5.79 -26.31
CA VAL A 635 -7.89 6.54 -25.88
C VAL A 635 -7.46 7.83 -25.20
N ILE A 636 -8.22 8.90 -25.44
CA ILE A 636 -8.03 10.19 -24.81
C ILE A 636 -9.33 10.65 -24.17
N LYS A 637 -9.24 11.13 -22.92
CA LYS A 637 -10.40 11.66 -22.22
C LYS A 637 -10.78 13.04 -22.77
N ARG A 638 -12.06 13.40 -22.58
CA ARG A 638 -12.57 14.63 -23.18
C ARG A 638 -12.07 15.87 -22.43
N ASP A 639 -12.02 15.81 -21.09
CA ASP A 639 -11.67 17.00 -20.31
C ASP A 639 -10.22 17.40 -20.56
N ALA A 640 -9.30 16.44 -20.55
CA ALA A 640 -7.89 16.76 -20.75
C ALA A 640 -7.64 17.27 -22.17
N LEU A 641 -8.29 16.65 -23.16
CA LEU A 641 -8.12 17.14 -24.53
C LEU A 641 -8.65 18.55 -24.67
N GLN A 642 -9.81 18.83 -24.06
CA GLN A 642 -10.36 20.18 -24.15
C GLN A 642 -9.44 21.19 -23.49
N LYS A 643 -8.89 20.85 -22.33
CA LYS A 643 -7.98 21.77 -21.64
C LYS A 643 -6.74 22.03 -22.48
N VAL A 644 -6.17 20.97 -23.06
CA VAL A 644 -4.96 21.15 -23.85
C VAL A 644 -5.24 21.98 -25.10
N LEU A 645 -6.36 21.72 -25.78
CA LEU A 645 -6.63 22.44 -27.02
C LEU A 645 -6.97 23.90 -26.75
N GLU A 646 -7.67 24.19 -25.65
CA GLU A 646 -7.92 25.59 -25.33
C GLU A 646 -6.65 26.29 -24.88
N PHE A 647 -5.73 25.56 -24.23
CA PHE A 647 -4.41 26.12 -23.93
C PHE A 647 -3.65 26.46 -25.22
N TYR A 648 -3.66 25.54 -26.19
CA TYR A 648 -2.93 25.70 -27.44
C TYR A 648 -3.91 26.10 -28.53
N THR A 649 -4.28 27.38 -28.54
CA THR A 649 -5.26 27.88 -29.50
C THR A 649 -4.75 27.76 -30.93
N ALA A 650 -3.47 28.10 -31.14
CA ALA A 650 -2.91 28.03 -32.49
C ALA A 650 -2.95 26.60 -33.01
N PHE A 651 -2.62 25.63 -32.16
CA PHE A 651 -2.72 24.23 -32.59
C PHE A 651 -4.16 23.83 -32.87
N SER A 652 -5.11 24.30 -32.06
CA SER A 652 -6.50 23.90 -32.23
C SER A 652 -7.06 24.43 -33.54
N HIS A 653 -6.64 25.64 -33.95
CA HIS A 653 -7.14 26.22 -35.19
C HIS A 653 -6.85 25.35 -36.41
N SER A 654 -5.84 24.49 -36.34
CA SER A 654 -5.59 23.51 -37.40
C SER A 654 -6.08 22.11 -37.04
N PHE A 655 -6.07 21.77 -35.75
CA PHE A 655 -6.53 20.45 -35.32
C PHE A 655 -8.00 20.26 -35.64
N SER A 656 -8.82 21.29 -35.40
CA SER A 656 -10.24 21.18 -35.70
C SER A 656 -10.47 21.04 -37.20
N ARG A 657 -9.69 21.74 -38.01
CA ARG A 657 -9.89 21.71 -39.46
C ARG A 657 -9.38 20.40 -40.07
N ASN A 658 -8.32 19.83 -39.52
CA ASN A 658 -7.72 18.65 -40.12
C ASN A 658 -8.29 17.34 -39.60
N LEU A 659 -8.73 17.30 -38.34
CA LEU A 659 -9.24 16.07 -37.76
C LEU A 659 -10.67 15.82 -38.24
N ILE A 660 -10.88 14.71 -38.94
CA ILE A 660 -12.20 14.29 -39.38
C ILE A 660 -12.45 12.89 -38.83
N LEU A 661 -13.58 12.73 -38.15
CA LEU A 661 -13.98 11.44 -37.63
C LEU A 661 -14.38 10.48 -38.73
N THR A 662 -14.07 9.19 -38.53
CA THR A 662 -14.55 8.17 -39.45
C THR A 662 -16.03 7.88 -39.22
N TYR A 663 -16.45 7.81 -37.95
CA TYR A 663 -17.83 7.60 -37.60
C TYR A 663 -18.15 8.40 -36.34
N ASN A 664 -19.30 9.07 -36.34
CA ASN A 664 -19.73 9.87 -35.20
C ASN A 664 -20.72 9.05 -34.39
N LEU A 665 -20.40 8.84 -33.11
CA LEU A 665 -21.27 8.05 -32.25
C LEU A 665 -22.57 8.79 -31.94
N ARG A 666 -22.51 10.12 -31.81
CA ARG A 666 -23.71 10.89 -31.53
C ARG A 666 -24.70 10.82 -32.69
N LYS A 667 -24.20 10.95 -33.92
CA LYS A 667 -25.06 10.89 -35.08
C LYS A 667 -25.39 9.44 -35.42
N ARG A 668 -26.64 9.22 -35.82
CA ARG A 668 -27.13 7.87 -36.10
C ARG A 668 -28.04 7.90 -37.32
N ILE A 669 -27.98 6.84 -38.12
CA ILE A 669 -28.67 6.79 -39.40
C ILE A 669 -30.01 6.08 -39.24
N VAL A 670 -30.95 6.42 -40.11
CA VAL A 670 -32.25 5.76 -40.19
C VAL A 670 -32.30 4.98 -41.50
N PHE A 671 -33.07 3.90 -41.51
CA PHE A 671 -33.10 2.99 -42.65
C PHE A 671 -34.27 2.04 -42.54
N ARG A 672 -34.36 1.14 -43.50
CA ARG A 672 -35.38 0.09 -43.55
C ARG A 672 -34.72 -1.24 -43.88
N LYS A 673 -35.49 -2.31 -43.78
CA LYS A 673 -34.99 -3.66 -44.03
C LYS A 673 -35.65 -4.26 -45.27
N ILE A 674 -34.94 -5.20 -45.90
CA ILE A 674 -35.46 -5.84 -47.11
C ILE A 674 -36.65 -6.73 -46.79
N SER A 675 -36.54 -7.54 -45.73
CA SER A 675 -37.65 -8.41 -45.36
C SER A 675 -38.87 -7.59 -44.95
N ASP A 676 -38.65 -6.46 -44.27
CA ASP A 676 -39.77 -5.63 -43.84
C ASP A 676 -40.53 -5.05 -45.03
N VAL A 677 -39.80 -4.50 -46.01
CA VAL A 677 -40.46 -3.92 -47.16
C VAL A 677 -41.11 -5.00 -48.02
N LYS A 678 -40.49 -6.19 -48.08
CA LYS A 678 -41.09 -7.29 -48.82
C LYS A 678 -42.42 -7.71 -48.18
N ARG A 679 -42.45 -7.83 -46.86
CA ARG A 679 -43.69 -8.21 -46.19
C ARG A 679 -44.72 -7.10 -46.29
N GLU A 680 -44.28 -5.85 -46.30
CA GLU A 680 -45.21 -4.74 -46.49
C GLU A 680 -45.83 -4.79 -47.88
N GLU A 681 -45.03 -5.11 -48.90
CA GLU A 681 -45.57 -5.24 -50.25
C GLU A 681 -46.54 -6.41 -50.33
N GLU A 682 -46.21 -7.53 -49.67
CA GLU A 682 -47.13 -8.66 -49.66
C GLU A 682 -48.44 -8.32 -48.96
N GLU A 683 -48.36 -7.60 -47.83
CA GLU A 683 -49.56 -7.22 -47.10
C GLU A 683 -50.43 -6.25 -47.91
N ARG A 684 -49.81 -5.29 -48.59
CA ARG A 684 -50.57 -4.34 -49.39
C ARG A 684 -51.31 -5.03 -50.52
N MET A 685 -50.76 -6.14 -51.03
CA MET A 685 -51.44 -6.91 -52.07
C MET A 685 -52.72 -7.56 -51.56
N LYS A 686 -52.84 -7.79 -50.26
CA LYS A 686 -54.00 -8.41 -49.66
C LYS A 686 -54.96 -7.40 -49.05
N ARG A 687 -54.73 -6.11 -49.28
CA ARG A 687 -55.59 -5.07 -48.72
C ARG A 687 -56.99 -5.11 -49.34
N LEU A 695 -59.89 2.07 -38.62
CA LEU A 695 -59.17 3.32 -38.89
C LEU A 695 -60.10 4.51 -39.23
N PRO A 696 -61.14 4.30 -40.03
CA PRO A 696 -62.11 5.38 -40.27
C PRO A 696 -62.76 5.89 -39.00
N PRO A 697 -63.08 5.06 -38.00
CA PRO A 697 -63.58 5.60 -36.75
C PRO A 697 -62.52 5.92 -35.69
N ASP A 698 -61.25 5.90 -36.06
CA ASP A 698 -60.16 6.11 -35.10
C ASP A 698 -59.89 7.59 -34.88
N HIS A 699 -60.91 8.34 -34.51
CA HIS A 699 -60.75 9.78 -34.32
C HIS A 699 -59.82 10.16 -33.17
N PRO A 700 -59.94 9.59 -31.97
CA PRO A 700 -59.04 10.03 -30.88
C PRO A 700 -57.58 9.79 -31.18
N VAL A 701 -57.22 8.65 -31.75
CA VAL A 701 -55.82 8.41 -32.05
C VAL A 701 -55.38 9.20 -33.28
N ARG A 702 -56.31 9.55 -34.16
CA ARG A 702 -55.99 10.48 -35.25
C ARG A 702 -55.61 11.85 -34.68
N ARG A 703 -56.38 12.33 -33.70
CA ARG A 703 -56.03 13.58 -33.03
C ARG A 703 -54.70 13.45 -32.30
N LEU A 704 -54.46 12.27 -31.72
CA LEU A 704 -53.17 12.00 -31.09
C LEU A 704 -52.03 12.14 -32.09
N PHE A 705 -52.18 11.53 -33.26
CA PHE A 705 -51.14 11.61 -34.29
C PHE A 705 -50.94 13.05 -34.75
N GLN A 706 -52.04 13.78 -34.91
CA GLN A 706 -51.94 15.19 -35.30
C GLN A 706 -51.19 16.00 -34.25
N ARG A 707 -51.49 15.78 -32.97
CA ARG A 707 -50.80 16.49 -31.90
C ARG A 707 -49.31 16.14 -31.86
N PHE A 708 -48.99 14.85 -32.05
CA PHE A 708 -47.59 14.45 -32.07
C PHE A 708 -46.84 15.09 -33.24
N ARG A 709 -47.47 15.11 -34.42
CA ARG A 709 -46.83 15.74 -35.58
C ARG A 709 -46.65 17.24 -35.36
N GLN A 710 -47.65 17.90 -34.77
CA GLN A 710 -47.53 19.33 -34.49
C GLN A 710 -46.41 19.61 -33.50
N GLN A 711 -46.29 18.77 -32.47
CA GLN A 711 -45.21 18.93 -31.50
C GLN A 711 -43.85 18.70 -32.17
N LYS A 712 -43.76 17.70 -33.04
CA LYS A 712 -42.51 17.44 -33.73
C LYS A 712 -42.15 18.52 -34.74
N GLU A 713 -43.13 19.26 -35.24
CA GLU A 713 -42.88 20.30 -36.22
C GLU A 713 -42.10 21.47 -35.61
N GLU B 1 26.03 56.81 7.36
CA GLU B 1 27.14 56.98 8.30
C GLU B 1 27.84 55.65 8.57
N GLU B 2 27.10 54.54 8.39
CA GLU B 2 27.64 53.22 8.62
C GLU B 2 28.40 52.66 7.43
N GLN B 3 28.33 53.31 6.27
CA GLN B 3 29.03 52.82 5.09
C GLN B 3 30.53 53.07 5.17
N ILE B 4 30.98 54.00 6.01
CA ILE B 4 32.39 54.33 6.11
C ILE B 4 33.20 53.26 6.84
N ALA B 5 32.54 52.23 7.38
CA ALA B 5 33.25 51.19 8.10
C ALA B 5 34.20 50.40 7.21
N GLU B 6 33.96 50.37 5.90
CA GLU B 6 34.84 49.65 4.99
C GLU B 6 36.17 50.37 4.76
N PHE B 7 36.31 51.61 5.22
CA PHE B 7 37.55 52.35 5.02
C PHE B 7 38.68 51.87 5.91
N LYS B 8 38.39 51.00 6.90
CA LYS B 8 39.43 50.54 7.81
C LYS B 8 40.54 49.81 7.07
N GLU B 9 40.18 48.95 6.12
CA GLU B 9 41.18 48.22 5.35
C GLU B 9 42.03 49.18 4.51
N ALA B 10 41.38 50.18 3.90
CA ALA B 10 42.12 51.14 3.08
C ALA B 10 43.10 51.95 3.92
N PHE B 11 42.69 52.37 5.11
CA PHE B 11 43.59 53.10 5.99
C PHE B 11 44.79 52.25 6.40
N SER B 12 44.54 50.98 6.73
CA SER B 12 45.64 50.10 7.10
C SER B 12 46.59 49.87 5.93
N LEU B 13 46.06 49.70 4.73
CA LEU B 13 46.92 49.52 3.56
C LEU B 13 47.74 50.77 3.28
N PHE B 14 47.12 51.95 3.38
CA PHE B 14 47.85 53.18 3.10
C PHE B 14 48.90 53.46 4.17
N ASP B 15 48.56 53.25 5.44
CA ASP B 15 49.48 53.52 6.54
C ASP B 15 50.36 52.29 6.78
N LYS B 16 51.37 52.15 5.93
CA LYS B 16 52.32 51.06 6.06
C LYS B 16 53.31 51.27 7.20
N ASP B 17 53.35 52.47 7.79
CA ASP B 17 54.28 52.72 8.90
C ASP B 17 53.94 51.86 10.10
N GLY B 18 52.66 51.70 10.40
CA GLY B 18 52.25 50.91 11.55
C GLY B 18 52.34 51.62 12.88
N ASP B 19 52.52 52.94 12.87
CA ASP B 19 52.61 53.73 14.09
C ASP B 19 51.29 54.43 14.42
N GLY B 20 50.20 54.07 13.75
CA GLY B 20 48.93 54.73 13.95
C GLY B 20 48.72 55.99 13.13
N THR B 21 49.74 56.43 12.40
CA THR B 21 49.63 57.63 11.57
C THR B 21 50.58 57.48 10.39
N ILE B 22 50.30 58.24 9.33
CA ILE B 22 51.14 58.20 8.14
C ILE B 22 52.47 58.86 8.43
N THR B 23 53.56 58.13 8.17
CA THR B 23 54.91 58.63 8.37
C THR B 23 55.50 59.13 7.06
N THR B 24 56.52 59.98 7.19
CA THR B 24 57.17 60.52 6.00
C THR B 24 57.85 59.41 5.21
N LYS B 25 58.45 58.43 5.91
CA LYS B 25 59.09 57.32 5.22
C LYS B 25 58.07 56.51 4.42
N GLU B 26 56.90 56.26 5.01
CA GLU B 26 55.86 55.51 4.29
C GLU B 26 55.37 56.28 3.08
N LEU B 27 55.18 57.59 3.21
CA LEU B 27 54.76 58.41 2.08
C LEU B 27 55.81 58.38 0.97
N GLY B 28 57.09 58.51 1.33
CA GLY B 28 58.13 58.42 0.33
C GLY B 28 58.18 57.07 -0.35
N THR B 29 58.00 55.99 0.43
CA THR B 29 58.04 54.65 -0.14
C THR B 29 56.90 54.43 -1.13
N VAL B 30 55.68 54.81 -0.76
CA VAL B 30 54.55 54.62 -1.66
C VAL B 30 54.68 55.55 -2.87
N MET B 31 55.24 56.74 -2.67
CA MET B 31 55.44 57.67 -3.77
C MET B 31 56.43 57.10 -4.79
N ARG B 32 57.54 56.54 -4.30
CA ARG B 32 58.52 55.93 -5.19
C ARG B 32 57.97 54.69 -5.86
N SER B 33 57.19 53.88 -5.14
CA SER B 33 56.59 52.69 -5.73
C SER B 33 55.63 53.06 -6.85
N LEU B 34 54.81 54.08 -6.65
CA LEU B 34 53.88 54.49 -7.70
C LEU B 34 54.62 55.16 -8.86
N GLY B 35 55.73 55.85 -8.58
CA GLY B 35 56.62 56.34 -9.61
C GLY B 35 56.67 57.84 -9.76
N GLN B 36 55.56 58.54 -9.49
CA GLN B 36 55.53 59.99 -9.66
C GLN B 36 56.38 60.68 -8.60
N ASN B 37 56.98 61.81 -8.98
CA ASN B 37 57.89 62.56 -8.12
C ASN B 37 57.52 64.03 -8.13
N PRO B 38 56.47 64.42 -7.42
CA PRO B 38 56.11 65.84 -7.31
C PRO B 38 56.98 66.55 -6.29
N THR B 39 56.69 67.83 -6.09
CA THR B 39 57.46 68.65 -5.16
C THR B 39 57.24 68.18 -3.72
N GLU B 40 58.33 68.18 -2.94
CA GLU B 40 58.23 67.77 -1.54
C GLU B 40 57.42 68.78 -0.73
N ALA B 41 57.57 70.07 -1.03
CA ALA B 41 56.80 71.09 -0.32
C ALA B 41 55.30 70.93 -0.61
N GLU B 42 54.96 70.46 -1.81
CA GLU B 42 53.57 70.19 -2.12
C GLU B 42 53.00 69.11 -1.20
N LEU B 43 53.75 68.03 -1.00
CA LEU B 43 53.32 66.99 -0.09
C LEU B 43 53.25 67.49 1.34
N GLN B 44 54.21 68.33 1.74
CA GLN B 44 54.20 68.88 3.09
C GLN B 44 52.94 69.70 3.34
N ASP B 45 52.61 70.60 2.42
CA ASP B 45 51.41 71.41 2.61
C ASP B 45 50.15 70.57 2.51
N MET B 46 50.13 69.56 1.64
CA MET B 46 48.96 68.69 1.54
C MET B 46 48.71 67.94 2.83
N ILE B 47 49.76 67.36 3.42
CA ILE B 47 49.58 66.60 4.66
C ILE B 47 49.29 67.55 5.82
N ASN B 48 49.83 68.77 5.78
CA ASN B 48 49.52 69.74 6.82
C ASN B 48 48.05 70.16 6.77
N GLU B 49 47.52 70.39 5.57
CA GLU B 49 46.12 70.79 5.44
C GLU B 49 45.19 69.62 5.76
N VAL B 50 45.56 68.41 5.35
CA VAL B 50 44.69 67.25 5.58
C VAL B 50 44.63 66.93 7.07
N ASP B 51 45.78 66.88 7.74
CA ASP B 51 45.83 66.51 9.15
C ASP B 51 45.29 67.65 10.02
N ALA B 52 44.36 67.31 10.90
CA ALA B 52 43.82 68.31 11.82
C ALA B 52 44.89 68.79 12.79
N ASP B 53 45.70 67.88 13.32
CA ASP B 53 46.78 68.28 14.23
C ASP B 53 47.84 69.10 13.50
N GLY B 54 48.19 68.72 12.28
CA GLY B 54 49.18 69.44 11.52
C GLY B 54 50.61 69.20 11.94
N ASN B 55 50.86 68.23 12.82
CA ASN B 55 52.20 67.93 13.30
C ASN B 55 52.86 66.78 12.53
N GLY B 56 52.44 66.56 11.29
CA GLY B 56 52.99 65.48 10.49
C GLY B 56 52.37 64.12 10.71
N THR B 57 51.36 64.02 11.56
CA THR B 57 50.68 62.76 11.84
C THR B 57 49.25 62.84 11.32
N ILE B 58 48.88 61.85 10.50
CA ILE B 58 47.55 61.80 9.90
C ILE B 58 46.70 60.83 10.71
N ASP B 59 45.55 61.31 11.18
CA ASP B 59 44.65 60.52 12.00
C ASP B 59 43.42 60.10 11.18
N PHE B 60 42.61 59.24 11.79
CA PHE B 60 41.39 58.78 11.14
C PHE B 60 40.41 59.92 10.82
N PRO B 61 40.11 60.85 11.73
CA PRO B 61 39.16 61.92 11.38
C PRO B 61 39.64 62.79 10.23
N GLU B 62 40.95 62.94 10.05
CA GLU B 62 41.46 63.77 8.96
C GLU B 62 41.01 63.22 7.61
N PHE B 63 41.11 61.91 7.42
CA PHE B 63 40.63 61.29 6.19
C PHE B 63 39.11 61.16 6.16
N LEU B 64 38.50 60.96 7.34
CA LEU B 64 37.04 60.82 7.40
C LEU B 64 36.34 62.10 6.95
N THR B 65 36.86 63.26 7.35
CA THR B 65 36.27 64.53 6.95
C THR B 65 36.33 64.71 5.44
N MET B 66 37.48 64.40 4.83
CA MET B 66 37.60 64.50 3.38
C MET B 66 36.67 63.54 2.68
N MET B 67 36.55 62.30 3.18
CA MET B 67 35.65 61.34 2.57
C MET B 67 34.20 61.80 2.66
N ALA B 68 33.80 62.35 3.81
CA ALA B 68 32.44 62.86 3.97
C ALA B 68 32.19 64.05 3.05
N ARG B 69 33.18 64.93 2.91
CA ARG B 69 33.02 66.08 2.03
C ARG B 69 32.88 65.66 0.57
N LYS B 70 33.64 64.64 0.16
CA LYS B 70 33.60 64.18 -1.21
C LYS B 70 32.48 63.18 -1.48
N MET B 71 31.79 62.70 -0.45
CA MET B 71 30.74 61.70 -0.65
C MET B 71 29.57 62.26 -1.47
N LYS B 72 29.02 63.39 -1.02
CA LYS B 72 27.87 64.03 -1.68
C LYS B 72 26.71 63.03 -1.84
N ASP B 73 26.19 62.57 -0.70
CA ASP B 73 25.14 61.57 -0.70
C ASP B 73 23.82 62.16 -1.18
N THR B 74 22.88 61.27 -1.47
CA THR B 74 21.57 61.67 -1.96
C THR B 74 20.77 62.38 -0.85
N ASP B 75 19.86 63.25 -1.27
CA ASP B 75 19.07 64.02 -0.31
C ASP B 75 18.15 63.12 0.51
N SER B 76 17.50 62.16 -0.15
CA SER B 76 16.60 61.25 0.57
C SER B 76 17.37 60.38 1.57
N GLU B 77 18.53 59.87 1.16
CA GLU B 77 19.34 59.07 2.07
C GLU B 77 19.81 59.89 3.26
N GLU B 78 20.23 61.14 3.01
CA GLU B 78 20.64 62.00 4.12
C GLU B 78 19.48 62.28 5.07
N GLU B 79 18.29 62.54 4.51
CA GLU B 79 17.13 62.80 5.35
C GLU B 79 16.79 61.58 6.21
N ILE B 80 16.78 60.39 5.61
CA ILE B 80 16.42 59.19 6.36
C ILE B 80 17.47 58.87 7.41
N ARG B 81 18.76 59.09 7.09
CA ARG B 81 19.81 58.86 8.06
C ARG B 81 19.73 59.83 9.24
N GLU B 82 19.44 61.11 8.95
CA GLU B 82 19.27 62.09 10.02
C GLU B 82 18.07 61.75 10.89
N ALA B 83 16.97 61.32 10.26
CA ALA B 83 15.79 60.90 11.03
C ALA B 83 16.12 59.72 11.94
N PHE B 84 16.85 58.75 11.43
CA PHE B 84 17.22 57.59 12.25
C PHE B 84 18.17 57.98 13.37
N ARG B 85 19.06 58.94 13.11
CA ARG B 85 19.93 59.43 14.17
C ARG B 85 19.14 60.13 15.26
N VAL B 86 18.12 60.90 14.89
CA VAL B 86 17.40 61.67 15.91
C VAL B 86 16.38 60.82 16.65
N PHE B 87 15.80 59.79 16.01
CA PHE B 87 14.89 58.92 16.75
C PHE B 87 15.62 58.03 17.74
N ASP B 88 16.80 57.52 17.37
CA ASP B 88 17.54 56.59 18.21
C ASP B 88 18.35 57.40 19.22
N LYS B 89 17.83 57.52 20.44
CA LYS B 89 18.55 58.24 21.48
C LYS B 89 19.84 57.52 21.86
N ASP B 90 19.80 56.20 21.92
CA ASP B 90 20.99 55.42 22.28
C ASP B 90 22.03 55.39 21.17
N GLY B 91 21.63 55.66 19.92
CA GLY B 91 22.57 55.63 18.82
C GLY B 91 23.02 54.26 18.40
N ASN B 92 22.26 53.22 18.75
CA ASN B 92 22.62 51.84 18.41
C ASN B 92 21.94 51.36 17.13
N GLY B 93 21.21 52.23 16.44
CA GLY B 93 20.53 51.84 15.23
C GLY B 93 19.30 50.99 15.44
N TYR B 94 18.71 51.04 16.64
CA TYR B 94 17.53 50.27 16.96
C TYR B 94 16.44 51.19 17.49
N ILE B 95 15.19 50.90 17.13
CA ILE B 95 14.04 51.68 17.54
C ILE B 95 13.11 50.78 18.35
N SER B 96 12.75 51.23 19.55
CA SER B 96 11.85 50.51 20.43
C SER B 96 10.60 51.34 20.69
N ALA B 97 9.61 50.70 21.32
CA ALA B 97 8.36 51.39 21.62
C ALA B 97 8.59 52.53 22.61
N ALA B 98 9.43 52.32 23.63
CA ALA B 98 9.68 53.36 24.61
C ALA B 98 10.41 54.55 23.99
N GLU B 99 11.33 54.28 23.06
CA GLU B 99 11.98 55.37 22.34
C GLU B 99 10.97 56.15 21.51
N LEU B 100 10.02 55.45 20.88
CA LEU B 100 8.95 56.11 20.14
C LEU B 100 8.13 57.01 21.07
N ARG B 101 7.80 56.50 22.26
CA ARG B 101 7.06 57.31 23.22
C ARG B 101 7.85 58.53 23.64
N HIS B 102 9.16 58.36 23.87
CA HIS B 102 10.00 59.48 24.30
C HIS B 102 10.04 60.56 23.22
N VAL B 103 10.26 60.16 21.96
CA VAL B 103 10.35 61.15 20.90
C VAL B 103 8.98 61.79 20.64
N MET B 104 7.89 61.03 20.80
CA MET B 104 6.56 61.61 20.65
C MET B 104 6.27 62.65 21.73
N THR B 105 6.65 62.34 22.97
CA THR B 105 6.47 63.30 24.05
C THR B 105 7.35 64.53 23.84
N ASN B 106 8.59 64.34 23.38
CA ASN B 106 9.48 65.48 23.16
C ASN B 106 8.95 66.38 22.05
N LEU B 107 8.45 65.79 20.96
CA LEU B 107 7.93 66.58 19.85
C LEU B 107 6.57 67.18 20.15
N GLY B 108 5.86 66.68 21.15
CA GLY B 108 4.56 67.17 21.51
C GLY B 108 3.40 66.48 20.82
N GLU B 109 3.67 65.65 19.80
CA GLU B 109 2.63 64.90 19.10
C GLU B 109 2.38 63.58 19.83
N LYS B 110 1.83 63.70 21.03
CA LYS B 110 1.56 62.53 21.85
C LYS B 110 0.38 61.75 21.31
N LEU B 111 0.49 60.42 21.33
CA LEU B 111 -0.58 59.53 20.94
C LEU B 111 -0.84 58.54 22.06
N THR B 112 -2.02 57.93 22.02
CA THR B 112 -2.38 56.93 23.01
C THR B 112 -1.48 55.69 22.85
N ASP B 113 -1.35 54.93 23.94
CA ASP B 113 -0.49 53.75 23.91
C ASP B 113 -0.97 52.74 22.89
N GLU B 114 -2.29 52.58 22.75
CA GLU B 114 -2.82 51.70 21.71
C GLU B 114 -2.45 52.20 20.33
N GLU B 115 -2.51 53.52 20.11
CA GLU B 115 -2.13 54.07 18.81
C GLU B 115 -0.64 53.87 18.53
N VAL B 116 0.20 54.07 19.54
CA VAL B 116 1.64 53.86 19.37
C VAL B 116 1.92 52.40 19.05
N ASP B 117 1.26 51.49 19.76
CA ASP B 117 1.46 50.07 19.51
C ASP B 117 0.97 49.68 18.12
N GLU B 118 -0.14 50.25 17.67
CA GLU B 118 -0.63 49.98 16.33
C GLU B 118 0.34 50.49 15.27
N MET B 119 0.92 51.67 15.49
CA MET B 119 1.93 52.18 14.57
C MET B 119 3.16 51.28 14.55
N ILE B 120 3.55 50.76 15.72
CA ILE B 120 4.67 49.83 15.79
C ILE B 120 4.38 48.58 14.98
N ARG B 121 3.16 48.04 15.14
CA ARG B 121 2.77 46.86 14.36
C ARG B 121 2.76 47.15 12.86
N GLU B 122 2.26 48.32 12.47
CA GLU B 122 2.25 48.69 11.05
C GLU B 122 3.67 48.75 10.50
N ALA B 123 4.60 49.31 11.27
CA ALA B 123 6.00 49.31 10.88
C ALA B 123 6.63 47.93 11.02
N ASP B 124 6.15 47.12 11.96
CA ASP B 124 6.73 45.80 12.20
C ASP B 124 6.37 44.85 11.06
N ILE B 125 7.35 44.09 10.59
CA ILE B 125 7.12 43.12 9.53
C ILE B 125 7.39 41.68 9.97
N ASP B 126 8.29 41.45 10.91
CA ASP B 126 8.61 40.09 11.36
C ASP B 126 7.86 39.71 12.64
N GLY B 127 7.16 40.64 13.26
CA GLY B 127 6.30 40.32 14.39
C GLY B 127 7.01 39.80 15.63
N ASP B 128 8.13 40.42 15.99
CA ASP B 128 8.82 40.06 17.23
C ASP B 128 9.11 41.25 18.14
N GLY B 129 8.91 42.48 17.66
CA GLY B 129 9.07 43.65 18.51
C GLY B 129 10.25 44.53 18.14
N GLN B 130 10.56 44.62 16.85
CA GLN B 130 11.67 45.44 16.38
C GLN B 130 11.24 46.28 15.19
N VAL B 131 11.86 47.44 15.06
CA VAL B 131 11.68 48.32 13.91
C VAL B 131 13.04 48.52 13.26
N ASN B 132 13.15 48.19 11.99
CA ASN B 132 14.43 48.15 11.30
C ASN B 132 14.51 49.21 10.20
N TYR B 133 15.68 49.31 9.60
CA TYR B 133 15.94 50.29 8.55
C TYR B 133 14.95 50.14 7.39
N GLU B 134 14.95 48.97 6.76
CA GLU B 134 14.09 48.73 5.60
C GLU B 134 12.62 48.82 5.97
N GLU B 135 12.26 48.41 7.20
CA GLU B 135 10.88 48.54 7.64
C GLU B 135 10.43 49.99 7.58
N PHE B 136 11.21 50.90 8.18
CA PHE B 136 10.83 52.30 8.21
C PHE B 136 10.84 52.90 6.81
N VAL B 137 11.83 52.57 5.99
CA VAL B 137 11.87 53.17 4.66
C VAL B 137 10.70 52.67 3.81
N GLN B 138 10.32 51.40 3.97
CA GLN B 138 9.15 50.88 3.26
C GLN B 138 7.88 51.56 3.73
N MET B 139 7.77 51.82 5.04
CA MET B 139 6.62 52.57 5.53
C MET B 139 6.60 53.98 4.96
N MET B 140 7.79 54.58 4.79
CA MET B 140 7.84 55.94 4.28
C MET B 140 7.51 56.00 2.80
N THR B 141 7.83 54.94 2.06
CA THR B 141 7.61 54.93 0.62
C THR B 141 6.14 55.09 0.28
N ALA B 142 5.27 54.43 1.03
CA ALA B 142 3.83 54.50 0.78
C ALA B 142 3.28 55.90 1.10
N LEU C 1 14.55 6.79 29.48
CA LEU C 1 13.72 7.66 28.66
C LEU C 1 12.91 8.62 29.53
N VAL C 2 13.51 9.77 29.85
CA VAL C 2 12.85 10.79 30.66
C VAL C 2 13.00 12.13 29.96
N ALA C 3 12.15 13.08 30.34
CA ALA C 3 12.15 14.39 29.73
C ALA C 3 12.12 15.47 30.80
N PRO C 4 12.72 16.64 30.52
CA PRO C 4 12.56 17.79 31.43
C PRO C 4 11.10 18.19 31.53
N GLN C 5 10.59 18.19 32.75
CA GLN C 5 9.15 18.24 32.99
C GLN C 5 8.82 19.39 33.94
N ASN C 6 7.76 20.11 33.59
CA ASN C 6 7.25 21.19 34.44
C ASN C 6 6.14 20.63 35.32
N THR C 7 6.37 20.60 36.63
CA THR C 7 5.41 20.04 37.56
C THR C 7 4.85 21.12 38.48
N PHE C 8 4.56 22.30 37.92
CA PHE C 8 4.06 23.41 38.71
C PHE C 8 2.62 23.17 39.17
N LEU C 9 1.71 23.01 38.21
CA LEU C 9 0.30 22.86 38.54
C LEU C 9 0.06 21.63 39.41
N GLU C 10 0.72 20.51 39.06
CA GLU C 10 0.48 19.27 39.78
C GLU C 10 0.92 19.37 41.24
N ASN C 11 2.12 19.92 41.47
CA ASN C 11 2.59 20.11 42.83
C ASN C 11 1.72 21.10 43.60
N ILE C 12 1.28 22.18 42.95
CA ILE C 12 0.53 23.20 43.70
C ILE C 12 -0.85 22.65 44.07
N VAL C 13 -1.48 21.90 43.18
CA VAL C 13 -2.81 21.35 43.50
C VAL C 13 -2.69 20.20 44.50
N ARG C 14 -1.60 19.44 44.44
CA ARG C 14 -1.41 18.37 45.42
C ARG C 14 -1.14 18.95 46.81
N ARG C 15 -0.38 20.05 46.87
CA ARG C 15 -0.05 20.67 48.14
C ARG C 15 -1.15 21.57 48.67
N SER C 16 -2.12 21.93 47.82
CA SER C 16 -3.17 22.85 48.25
C SER C 16 -3.95 22.29 49.44
N ASN C 17 -4.30 21.01 49.40
CA ASN C 17 -5.05 20.35 50.46
C ASN C 17 -6.38 21.05 50.71
N ASP C 18 -7.23 21.05 49.68
CA ASP C 18 -8.57 21.61 49.73
C ASP C 18 -8.54 23.11 50.04
N THR C 19 -7.65 23.83 49.37
CA THR C 19 -7.61 25.29 49.48
C THR C 19 -7.74 25.93 48.10
N ASN C 20 -7.49 27.23 48.02
CA ASN C 20 -7.62 27.98 46.79
C ASN C 20 -6.36 28.79 46.54
N PHE C 21 -6.19 29.24 45.30
CA PHE C 21 -5.02 30.03 44.91
C PHE C 21 -5.30 30.76 43.61
N VAL C 22 -4.63 31.89 43.44
CA VAL C 22 -4.74 32.72 42.24
C VAL C 22 -3.34 33.20 41.86
N LEU C 23 -3.01 33.07 40.58
CA LEU C 23 -1.68 33.38 40.08
C LEU C 23 -1.67 34.72 39.36
N GLY C 24 -0.54 35.42 39.45
CA GLY C 24 -0.40 36.71 38.81
C GLY C 24 1.03 36.97 38.36
N ASN C 25 1.15 37.83 37.35
CA ASN C 25 2.46 38.12 36.76
C ASN C 25 3.25 39.07 37.65
N ALA C 26 4.58 39.00 37.53
CA ALA C 26 5.46 39.73 38.43
C ALA C 26 6.21 40.87 37.75
N GLN C 27 6.57 40.73 36.47
CA GLN C 27 7.26 41.77 35.73
C GLN C 27 6.30 42.66 34.96
N ILE C 28 5.06 42.78 35.43
CA ILE C 28 4.00 43.44 34.67
C ILE C 28 3.29 44.45 35.57
N VAL C 29 3.03 45.64 35.02
CA VAL C 29 2.48 46.74 35.81
C VAL C 29 1.02 46.49 36.15
N ASP C 30 0.68 46.75 37.42
CA ASP C 30 -0.62 46.54 38.05
C ASP C 30 -1.00 45.08 38.20
N TRP C 31 -0.17 44.17 37.68
CA TRP C 31 -0.33 42.74 37.89
C TRP C 31 -1.70 42.19 37.50
N PRO C 32 -2.02 42.10 36.22
CA PRO C 32 -3.18 41.30 35.81
C PRO C 32 -3.07 39.83 36.19
N ILE C 33 -4.23 39.23 36.46
CA ILE C 33 -4.27 37.82 36.87
C ILE C 33 -4.00 36.89 35.70
N VAL C 34 -3.19 35.86 35.96
CA VAL C 34 -2.90 34.85 34.96
C VAL C 34 -3.63 33.53 35.24
N TYR C 35 -4.16 33.33 36.44
CA TYR C 35 -4.86 32.08 36.73
C TYR C 35 -5.81 32.24 37.90
N SER C 36 -6.91 31.51 37.83
CA SER C 36 -7.86 31.38 38.94
C SER C 36 -8.19 29.92 39.20
N ASN C 37 -8.97 29.66 40.25
CA ASN C 37 -9.23 28.31 40.73
C ASN C 37 -10.72 28.16 41.01
N ASP C 38 -11.19 26.91 40.92
CA ASP C 38 -12.61 26.62 41.07
C ASP C 38 -13.13 27.05 42.44
N GLY C 39 -12.34 26.82 43.49
CA GLY C 39 -12.75 27.25 44.81
C GLY C 39 -12.97 28.75 44.88
N PHE C 40 -12.05 29.53 44.31
CA PHE C 40 -12.23 30.98 44.32
C PHE C 40 -13.49 31.38 43.57
N CYS C 41 -13.67 30.85 42.36
CA CYS C 41 -14.79 31.31 41.54
C CYS C 41 -16.12 30.86 42.15
N LYS C 42 -16.09 29.83 42.99
CA LYS C 42 -17.32 29.44 43.67
C LYS C 42 -17.58 30.33 44.89
N LEU C 43 -16.53 30.68 45.63
CA LEU C 43 -16.74 31.49 46.83
C LEU C 43 -17.04 32.95 46.49
N SER C 44 -16.41 33.50 45.46
CA SER C 44 -16.57 34.90 45.11
C SER C 44 -17.63 35.15 44.05
N GLY C 45 -18.19 34.10 43.47
CA GLY C 45 -19.27 34.24 42.51
C GLY C 45 -18.85 34.76 41.16
N TYR C 46 -17.58 35.03 40.94
CA TYR C 46 -17.08 35.56 39.67
C TYR C 46 -16.58 34.40 38.82
N HIS C 47 -17.00 34.36 37.57
CA HIS C 47 -16.54 33.32 36.67
C HIS C 47 -15.08 33.52 36.29
N ARG C 48 -14.44 32.43 35.86
CA ARG C 48 -13.01 32.49 35.58
C ARG C 48 -12.71 33.45 34.43
N ALA C 49 -13.56 33.44 33.40
CA ALA C 49 -13.29 34.27 32.23
C ALA C 49 -13.41 35.76 32.56
N GLU C 50 -14.31 36.12 33.48
CA GLU C 50 -14.49 37.52 33.84
C GLU C 50 -13.51 38.00 34.91
N VAL C 51 -12.75 37.11 35.56
CA VAL C 51 -11.70 37.58 36.46
C VAL C 51 -10.35 37.71 35.76
N MET C 52 -10.17 37.04 34.62
CA MET C 52 -8.87 37.06 33.95
C MET C 52 -8.51 38.48 33.52
N GLN C 53 -7.21 38.76 33.57
CA GLN C 53 -6.65 40.07 33.24
C GLN C 53 -7.14 41.16 34.19
N LYS C 54 -7.12 40.85 35.47
CA LYS C 54 -7.51 41.79 36.51
C LYS C 54 -6.35 42.02 37.47
N SER C 55 -6.32 43.22 38.03
CA SER C 55 -5.24 43.63 38.93
C SER C 55 -5.04 42.63 40.05
N SER C 56 -3.77 42.26 40.32
CA SER C 56 -3.59 41.31 41.40
C SER C 56 -3.65 41.96 42.77
N ALA C 57 -3.75 43.29 42.82
CA ALA C 57 -4.03 44.01 44.05
C ALA C 57 -5.44 43.76 44.54
N CYS C 58 -6.26 43.04 43.77
CA CYS C 58 -7.61 42.66 44.16
C CYS C 58 -8.52 43.87 44.33
N SER C 59 -8.29 44.92 43.54
CA SER C 59 -9.08 46.13 43.66
C SER C 59 -10.52 45.93 43.20
N PHE C 60 -10.76 44.94 42.34
CA PHE C 60 -12.06 44.83 41.69
C PHE C 60 -13.13 44.22 42.61
N MET C 61 -12.75 43.65 43.74
CA MET C 61 -13.72 43.37 44.79
C MET C 61 -13.51 44.24 46.03
N TYR C 62 -13.16 45.51 45.84
CA TYR C 62 -13.06 46.43 46.96
C TYR C 62 -14.45 46.95 47.32
N GLY C 63 -14.51 47.70 48.40
CA GLY C 63 -15.78 48.27 48.84
C GLY C 63 -15.61 49.35 49.89
N GLU C 64 -16.74 49.73 50.49
CA GLU C 64 -16.75 50.89 51.38
C GLU C 64 -15.90 50.66 52.61
N LEU C 65 -15.87 49.44 53.13
CA LEU C 65 -15.15 49.13 54.36
C LEU C 65 -13.70 48.73 54.11
N THR C 66 -13.25 48.74 52.86
CA THR C 66 -11.84 48.47 52.58
C THR C 66 -10.97 49.62 53.08
N ASP C 67 -9.84 49.28 53.67
CA ASP C 67 -8.93 50.25 54.27
C ASP C 67 -7.83 50.61 53.30
N LYS C 68 -7.61 51.91 53.10
CA LYS C 68 -6.51 52.36 52.25
C LYS C 68 -5.16 51.95 52.80
N ASP C 69 -5.07 51.79 54.13
CA ASP C 69 -3.85 51.28 54.74
C ASP C 69 -3.52 49.88 54.21
N THR C 70 -4.53 49.01 54.12
CA THR C 70 -4.31 47.68 53.58
C THR C 70 -3.96 47.73 52.09
N VAL C 71 -4.52 48.70 51.37
CA VAL C 71 -4.15 48.85 49.96
C VAL C 71 -2.67 49.21 49.83
N GLU C 72 -2.21 50.17 50.65
CA GLU C 72 -0.80 50.51 50.65
C GLU C 72 0.06 49.33 51.08
N LYS C 73 -0.44 48.51 52.01
CA LYS C 73 0.34 47.37 52.48
C LYS C 73 0.49 46.33 51.38
N VAL C 74 -0.61 45.98 50.70
CA VAL C 74 -0.51 45.02 49.62
C VAL C 74 0.33 45.58 48.47
N ARG C 75 0.26 46.90 48.25
CA ARG C 75 1.07 47.48 47.18
C ARG C 75 2.56 47.41 47.51
N GLN C 76 2.93 47.77 48.74
CA GLN C 76 4.36 47.72 49.09
C GLN C 76 4.85 46.27 49.16
N THR C 77 3.97 45.34 49.49
CA THR C 77 4.38 43.93 49.49
C THR C 77 4.60 43.43 48.07
N PHE C 78 3.71 43.80 47.15
CA PHE C 78 3.89 43.40 45.76
C PHE C 78 5.15 44.02 45.17
N GLU C 79 5.41 45.30 45.47
CA GLU C 79 6.57 45.94 44.86
C GLU C 79 7.87 45.62 45.58
N ASN C 80 7.82 45.12 46.81
CA ASN C 80 9.03 44.69 47.50
C ASN C 80 9.24 43.17 47.45
N TYR C 81 8.25 42.41 47.01
CA TYR C 81 8.36 40.97 46.83
C TYR C 81 8.72 40.26 48.14
N GLU C 82 7.79 40.28 49.10
CA GLU C 82 8.02 39.63 50.38
C GLU C 82 6.81 38.81 50.82
N MET C 83 7.07 37.78 51.61
CA MET C 83 6.02 36.92 52.13
C MET C 83 5.19 37.74 53.11
N ASN C 84 3.87 37.63 53.06
CA ASN C 84 3.11 38.29 54.13
C ASN C 84 1.67 37.81 54.05
N SER C 85 0.89 38.16 55.07
CA SER C 85 -0.46 37.64 55.22
C SER C 85 -1.32 38.68 55.94
N PHE C 86 -2.42 39.09 55.29
CA PHE C 86 -3.32 40.12 55.77
C PHE C 86 -4.73 39.58 55.93
N GLU C 87 -5.53 40.35 56.66
CA GLU C 87 -6.97 40.14 56.78
C GLU C 87 -7.65 41.48 56.52
N ILE C 88 -8.72 41.45 55.72
CA ILE C 88 -9.31 42.66 55.16
C ILE C 88 -10.68 42.31 54.61
N LEU C 89 -11.63 43.23 54.76
CA LEU C 89 -12.99 42.96 54.33
C LEU C 89 -13.10 43.01 52.81
N MET C 90 -13.59 41.92 52.22
CA MET C 90 -13.77 41.80 50.77
C MET C 90 -15.25 41.83 50.41
N TYR C 91 -15.50 41.93 49.10
CA TYR C 91 -16.85 42.08 48.55
C TYR C 91 -17.09 41.06 47.44
N LYS C 92 -18.25 40.41 47.48
CA LYS C 92 -18.58 39.42 46.47
C LYS C 92 -19.45 40.04 45.37
N LYS C 93 -20.03 39.19 44.52
CA LYS C 93 -20.82 39.66 43.39
C LYS C 93 -22.06 40.43 43.85
N ASN C 94 -22.72 39.94 44.90
CA ASN C 94 -23.89 40.55 45.51
C ASN C 94 -23.55 41.70 46.45
N ARG C 95 -22.30 42.17 46.42
CA ARG C 95 -21.74 43.26 47.22
C ARG C 95 -21.92 43.05 48.72
N THR C 96 -22.21 41.83 49.16
CA THR C 96 -22.33 41.57 50.59
C THR C 96 -20.94 41.45 51.21
N PRO C 97 -20.62 42.23 52.24
CA PRO C 97 -19.29 42.15 52.85
C PRO C 97 -19.12 40.90 53.68
N VAL C 98 -17.98 40.23 53.52
CA VAL C 98 -17.67 38.99 54.24
C VAL C 98 -16.22 39.05 54.71
N TRP C 99 -16.00 38.70 55.98
CA TRP C 99 -14.67 38.78 56.58
C TRP C 99 -13.69 37.88 55.85
N PHE C 100 -12.46 38.36 55.69
CA PHE C 100 -11.55 37.69 54.77
C PHE C 100 -10.13 37.76 55.29
N PHE C 101 -9.33 36.76 54.91
CA PHE C 101 -7.90 36.70 55.21
C PHE C 101 -7.17 36.39 53.91
N VAL C 102 -5.96 36.93 53.75
CA VAL C 102 -5.18 36.74 52.54
C VAL C 102 -3.71 36.52 52.90
N LYS C 103 -2.97 35.94 51.96
CA LYS C 103 -1.53 35.76 52.09
C LYS C 103 -0.91 35.64 50.71
N ILE C 104 0.20 36.35 50.50
CA ILE C 104 0.87 36.44 49.19
C ILE C 104 2.22 35.74 49.27
N ALA C 105 2.65 35.15 48.16
CA ALA C 105 3.95 34.48 48.09
C ALA C 105 4.41 34.43 46.65
N PRO C 106 5.25 35.38 46.23
CA PRO C 106 5.83 35.32 44.88
C PRO C 106 6.81 34.16 44.76
N ILE C 107 7.03 33.73 43.52
CA ILE C 107 7.90 32.60 43.21
C ILE C 107 9.03 33.08 42.30
N ARG C 108 10.22 32.54 42.53
CA ARG C 108 11.39 32.92 41.75
C ARG C 108 11.43 32.11 40.44
N ASN C 109 12.55 32.19 39.74
CA ASN C 109 12.73 31.49 38.47
C ASN C 109 14.15 30.95 38.38
N GLU C 110 14.32 29.93 37.54
CA GLU C 110 15.63 29.31 37.36
C GLU C 110 16.68 30.30 36.86
N GLN C 111 16.26 31.35 36.17
CA GLN C 111 17.14 32.36 35.63
C GLN C 111 17.38 33.51 36.62
N ASP C 112 17.15 33.27 37.91
CA ASP C 112 17.35 34.26 38.96
C ASP C 112 16.48 35.51 38.72
N LYS C 113 15.17 35.28 38.72
CA LYS C 113 14.21 36.36 38.55
C LYS C 113 12.88 35.93 39.15
N VAL C 114 12.02 36.92 39.36
CA VAL C 114 10.67 36.69 39.87
C VAL C 114 9.70 36.90 38.71
N VAL C 115 8.90 35.87 38.40
CA VAL C 115 8.04 35.86 37.24
C VAL C 115 6.56 35.79 37.61
N LEU C 116 6.22 35.00 38.62
CA LEU C 116 4.82 34.77 38.97
C LEU C 116 4.59 35.09 40.44
N PHE C 117 3.40 35.60 40.73
CA PHE C 117 2.93 35.75 42.10
C PHE C 117 2.01 34.59 42.49
N LEU C 118 1.80 34.45 43.80
CA LEU C 118 0.89 33.46 44.33
C LEU C 118 0.23 34.00 45.58
N CYS C 119 -1.08 34.19 45.51
CA CYS C 119 -1.88 34.70 46.60
C CYS C 119 -2.94 33.67 46.98
N THR C 120 -2.98 33.31 48.26
CA THR C 120 -3.93 32.34 48.78
C THR C 120 -5.02 33.05 49.56
N PHE C 121 -6.11 32.34 49.80
CA PHE C 121 -7.32 32.94 50.34
C PHE C 121 -7.96 32.02 51.38
N SER C 122 -8.71 32.65 52.29
CA SER C 122 -9.44 31.91 53.30
C SER C 122 -10.54 32.81 53.85
N ASP C 123 -11.54 32.19 54.45
CA ASP C 123 -12.69 32.88 55.01
C ASP C 123 -12.68 32.72 56.52
N ILE C 124 -12.93 33.81 57.24
CA ILE C 124 -12.93 33.75 58.69
C ILE C 124 -14.18 34.47 59.17
N THR C 125 -15.21 34.47 58.32
CA THR C 125 -16.42 35.23 58.58
C THR C 125 -17.06 34.84 59.90
N ALA C 126 -17.08 33.54 60.20
CA ALA C 126 -17.76 33.04 61.40
C ALA C 126 -17.00 33.31 62.68
N PHE C 127 -15.71 33.66 62.62
CA PHE C 127 -14.91 33.83 63.83
C PHE C 127 -14.48 35.30 64.00
N LYS C 128 -15.11 36.22 63.28
CA LYS C 128 -14.74 37.63 63.37
C LYS C 128 -15.92 38.43 63.90
N GLN C 129 -15.75 39.74 63.96
CA GLN C 129 -16.81 40.62 64.41
C GLN C 129 -17.96 40.60 63.40
N PRO C 130 -19.20 40.40 63.83
CA PRO C 130 -20.31 40.36 62.88
C PRO C 130 -20.66 41.74 62.36
N ILE C 131 -20.60 41.89 61.04
CA ILE C 131 -20.92 43.15 60.37
C ILE C 131 -21.96 42.86 59.30
N GLU C 132 -23.04 43.64 59.28
CA GLU C 132 -24.11 43.45 58.32
C GLU C 132 -24.46 44.78 57.66
N ASP C 133 -24.92 44.70 56.42
CA ASP C 133 -25.36 45.86 55.66
C ASP C 133 -26.86 45.91 55.45
N ASP C 134 -27.46 44.82 54.98
CA ASP C 134 -28.91 44.74 54.80
C ASP C 134 -29.32 43.28 54.88
N SER C 135 -29.95 42.90 55.99
CA SER C 135 -30.36 41.52 56.20
C SER C 135 -31.75 41.50 56.82
N CYS C 136 -32.46 40.39 56.60
CA CYS C 136 -33.78 40.23 57.18
C CYS C 136 -33.73 40.17 58.70
N LYS C 137 -32.73 39.47 59.25
CA LYS C 137 -32.58 39.36 60.69
C LYS C 137 -31.11 39.16 61.02
N GLY C 138 -30.75 39.46 62.27
CA GLY C 138 -29.38 39.29 62.70
C GLY C 138 -28.95 37.83 62.69
N TRP C 139 -29.79 36.95 63.23
CA TRP C 139 -29.46 35.53 63.24
C TRP C 139 -29.46 34.95 61.84
N GLY C 140 -30.33 35.46 60.96
CA GLY C 140 -30.30 35.03 59.57
C GLY C 140 -28.99 35.38 58.89
N LYS C 141 -28.52 36.61 59.09
CA LYS C 141 -27.23 37.01 58.54
C LYS C 141 -26.09 36.19 59.15
N PHE C 142 -26.18 35.90 60.45
CA PHE C 142 -25.17 35.07 61.10
C PHE C 142 -25.13 33.68 60.49
N ALA C 143 -26.31 33.08 60.26
CA ALA C 143 -26.36 31.76 59.65
C ALA C 143 -25.84 31.79 58.22
N ARG C 144 -26.14 32.85 57.48
CA ARG C 144 -25.63 33.00 56.12
C ARG C 144 -24.11 33.08 56.11
N LEU C 145 -23.55 33.85 57.05
CA LEU C 145 -22.10 33.99 57.12
C LEU C 145 -21.43 32.67 57.54
N THR C 146 -22.02 31.97 58.51
CA THR C 146 -21.42 30.72 58.97
C THR C 146 -21.53 29.62 57.92
N ARG C 147 -22.56 29.67 57.07
CA ARG C 147 -22.73 28.65 56.05
C ARG C 147 -21.60 28.66 55.02
N ALA C 148 -20.87 29.76 54.91
CA ALA C 148 -19.76 29.86 53.97
C ALA C 148 -18.43 29.43 54.59
N LEU C 149 -18.44 29.00 55.85
CA LEU C 149 -17.23 28.57 56.55
C LEU C 149 -17.08 27.07 56.60
N THR C 150 -17.51 26.37 55.54
CA THR C 150 -17.45 24.91 55.53
C THR C 150 -16.00 24.42 55.56
N SER C 151 -15.12 25.07 54.81
CA SER C 151 -13.72 24.65 54.77
C SER C 151 -13.06 24.78 56.13
N SER C 152 -13.30 25.89 56.83
CA SER C 152 -12.72 26.07 58.16
C SER C 152 -13.39 25.14 59.17
N ARG C 153 -14.70 24.94 59.06
CA ARG C 153 -15.41 24.08 59.99
C ARG C 153 -15.15 22.60 59.74
N GLY C 154 -14.51 22.24 58.63
CA GLY C 154 -14.22 20.86 58.33
C GLY C 154 -13.13 20.27 59.21
N VAL C 155 -12.41 19.28 58.68
CA VAL C 155 -11.37 18.60 59.45
C VAL C 155 -10.22 19.52 59.83
N LEU C 156 -10.14 20.70 59.21
CA LEU C 156 -9.10 21.65 59.56
C LEU C 156 -9.25 22.11 61.01
N GLN C 157 -10.47 22.36 61.45
CA GLN C 157 -10.75 22.78 62.82
C GLN C 157 -11.96 22.02 63.36
N GLN C 158 -12.01 20.71 63.12
CA GLN C 158 -13.16 19.90 63.54
C GLN C 158 -13.27 19.77 65.05
N LEU C 159 -12.18 19.98 65.79
CA LEU C 159 -12.21 19.86 67.24
C LEU C 159 -12.67 21.12 67.94
N ALA C 160 -12.97 22.18 67.19
CA ALA C 160 -13.40 23.44 67.81
C ALA C 160 -14.71 23.31 68.59
N PRO C 161 -15.79 22.73 68.05
CA PRO C 161 -17.03 22.64 68.85
C PRO C 161 -16.88 21.85 70.13
N SER C 162 -16.01 20.84 70.15
CA SER C 162 -15.81 20.03 71.34
C SER C 162 -15.00 20.74 72.41
N VAL C 163 -14.38 21.88 72.10
CA VAL C 163 -13.54 22.60 73.04
C VAL C 163 -13.98 24.05 73.10
N GLN C 164 -13.26 24.86 73.88
CA GLN C 164 -13.54 26.27 74.02
C GLN C 164 -12.25 27.06 73.96
N LYS C 165 -12.36 28.32 73.56
CA LYS C 165 -11.21 29.22 73.42
C LYS C 165 -10.15 28.64 72.50
N GLY C 166 -10.61 28.01 71.41
CA GLY C 166 -9.73 27.41 70.43
C GLY C 166 -9.15 28.36 69.42
N GLU C 167 -9.45 29.65 69.54
CA GLU C 167 -8.92 30.66 68.64
C GLU C 167 -7.40 30.75 68.69
N ASN C 168 -6.78 30.35 69.80
CA ASN C 168 -5.34 30.43 69.92
C ASN C 168 -4.62 29.46 69.00
N VAL C 169 -5.31 28.44 68.51
CA VAL C 169 -4.71 27.46 67.62
C VAL C 169 -5.37 27.39 66.25
N HIS C 170 -6.57 27.92 66.08
CA HIS C 170 -7.23 27.87 64.78
C HIS C 170 -6.46 28.66 63.73
N LYS C 171 -5.97 29.85 64.09
CA LYS C 171 -5.21 30.65 63.15
C LYS C 171 -3.90 29.95 62.77
N HIS C 172 -3.23 29.34 63.76
CA HIS C 172 -2.00 28.61 63.46
C HIS C 172 -2.28 27.42 62.54
N SER C 173 -3.37 26.70 62.79
CA SER C 173 -3.72 25.57 61.93
C SER C 173 -4.03 26.04 60.51
N ARG C 174 -4.74 27.16 60.37
CA ARG C 174 -5.03 27.70 59.05
C ARG C 174 -3.76 28.12 58.33
N LEU C 175 -2.84 28.78 59.05
CA LEU C 175 -1.61 29.27 58.43
C LEU C 175 -0.61 28.16 58.13
N ALA C 176 -0.71 27.02 58.83
CA ALA C 176 0.25 25.94 58.60
C ALA C 176 0.16 25.41 57.17
N GLU C 177 -1.06 25.23 56.66
CA GLU C 177 -1.21 24.74 55.29
C GLU C 177 -0.70 25.75 54.28
N VAL C 178 -0.95 27.04 54.52
CA VAL C 178 -0.51 28.07 53.58
C VAL C 178 1.01 28.19 53.57
N LEU C 179 1.64 28.03 54.74
CA LEU C 179 3.09 28.19 54.83
C LEU C 179 3.85 27.13 54.04
N GLN C 180 3.21 26.00 53.72
CA GLN C 180 3.88 24.95 52.96
C GLN C 180 4.10 25.30 51.50
N LEU C 181 3.51 26.40 51.03
CA LEU C 181 3.58 26.74 49.60
C LEU C 181 5.01 26.96 49.11
N GLY C 182 5.95 27.21 50.03
CA GLY C 182 7.34 27.33 49.62
C GLY C 182 7.89 26.05 49.02
N SER C 183 7.41 24.90 49.49
CA SER C 183 7.83 23.63 48.91
C SER C 183 7.39 23.53 47.45
N ASP C 184 6.17 23.96 47.14
CA ASP C 184 5.71 23.97 45.76
C ASP C 184 6.42 25.04 44.93
N ILE C 185 7.09 25.99 45.58
CA ILE C 185 7.84 27.02 44.86
C ILE C 185 9.23 26.56 44.45
N LEU C 186 9.64 25.36 44.87
CA LEU C 186 10.96 24.86 44.51
C LEU C 186 11.19 24.75 43.01
N PRO C 187 10.26 24.24 42.19
CA PRO C 187 10.50 24.22 40.74
C PRO C 187 10.72 25.61 40.15
N GLN C 188 10.14 26.65 40.76
CA GLN C 188 10.35 28.03 40.34
C GLN C 188 9.94 28.26 38.89
N TYR C 189 8.91 27.54 38.44
CA TYR C 189 8.40 27.62 37.08
C TYR C 189 9.53 27.38 36.07
N LYS C 190 10.10 26.17 36.17
CA LYS C 190 11.22 25.80 35.33
C LYS C 190 11.15 24.31 35.04
N GLN C 191 11.82 23.91 33.95
CA GLN C 191 11.86 22.51 33.53
C GLN C 191 12.78 21.74 34.47
N GLU C 192 12.25 21.40 35.64
CA GLU C 192 13.03 20.69 36.63
C GLU C 192 13.26 19.25 36.18
N ALA C 193 14.52 18.86 36.10
CA ALA C 193 14.87 17.51 35.68
C ALA C 193 14.74 16.54 36.85
N PRO C 194 14.42 15.27 36.57
CA PRO C 194 14.36 14.26 37.66
C PRO C 194 15.76 13.83 38.12
N LYS C 195 16.32 14.63 39.01
CA LYS C 195 17.67 14.37 39.51
C LYS C 195 17.71 13.09 40.32
N THR C 196 18.79 12.33 40.15
CA THR C 196 18.94 11.06 40.84
C THR C 196 19.20 11.29 42.33
N PRO C 197 18.61 10.45 43.19
CA PRO C 197 18.89 10.56 44.63
C PRO C 197 20.33 10.20 44.94
N PRO C 198 20.89 10.70 46.03
CA PRO C 198 22.30 10.46 46.33
C PRO C 198 22.57 9.00 46.64
N HIS C 199 23.82 8.58 46.38
CA HIS C 199 24.30 7.23 46.66
C HIS C 199 23.52 6.17 45.89
N ILE C 200 22.96 6.56 44.75
CA ILE C 200 22.32 5.63 43.82
C ILE C 200 22.82 5.96 42.42
N ILE C 201 23.36 4.95 41.73
CA ILE C 201 24.04 5.16 40.46
C ILE C 201 23.22 4.51 39.35
N LEU C 202 23.11 5.20 38.22
CA LEU C 202 22.37 4.68 37.08
C LEU C 202 23.01 3.40 36.56
N HIS C 203 22.17 2.48 36.09
CA HIS C 203 22.62 1.18 35.61
C HIS C 203 23.20 1.22 34.20
N TYR C 204 23.11 2.37 33.51
CA TYR C 204 23.66 2.52 32.17
C TYR C 204 25.06 3.16 32.20
N CYS C 205 25.59 3.42 33.38
CA CYS C 205 26.86 4.10 33.54
C CYS C 205 28.01 3.24 33.02
N VAL C 206 29.14 3.91 32.73
CA VAL C 206 30.30 3.23 32.18
C VAL C 206 30.84 2.20 33.17
N PHE C 207 30.88 2.56 34.46
CA PHE C 207 31.35 1.62 35.48
C PHE C 207 30.54 0.34 35.46
N LYS C 208 29.22 0.45 35.32
CA LYS C 208 28.38 -0.75 35.35
C LYS C 208 28.50 -1.54 34.06
N THR C 209 28.72 -0.86 32.94
CA THR C 209 28.96 -1.57 31.69
C THR C 209 30.25 -2.39 31.76
N THR C 210 31.31 -1.82 32.33
CA THR C 210 32.55 -2.57 32.47
C THR C 210 32.47 -3.59 33.61
N TRP C 211 31.53 -3.44 34.54
CA TRP C 211 31.35 -4.43 35.60
C TRP C 211 30.55 -5.63 35.10
N ASP C 212 29.64 -5.40 34.14
CA ASP C 212 28.84 -6.50 33.61
C ASP C 212 29.69 -7.51 32.85
N TRP C 213 30.66 -7.03 32.06
CA TRP C 213 31.53 -7.96 31.34
C TRP C 213 32.34 -8.82 32.30
N ILE C 214 32.85 -8.22 33.38
CA ILE C 214 33.70 -8.99 34.29
C ILE C 214 32.87 -9.99 35.06
N ILE C 215 31.67 -9.60 35.50
CA ILE C 215 30.86 -10.59 36.19
C ILE C 215 30.45 -11.70 35.22
N LEU C 216 30.25 -11.37 33.94
CA LEU C 216 29.94 -12.40 32.96
C LEU C 216 31.09 -13.40 32.84
N ILE C 217 32.31 -12.92 32.69
CA ILE C 217 33.43 -13.84 32.49
C ILE C 217 33.68 -14.64 33.77
N LEU C 218 33.51 -14.02 34.93
CA LEU C 218 33.69 -14.78 36.18
C LEU C 218 32.63 -15.86 36.33
N THR C 219 31.36 -15.55 36.05
CA THR C 219 30.33 -16.57 36.18
C THR C 219 30.53 -17.68 35.16
N PHE C 220 31.02 -17.33 33.96
CA PHE C 220 31.34 -18.35 32.96
C PHE C 220 32.45 -19.28 33.45
N TYR C 221 33.52 -18.69 34.02
CA TYR C 221 34.63 -19.48 34.54
C TYR C 221 34.17 -20.40 35.66
N THR C 222 33.37 -19.87 36.60
CA THR C 222 32.90 -20.68 37.71
C THR C 222 31.98 -21.80 37.22
N ALA C 223 31.08 -21.50 36.29
CA ALA C 223 30.19 -22.52 35.74
C ALA C 223 30.98 -23.64 35.07
N ILE C 224 32.08 -23.31 34.40
CA ILE C 224 32.92 -24.35 33.82
C ILE C 224 33.60 -25.16 34.92
N LEU C 225 34.20 -24.48 35.89
CA LEU C 225 35.14 -25.16 36.78
C LEU C 225 34.45 -26.00 37.86
N VAL C 226 33.28 -25.57 38.34
CA VAL C 226 32.70 -26.20 39.53
C VAL C 226 32.39 -27.68 39.34
N PRO C 227 31.66 -28.11 38.28
CA PRO C 227 31.35 -29.54 38.17
C PRO C 227 32.59 -30.42 38.06
N TYR C 228 33.62 -29.94 37.36
CA TYR C 228 34.88 -30.68 37.27
C TYR C 228 35.48 -30.88 38.65
N ASN C 229 35.46 -29.84 39.47
CA ASN C 229 35.98 -29.95 40.83
C ASN C 229 35.14 -30.92 41.66
N VAL C 230 33.82 -30.87 41.52
CA VAL C 230 32.97 -31.58 42.46
C VAL C 230 32.87 -33.07 42.12
N SER C 231 32.98 -33.44 40.84
CA SER C 231 32.72 -34.83 40.48
C SER C 231 33.98 -35.63 40.21
N PHE C 232 35.03 -35.02 39.68
CA PHE C 232 36.21 -35.77 39.28
C PHE C 232 37.15 -36.07 40.45
N LYS C 233 36.70 -35.88 41.68
CA LYS C 233 37.42 -36.34 42.88
C LYS C 233 38.83 -35.77 42.93
N THR C 234 38.99 -34.55 42.42
CA THR C 234 40.30 -33.90 42.47
C THR C 234 40.65 -33.50 43.90
N ARG C 235 41.95 -33.49 44.18
CA ARG C 235 42.44 -33.19 45.52
C ARG C 235 42.76 -31.70 45.63
N GLN C 236 43.08 -31.29 46.86
CA GLN C 236 43.43 -29.90 47.15
C GLN C 236 44.94 -29.70 47.32
N ASN C 237 45.74 -30.35 46.48
CA ASN C 237 47.18 -30.18 46.54
C ASN C 237 47.61 -28.76 46.18
N ASN C 238 46.77 -28.01 45.46
CA ASN C 238 47.08 -26.66 45.04
C ASN C 238 46.25 -25.69 45.89
N VAL C 239 46.93 -24.82 46.64
CA VAL C 239 46.24 -23.92 47.54
C VAL C 239 45.81 -22.63 46.85
N ALA C 240 46.47 -22.29 45.74
CA ALA C 240 46.18 -21.03 45.06
C ALA C 240 44.74 -20.99 44.55
N TRP C 241 44.18 -22.14 44.19
CA TRP C 241 42.81 -22.16 43.71
C TRP C 241 41.83 -21.74 44.80
N LEU C 242 42.15 -22.00 46.07
CA LEU C 242 41.30 -21.51 47.15
C LEU C 242 41.36 -19.99 47.27
N VAL C 243 42.54 -19.41 47.05
CA VAL C 243 42.65 -17.95 47.04
C VAL C 243 41.83 -17.37 45.90
N VAL C 244 41.90 -18.00 44.73
CA VAL C 244 41.11 -17.56 43.59
C VAL C 244 39.62 -17.70 43.89
N ASP C 245 39.22 -18.80 44.53
CA ASP C 245 37.82 -18.97 44.90
C ASP C 245 37.38 -17.90 45.88
N SER C 246 38.25 -17.54 46.82
CA SER C 246 37.92 -16.49 47.79
C SER C 246 37.73 -15.14 47.10
N ILE C 247 38.64 -14.77 46.20
CA ILE C 247 38.50 -13.48 45.53
C ILE C 247 37.27 -13.49 44.62
N VAL C 248 36.99 -14.64 44.00
CA VAL C 248 35.78 -14.79 43.19
C VAL C 248 34.54 -14.55 44.05
N ASP C 249 34.49 -15.19 45.22
CA ASP C 249 33.34 -15.04 46.10
C ASP C 249 33.18 -13.60 46.58
N VAL C 250 34.28 -12.94 46.92
CA VAL C 250 34.16 -11.57 47.42
C VAL C 250 33.73 -10.64 46.29
N ILE C 251 34.12 -10.95 45.04
CA ILE C 251 33.63 -10.17 43.92
C ILE C 251 32.11 -10.33 43.76
N PHE C 252 31.61 -11.56 43.86
CA PHE C 252 30.15 -11.73 43.81
C PHE C 252 29.46 -11.02 44.98
N LEU C 253 30.08 -11.03 46.17
CA LEU C 253 29.51 -10.30 47.29
C LEU C 253 29.47 -8.80 47.02
N VAL C 254 30.54 -8.26 46.43
CA VAL C 254 30.54 -6.84 46.07
C VAL C 254 29.43 -6.56 45.06
N ASP C 255 29.22 -7.47 44.12
CA ASP C 255 28.16 -7.27 43.13
C ASP C 255 26.78 -7.27 43.79
N ILE C 256 26.53 -8.23 44.69
CA ILE C 256 25.21 -8.31 45.32
C ILE C 256 24.98 -7.09 46.22
N VAL C 257 26.05 -6.57 46.83
CA VAL C 257 25.91 -5.36 47.63
C VAL C 257 25.64 -4.15 46.75
N LEU C 258 26.34 -4.06 45.61
CA LEU C 258 26.13 -2.94 44.71
C LEU C 258 24.74 -2.95 44.10
N ASN C 259 24.14 -4.13 43.95
CA ASN C 259 22.82 -4.22 43.33
C ASN C 259 21.77 -3.49 44.16
N PHE C 260 22.01 -3.27 45.45
CA PHE C 260 21.11 -2.44 46.25
C PHE C 260 21.03 -1.02 45.71
N HIS C 261 22.18 -0.37 45.54
CA HIS C 261 22.24 1.03 45.16
C HIS C 261 22.39 1.16 43.65
N THR C 262 21.35 0.74 42.95
CA THR C 262 21.34 0.78 41.49
C THR C 262 19.90 0.75 41.00
N THR C 263 19.56 1.70 40.13
CA THR C 263 18.23 1.77 39.56
C THR C 263 18.00 0.60 38.60
N PHE C 264 16.72 0.23 38.44
CA PHE C 264 16.34 -0.80 37.49
C PHE C 264 15.15 -0.32 36.68
N VAL C 265 14.99 -0.90 35.50
CA VAL C 265 13.88 -0.56 34.62
C VAL C 265 12.62 -1.24 35.14
N GLY C 266 11.58 -0.45 35.37
CA GLY C 266 10.32 -0.97 35.83
C GLY C 266 9.53 -1.62 34.71
N PRO C 267 9.11 -2.87 34.92
CA PRO C 267 8.32 -3.56 33.88
C PRO C 267 7.00 -2.85 33.58
N ALA C 268 6.39 -2.22 34.57
CA ALA C 268 5.14 -1.50 34.37
C ALA C 268 5.35 -0.03 34.02
N GLY C 269 6.60 0.42 33.96
CA GLY C 269 6.91 1.81 33.61
C GLY C 269 8.15 1.88 32.77
N GLU C 270 8.93 2.96 32.96
CA GLU C 270 10.18 3.13 32.23
C GLU C 270 11.38 3.11 33.16
N VAL C 271 11.44 4.00 34.15
CA VAL C 271 12.57 4.09 35.08
C VAL C 271 12.03 4.33 36.48
N ILE C 272 12.51 3.55 37.44
CA ILE C 272 12.13 3.69 38.84
C ILE C 272 13.39 3.95 39.65
N SER C 273 13.38 5.03 40.43
CA SER C 273 14.55 5.43 41.22
C SER C 273 14.14 5.88 42.61
N ASP C 274 13.26 5.11 43.25
CA ASP C 274 12.83 5.44 44.60
C ASP C 274 13.46 4.48 45.59
N PRO C 275 14.46 4.90 46.36
CA PRO C 275 15.18 3.96 47.24
C PRO C 275 14.29 3.30 48.28
N LYS C 276 13.15 3.90 48.62
CA LYS C 276 12.22 3.27 49.55
C LYS C 276 11.63 1.98 48.98
N LEU C 277 11.70 1.77 47.67
CA LEU C 277 11.16 0.57 47.06
C LEU C 277 12.11 -0.17 46.14
N ILE C 278 13.24 0.42 45.75
CA ILE C 278 14.21 -0.29 44.93
C ILE C 278 14.73 -1.51 45.69
N ARG C 279 15.13 -1.31 46.94
CA ARG C 279 15.64 -2.39 47.76
C ARG C 279 14.57 -3.44 48.03
N MET C 280 13.33 -3.00 48.25
CA MET C 280 12.23 -3.94 48.46
C MET C 280 11.99 -4.79 47.23
N ASN C 281 12.00 -4.18 46.05
CA ASN C 281 11.82 -4.93 44.80
C ASN C 281 12.95 -5.93 44.63
N TYR C 282 14.19 -5.51 44.90
CA TYR C 282 15.31 -6.44 44.75
C TYR C 282 15.19 -7.61 45.72
N LEU C 283 14.84 -7.34 46.97
CA LEU C 283 14.78 -8.41 47.96
C LEU C 283 13.64 -9.37 47.64
N LYS C 284 12.52 -8.85 47.14
CA LYS C 284 11.41 -9.73 46.77
C LYS C 284 11.60 -10.39 45.41
N THR C 285 12.58 -9.94 44.62
CA THR C 285 12.82 -10.53 43.31
C THR C 285 13.93 -11.58 43.33
N TRP C 286 15.15 -11.18 43.68
CA TRP C 286 16.29 -12.08 43.51
C TRP C 286 17.29 -12.09 44.66
N PHE C 287 17.09 -11.29 45.71
CA PHE C 287 18.17 -11.10 46.69
C PHE C 287 18.39 -12.35 47.55
N VAL C 288 17.31 -13.03 47.94
CA VAL C 288 17.46 -14.17 48.85
C VAL C 288 18.16 -15.34 48.15
N ILE C 289 17.77 -15.62 46.90
CA ILE C 289 18.38 -16.72 46.17
C ILE C 289 19.84 -16.38 45.86
N ASP C 290 20.12 -15.10 45.64
CA ASP C 290 21.49 -14.69 45.37
C ASP C 290 22.35 -14.82 46.62
N LEU C 291 21.79 -14.49 47.80
CA LEU C 291 22.53 -14.70 49.04
C LEU C 291 22.81 -16.17 49.28
N LEU C 292 21.78 -17.02 49.24
CA LEU C 292 22.01 -18.44 49.45
C LEU C 292 22.89 -19.01 48.36
N SER C 293 22.99 -18.33 47.22
CA SER C 293 23.95 -18.63 46.18
C SER C 293 25.37 -18.17 46.52
N CYS C 294 25.51 -17.08 47.27
CA CYS C 294 26.79 -16.38 47.38
C CYS C 294 27.42 -16.54 48.76
N LEU C 295 27.32 -17.73 49.36
CA LEU C 295 27.97 -18.01 50.62
C LEU C 295 29.18 -18.89 50.36
N PRO C 296 30.35 -18.55 50.89
CA PRO C 296 31.54 -19.38 50.62
C PRO C 296 31.51 -20.70 51.38
N TYR C 297 30.79 -21.68 50.85
CA TYR C 297 30.74 -23.00 51.48
C TYR C 297 32.11 -23.67 51.47
N ASP C 298 32.84 -23.56 50.36
CA ASP C 298 34.16 -24.17 50.27
C ASP C 298 35.20 -23.46 51.12
N VAL C 299 35.12 -22.12 51.22
CA VAL C 299 36.06 -21.38 52.06
C VAL C 299 35.86 -21.74 53.53
N ILE C 300 34.60 -21.85 53.95
CA ILE C 300 34.31 -22.33 55.30
C ILE C 300 34.73 -23.79 55.44
N ASN C 301 34.59 -24.57 54.37
CA ASN C 301 34.98 -25.98 54.39
C ASN C 301 36.47 -26.15 54.62
N ALA C 302 37.26 -25.10 54.41
CA ALA C 302 38.69 -25.17 54.74
C ALA C 302 38.90 -25.45 56.23
N PHE C 303 37.96 -25.04 57.07
CA PHE C 303 37.95 -25.40 58.48
C PHE C 303 37.02 -26.56 58.75
N GLU C 304 35.73 -26.41 58.40
CA GLU C 304 34.75 -27.47 58.56
C GLU C 304 33.52 -27.10 57.74
N ASN C 305 32.79 -28.14 57.32
CA ASN C 305 31.56 -27.96 56.55
C ASN C 305 30.48 -28.87 57.12
N VAL C 306 29.26 -28.33 57.21
CA VAL C 306 28.14 -29.10 57.74
C VAL C 306 27.75 -30.25 56.83
N ASP C 307 28.02 -30.13 55.53
CA ASP C 307 27.66 -31.17 54.59
C ASP C 307 28.63 -31.14 53.40
N GLU C 308 28.94 -32.32 52.88
CA GLU C 308 29.81 -32.41 51.71
C GLU C 308 29.08 -32.04 50.43
N GLY C 309 27.80 -32.36 50.34
CA GLY C 309 27.03 -32.10 49.13
C GLY C 309 26.65 -30.65 48.93
N ILE C 310 26.92 -29.79 49.91
CA ILE C 310 26.60 -28.37 49.76
C ILE C 310 27.43 -27.77 48.63
N SER C 311 28.70 -28.18 48.52
CA SER C 311 29.54 -27.70 47.42
C SER C 311 29.04 -28.16 46.06
N SER C 312 28.24 -29.24 46.00
CA SER C 312 27.65 -29.67 44.75
C SER C 312 26.50 -28.75 44.35
N LEU C 313 25.60 -28.45 45.29
CA LEU C 313 24.53 -27.50 45.01
C LEU C 313 25.07 -26.10 44.80
N PHE C 314 26.31 -25.86 45.22
CA PHE C 314 26.96 -24.58 44.95
C PHE C 314 27.06 -24.31 43.46
N SER C 315 27.09 -25.37 42.65
CA SER C 315 27.09 -25.21 41.20
C SER C 315 25.81 -24.52 40.73
N SER C 316 24.67 -25.21 40.90
CA SER C 316 23.39 -24.63 40.49
C SER C 316 23.11 -23.32 41.22
N LEU C 317 23.73 -23.14 42.38
CA LEU C 317 23.65 -21.85 43.06
C LEU C 317 24.26 -20.75 42.21
N LYS C 318 25.47 -20.98 41.69
CA LYS C 318 26.09 -19.97 40.84
C LYS C 318 25.40 -19.86 39.49
N VAL C 319 24.69 -20.91 39.06
CA VAL C 319 24.02 -20.90 37.77
C VAL C 319 22.87 -19.89 37.73
N VAL C 320 22.36 -19.46 38.90
CA VAL C 320 21.25 -18.51 38.88
C VAL C 320 21.66 -17.22 38.19
N ARG C 321 22.94 -17.08 38.00
CA ARG C 321 23.26 -15.88 37.33
C ARG C 321 22.98 -16.12 35.90
N LEU C 322 23.40 -17.28 35.46
CA LEU C 322 23.27 -17.58 34.04
C LEU C 322 21.89 -17.19 33.51
N LEU C 323 20.87 -17.15 34.36
CA LEU C 323 19.57 -16.64 33.96
C LEU C 323 19.37 -15.19 34.36
N ARG C 324 19.83 -14.82 35.56
CA ARG C 324 19.74 -13.43 36.00
C ARG C 324 20.54 -12.52 35.09
N LEU C 325 21.75 -12.94 34.70
CA LEU C 325 22.53 -12.16 33.76
C LEU C 325 22.21 -12.52 32.32
N GLY C 326 21.97 -13.82 32.06
CA GLY C 326 21.80 -14.27 30.70
C GLY C 326 20.60 -13.67 29.99
N ARG C 327 19.48 -13.56 30.69
CA ARG C 327 18.33 -12.91 30.07
C ARG C 327 18.50 -11.39 30.07
N VAL C 328 19.20 -10.85 31.07
CA VAL C 328 19.64 -9.46 30.99
C VAL C 328 20.75 -9.31 29.96
N ALA C 329 21.45 -10.39 29.62
CA ALA C 329 22.44 -10.34 28.54
C ALA C 329 21.82 -10.07 27.18
N ARG C 330 20.50 -9.87 27.10
CA ARG C 330 19.95 -9.20 25.94
C ARG C 330 20.42 -7.75 25.87
N LYS C 331 20.90 -7.19 26.99
CA LYS C 331 21.67 -5.96 26.97
C LYS C 331 23.09 -6.17 26.46
N LEU C 332 23.64 -7.37 26.65
CA LEU C 332 24.86 -7.72 25.93
C LEU C 332 24.62 -7.72 24.42
N ASP C 333 23.37 -7.94 24.00
CA ASP C 333 22.99 -7.77 22.61
C ASP C 333 22.86 -6.27 22.33
N HIS C 334 23.97 -5.55 22.47
CA HIS C 334 24.01 -4.12 22.20
C HIS C 334 24.89 -3.78 21.02
N TYR C 335 26.13 -4.29 20.99
CA TYR C 335 26.95 -4.19 19.79
C TYR C 335 27.96 -5.33 19.76
N ILE C 336 27.59 -6.42 19.09
CA ILE C 336 28.55 -7.38 18.53
C ILE C 336 28.05 -7.54 17.09
N GLU C 337 27.48 -6.46 16.56
CA GLU C 337 26.55 -6.52 15.43
C GLU C 337 27.27 -6.82 14.13
N TYR C 338 27.60 -8.10 13.95
CA TYR C 338 27.79 -8.70 12.63
C TYR C 338 27.21 -10.10 12.75
N GLY C 339 25.92 -10.23 12.44
CA GLY C 339 25.18 -11.42 12.81
C GLY C 339 24.75 -11.33 14.25
N ALA C 340 23.65 -12.00 14.60
CA ALA C 340 23.13 -11.91 15.96
C ALA C 340 24.09 -12.55 16.96
N ALA C 341 24.22 -11.92 18.12
CA ALA C 341 25.05 -12.48 19.19
C ALA C 341 24.44 -13.75 19.77
N VAL C 342 23.19 -14.05 19.42
CA VAL C 342 22.55 -15.30 19.85
C VAL C 342 23.38 -16.48 19.37
N LEU C 343 24.18 -16.30 18.32
CA LEU C 343 25.00 -17.38 17.80
C LEU C 343 26.16 -17.68 18.73
N VAL C 344 26.84 -16.63 19.20
CA VAL C 344 27.88 -16.81 20.22
C VAL C 344 27.27 -17.41 21.47
N LEU C 345 26.07 -16.97 21.83
CA LEU C 345 25.41 -17.53 23.01
C LEU C 345 25.13 -19.02 22.82
N LEU C 346 24.65 -19.42 21.66
CA LEU C 346 24.30 -20.83 21.45
C LEU C 346 25.56 -21.70 21.38
N VAL C 347 26.63 -21.21 20.76
CA VAL C 347 27.85 -22.02 20.73
C VAL C 347 28.45 -22.15 22.12
N CYS C 348 28.39 -21.07 22.91
CA CYS C 348 28.89 -21.14 24.28
C CYS C 348 28.06 -22.09 25.14
N VAL C 349 26.73 -22.05 24.99
CA VAL C 349 25.90 -22.94 25.79
C VAL C 349 26.07 -24.37 25.32
N PHE C 350 26.32 -24.59 24.03
CA PHE C 350 26.67 -25.92 23.56
C PHE C 350 27.94 -26.42 24.24
N GLY C 351 28.96 -25.56 24.32
CA GLY C 351 30.19 -25.95 24.98
C GLY C 351 29.98 -26.29 26.45
N LEU C 352 29.24 -25.45 27.18
CA LEU C 352 29.05 -25.70 28.60
C LEU C 352 28.18 -26.92 28.84
N ALA C 353 27.19 -27.15 27.98
CA ALA C 353 26.38 -28.36 28.07
C ALA C 353 27.23 -29.60 27.81
N ALA C 354 28.12 -29.53 26.83
CA ALA C 354 29.01 -30.65 26.57
C ALA C 354 29.89 -30.93 27.79
N HIS C 355 30.40 -29.87 28.42
CA HIS C 355 31.17 -30.06 29.65
C HIS C 355 30.34 -30.72 30.74
N TRP C 356 29.12 -30.24 30.95
CA TRP C 356 28.24 -30.82 31.98
C TRP C 356 28.01 -32.29 31.72
N MET C 357 27.72 -32.65 30.47
CA MET C 357 27.35 -34.03 30.19
C MET C 357 28.59 -34.93 30.17
N ALA C 358 29.76 -34.39 29.86
CA ALA C 358 30.99 -35.14 30.07
C ALA C 358 31.19 -35.45 31.55
N CYS C 359 30.97 -34.45 32.40
CA CYS C 359 31.07 -34.67 33.83
C CYS C 359 30.14 -35.78 34.29
N ILE C 360 28.89 -35.75 33.83
CA ILE C 360 27.92 -36.71 34.35
C ILE C 360 28.13 -38.08 33.72
N TRP C 361 28.71 -38.13 32.52
CA TRP C 361 29.14 -39.42 31.96
C TRP C 361 30.26 -40.02 32.79
N TYR C 362 31.24 -39.21 33.21
CA TYR C 362 32.28 -39.72 34.11
C TYR C 362 31.67 -40.24 35.40
N SER C 363 30.73 -39.48 35.96
CA SER C 363 30.10 -39.91 37.20
C SER C 363 29.43 -41.26 37.03
N ILE C 364 28.69 -41.45 35.93
CA ILE C 364 28.02 -42.71 35.68
C ILE C 364 29.04 -43.84 35.55
N GLY C 365 30.09 -43.62 34.77
CA GLY C 365 31.09 -44.67 34.59
C GLY C 365 31.76 -45.09 35.88
N ASP C 366 32.15 -44.11 36.70
CA ASP C 366 32.77 -44.42 37.98
C ASP C 366 31.79 -45.13 38.91
N TYR C 367 30.51 -44.76 38.84
CA TYR C 367 29.51 -45.46 39.64
C TYR C 367 29.31 -46.89 39.15
N GLU C 368 29.59 -47.15 37.88
CA GLU C 368 29.28 -48.46 37.32
C GLU C 368 30.42 -49.47 37.39
N ILE C 369 31.68 -49.02 37.30
CA ILE C 369 32.77 -49.95 37.01
C ILE C 369 32.85 -51.08 38.04
N PHE C 370 32.82 -50.74 39.32
CA PHE C 370 33.07 -51.75 40.35
C PHE C 370 31.77 -52.24 40.97
N ASP C 371 31.80 -53.47 41.46
CA ASP C 371 30.63 -54.14 42.02
C ASP C 371 30.65 -54.14 43.55
N GLU C 372 31.48 -53.31 44.16
CA GLU C 372 31.55 -53.14 45.62
C GLU C 372 31.91 -54.49 46.23
N ASP C 373 31.12 -55.03 47.18
CA ASP C 373 31.48 -56.25 47.87
C ASP C 373 31.48 -57.47 46.95
N THR C 374 30.78 -57.40 45.81
CA THR C 374 30.77 -58.53 44.89
C THR C 374 32.13 -58.78 44.25
N LYS C 375 33.02 -57.78 44.26
CA LYS C 375 34.38 -57.89 43.74
C LYS C 375 34.40 -58.23 42.25
N THR C 376 33.31 -57.96 41.53
CA THR C 376 33.26 -58.25 40.11
C THR C 376 33.91 -57.11 39.32
N ILE C 377 34.74 -57.48 38.35
CA ILE C 377 35.42 -56.50 37.52
C ILE C 377 34.44 -55.75 36.63
N ARG C 378 33.40 -56.42 36.15
CA ARG C 378 32.36 -55.80 35.34
C ARG C 378 32.97 -55.24 34.05
N ASN C 379 33.46 -56.19 33.25
CA ASN C 379 34.31 -55.91 32.08
C ASN C 379 33.55 -55.22 30.94
N ASN C 380 32.22 -55.31 30.91
CA ASN C 380 31.47 -54.76 29.80
C ASN C 380 31.31 -53.25 29.94
N SER C 381 31.69 -52.70 31.09
CA SER C 381 31.61 -51.25 31.28
C SER C 381 32.54 -50.53 30.32
N TRP C 382 32.15 -49.30 29.96
CA TRP C 382 32.93 -48.54 28.99
C TRP C 382 34.29 -48.16 29.54
N LEU C 383 34.38 -47.86 30.83
CA LEU C 383 35.65 -47.39 31.37
C LEU C 383 36.69 -48.50 31.37
N TYR C 384 36.30 -49.74 31.66
CA TYR C 384 37.22 -50.86 31.62
C TYR C 384 37.65 -51.20 30.19
N GLN C 385 36.73 -51.10 29.22
CA GLN C 385 37.11 -51.25 27.82
C GLN C 385 38.12 -50.18 27.43
N LEU C 386 37.90 -48.93 27.87
CA LEU C 386 38.84 -47.87 27.58
C LEU C 386 40.18 -48.13 28.24
N ALA C 387 40.17 -48.66 29.46
CA ALA C 387 41.42 -49.00 30.13
C ALA C 387 42.19 -50.08 29.39
N LEU C 388 41.48 -51.09 28.89
CA LEU C 388 42.14 -52.13 28.12
C LEU C 388 42.71 -51.58 26.81
N ASP C 389 41.96 -50.69 26.15
CA ASP C 389 42.40 -50.18 24.86
C ASP C 389 43.55 -49.20 25.00
N ILE C 390 43.45 -48.27 25.96
CA ILE C 390 44.45 -47.24 26.17
C ILE C 390 45.77 -47.82 26.64
N GLY C 391 45.77 -49.03 27.16
CA GLY C 391 46.94 -49.64 27.76
C GLY C 391 46.90 -49.55 29.28
N THR C 392 47.91 -50.15 29.90
CA THR C 392 48.04 -50.25 31.34
C THR C 392 46.75 -50.76 31.97
N PRO C 393 46.40 -52.03 31.75
CA PRO C 393 45.15 -52.56 32.30
C PRO C 393 45.25 -52.74 33.81
N TYR C 394 44.09 -53.00 34.42
CA TYR C 394 44.02 -53.16 35.86
C TYR C 394 44.72 -54.45 36.31
N GLN C 395 45.19 -54.43 37.55
CA GLN C 395 45.87 -55.57 38.14
C GLN C 395 45.59 -55.59 39.63
N PHE C 396 45.77 -56.75 40.24
CA PHE C 396 45.51 -56.93 41.66
C PHE C 396 46.67 -57.68 42.30
N ASN C 397 46.82 -57.50 43.60
CA ASN C 397 47.88 -58.17 44.35
C ASN C 397 47.32 -59.31 45.19
N LYS C 403 43.34 -55.22 46.80
CA LYS C 403 43.58 -53.94 46.15
C LYS C 403 43.62 -54.09 44.63
N TRP C 404 43.35 -53.00 43.92
CA TRP C 404 43.32 -52.99 42.47
C TRP C 404 44.12 -51.82 41.94
N GLU C 405 44.67 -51.99 40.74
CA GLU C 405 45.49 -50.97 40.12
C GLU C 405 44.63 -49.77 39.70
N GLY C 406 45.29 -48.64 39.50
CA GLY C 406 44.60 -47.42 39.13
C GLY C 406 44.19 -47.33 37.67
N GLY C 407 44.93 -48.00 36.78
CA GLY C 407 44.63 -47.98 35.37
C GLY C 407 44.78 -46.61 34.75
N PRO C 408 43.74 -46.14 34.08
CA PRO C 408 43.84 -44.87 33.34
C PRO C 408 43.99 -43.68 34.26
N SER C 409 44.69 -42.66 33.76
CA SER C 409 44.87 -41.41 34.50
C SER C 409 43.68 -40.49 34.27
N LYS C 410 43.47 -39.59 35.23
CA LYS C 410 42.27 -38.75 35.21
C LYS C 410 42.24 -37.82 34.00
N ASN C 411 43.41 -37.35 33.54
CA ASN C 411 43.46 -36.44 32.41
C ASN C 411 42.85 -37.08 31.16
N SER C 412 43.30 -38.28 30.81
CA SER C 412 42.75 -38.97 29.65
C SER C 412 41.28 -39.32 29.84
N VAL C 413 40.89 -39.66 31.06
CA VAL C 413 39.49 -40.03 31.31
C VAL C 413 38.58 -38.83 31.07
N TYR C 414 38.98 -37.66 31.56
CA TYR C 414 38.21 -36.43 31.32
C TYR C 414 38.01 -36.18 29.84
N ILE C 415 39.09 -36.20 29.06
CA ILE C 415 38.95 -35.84 27.66
C ILE C 415 38.18 -36.90 26.90
N SER C 416 38.35 -38.17 27.27
CA SER C 416 37.59 -39.23 26.61
C SER C 416 36.09 -39.08 26.86
N SER C 417 35.70 -38.78 28.11
CA SER C 417 34.31 -38.49 28.40
C SER C 417 33.83 -37.29 27.62
N LEU C 418 34.69 -36.27 27.48
CA LEU C 418 34.33 -35.10 26.70
C LEU C 418 34.05 -35.47 25.26
N TYR C 419 34.91 -36.32 24.66
CA TYR C 419 34.65 -36.76 23.28
C TYR C 419 33.34 -37.51 23.19
N PHE C 420 33.07 -38.40 24.15
CA PHE C 420 31.83 -39.17 24.09
C PHE C 420 30.63 -38.22 24.07
N THR C 421 30.62 -37.25 24.97
CA THR C 421 29.55 -36.27 25.00
C THR C 421 29.48 -35.48 23.71
N MET C 422 30.64 -35.17 23.14
CA MET C 422 30.70 -34.21 22.04
C MET C 422 30.25 -34.89 20.74
N THR C 423 30.68 -36.13 20.54
CA THR C 423 30.21 -36.95 19.43
C THR C 423 28.74 -37.30 19.59
N SER C 424 28.26 -37.39 20.84
CA SER C 424 26.83 -37.64 21.05
C SER C 424 26.00 -36.43 20.68
N LEU C 425 26.42 -35.24 21.15
CA LEU C 425 25.67 -34.02 20.88
C LEU C 425 25.67 -33.67 19.40
N THR C 426 26.82 -33.74 18.75
CA THR C 426 26.85 -33.37 17.34
C THR C 426 26.49 -34.49 16.39
N SER C 427 26.11 -35.65 16.91
CA SER C 427 25.49 -36.72 16.12
C SER C 427 26.39 -37.23 14.99
N VAL C 428 27.67 -37.42 15.28
CA VAL C 428 28.56 -38.10 14.34
C VAL C 428 28.77 -39.56 14.73
N GLY C 429 28.81 -39.83 16.04
CA GLY C 429 28.81 -41.19 16.55
C GLY C 429 29.90 -42.06 15.98
N PHE C 430 31.15 -41.82 16.37
CA PHE C 430 32.26 -42.55 15.76
C PHE C 430 32.15 -44.04 16.03
N GLY C 431 32.05 -44.45 17.29
CA GLY C 431 31.87 -45.84 17.62
C GLY C 431 33.03 -46.51 18.34
N ASN C 432 33.98 -45.77 18.89
CA ASN C 432 35.08 -46.41 19.60
C ASN C 432 34.75 -46.66 21.07
N ILE C 433 34.13 -45.69 21.75
CA ILE C 433 33.82 -45.79 23.17
C ILE C 433 32.30 -45.86 23.29
N ALA C 434 31.81 -46.93 23.90
CA ALA C 434 30.42 -47.34 23.76
C ALA C 434 29.69 -47.32 25.08
N PRO C 435 28.43 -46.86 25.08
CA PRO C 435 27.51 -47.22 26.17
C PRO C 435 27.11 -48.68 26.04
N SER C 436 27.26 -49.41 27.14
CA SER C 436 27.05 -50.85 27.10
C SER C 436 26.18 -51.41 28.21
N THR C 437 25.98 -50.69 29.31
CA THR C 437 25.06 -51.13 30.35
C THR C 437 23.83 -50.25 30.34
N ASP C 438 22.91 -50.55 31.27
CA ASP C 438 21.53 -50.08 31.18
C ASP C 438 21.47 -48.57 31.38
N ILE C 439 22.25 -48.06 32.33
CA ILE C 439 22.15 -46.65 32.67
C ILE C 439 22.90 -45.79 31.66
N GLU C 440 24.03 -46.28 31.14
CA GLU C 440 24.64 -45.62 29.99
C GLU C 440 23.63 -45.57 28.86
N LYS C 441 22.74 -46.56 28.84
CA LYS C 441 21.78 -46.73 27.76
C LYS C 441 20.80 -45.56 27.78
N ILE C 442 20.17 -45.39 28.95
CA ILE C 442 19.19 -44.31 29.16
C ILE C 442 19.86 -42.94 29.07
N PHE C 443 21.11 -42.84 29.53
CA PHE C 443 21.83 -41.59 29.37
C PHE C 443 22.03 -41.24 27.90
N ALA C 444 22.38 -42.22 27.08
CA ALA C 444 22.49 -41.97 25.65
C ALA C 444 21.16 -41.47 25.11
N VAL C 445 20.06 -42.11 25.52
CA VAL C 445 18.72 -41.64 25.16
C VAL C 445 18.56 -40.14 25.41
N ALA C 446 18.79 -39.72 26.66
CA ALA C 446 18.55 -38.31 27.01
C ALA C 446 19.49 -37.39 26.24
N ILE C 447 20.78 -37.76 26.17
CA ILE C 447 21.77 -36.90 25.54
C ILE C 447 21.46 -36.70 24.08
N MET C 448 21.07 -37.77 23.38
CA MET C 448 20.80 -37.66 21.96
C MET C 448 19.54 -36.84 21.70
N MET C 449 18.49 -37.01 22.52
CA MET C 449 17.34 -36.12 22.41
C MET C 449 17.74 -34.65 22.51
N ILE C 450 18.38 -34.27 23.63
CA ILE C 450 18.63 -32.85 23.85
C ILE C 450 19.60 -32.31 22.80
N GLY C 451 20.55 -33.14 22.37
CA GLY C 451 21.45 -32.72 21.31
C GLY C 451 20.74 -32.45 20.00
N SER C 452 19.78 -33.31 19.64
CA SER C 452 19.00 -33.07 18.43
C SER C 452 18.25 -31.75 18.53
N LEU C 453 17.64 -31.49 19.69
CA LEU C 453 16.91 -30.23 19.86
C LEU C 453 17.84 -29.03 19.66
N LEU C 454 19.00 -29.03 20.31
CA LEU C 454 19.87 -27.87 20.22
C LEU C 454 20.47 -27.73 18.84
N TYR C 455 20.73 -28.86 18.18
CA TYR C 455 21.17 -28.90 16.79
C TYR C 455 20.17 -28.19 15.88
N ALA C 456 18.89 -28.53 16.03
CA ALA C 456 17.84 -27.87 15.26
C ALA C 456 17.81 -26.37 15.56
N THR C 457 18.01 -26.00 16.83
CA THR C 457 18.00 -24.58 17.17
C THR C 457 19.11 -23.83 16.44
N ILE C 458 20.32 -24.40 16.43
CA ILE C 458 21.44 -23.76 15.75
C ILE C 458 21.09 -23.56 14.27
N PHE C 459 20.57 -24.60 13.64
CA PHE C 459 20.28 -24.50 12.20
C PHE C 459 19.24 -23.43 11.91
N GLY C 460 18.17 -23.39 12.71
CA GLY C 460 17.16 -22.37 12.49
C GLY C 460 17.74 -20.96 12.60
N ASN C 461 18.53 -20.72 13.65
CA ASN C 461 19.08 -19.39 13.85
C ASN C 461 19.99 -18.98 12.69
N VAL C 462 20.85 -19.90 12.25
CA VAL C 462 21.82 -19.55 11.21
C VAL C 462 21.10 -19.30 9.88
N THR C 463 20.05 -20.09 9.59
CA THR C 463 19.27 -19.86 8.39
C THR C 463 18.57 -18.51 8.43
N THR C 464 18.02 -18.15 9.58
CA THR C 464 17.39 -16.83 9.71
C THR C 464 18.40 -15.73 9.39
N ILE C 465 19.64 -15.89 9.87
CA ILE C 465 20.65 -14.87 9.60
C ILE C 465 20.89 -14.72 8.12
N PHE C 466 21.06 -15.87 7.42
CA PHE C 466 21.34 -15.81 5.99
C PHE C 466 20.21 -15.16 5.21
N GLN C 467 18.96 -15.54 5.52
CA GLN C 467 17.86 -14.94 4.77
C GLN C 467 17.73 -13.45 5.06
N GLN C 468 17.95 -13.04 6.31
CA GLN C 468 17.91 -11.62 6.62
C GLN C 468 19.05 -10.85 5.95
N MET C 469 20.24 -11.46 5.80
CA MET C 469 21.30 -10.70 5.16
C MET C 469 21.06 -10.59 3.66
N TYR C 470 20.51 -11.63 3.03
CA TYR C 470 20.41 -11.62 1.58
C TYR C 470 19.05 -11.14 1.07
N ALA C 471 18.14 -10.71 1.95
CA ALA C 471 16.82 -10.29 1.49
C ALA C 471 16.88 -9.14 0.47
N ASN C 472 17.58 -8.06 0.80
CA ASN C 472 17.44 -6.81 0.04
C ASN C 472 18.05 -6.90 -1.35
N THR C 473 19.20 -7.59 -1.47
CA THR C 473 19.87 -7.66 -2.76
C THR C 473 18.97 -8.29 -3.82
N ASN C 474 18.24 -9.35 -3.44
CA ASN C 474 17.38 -10.03 -4.38
C ASN C 474 16.22 -9.15 -4.84
N ARG C 475 15.62 -8.40 -3.91
CA ARG C 475 14.51 -7.53 -4.31
C ARG C 475 14.98 -6.43 -5.24
N TYR C 476 16.16 -5.85 -4.96
CA TYR C 476 16.67 -4.82 -5.85
C TYR C 476 16.98 -5.38 -7.24
N HIS C 477 17.61 -6.55 -7.29
CA HIS C 477 17.93 -7.16 -8.57
C HIS C 477 16.67 -7.52 -9.35
N GLU C 478 15.65 -8.01 -8.65
CA GLU C 478 14.39 -8.36 -9.30
C GLU C 478 13.72 -7.12 -9.89
N MET C 479 13.71 -6.02 -9.14
CA MET C 479 13.13 -4.79 -9.65
C MET C 479 13.90 -4.30 -10.88
N LEU C 480 15.23 -4.36 -10.83
CA LEU C 480 16.03 -3.94 -11.98
C LEU C 480 15.74 -4.81 -13.19
N ASN C 481 15.65 -6.12 -13.00
CA ASN C 481 15.38 -7.03 -14.11
C ASN C 481 14.00 -6.79 -14.69
N SER C 482 13.01 -6.51 -13.84
CA SER C 482 11.67 -6.19 -14.32
C SER C 482 11.70 -4.92 -15.17
N VAL C 483 12.42 -3.90 -14.71
CA VAL C 483 12.53 -2.66 -15.48
C VAL C 483 13.19 -2.93 -16.82
N ARG C 484 14.25 -3.75 -16.82
CA ARG C 484 14.95 -4.07 -18.04
C ARG C 484 14.04 -4.81 -19.02
N ASP C 485 13.25 -5.76 -18.52
CA ASP C 485 12.31 -6.46 -19.38
C ASP C 485 11.27 -5.51 -19.95
N PHE C 486 10.78 -4.57 -19.13
CA PHE C 486 9.79 -3.62 -19.61
C PHE C 486 10.36 -2.75 -20.73
N LEU C 487 11.60 -2.27 -20.55
CA LEU C 487 12.19 -1.44 -21.59
C LEU C 487 12.48 -2.26 -22.84
N LYS C 488 12.85 -3.52 -22.68
CA LYS C 488 13.09 -4.38 -23.84
C LYS C 488 11.80 -4.61 -24.62
N LEU C 489 10.67 -4.74 -23.92
CA LEU C 489 9.42 -5.08 -24.58
C LEU C 489 8.98 -3.99 -25.56
N TYR C 490 9.04 -2.72 -25.14
CA TYR C 490 8.45 -1.65 -25.92
C TYR C 490 9.42 -0.98 -26.89
N GLN C 491 10.50 -1.67 -27.28
CA GLN C 491 11.38 -1.22 -28.35
C GLN C 491 11.95 0.17 -28.11
N VAL C 492 12.27 0.49 -26.86
CA VAL C 492 12.87 1.80 -26.58
C VAL C 492 14.30 1.84 -27.13
N PRO C 493 14.72 2.92 -27.76
CA PRO C 493 16.10 2.98 -28.27
C PRO C 493 17.10 3.06 -27.12
N LYS C 494 18.36 2.80 -27.48
CA LYS C 494 19.43 2.79 -26.48
C LYS C 494 19.61 4.16 -25.85
N GLY C 495 19.47 5.23 -26.64
CA GLY C 495 19.73 6.57 -26.12
C GLY C 495 18.85 6.94 -24.95
N LEU C 496 17.69 6.30 -24.83
CA LEU C 496 16.76 6.56 -23.73
C LEU C 496 16.80 5.47 -22.66
N SER C 497 17.00 4.22 -23.07
CA SER C 497 17.13 3.13 -22.10
C SER C 497 18.36 3.34 -21.22
N GLU C 498 19.47 3.78 -21.82
CA GLU C 498 20.67 4.06 -21.04
C GLU C 498 20.39 5.14 -19.99
N ARG C 499 19.69 6.20 -20.39
CA ARG C 499 19.38 7.28 -19.46
C ARG C 499 18.50 6.80 -18.32
N VAL C 500 17.47 6.01 -18.63
CA VAL C 500 16.55 5.59 -17.57
C VAL C 500 17.26 4.64 -16.60
N MET C 501 18.09 3.73 -17.11
CA MET C 501 18.77 2.80 -16.22
C MET C 501 19.85 3.51 -15.40
N ASP C 502 20.58 4.46 -15.99
CA ASP C 502 21.50 5.27 -15.20
C ASP C 502 20.77 6.03 -14.10
N TYR C 503 19.62 6.63 -14.43
CA TYR C 503 18.88 7.37 -13.42
C TYR C 503 18.46 6.45 -12.28
N ILE C 504 17.94 5.27 -12.62
CA ILE C 504 17.45 4.35 -11.61
C ILE C 504 18.60 3.90 -10.70
N VAL C 505 19.73 3.51 -11.30
CA VAL C 505 20.83 2.98 -10.50
C VAL C 505 21.42 4.09 -9.62
N SER C 506 21.52 5.31 -10.16
CA SER C 506 22.07 6.41 -9.38
C SER C 506 21.17 6.78 -8.22
N THR C 507 19.85 6.87 -8.47
CA THR C 507 18.95 7.26 -7.40
C THR C 507 18.84 6.15 -6.35
N TRP C 508 18.98 4.89 -6.75
CA TRP C 508 19.00 3.82 -5.76
C TRP C 508 20.28 3.84 -4.95
N SER C 509 21.42 4.12 -5.60
CA SER C 509 22.68 4.17 -4.87
C SER C 509 22.70 5.32 -3.87
N MET C 510 22.10 6.46 -4.23
CA MET C 510 22.11 7.60 -3.35
C MET C 510 21.05 7.49 -2.26
N SER C 511 19.79 7.31 -2.64
CA SER C 511 18.69 7.30 -1.67
C SER C 511 18.59 6.00 -0.88
N ARG C 512 19.10 4.90 -1.42
CA ARG C 512 19.00 3.58 -0.80
C ARG C 512 17.53 3.25 -0.56
N GLY C 513 17.24 2.43 0.44
CA GLY C 513 15.87 2.05 0.73
C GLY C 513 15.21 2.95 1.76
N ILE C 514 15.33 4.27 1.58
CA ILE C 514 14.75 5.24 2.49
C ILE C 514 13.87 6.19 1.68
N ASP C 515 12.66 6.44 2.17
CA ASP C 515 11.72 7.38 1.57
C ASP C 515 11.74 8.67 2.37
N THR C 516 12.14 9.77 1.73
CA THR C 516 12.18 11.05 2.43
C THR C 516 10.78 11.50 2.84
N GLU C 517 9.80 11.31 1.96
CA GLU C 517 8.43 11.70 2.28
C GLU C 517 7.90 10.92 3.47
N LYS C 518 8.15 9.61 3.50
CA LYS C 518 7.67 8.80 4.61
C LYS C 518 8.32 9.24 5.93
N VAL C 519 9.62 9.48 5.90
CA VAL C 519 10.32 9.96 7.08
C VAL C 519 9.73 11.28 7.56
N LEU C 520 9.41 12.16 6.62
CA LEU C 520 8.77 13.43 6.99
C LEU C 520 7.41 13.20 7.63
N GLN C 521 6.56 12.38 7.01
CA GLN C 521 5.22 12.17 7.54
C GLN C 521 5.23 11.44 8.88
N ILE C 522 6.31 10.71 9.19
CA ILE C 522 6.39 10.05 10.49
C ILE C 522 6.40 11.08 11.61
N CYS C 523 7.19 12.15 11.47
CA CYS C 523 7.29 13.15 12.51
C CYS C 523 6.03 14.00 12.59
N PRO C 524 5.74 14.59 13.76
CA PRO C 524 4.55 15.45 13.89
C PRO C 524 4.73 16.80 13.22
N LYS C 525 3.70 17.65 13.30
CA LYS C 525 3.66 18.86 12.49
C LYS C 525 4.80 19.81 12.84
N ASP C 526 5.08 19.98 14.14
CA ASP C 526 6.12 20.93 14.54
C ASP C 526 7.49 20.48 14.06
N MET C 527 7.81 19.21 14.29
CA MET C 527 9.08 18.68 13.81
C MET C 527 9.14 18.71 12.29
N ARG C 528 8.01 18.44 11.62
CA ARG C 528 8.00 18.52 10.16
C ARG C 528 8.35 19.91 9.68
N ALA C 529 7.75 20.94 10.29
CA ALA C 529 8.03 22.31 9.89
C ALA C 529 9.49 22.67 10.16
N ASP C 530 10.01 22.27 11.32
CA ASP C 530 11.40 22.58 11.64
C ASP C 530 12.35 21.88 10.68
N ILE C 531 12.07 20.62 10.34
CA ILE C 531 12.88 19.92 9.34
C ILE C 531 12.83 20.62 8.00
N CYS C 532 11.64 21.07 7.59
CA CYS C 532 11.54 21.77 6.31
C CYS C 532 12.37 23.05 6.32
N VAL C 533 12.31 23.80 7.42
CA VAL C 533 13.12 25.01 7.54
C VAL C 533 14.60 24.69 7.45
N HIS C 534 15.04 23.63 8.13
CA HIS C 534 16.44 23.25 8.09
C HIS C 534 16.87 22.84 6.69
N LEU C 535 16.05 22.02 6.01
CA LEU C 535 16.36 21.59 4.66
C LEU C 535 16.42 22.74 3.67
N ASN C 536 15.56 23.74 3.82
CA ASN C 536 15.55 24.84 2.87
C ASN C 536 16.28 26.08 3.37
N ARG C 537 17.00 25.97 4.49
CA ARG C 537 17.56 27.15 5.12
C ARG C 537 18.51 27.91 4.21
N LYS C 538 19.11 27.24 3.23
CA LYS C 538 20.05 27.92 2.35
C LYS C 538 19.39 29.10 1.65
N VAL C 539 18.23 28.86 1.04
CA VAL C 539 17.62 29.88 0.20
C VAL C 539 17.10 31.05 1.04
N PHE C 540 16.57 30.79 2.24
CA PHE C 540 16.12 31.90 3.07
C PHE C 540 17.29 32.77 3.49
N LYS C 541 18.35 32.15 4.02
CA LYS C 541 19.44 32.93 4.61
C LYS C 541 20.33 33.59 3.56
N GLU C 542 20.38 33.07 2.33
CA GLU C 542 21.18 33.73 1.32
C GLU C 542 20.39 34.76 0.50
N HIS C 543 19.20 34.39 0.04
CA HIS C 543 18.43 35.29 -0.82
C HIS C 543 17.93 36.50 -0.02
N PRO C 544 18.19 37.72 -0.47
CA PRO C 544 17.74 38.90 0.30
C PRO C 544 16.24 39.05 0.37
N ALA C 545 15.50 38.40 -0.53
CA ALA C 545 14.04 38.56 -0.55
C ALA C 545 13.37 37.97 0.68
N PHE C 546 14.05 37.08 1.41
CA PHE C 546 13.49 36.44 2.58
C PHE C 546 13.99 37.03 3.88
N ARG C 547 14.73 38.14 3.83
CA ARG C 547 15.27 38.72 5.05
C ARG C 547 14.23 39.51 5.84
N LEU C 548 13.02 39.69 5.31
CA LEU C 548 11.92 40.30 6.05
C LEU C 548 10.82 39.30 6.37
N ALA C 549 11.18 38.03 6.49
CA ALA C 549 10.20 36.97 6.68
C ALA C 549 9.95 36.70 8.16
N SER C 550 8.68 36.71 8.54
CA SER C 550 8.31 36.30 9.88
C SER C 550 8.35 34.79 10.00
N ASP C 551 8.29 34.30 11.23
CA ASP C 551 8.36 32.86 11.46
C ASP C 551 7.17 32.13 10.84
N GLY C 552 5.97 32.70 10.96
CA GLY C 552 4.79 32.03 10.43
C GLY C 552 4.83 31.89 8.92
N CYS C 553 5.15 32.99 8.22
CA CYS C 553 5.23 32.93 6.76
C CYS C 553 6.39 32.06 6.32
N LEU C 554 7.52 32.14 7.04
CA LEU C 554 8.66 31.30 6.72
C LEU C 554 8.30 29.82 6.80
N ARG C 555 7.56 29.44 7.85
CA ARG C 555 7.18 28.03 8.01
C ARG C 555 6.14 27.63 6.98
N ALA C 556 5.15 28.49 6.72
CA ALA C 556 4.13 28.17 5.73
C ALA C 556 4.73 27.99 4.35
N LEU C 557 5.78 28.76 4.03
CA LEU C 557 6.49 28.55 2.77
C LEU C 557 7.35 27.28 2.82
N ALA C 558 8.07 27.07 3.92
CA ALA C 558 8.99 25.94 4.01
C ALA C 558 8.26 24.61 3.93
N MET C 559 7.01 24.56 4.38
CA MET C 559 6.23 23.33 4.26
C MET C 559 6.09 22.90 2.80
N GLU C 560 6.14 23.84 1.87
CA GLU C 560 5.82 23.51 0.48
C GLU C 560 7.05 23.25 -0.37
N PHE C 561 8.17 23.94 -0.14
CA PHE C 561 9.32 23.82 -1.05
C PHE C 561 9.76 22.37 -1.21
N GLN C 562 10.06 22.01 -2.45
CA GLN C 562 10.52 20.68 -2.79
C GLN C 562 11.85 20.80 -3.54
N THR C 563 12.80 19.94 -3.18
CA THR C 563 14.14 19.97 -3.76
C THR C 563 14.21 19.00 -4.94
N VAL C 564 14.96 19.37 -5.96
CA VAL C 564 15.11 18.56 -7.17
C VAL C 564 16.59 18.43 -7.50
N HIS C 565 17.04 17.21 -7.71
CA HIS C 565 18.40 16.93 -8.17
C HIS C 565 18.33 16.65 -9.67
N CYS C 566 19.03 17.48 -10.45
CA CYS C 566 19.00 17.37 -11.90
C CYS C 566 20.39 16.98 -12.40
N ALA C 567 20.45 15.92 -13.18
CA ALA C 567 21.69 15.46 -13.78
C ALA C 567 22.09 16.37 -14.93
N PRO C 568 23.37 16.39 -15.30
CA PRO C 568 23.77 17.17 -16.48
C PRO C 568 23.08 16.66 -17.74
N GLY C 569 22.63 17.60 -18.57
CA GLY C 569 22.01 17.28 -19.84
C GLY C 569 20.50 17.23 -19.83
N ASP C 570 19.87 17.08 -18.66
CA ASP C 570 18.42 17.02 -18.61
C ASP C 570 17.83 18.42 -18.70
N LEU C 571 16.62 18.52 -19.24
CA LEU C 571 15.92 19.78 -19.40
C LEU C 571 14.80 19.89 -18.37
N ILE C 572 14.50 21.12 -17.98
CA ILE C 572 13.50 21.41 -16.96
C ILE C 572 12.23 21.99 -17.57
N TYR C 573 12.36 23.09 -18.32
CA TYR C 573 11.22 23.79 -18.90
C TYR C 573 11.39 23.81 -20.42
N HIS C 574 10.57 23.03 -21.12
CA HIS C 574 10.65 22.97 -22.56
C HIS C 574 9.90 24.15 -23.19
N ALA C 575 10.35 24.54 -24.38
CA ALA C 575 9.63 25.54 -25.15
C ALA C 575 8.23 25.02 -25.49
N GLY C 576 7.23 25.86 -25.27
CA GLY C 576 5.85 25.47 -25.44
C GLY C 576 5.16 24.99 -24.19
N GLU C 577 5.91 24.72 -23.12
CA GLU C 577 5.31 24.22 -21.89
C GLU C 577 4.84 25.38 -21.03
N SER C 578 3.79 25.12 -20.25
CA SER C 578 3.29 26.13 -19.32
C SER C 578 4.24 26.27 -18.14
N VAL C 579 4.52 27.52 -17.77
CA VAL C 579 5.37 27.82 -16.63
C VAL C 579 4.49 28.10 -15.43
N ASP C 580 4.66 27.30 -14.37
CA ASP C 580 3.80 27.45 -13.20
C ASP C 580 4.56 27.29 -11.88
N SER C 581 5.87 27.46 -11.85
CA SER C 581 6.63 27.18 -10.65
C SER C 581 7.88 28.04 -10.60
N LEU C 582 8.02 28.79 -9.51
CA LEU C 582 9.26 29.53 -9.27
C LEU C 582 10.29 28.61 -8.64
N CYS C 583 11.55 28.77 -9.04
CA CYS C 583 12.59 27.84 -8.61
C CYS C 583 13.91 28.58 -8.41
N PHE C 584 14.57 28.28 -7.30
CA PHE C 584 15.82 28.93 -6.92
C PHE C 584 16.97 27.96 -7.14
N VAL C 585 18.06 28.46 -7.70
CA VAL C 585 19.26 27.65 -7.90
C VAL C 585 20.17 27.78 -6.69
N VAL C 586 20.55 26.65 -6.12
CA VAL C 586 21.42 26.65 -4.94
C VAL C 586 22.80 26.05 -5.23
N SER C 587 22.93 25.20 -6.25
CA SER C 587 24.22 24.61 -6.58
C SER C 587 24.32 24.45 -8.09
N GLY C 588 25.56 24.42 -8.57
CA GLY C 588 25.82 24.22 -9.98
C GLY C 588 25.42 25.42 -10.82
N SER C 589 25.13 25.16 -12.10
CA SER C 589 24.81 26.23 -13.03
C SER C 589 23.90 25.69 -14.14
N LEU C 590 23.01 26.57 -14.61
CA LEU C 590 22.00 26.26 -15.62
C LEU C 590 22.08 27.25 -16.75
N GLU C 591 21.63 26.85 -17.94
CA GLU C 591 21.59 27.75 -19.08
C GLU C 591 20.20 27.73 -19.69
N VAL C 592 19.84 28.82 -20.36
CA VAL C 592 18.60 28.94 -21.10
C VAL C 592 18.95 29.10 -22.58
N ILE C 593 18.33 28.29 -23.42
CA ILE C 593 18.60 28.26 -24.85
C ILE C 593 17.33 28.72 -25.58
N GLN C 594 17.49 29.60 -26.55
CA GLN C 594 16.38 30.13 -27.33
C GLN C 594 16.77 30.16 -28.80
N ASP C 595 16.01 29.44 -29.63
CA ASP C 595 16.23 29.38 -31.06
C ASP C 595 17.65 28.89 -31.38
N ASP C 596 18.13 27.96 -30.55
CA ASP C 596 19.47 27.39 -30.67
C ASP C 596 20.54 28.47 -30.50
N GLU C 597 20.31 29.37 -29.54
CA GLU C 597 21.28 30.39 -29.15
C GLU C 597 21.16 30.64 -27.66
N VAL C 598 22.30 30.89 -27.03
CA VAL C 598 22.35 31.13 -25.59
C VAL C 598 22.06 32.60 -25.33
N VAL C 599 21.09 32.87 -24.46
CA VAL C 599 20.72 34.22 -24.11
C VAL C 599 21.07 34.58 -22.68
N ALA C 600 21.14 33.60 -21.78
CA ALA C 600 21.53 33.86 -20.40
C ALA C 600 22.07 32.58 -19.79
N ILE C 601 22.87 32.74 -18.74
CA ILE C 601 23.43 31.63 -17.99
C ILE C 601 23.15 31.87 -16.52
N LEU C 602 22.84 30.81 -15.79
CA LEU C 602 22.39 30.91 -14.41
C LEU C 602 23.38 30.23 -13.48
N GLY C 603 23.61 30.83 -12.32
CA GLY C 603 24.54 30.28 -11.35
C GLY C 603 23.95 30.17 -9.96
N LYS C 604 24.82 30.20 -8.95
CA LYS C 604 24.37 30.09 -7.56
C LYS C 604 23.59 31.33 -7.15
N GLY C 605 22.56 31.13 -6.34
CA GLY C 605 21.76 32.22 -5.83
C GLY C 605 21.02 32.99 -6.90
N ASP C 606 20.44 32.29 -7.86
CA ASP C 606 19.69 32.92 -8.93
C ASP C 606 18.34 32.23 -9.07
N VAL C 607 17.33 33.01 -9.45
CA VAL C 607 15.97 32.53 -9.57
C VAL C 607 15.43 32.93 -10.94
N PHE C 608 14.57 32.08 -11.51
CA PHE C 608 13.98 32.35 -12.82
C PHE C 608 12.58 31.77 -12.88
N GLY C 609 11.69 32.48 -13.57
CA GLY C 609 10.30 32.10 -13.68
C GLY C 609 9.44 33.22 -14.21
N ASP C 610 8.34 33.52 -13.51
CA ASP C 610 7.45 34.60 -13.90
C ASP C 610 6.79 35.18 -12.65
N VAL C 611 6.33 36.43 -12.76
CA VAL C 611 5.66 37.09 -11.65
C VAL C 611 4.20 36.65 -11.60
N PHE C 612 3.94 35.57 -10.86
CA PHE C 612 2.60 35.01 -10.79
C PHE C 612 1.63 35.94 -10.09
N TRP C 613 2.08 36.58 -9.00
CA TRP C 613 1.20 37.43 -8.21
C TRP C 613 0.78 38.69 -8.96
N LYS C 614 1.54 39.11 -9.97
CA LYS C 614 1.22 40.30 -10.73
C LYS C 614 0.55 40.00 -12.06
N GLU C 615 1.06 39.03 -12.82
CA GLU C 615 0.44 38.68 -14.09
C GLU C 615 -0.94 38.07 -13.87
N ALA C 616 -1.08 37.24 -12.85
CA ALA C 616 -2.34 36.56 -12.52
C ALA C 616 -2.87 35.73 -13.69
N THR C 617 -1.95 35.23 -14.53
CA THR C 617 -2.33 34.39 -15.64
C THR C 617 -1.14 33.53 -16.03
N LEU C 618 -1.44 32.36 -16.59
CA LEU C 618 -0.44 31.45 -17.09
C LEU C 618 0.05 31.85 -18.48
N ALA C 619 1.29 31.45 -18.79
CA ALA C 619 1.92 31.82 -20.05
C ALA C 619 2.77 30.67 -20.56
N GLN C 620 3.04 30.71 -21.87
CA GLN C 620 3.86 29.70 -22.52
C GLN C 620 5.35 29.99 -22.32
N SER C 621 6.13 28.92 -22.09
CA SER C 621 7.58 29.06 -22.02
C SER C 621 8.14 29.39 -23.40
N CYS C 622 8.96 30.43 -23.47
CA CYS C 622 9.50 30.91 -24.74
C CYS C 622 10.89 30.37 -25.04
N ALA C 623 11.48 29.57 -24.14
CA ALA C 623 12.83 29.07 -24.35
C ALA C 623 13.03 27.83 -23.50
N ASN C 624 14.02 27.03 -23.88
CA ASN C 624 14.37 25.83 -23.14
C ASN C 624 15.47 26.14 -22.13
N VAL C 625 15.41 25.47 -20.99
CA VAL C 625 16.45 25.54 -19.97
C VAL C 625 17.05 24.15 -19.82
N ARG C 626 18.38 24.06 -19.87
CA ARG C 626 19.10 22.79 -19.88
C ARG C 626 20.11 22.77 -18.75
N ALA C 627 20.33 21.58 -18.19
CA ALA C 627 21.32 21.40 -17.14
C ALA C 627 22.73 21.34 -17.71
N LEU C 628 23.67 21.90 -16.97
CA LEU C 628 25.09 21.81 -17.28
C LEU C 628 25.85 20.93 -16.31
N THR C 629 25.81 21.25 -15.03
CA THR C 629 26.51 20.55 -13.98
C THR C 629 25.48 19.88 -13.07
N TYR C 630 25.95 19.02 -12.17
CA TYR C 630 25.06 18.44 -11.17
C TYR C 630 24.53 19.55 -10.27
N CYS C 631 23.25 19.89 -10.43
CA CYS C 631 22.68 21.05 -9.77
C CYS C 631 21.53 20.62 -8.86
N ASP C 632 21.23 21.49 -7.89
CA ASP C 632 20.14 21.30 -6.95
C ASP C 632 19.18 22.48 -7.07
N LEU C 633 17.90 22.18 -7.22
CA LEU C 633 16.87 23.20 -7.41
C LEU C 633 15.86 23.16 -6.28
N HIS C 634 15.32 24.33 -5.95
CA HIS C 634 14.29 24.48 -4.92
C HIS C 634 13.08 25.12 -5.58
N VAL C 635 12.06 24.30 -5.86
CA VAL C 635 10.93 24.70 -6.68
C VAL C 635 9.71 24.97 -5.80
N ILE C 636 8.94 25.99 -6.16
CA ILE C 636 7.69 26.35 -5.50
C ILE C 636 6.57 26.42 -6.53
N LYS C 637 5.43 25.80 -6.22
CA LYS C 637 4.26 25.87 -7.09
C LYS C 637 3.60 27.24 -7.01
N ARG C 638 2.87 27.59 -8.06
CA ARG C 638 2.28 28.92 -8.16
C ARG C 638 1.09 29.09 -7.22
N ASP C 639 0.23 28.08 -7.12
CA ASP C 639 -1.00 28.21 -6.34
C ASP C 639 -0.69 28.39 -4.86
N ALA C 640 0.21 27.56 -4.32
CA ALA C 640 0.54 27.65 -2.91
C ALA C 640 1.23 28.97 -2.59
N LEU C 641 2.14 29.42 -3.46
CA LEU C 641 2.80 30.70 -3.22
C LEU C 641 1.79 31.83 -3.23
N GLN C 642 0.85 31.80 -4.20
CA GLN C 642 -0.15 32.85 -4.26
C GLN C 642 -1.02 32.86 -3.02
N LYS C 643 -1.44 31.68 -2.55
CA LYS C 643 -2.26 31.60 -1.34
C LYS C 643 -1.51 32.15 -0.14
N VAL C 644 -0.24 31.78 0.00
CA VAL C 644 0.54 32.23 1.15
C VAL C 644 0.74 33.75 1.10
N LEU C 645 1.06 34.28 -0.07
CA LEU C 645 1.34 35.72 -0.17
C LEU C 645 0.08 36.54 0.04
N GLU C 646 -1.07 36.06 -0.45
CA GLU C 646 -2.31 36.79 -0.20
C GLU C 646 -2.72 36.68 1.25
N PHE C 647 -2.40 35.55 1.91
CA PHE C 647 -2.60 35.46 3.35
C PHE C 647 -1.74 36.46 4.10
N TYR C 648 -0.47 36.57 3.72
CA TYR C 648 0.49 37.44 4.40
C TYR C 648 0.68 38.70 3.54
N THR C 649 -0.29 39.60 3.64
CA THR C 649 -0.25 40.82 2.83
C THR C 649 0.96 41.69 3.19
N ALA C 650 1.23 41.83 4.49
CA ALA C 650 2.36 42.65 4.91
C ALA C 650 3.67 42.11 4.36
N PHE C 651 3.85 40.79 4.39
CA PHE C 651 5.04 40.21 3.79
C PHE C 651 5.09 40.43 2.28
N SER C 652 3.95 40.32 1.61
CA SER C 652 3.94 40.45 0.16
C SER C 652 4.32 41.87 -0.26
N HIS C 653 3.89 42.87 0.51
CA HIS C 653 4.20 44.25 0.16
C HIS C 653 5.71 44.52 0.07
N SER C 654 6.53 43.71 0.73
CA SER C 654 7.97 43.79 0.58
C SER C 654 8.54 42.71 -0.34
N PHE C 655 7.90 41.54 -0.38
CA PHE C 655 8.37 40.45 -1.23
C PHE C 655 8.29 40.84 -2.70
N SER C 656 7.20 41.49 -3.10
CA SER C 656 7.06 41.93 -4.48
C SER C 656 8.12 42.97 -4.84
N ARG C 657 8.43 43.88 -3.91
CA ARG C 657 9.37 44.94 -4.20
C ARG C 657 10.81 44.44 -4.20
N ASN C 658 11.13 43.46 -3.37
CA ASN C 658 12.51 43.00 -3.23
C ASN C 658 12.87 41.88 -4.18
N LEU C 659 11.92 41.02 -4.54
CA LEU C 659 12.20 39.89 -5.40
C LEU C 659 12.28 40.35 -6.85
N ILE C 660 13.45 40.17 -7.46
CA ILE C 660 13.65 40.46 -8.88
C ILE C 660 14.15 39.19 -9.56
N LEU C 661 13.48 38.81 -10.63
CA LEU C 661 13.87 37.65 -11.41
C LEU C 661 15.16 37.91 -12.19
N THR C 662 15.98 36.86 -12.32
CA THR C 662 17.16 36.95 -13.17
C THR C 662 16.78 36.88 -14.64
N TYR C 663 15.85 35.98 -14.98
CA TYR C 663 15.34 35.86 -16.34
C TYR C 663 13.86 35.52 -16.29
N ASN C 664 13.07 36.18 -17.14
CA ASN C 664 11.64 35.95 -17.21
C ASN C 664 11.35 35.01 -18.36
N LEU C 665 10.71 33.88 -18.06
CA LEU C 665 10.41 32.91 -19.10
C LEU C 665 9.34 33.42 -20.05
N ARG C 666 8.36 34.18 -19.53
CA ARG C 666 7.31 34.71 -20.39
C ARG C 666 7.87 35.70 -21.40
N LYS C 667 8.75 36.59 -20.96
CA LYS C 667 9.34 37.57 -21.86
C LYS C 667 10.45 36.93 -22.69
N ARG C 668 10.53 37.31 -23.95
CA ARG C 668 11.48 36.73 -24.88
C ARG C 668 12.02 37.82 -25.79
N ILE C 669 13.30 37.69 -26.15
CA ILE C 669 14.01 38.72 -26.89
C ILE C 669 14.01 38.40 -28.38
N VAL C 670 14.10 39.43 -29.20
CA VAL C 670 14.22 39.31 -30.65
C VAL C 670 15.62 39.76 -31.03
N PHE C 671 16.15 39.21 -32.13
CA PHE C 671 17.52 39.46 -32.52
C PHE C 671 17.75 38.97 -33.94
N ARG C 672 18.99 39.09 -34.39
CA ARG C 672 19.43 38.65 -35.69
C ARG C 672 20.75 37.88 -35.55
N LYS C 673 21.18 37.26 -36.64
CA LYS C 673 22.41 36.47 -36.64
C LYS C 673 23.46 37.09 -37.53
N ILE C 674 24.72 36.81 -37.23
CA ILE C 674 25.84 37.37 -37.99
C ILE C 674 25.87 36.78 -39.40
N SER C 675 25.73 35.46 -39.51
CA SER C 675 25.74 34.83 -40.82
C SER C 675 24.58 35.31 -41.67
N ASP C 676 23.41 35.50 -41.05
CA ASP C 676 22.23 35.95 -41.79
C ASP C 676 22.44 37.35 -42.37
N VAL C 677 22.93 38.28 -41.55
CA VAL C 677 23.14 39.64 -42.05
C VAL C 677 24.28 39.66 -43.08
N LYS C 678 25.29 38.82 -42.89
CA LYS C 678 26.37 38.75 -43.88
C LYS C 678 25.85 38.26 -45.23
N ARG C 679 25.01 37.22 -45.23
CA ARG C 679 24.46 36.73 -46.48
C ARG C 679 23.47 37.72 -47.08
N GLU C 680 22.76 38.47 -46.23
CA GLU C 680 21.89 39.52 -46.74
C GLU C 680 22.68 40.62 -47.43
N GLU C 681 23.82 41.00 -46.84
CA GLU C 681 24.69 41.99 -47.47
C GLU C 681 25.25 41.48 -48.79
N GLU C 682 25.64 40.20 -48.83
CA GLU C 682 26.14 39.62 -50.07
C GLU C 682 25.04 39.59 -51.13
N GLU C 683 23.82 39.23 -50.75
CA GLU C 683 22.72 39.17 -51.70
C GLU C 683 22.38 40.55 -52.24
N ARG C 684 22.37 41.57 -51.37
CA ARG C 684 22.05 42.92 -51.81
C ARG C 684 23.08 43.44 -52.81
N MET C 685 24.33 42.97 -52.70
CA MET C 685 25.36 43.37 -53.66
C MET C 685 25.09 42.80 -55.05
N LYS C 686 24.32 41.72 -55.15
CA LYS C 686 24.01 41.10 -56.43
C LYS C 686 22.63 41.51 -56.94
N ARG C 687 21.98 42.48 -56.32
CA ARG C 687 20.65 42.92 -56.73
C ARG C 687 20.70 43.61 -58.10
N LEU C 695 7.73 41.05 -57.75
CA LEU C 695 7.27 41.92 -56.68
C LEU C 695 6.45 43.13 -57.16
N PRO C 696 6.83 43.79 -58.25
CA PRO C 696 5.99 44.85 -58.81
C PRO C 696 4.59 44.39 -59.17
N PRO C 697 4.39 43.17 -59.69
CA PRO C 697 3.02 42.71 -59.91
C PRO C 697 2.39 41.94 -58.75
N ASP C 698 3.02 41.95 -57.57
CA ASP C 698 2.54 41.18 -56.43
C ASP C 698 1.47 41.94 -55.66
N HIS C 699 0.41 42.36 -56.34
CA HIS C 699 -0.64 43.14 -55.69
C HIS C 699 -1.41 42.36 -54.62
N PRO C 700 -1.88 41.13 -54.86
CA PRO C 700 -2.66 40.45 -53.80
C PRO C 700 -1.89 40.24 -52.52
N VAL C 701 -0.62 39.84 -52.61
CA VAL C 701 0.15 39.63 -51.39
C VAL C 701 0.59 40.96 -50.78
N ARG C 702 0.68 42.01 -51.60
CA ARG C 702 0.88 43.35 -51.04
C ARG C 702 -0.32 43.76 -50.19
N ARG C 703 -1.53 43.51 -50.69
CA ARG C 703 -2.73 43.78 -49.89
C ARG C 703 -2.77 42.90 -48.65
N LEU C 704 -2.29 41.65 -48.79
CA LEU C 704 -2.17 40.77 -47.63
C LEU C 704 -1.25 41.37 -46.57
N PHE C 705 -0.09 41.86 -46.98
CA PHE C 705 0.85 42.46 -46.05
C PHE C 705 0.25 43.70 -45.40
N GLN C 706 -0.45 44.51 -46.19
CA GLN C 706 -1.10 45.70 -45.64
C GLN C 706 -2.15 45.32 -44.60
N ARG C 707 -2.95 44.29 -44.88
CA ARG C 707 -3.97 43.85 -43.93
C ARG C 707 -3.33 43.31 -42.65
N PHE C 708 -2.24 42.55 -42.80
CA PHE C 708 -1.55 42.02 -41.62
C PHE C 708 -0.97 43.15 -40.77
N ARG C 709 -0.37 44.15 -41.42
CA ARG C 709 0.18 45.29 -40.68
C ARG C 709 -0.93 46.07 -39.99
N GLN C 710 -2.06 46.27 -40.66
CA GLN C 710 -3.18 46.99 -40.05
C GLN C 710 -3.72 46.22 -38.84
N GLN C 711 -3.83 44.89 -38.96
CA GLN C 711 -4.28 44.09 -37.83
C GLN C 711 -3.29 44.16 -36.67
N LYS C 712 -1.99 44.13 -36.98
CA LYS C 712 -0.98 44.21 -35.93
C LYS C 712 -0.93 45.60 -35.28
N GLU C 713 -1.37 46.63 -35.98
CA GLU C 713 -1.33 47.99 -35.45
C GLU C 713 -2.31 48.15 -34.29
N LEU D 1 -20.49 -19.86 17.70
CA LEU D 1 -20.76 -18.52 17.17
C LEU D 1 -22.22 -18.37 16.78
N VAL D 2 -23.05 -17.97 17.74
CA VAL D 2 -24.47 -17.76 17.53
C VAL D 2 -24.86 -16.41 18.09
N ALA D 3 -26.00 -15.90 17.63
CA ALA D 3 -26.47 -14.58 18.04
C ALA D 3 -27.94 -14.66 18.44
N PRO D 4 -28.36 -13.81 19.39
CA PRO D 4 -29.80 -13.69 19.67
C PRO D 4 -30.56 -13.21 18.45
N GLN D 5 -31.54 -14.01 18.03
CA GLN D 5 -32.15 -13.87 16.71
C GLN D 5 -33.66 -13.75 16.85
N ASN D 6 -34.22 -12.81 16.08
CA ASN D 6 -35.67 -12.63 16.02
C ASN D 6 -36.20 -13.43 14.84
N THR D 7 -37.01 -14.45 15.12
CA THR D 7 -37.54 -15.31 14.08
C THR D 7 -39.06 -15.18 13.97
N PHE D 8 -39.55 -13.94 14.08
CA PHE D 8 -40.98 -13.69 14.02
C PHE D 8 -41.54 -13.92 12.62
N LEU D 9 -41.04 -13.14 11.66
CA LEU D 9 -41.57 -13.21 10.30
C LEU D 9 -41.40 -14.61 9.72
N GLU D 10 -40.23 -15.20 9.92
CA GLU D 10 -39.95 -16.50 9.32
C GLU D 10 -40.88 -17.58 9.86
N ASN D 11 -41.06 -17.61 11.18
CA ASN D 11 -41.99 -18.58 11.77
C ASN D 11 -43.42 -18.33 11.33
N ILE D 12 -43.84 -17.06 11.25
CA ILE D 12 -45.24 -16.80 10.92
C ILE D 12 -45.52 -17.17 9.48
N VAL D 13 -44.58 -16.90 8.56
CA VAL D 13 -44.82 -17.22 7.16
C VAL D 13 -44.69 -18.72 6.94
N ARG D 14 -43.82 -19.40 7.70
CA ARG D 14 -43.71 -20.85 7.57
C ARG D 14 -44.96 -21.53 8.11
N ARG D 15 -45.53 -21.00 9.19
CA ARG D 15 -46.71 -21.59 9.79
C ARG D 15 -48.00 -21.17 9.09
N SER D 16 -47.95 -20.13 8.25
CA SER D 16 -49.16 -19.64 7.61
C SER D 16 -49.82 -20.72 6.76
N ASN D 17 -49.03 -21.47 5.99
CA ASN D 17 -49.51 -22.54 5.13
C ASN D 17 -50.54 -22.00 4.13
N ASP D 18 -50.08 -21.09 3.27
CA ASP D 18 -50.88 -20.50 2.20
C ASP D 18 -52.10 -19.76 2.76
N THR D 19 -51.87 -18.96 3.80
CA THR D 19 -52.92 -18.09 4.34
C THR D 19 -52.45 -16.64 4.35
N ASN D 20 -53.20 -15.78 5.03
CA ASN D 20 -52.91 -14.36 5.08
C ASN D 20 -52.92 -13.88 6.53
N PHE D 21 -52.32 -12.71 6.77
CA PHE D 21 -52.27 -12.15 8.10
C PHE D 21 -51.95 -10.66 8.01
N VAL D 22 -52.40 -9.92 9.02
CA VAL D 22 -52.18 -8.48 9.13
C VAL D 22 -51.84 -8.16 10.58
N LEU D 23 -50.79 -7.37 10.78
CA LEU D 23 -50.28 -7.07 12.10
C LEU D 23 -50.70 -5.66 12.53
N GLY D 24 -50.91 -5.48 13.83
CA GLY D 24 -51.30 -4.19 14.36
C GLY D 24 -50.76 -3.97 15.76
N ASN D 25 -50.62 -2.70 16.12
CA ASN D 25 -50.04 -2.31 17.40
C ASN D 25 -51.05 -2.50 18.52
N ALA D 26 -50.54 -2.72 19.73
CA ALA D 26 -51.40 -3.05 20.86
C ALA D 26 -51.49 -1.95 21.91
N GLN D 27 -50.42 -1.18 22.13
CA GLN D 27 -50.43 -0.09 23.09
C GLN D 27 -50.78 1.24 22.44
N ILE D 28 -51.54 1.21 21.34
CA ILE D 28 -51.77 2.40 20.53
C ILE D 28 -53.26 2.54 20.26
N VAL D 29 -53.76 3.78 20.38
CA VAL D 29 -55.20 4.02 20.29
C VAL D 29 -55.69 3.90 18.85
N ASP D 30 -56.81 3.19 18.69
CA ASP D 30 -57.48 2.86 17.44
C ASP D 30 -56.70 1.86 16.60
N TRP D 31 -55.50 1.48 17.03
CA TRP D 31 -54.72 0.42 16.41
C TRP D 31 -54.48 0.61 14.91
N PRO D 32 -53.64 1.55 14.51
CA PRO D 32 -53.15 1.54 13.12
C PRO D 32 -52.39 0.28 12.75
N ILE D 33 -52.49 -0.09 11.48
CA ILE D 33 -51.84 -1.30 10.98
C ILE D 33 -50.33 -1.12 10.86
N VAL D 34 -49.59 -2.13 11.29
CA VAL D 34 -48.14 -2.12 11.15
C VAL D 34 -47.64 -3.05 10.04
N TYR D 35 -48.49 -3.95 9.54
CA TYR D 35 -48.03 -4.85 8.48
C TYR D 35 -49.21 -5.43 7.72
N SER D 36 -48.99 -5.64 6.42
CA SER D 36 -49.92 -6.35 5.55
C SER D 36 -49.21 -7.44 4.76
N ASN D 37 -49.97 -8.23 4.01
CA ASN D 37 -49.47 -9.41 3.33
C ASN D 37 -49.98 -9.42 1.90
N ASP D 38 -49.22 -10.09 1.03
CA ASP D 38 -49.53 -10.12 -0.40
C ASP D 38 -50.89 -10.74 -0.66
N GLY D 39 -51.22 -11.81 0.06
CA GLY D 39 -52.54 -12.41 -0.09
C GLY D 39 -53.65 -11.44 0.21
N PHE D 40 -53.54 -10.69 1.31
CA PHE D 40 -54.56 -9.71 1.62
C PHE D 40 -54.69 -8.65 0.54
N CYS D 41 -53.56 -8.08 0.12
CA CYS D 41 -53.62 -6.97 -0.83
C CYS D 41 -54.11 -7.44 -2.19
N LYS D 42 -53.99 -8.75 -2.47
CA LYS D 42 -54.54 -9.27 -3.71
C LYS D 42 -56.05 -9.52 -3.58
N LEU D 43 -56.49 -10.04 -2.44
CA LEU D 43 -57.92 -10.34 -2.28
C LEU D 43 -58.75 -9.08 -2.09
N SER D 44 -58.23 -8.09 -1.38
CA SER D 44 -58.99 -6.89 -1.07
C SER D 44 -58.74 -5.75 -2.04
N GLY D 45 -57.80 -5.90 -2.96
CA GLY D 45 -57.55 -4.90 -3.98
C GLY D 45 -56.87 -3.65 -3.49
N TYR D 46 -56.53 -3.56 -2.21
CA TYR D 46 -55.88 -2.39 -1.64
C TYR D 46 -54.37 -2.63 -1.61
N HIS D 47 -53.62 -1.64 -2.09
CA HIS D 47 -52.16 -1.76 -2.08
C HIS D 47 -51.63 -1.63 -0.66
N ARG D 48 -50.42 -2.16 -0.45
CA ARG D 48 -49.86 -2.19 0.90
C ARG D 48 -49.64 -0.77 1.43
N ALA D 49 -49.18 0.14 0.58
CA ALA D 49 -48.87 1.49 1.04
C ALA D 49 -50.12 2.24 1.46
N GLU D 50 -51.25 1.98 0.78
CA GLU D 50 -52.49 2.67 1.11
C GLU D 50 -53.27 2.02 2.25
N VAL D 51 -52.89 0.82 2.70
CA VAL D 51 -53.52 0.26 3.90
C VAL D 51 -52.74 0.59 5.17
N MET D 52 -51.47 0.95 5.05
CA MET D 52 -50.66 1.21 6.24
C MET D 52 -51.22 2.39 7.03
N GLN D 53 -51.06 2.28 8.36
CA GLN D 53 -51.55 3.28 9.30
C GLN D 53 -53.08 3.39 9.26
N LYS D 54 -53.74 2.24 9.25
CA LYS D 54 -55.19 2.18 9.26
C LYS D 54 -55.67 1.41 10.49
N SER D 55 -56.85 1.78 10.96
CA SER D 55 -57.43 1.18 12.16
C SER D 55 -57.47 -0.33 12.08
N SER D 56 -57.03 -1.01 13.16
CA SER D 56 -57.08 -2.46 13.07
C SER D 56 -58.47 -3.01 13.32
N ALA D 57 -59.42 -2.16 13.69
CA ALA D 57 -60.83 -2.54 13.73
C ALA D 57 -61.40 -2.79 12.35
N CYS D 58 -60.62 -2.55 11.29
CA CYS D 58 -61.02 -2.82 9.91
C CYS D 58 -62.21 -1.97 9.48
N SER D 59 -62.31 -0.76 10.01
CA SER D 59 -63.44 0.10 9.69
C SER D 59 -63.39 0.58 8.23
N PHE D 60 -62.21 0.61 7.62
CA PHE D 60 -62.08 1.26 6.33
C PHE D 60 -62.59 0.39 5.18
N MET D 61 -62.87 -0.89 5.40
CA MET D 61 -63.67 -1.65 4.46
C MET D 61 -65.05 -2.02 5.02
N TYR D 62 -65.67 -1.12 5.77
CA TYR D 62 -67.02 -1.35 6.24
C TYR D 62 -68.01 -0.99 5.14
N GLY D 63 -69.28 -1.28 5.39
CA GLY D 63 -70.31 -1.00 4.43
C GLY D 63 -71.71 -1.10 5.00
N GLU D 64 -72.71 -1.05 4.12
CA GLU D 64 -74.10 -0.94 4.54
C GLU D 64 -74.54 -2.17 5.35
N LEU D 65 -74.05 -3.35 4.98
CA LEU D 65 -74.47 -4.59 5.63
C LEU D 65 -73.62 -4.95 6.84
N THR D 66 -72.65 -4.11 7.20
CA THR D 66 -71.87 -4.36 8.41
C THR D 66 -72.74 -4.13 9.64
N ASP D 67 -72.59 -5.01 10.63
CA ASP D 67 -73.40 -4.97 11.83
C ASP D 67 -72.66 -4.24 12.94
N LYS D 68 -73.34 -3.28 13.58
CA LYS D 68 -72.75 -2.57 14.71
C LYS D 68 -72.46 -3.52 15.87
N ASP D 69 -73.24 -4.61 15.98
CA ASP D 69 -72.95 -5.62 16.98
C ASP D 69 -71.56 -6.21 16.79
N THR D 70 -71.20 -6.52 15.54
CA THR D 70 -69.87 -7.05 15.27
C THR D 70 -68.80 -6.00 15.52
N VAL D 71 -69.11 -4.72 15.29
CA VAL D 71 -68.16 -3.66 15.60
C VAL D 71 -67.89 -3.61 17.11
N GLU D 72 -68.95 -3.67 17.90
CA GLU D 72 -68.78 -3.71 19.35
C GLU D 72 -68.03 -4.97 19.78
N LYS D 73 -68.26 -6.09 19.09
CA LYS D 73 -67.58 -7.32 19.47
C LYS D 73 -66.09 -7.24 19.19
N VAL D 74 -65.70 -6.77 18.00
CA VAL D 74 -64.29 -6.62 17.70
C VAL D 74 -63.65 -5.57 18.61
N ARG D 75 -64.40 -4.54 18.99
CA ARG D 75 -63.84 -3.53 19.88
C ARG D 75 -63.59 -4.10 21.27
N GLN D 76 -64.56 -4.84 21.82
CA GLN D 76 -64.36 -5.39 23.16
C GLN D 76 -63.30 -6.49 23.14
N THR D 77 -63.13 -7.18 22.01
CA THR D 77 -62.07 -8.17 21.92
C THR D 77 -60.70 -7.51 21.87
N PHE D 78 -60.58 -6.43 21.10
CA PHE D 78 -59.32 -5.70 21.06
C PHE D 78 -58.97 -5.11 22.42
N GLU D 79 -59.96 -4.53 23.11
CA GLU D 79 -59.65 -3.89 24.38
C GLU D 79 -59.55 -4.87 25.54
N ASN D 80 -60.06 -6.10 25.39
CA ASN D 80 -59.90 -7.12 26.42
C ASN D 80 -58.79 -8.11 26.11
N TYR D 81 -58.25 -8.10 24.88
CA TYR D 81 -57.12 -8.94 24.49
C TYR D 81 -57.43 -10.43 24.66
N GLU D 82 -58.37 -10.93 23.86
CA GLU D 82 -58.73 -12.34 23.92
C GLU D 82 -58.83 -12.96 22.54
N MET D 83 -58.58 -14.28 22.48
CA MET D 83 -58.67 -15.03 21.23
C MET D 83 -60.13 -15.03 20.79
N ASN D 84 -60.40 -14.82 19.50
CA ASN D 84 -61.78 -15.02 19.08
C ASN D 84 -61.82 -15.00 17.56
N SER D 85 -62.98 -15.36 17.02
CA SER D 85 -63.12 -15.55 15.58
C SER D 85 -64.54 -15.24 15.16
N PHE D 86 -64.69 -14.29 14.24
CA PHE D 86 -65.97 -13.78 13.76
C PHE D 86 -66.12 -13.99 12.26
N GLU D 87 -67.37 -13.86 11.81
CA GLU D 87 -67.72 -13.80 10.40
C GLU D 87 -68.64 -12.62 10.20
N ILE D 88 -68.38 -11.85 9.14
CA ILE D 88 -68.98 -10.53 8.97
C ILE D 88 -68.76 -10.09 7.53
N LEU D 89 -69.77 -9.43 6.96
CA LEU D 89 -69.68 -9.03 5.56
C LEU D 89 -68.71 -7.86 5.39
N MET D 90 -67.71 -8.05 4.52
CA MET D 90 -66.69 -7.04 4.22
C MET D 90 -66.89 -6.46 2.83
N TYR D 91 -66.14 -5.40 2.55
CA TYR D 91 -66.26 -4.64 1.31
C TYR D 91 -64.89 -4.45 0.66
N LYS D 92 -64.80 -4.68 -0.65
CA LYS D 92 -63.53 -4.53 -1.35
C LYS D 92 -63.46 -3.15 -2.02
N LYS D 93 -62.46 -2.97 -2.90
CA LYS D 93 -62.25 -1.69 -3.55
C LYS D 93 -63.43 -1.30 -4.42
N ASN D 94 -63.99 -2.26 -5.15
CA ASN D 94 -65.16 -2.08 -6.01
C ASN D 94 -66.49 -2.07 -5.23
N ARG D 95 -66.43 -1.98 -3.91
CA ARG D 95 -67.55 -1.95 -2.96
C ARG D 95 -68.47 -3.16 -3.13
N THR D 96 -68.03 -4.22 -3.78
CA THR D 96 -68.86 -5.41 -3.90
C THR D 96 -68.80 -6.21 -2.60
N PRO D 97 -69.94 -6.52 -1.98
CA PRO D 97 -69.92 -7.26 -0.71
C PRO D 97 -69.59 -8.73 -0.94
N VAL D 98 -68.71 -9.27 -0.10
CA VAL D 98 -68.28 -10.66 -0.18
C VAL D 98 -68.23 -11.25 1.22
N TRP D 99 -68.79 -12.45 1.38
CA TRP D 99 -68.87 -13.08 2.69
C TRP D 99 -67.48 -13.33 3.27
N PHE D 100 -67.35 -13.13 4.58
CA PHE D 100 -66.00 -13.08 5.15
C PHE D 100 -66.00 -13.68 6.55
N PHE D 101 -64.84 -14.22 6.93
CA PHE D 101 -64.59 -14.75 8.26
C PHE D 101 -63.29 -14.14 8.77
N VAL D 102 -63.21 -13.91 10.08
CA VAL D 102 -62.03 -13.29 10.68
C VAL D 102 -61.70 -13.98 12.00
N LYS D 103 -60.46 -13.81 12.45
CA LYS D 103 -60.01 -14.31 13.75
C LYS D 103 -58.82 -13.48 14.21
N ILE D 104 -58.83 -13.08 15.48
CA ILE D 104 -57.81 -12.20 16.05
C ILE D 104 -57.01 -12.98 17.10
N ALA D 105 -55.74 -12.63 17.23
CA ALA D 105 -54.87 -13.27 18.22
C ALA D 105 -53.71 -12.34 18.56
N PRO D 106 -53.83 -11.56 19.64
CA PRO D 106 -52.71 -10.73 20.08
C PRO D 106 -51.57 -11.58 20.61
N ILE D 107 -50.37 -11.00 20.59
CA ILE D 107 -49.14 -11.68 21.00
C ILE D 107 -48.52 -10.93 22.17
N ARG D 108 -47.97 -11.67 23.13
CA ARG D 108 -47.37 -11.08 24.32
C ARG D 108 -45.92 -10.66 24.00
N ASN D 109 -45.17 -10.31 25.04
CA ASN D 109 -43.79 -9.88 24.89
C ASN D 109 -42.96 -10.44 26.04
N GLU D 110 -41.65 -10.53 25.80
CA GLU D 110 -40.73 -11.05 26.81
C GLU D 110 -40.76 -10.24 28.10
N GLN D 111 -41.12 -8.96 28.02
CA GLN D 111 -41.19 -8.07 29.17
C GLN D 111 -42.56 -8.08 29.83
N ASP D 112 -43.34 -9.15 29.62
CA ASP D 112 -44.68 -9.30 30.20
C ASP D 112 -45.59 -8.15 29.80
N LYS D 113 -45.83 -8.05 28.49
CA LYS D 113 -46.71 -7.02 27.94
C LYS D 113 -47.21 -7.48 26.58
N VAL D 114 -48.27 -6.84 26.12
CA VAL D 114 -48.84 -7.09 24.80
C VAL D 114 -48.47 -5.93 23.90
N VAL D 115 -47.80 -6.23 22.78
CA VAL D 115 -47.24 -5.22 21.90
C VAL D 115 -47.88 -5.25 20.51
N LEU D 116 -48.12 -6.44 19.97
CA LEU D 116 -48.60 -6.59 18.61
C LEU D 116 -49.89 -7.40 18.59
N PHE D 117 -50.77 -7.05 17.66
CA PHE D 117 -51.93 -7.87 17.35
C PHE D 117 -51.68 -8.73 16.12
N LEU D 118 -52.54 -9.73 15.95
CA LEU D 118 -52.48 -10.60 14.78
C LEU D 118 -53.89 -11.03 14.43
N CYS D 119 -54.35 -10.61 13.25
CA CYS D 119 -55.67 -10.92 12.74
C CYS D 119 -55.53 -11.67 11.42
N THR D 120 -56.17 -12.83 11.34
CA THR D 120 -56.14 -13.66 10.14
C THR D 120 -57.46 -13.56 9.41
N PHE D 121 -57.45 -13.99 8.15
CA PHE D 121 -58.57 -13.76 7.25
C PHE D 121 -58.85 -15.00 6.40
N SER D 122 -60.10 -15.11 5.96
CA SER D 122 -60.51 -16.20 5.08
C SER D 122 -61.80 -15.80 4.39
N ASP D 123 -62.08 -16.45 3.27
CA ASP D 123 -63.25 -16.19 2.47
C ASP D 123 -64.18 -17.40 2.51
N ILE D 124 -65.47 -17.15 2.68
CA ILE D 124 -66.41 -18.26 2.74
C ILE D 124 -67.58 -17.90 1.84
N THR D 125 -67.31 -17.08 0.83
CA THR D 125 -68.35 -16.53 -0.03
C THR D 125 -69.15 -17.64 -0.69
N ALA D 126 -68.48 -18.70 -1.14
CA ALA D 126 -69.16 -19.77 -1.87
C ALA D 126 -70.00 -20.68 -0.98
N PHE D 127 -69.82 -20.66 0.34
CA PHE D 127 -70.54 -21.57 1.21
C PHE D 127 -71.52 -20.82 2.12
N LYS D 128 -71.82 -19.57 1.81
CA LYS D 128 -72.73 -18.79 2.64
C LYS D 128 -73.97 -18.43 1.83
N GLN D 129 -74.85 -17.64 2.44
CA GLN D 129 -76.04 -17.18 1.77
C GLN D 129 -75.67 -16.25 0.63
N PRO D 130 -76.20 -16.45 -0.58
CA PRO D 130 -75.84 -15.58 -1.70
C PRO D 130 -76.51 -14.22 -1.58
N ILE D 131 -75.71 -13.16 -1.55
CA ILE D 131 -76.19 -11.79 -1.47
C ILE D 131 -75.54 -11.00 -2.61
N GLU D 132 -76.37 -10.28 -3.36
CA GLU D 132 -75.90 -9.49 -4.49
C GLU D 132 -76.45 -8.07 -4.40
N ASP D 133 -75.69 -7.12 -4.94
CA ASP D 133 -76.08 -5.73 -4.99
C ASP D 133 -76.40 -5.26 -6.40
N ASP D 134 -75.51 -5.52 -7.36
CA ASP D 134 -75.74 -5.15 -8.75
C ASP D 134 -74.94 -6.09 -9.63
N SER D 135 -75.61 -7.02 -10.29
CA SER D 135 -74.94 -8.01 -11.13
C SER D 135 -75.76 -8.21 -12.40
N CYS D 136 -75.06 -8.64 -13.45
CA CYS D 136 -75.72 -8.91 -14.72
C CYS D 136 -76.70 -10.07 -14.60
N LYS D 137 -76.32 -11.12 -13.88
CA LYS D 137 -77.18 -12.28 -13.68
C LYS D 137 -76.85 -12.93 -12.36
N GLY D 138 -77.80 -13.71 -11.85
CA GLY D 138 -77.58 -14.41 -10.58
C GLY D 138 -76.47 -15.44 -10.67
N TRP D 139 -76.48 -16.25 -11.73
CA TRP D 139 -75.44 -17.25 -11.90
C TRP D 139 -74.09 -16.60 -12.18
N GLY D 140 -74.09 -15.46 -12.87
CA GLY D 140 -72.84 -14.74 -13.07
C GLY D 140 -72.24 -14.26 -11.77
N LYS D 141 -73.08 -13.70 -10.89
CA LYS D 141 -72.60 -13.27 -9.58
C LYS D 141 -72.14 -14.48 -8.75
N PHE D 142 -72.85 -15.60 -8.87
CA PHE D 142 -72.44 -16.81 -8.16
C PHE D 142 -71.08 -17.28 -8.63
N ALA D 143 -70.85 -17.29 -9.94
CA ALA D 143 -69.55 -17.69 -10.49
C ALA D 143 -68.46 -16.73 -10.06
N ARG D 144 -68.77 -15.43 -10.03
CA ARG D 144 -67.79 -14.44 -9.58
C ARG D 144 -67.40 -14.68 -8.12
N LEU D 145 -68.40 -14.96 -7.28
CA LEU D 145 -68.13 -15.20 -5.87
C LEU D 145 -67.34 -16.49 -5.67
N THR D 146 -67.69 -17.55 -6.40
CA THR D 146 -66.99 -18.82 -6.24
C THR D 146 -65.56 -18.75 -6.77
N ARG D 147 -65.32 -17.90 -7.78
CA ARG D 147 -63.98 -17.79 -8.34
C ARG D 147 -62.96 -17.25 -7.34
N ALA D 148 -63.41 -16.58 -6.28
CA ALA D 148 -62.53 -16.05 -5.26
C ALA D 148 -62.28 -17.04 -4.12
N LEU D 149 -62.84 -18.25 -4.20
CA LEU D 149 -62.69 -19.26 -3.16
C LEU D 149 -61.66 -20.31 -3.54
N THR D 150 -60.60 -19.92 -4.24
CA THR D 150 -59.59 -20.88 -4.67
C THR D 150 -58.86 -21.50 -3.48
N SER D 151 -58.55 -20.69 -2.47
CA SER D 151 -57.83 -21.20 -1.31
C SER D 151 -58.66 -22.24 -0.57
N SER D 152 -59.95 -21.98 -0.38
CA SER D 152 -60.80 -22.95 0.30
C SER D 152 -61.06 -24.17 -0.57
N ARG D 153 -61.22 -23.96 -1.88
CA ARG D 153 -61.48 -25.08 -2.78
C ARG D 153 -60.24 -25.91 -3.06
N GLY D 154 -59.06 -25.45 -2.64
CA GLY D 154 -57.84 -26.20 -2.85
C GLY D 154 -57.73 -27.44 -1.98
N VAL D 155 -56.50 -27.84 -1.67
CA VAL D 155 -56.26 -29.04 -0.88
C VAL D 155 -56.81 -28.93 0.53
N LEU D 156 -57.15 -27.72 0.97
CA LEU D 156 -57.75 -27.56 2.29
C LEU D 156 -59.09 -28.29 2.39
N GLN D 157 -59.90 -28.21 1.35
CA GLN D 157 -61.19 -28.88 1.31
C GLN D 157 -61.39 -29.54 -0.05
N GLN D 158 -60.36 -30.22 -0.55
CA GLN D 158 -60.43 -30.83 -1.88
C GLN D 158 -61.40 -32.00 -1.94
N LEU D 159 -61.73 -32.61 -0.80
CA LEU D 159 -62.65 -33.75 -0.79
C LEU D 159 -64.12 -33.33 -0.75
N ALA D 160 -64.41 -32.03 -0.72
CA ALA D 160 -65.79 -31.59 -0.67
C ALA D 160 -66.61 -32.00 -1.89
N PRO D 161 -66.16 -31.78 -3.13
CA PRO D 161 -67.00 -32.18 -4.27
C PRO D 161 -67.29 -33.66 -4.33
N SER D 162 -66.38 -34.50 -3.85
CA SER D 162 -66.58 -35.94 -3.87
C SER D 162 -67.56 -36.42 -2.81
N VAL D 163 -67.93 -35.56 -1.87
CA VAL D 163 -68.82 -35.93 -0.77
C VAL D 163 -69.98 -34.94 -0.69
N GLN D 164 -70.84 -35.12 0.31
CA GLN D 164 -71.98 -34.24 0.52
C GLN D 164 -72.08 -33.93 2.01
N LYS D 165 -72.70 -32.78 2.31
CA LYS D 165 -72.89 -32.31 3.69
C LYS D 165 -71.56 -32.22 4.42
N GLY D 166 -70.53 -31.75 3.72
CA GLY D 166 -69.20 -31.61 4.28
C GLY D 166 -68.99 -30.36 5.10
N GLU D 167 -70.03 -29.54 5.27
CA GLU D 167 -69.94 -28.32 6.04
C GLU D 167 -69.61 -28.58 7.50
N ASN D 168 -69.92 -29.77 8.01
CA ASN D 168 -69.64 -30.09 9.40
C ASN D 168 -68.16 -30.19 9.69
N VAL D 169 -67.32 -30.37 8.67
CA VAL D 169 -65.89 -30.49 8.86
C VAL D 169 -65.10 -29.40 8.14
N HIS D 170 -65.70 -28.69 7.17
CA HIS D 170 -64.96 -27.65 6.46
C HIS D 170 -64.55 -26.51 7.39
N LYS D 171 -65.47 -26.10 8.26
CA LYS D 171 -65.15 -25.03 9.21
C LYS D 171 -64.04 -25.45 10.18
N HIS D 172 -64.11 -26.70 10.65
CA HIS D 172 -63.06 -27.20 11.54
C HIS D 172 -61.72 -27.25 10.83
N SER D 173 -61.71 -27.70 9.58
CA SER D 173 -60.46 -27.74 8.80
C SER D 173 -59.90 -26.35 8.60
N ARG D 174 -60.77 -25.38 8.30
CA ARG D 174 -60.31 -24.00 8.13
C ARG D 174 -59.75 -23.43 9.43
N LEU D 175 -60.41 -23.71 10.56
CA LEU D 175 -59.98 -23.17 11.84
C LEU D 175 -58.74 -23.87 12.39
N ALA D 176 -58.46 -25.11 11.95
CA ALA D 176 -57.30 -25.83 12.46
C ALA D 176 -56.01 -25.12 12.12
N GLU D 177 -55.88 -24.63 10.89
CA GLU D 177 -54.67 -23.92 10.50
C GLU D 177 -54.51 -22.62 11.26
N VAL D 178 -55.62 -21.90 11.48
CA VAL D 178 -55.55 -20.62 12.19
C VAL D 178 -55.19 -20.83 13.65
N LEU D 179 -55.70 -21.90 14.26
CA LEU D 179 -55.46 -22.15 15.67
C LEU D 179 -53.98 -22.41 15.99
N GLN D 180 -53.18 -22.79 14.98
CA GLN D 180 -51.77 -23.06 15.21
C GLN D 180 -50.95 -21.80 15.45
N LEU D 181 -51.54 -20.62 15.25
CA LEU D 181 -50.78 -19.38 15.34
C LEU D 181 -50.19 -19.14 16.73
N GLY D 182 -50.71 -19.82 17.75
CA GLY D 182 -50.12 -19.73 19.07
C GLY D 182 -48.68 -20.22 19.12
N SER D 183 -48.36 -21.23 18.30
CA SER D 183 -46.99 -21.71 18.24
C SER D 183 -46.06 -20.64 17.70
N ASP D 184 -46.49 -19.89 16.69
CA ASP D 184 -45.68 -18.78 16.18
C ASP D 184 -45.64 -17.62 17.16
N ILE D 185 -46.53 -17.59 18.15
CA ILE D 185 -46.52 -16.54 19.16
C ILE D 185 -45.54 -16.81 20.28
N LEU D 186 -44.90 -17.98 20.28
CA LEU D 186 -43.93 -18.30 21.34
C LEU D 186 -42.77 -17.32 21.43
N PRO D 187 -42.13 -16.88 20.33
CA PRO D 187 -41.06 -15.87 20.47
C PRO D 187 -41.54 -14.57 21.11
N GLN D 188 -42.82 -14.23 20.96
CA GLN D 188 -43.41 -13.05 21.60
C GLN D 188 -42.69 -11.76 21.21
N TYR D 189 -42.20 -11.72 19.96
CA TYR D 189 -41.47 -10.57 19.44
C TYR D 189 -40.30 -10.21 20.35
N LYS D 190 -39.39 -11.18 20.48
CA LYS D 190 -38.24 -11.02 21.37
C LYS D 190 -37.06 -11.77 20.78
N GLN D 191 -35.86 -11.37 21.20
CA GLN D 191 -34.62 -11.99 20.74
C GLN D 191 -34.48 -13.35 21.40
N GLU D 192 -35.19 -14.33 20.86
CA GLU D 192 -35.17 -15.67 21.41
C GLU D 192 -33.83 -16.33 21.11
N ALA D 193 -33.13 -16.77 22.16
CA ALA D 193 -31.84 -17.41 21.99
C ALA D 193 -32.02 -18.88 21.61
N PRO D 194 -31.08 -19.45 20.87
CA PRO D 194 -31.14 -20.89 20.53
C PRO D 194 -30.77 -21.77 21.72
N LYS D 195 -31.76 -22.01 22.58
CA LYS D 195 -31.54 -22.80 23.78
C LYS D 195 -31.21 -24.25 23.42
N THR D 196 -30.27 -24.82 24.19
CA THR D 196 -29.84 -26.19 23.92
C THR D 196 -30.93 -27.18 24.33
N PRO D 197 -31.13 -28.24 23.56
CA PRO D 197 -32.10 -29.28 23.93
C PRO D 197 -31.65 -30.02 25.19
N PRO D 198 -32.57 -30.59 25.95
CA PRO D 198 -32.20 -31.24 27.20
C PRO D 198 -31.36 -32.48 26.98
N HIS D 199 -30.55 -32.80 27.99
CA HIS D 199 -29.69 -33.98 28.01
C HIS D 199 -28.67 -33.95 26.88
N ILE D 200 -28.31 -32.76 26.41
CA ILE D 200 -27.23 -32.57 25.44
C ILE D 200 -26.37 -31.43 25.94
N ILE D 201 -25.07 -31.69 26.07
CA ILE D 201 -24.14 -30.75 26.70
C ILE D 201 -23.19 -30.22 25.64
N LEU D 202 -22.91 -28.91 25.71
CA LEU D 202 -22.00 -28.28 24.77
C LEU D 202 -20.59 -28.86 24.91
N HIS D 203 -19.90 -28.96 23.77
CA HIS D 203 -18.56 -29.55 23.73
C HIS D 203 -17.47 -28.59 24.22
N TYR D 204 -17.80 -27.34 24.47
CA TYR D 204 -16.84 -26.36 24.96
C TYR D 204 -16.88 -26.22 26.49
N CYS D 205 -17.72 -27.02 27.14
CA CYS D 205 -17.92 -26.93 28.58
C CYS D 205 -16.65 -27.34 29.34
N VAL D 206 -16.59 -26.91 30.60
CA VAL D 206 -15.42 -27.18 31.44
C VAL D 206 -15.23 -28.67 31.66
N PHE D 207 -16.34 -29.39 31.89
CA PHE D 207 -16.27 -30.83 32.07
C PHE D 207 -15.62 -31.51 30.88
N LYS D 208 -15.98 -31.08 29.67
CA LYS D 208 -15.45 -31.73 28.48
C LYS D 208 -13.99 -31.33 28.25
N THR D 209 -13.62 -30.10 28.62
CA THR D 209 -12.22 -29.69 28.53
C THR D 209 -11.36 -30.53 29.46
N THR D 210 -11.83 -30.78 30.68
CA THR D 210 -11.05 -31.61 31.59
C THR D 210 -11.17 -33.10 31.25
N TRP D 211 -12.17 -33.50 30.46
CA TRP D 211 -12.26 -34.89 30.03
C TRP D 211 -11.35 -35.16 28.83
N ASP D 212 -11.11 -34.14 28.02
CA ASP D 212 -10.24 -34.31 26.85
C ASP D 212 -8.80 -34.58 27.26
N TRP D 213 -8.31 -33.87 28.28
CA TRP D 213 -6.95 -34.12 28.75
C TRP D 213 -6.79 -35.54 29.27
N ILE D 214 -7.78 -36.03 30.02
CA ILE D 214 -7.63 -37.36 30.62
C ILE D 214 -7.72 -38.44 29.53
N ILE D 215 -8.62 -38.26 28.57
CA ILE D 215 -8.66 -39.26 27.50
C ILE D 215 -7.38 -39.20 26.69
N LEU D 216 -6.77 -38.02 26.55
CA LEU D 216 -5.50 -37.92 25.85
C LEU D 216 -4.41 -38.70 26.57
N ILE D 217 -4.30 -38.50 27.89
CA ILE D 217 -3.22 -39.19 28.60
C ILE D 217 -3.46 -40.69 28.64
N LEU D 218 -4.73 -41.11 28.77
CA LEU D 218 -5.01 -42.54 28.74
C LEU D 218 -4.69 -43.16 27.39
N THR D 219 -5.07 -42.51 26.30
CA THR D 219 -4.77 -43.08 24.99
C THR D 219 -3.26 -43.09 24.73
N PHE D 220 -2.54 -42.09 25.25
CA PHE D 220 -1.09 -42.08 25.14
C PHE D 220 -0.48 -43.26 25.90
N TYR D 221 -0.95 -43.49 27.13
CA TYR D 221 -0.46 -44.60 27.93
C TYR D 221 -0.73 -45.94 27.25
N THR D 222 -1.95 -46.13 26.75
CA THR D 222 -2.30 -47.38 26.08
C THR D 222 -1.47 -47.59 24.82
N ALA D 223 -1.29 -46.53 24.03
CA ALA D 223 -0.50 -46.64 22.81
C ALA D 223 0.94 -47.03 23.13
N ILE D 224 1.48 -46.52 24.24
CA ILE D 224 2.82 -46.95 24.64
C ILE D 224 2.83 -48.41 25.07
N LEU D 225 1.87 -48.79 25.92
CA LEU D 225 1.99 -50.07 26.62
C LEU D 225 1.63 -51.26 25.75
N VAL D 226 0.68 -51.11 24.82
CA VAL D 226 0.13 -52.29 24.15
C VAL D 226 1.17 -53.05 23.33
N PRO D 227 1.97 -52.43 22.45
CA PRO D 227 2.92 -53.23 21.66
C PRO D 227 3.94 -53.96 22.52
N TYR D 228 4.39 -53.34 23.60
CA TYR D 228 5.31 -54.00 24.53
C TYR D 228 4.69 -55.25 25.12
N ASN D 229 3.41 -55.16 25.49
CA ASN D 229 2.71 -56.33 26.02
C ASN D 229 2.57 -57.41 24.96
N VAL D 230 2.24 -57.02 23.73
CA VAL D 230 1.84 -58.01 22.74
C VAL D 230 3.05 -58.72 22.12
N SER D 231 4.20 -58.05 22.02
CA SER D 231 5.31 -58.64 21.29
C SER D 231 6.40 -59.21 22.19
N PHE D 232 6.65 -58.63 23.35
CA PHE D 232 7.76 -59.06 24.17
C PHE D 232 7.45 -60.28 25.03
N LYS D 233 6.34 -60.98 24.73
CA LYS D 233 6.05 -62.28 25.33
C LYS D 233 6.02 -62.22 26.86
N THR D 234 5.60 -61.07 27.39
CA THR D 234 5.50 -60.93 28.84
C THR D 234 4.36 -61.79 29.38
N ARG D 235 4.53 -62.25 30.62
CA ARG D 235 3.56 -63.10 31.26
C ARG D 235 2.56 -62.28 32.07
N GLN D 236 1.55 -62.96 32.59
CA GLN D 236 0.51 -62.33 33.40
C GLN D 236 0.69 -62.62 34.89
N ASN D 237 1.93 -62.59 35.38
CA ASN D 237 2.18 -62.79 36.79
C ASN D 237 1.59 -61.68 37.65
N ASN D 238 1.34 -60.51 37.08
CA ASN D 238 0.80 -59.37 37.80
C ASN D 238 -0.67 -59.19 37.40
N VAL D 239 -1.56 -59.29 38.39
CA VAL D 239 -2.99 -59.24 38.09
C VAL D 239 -3.49 -57.81 38.08
N ALA D 240 -2.79 -56.89 38.76
CA ALA D 240 -3.26 -55.52 38.87
C ALA D 240 -3.37 -54.85 37.50
N TRP D 241 -2.50 -55.22 36.57
CA TRP D 241 -2.55 -54.62 35.24
C TRP D 241 -3.86 -54.96 34.52
N LEU D 242 -4.45 -56.12 34.82
CA LEU D 242 -5.76 -56.42 34.25
C LEU D 242 -6.85 -55.53 34.83
N VAL D 243 -6.76 -55.22 36.12
CA VAL D 243 -7.71 -54.27 36.72
C VAL D 243 -7.55 -52.90 36.07
N VAL D 244 -6.30 -52.48 35.86
CA VAL D 244 -6.05 -51.21 35.20
C VAL D 244 -6.60 -51.23 33.78
N ASP D 245 -6.41 -52.34 33.07
CA ASP D 245 -6.94 -52.45 31.71
C ASP D 245 -8.45 -52.38 31.71
N SER D 246 -9.09 -52.99 32.72
CA SER D 246 -10.54 -52.95 32.81
C SER D 246 -11.05 -51.53 33.06
N ILE D 247 -10.42 -50.81 33.98
CA ILE D 247 -10.88 -49.44 34.25
C ILE D 247 -10.60 -48.55 33.04
N VAL D 248 -9.48 -48.79 32.35
CA VAL D 248 -9.18 -48.07 31.12
C VAL D 248 -10.28 -48.30 30.08
N ASP D 249 -10.66 -49.57 29.88
CA ASP D 249 -11.69 -49.90 28.91
C ASP D 249 -13.03 -49.27 29.28
N VAL D 250 -13.40 -49.30 30.55
CA VAL D 250 -14.69 -48.74 30.93
C VAL D 250 -14.68 -47.22 30.78
N ILE D 251 -13.51 -46.59 30.96
CA ILE D 251 -13.42 -45.16 30.70
C ILE D 251 -13.63 -44.87 29.21
N PHE D 252 -13.01 -45.65 28.33
CA PHE D 252 -13.28 -45.44 26.91
C PHE D 252 -14.75 -45.70 26.57
N LEU D 253 -15.37 -46.69 27.21
CA LEU D 253 -16.79 -46.92 26.99
C LEU D 253 -17.64 -45.74 27.45
N VAL D 254 -17.30 -45.16 28.60
CA VAL D 254 -18.01 -43.97 29.06
C VAL D 254 -17.83 -42.83 28.06
N ASP D 255 -16.63 -42.70 27.48
CA ASP D 255 -16.38 -41.65 26.50
C ASP D 255 -17.24 -41.85 25.25
N ILE D 256 -17.27 -43.09 24.74
CA ILE D 256 -18.03 -43.36 23.51
C ILE D 256 -19.52 -43.17 23.77
N VAL D 257 -19.98 -43.48 24.97
CA VAL D 257 -21.40 -43.25 25.30
C VAL D 257 -21.67 -41.76 25.41
N LEU D 258 -20.77 -41.01 26.02
CA LEU D 258 -20.97 -39.57 26.17
C LEU D 258 -20.95 -38.87 24.81
N ASN D 259 -20.22 -39.41 23.85
CA ASN D 259 -20.12 -38.76 22.55
C ASN D 259 -21.47 -38.69 21.85
N PHE D 260 -22.43 -39.53 22.24
CA PHE D 260 -23.79 -39.40 21.71
C PHE D 260 -24.40 -38.06 22.08
N HIS D 261 -24.39 -37.73 23.38
CA HIS D 261 -25.08 -36.55 23.88
C HIS D 261 -24.09 -35.39 23.98
N THR D 262 -23.62 -34.96 22.81
CA THR D 262 -22.65 -33.87 22.74
C THR D 262 -22.73 -33.24 21.35
N THR D 263 -22.86 -31.93 21.30
CA THR D 263 -22.91 -31.21 20.04
C THR D 263 -21.53 -31.23 19.37
N PHE D 264 -21.54 -31.11 18.05
CA PHE D 264 -20.30 -31.02 17.27
C PHE D 264 -20.42 -29.88 16.28
N VAL D 265 -19.27 -29.37 15.86
CA VAL D 265 -19.21 -28.29 14.88
C VAL D 265 -19.47 -28.88 13.50
N GLY D 266 -20.46 -28.33 12.80
CA GLY D 266 -20.78 -28.77 11.47
C GLY D 266 -19.81 -28.23 10.44
N PRO D 267 -19.23 -29.12 9.63
CA PRO D 267 -18.29 -28.65 8.59
C PRO D 267 -18.93 -27.72 7.58
N ALA D 268 -20.21 -27.91 7.27
CA ALA D 268 -20.92 -27.05 6.34
C ALA D 268 -21.61 -25.87 7.02
N GLY D 269 -21.51 -25.77 8.34
CA GLY D 269 -22.12 -24.67 9.08
C GLY D 269 -21.24 -24.24 10.22
N GLU D 270 -21.87 -23.83 11.33
CA GLU D 270 -21.14 -23.42 12.52
C GLU D 270 -21.41 -24.34 13.70
N VAL D 271 -22.67 -24.50 14.10
CA VAL D 271 -23.04 -25.33 15.25
C VAL D 271 -24.31 -26.09 14.90
N ILE D 272 -24.30 -27.39 15.15
CA ILE D 272 -25.46 -28.25 14.92
C ILE D 272 -25.82 -28.91 16.25
N SER D 273 -27.09 -28.77 16.65
CA SER D 273 -27.56 -29.31 17.93
C SER D 273 -28.92 -29.96 17.77
N ASP D 274 -29.09 -30.77 16.73
CA ASP D 274 -30.36 -31.45 16.51
C ASP D 274 -30.20 -32.93 16.83
N PRO D 275 -30.72 -33.40 17.97
CA PRO D 275 -30.48 -34.80 18.37
C PRO D 275 -31.00 -35.82 17.37
N LYS D 276 -31.96 -35.45 16.52
CA LYS D 276 -32.43 -36.37 15.49
C LYS D 276 -31.35 -36.69 14.46
N LEU D 277 -30.29 -35.89 14.39
CA LEU D 277 -29.22 -36.11 13.43
C LEU D 277 -27.82 -36.12 14.02
N ILE D 278 -27.63 -35.65 15.26
CA ILE D 278 -26.31 -35.72 15.88
C ILE D 278 -25.86 -37.16 16.00
N ARG D 279 -26.74 -38.02 16.51
CA ARG D 279 -26.41 -39.43 16.68
C ARG D 279 -26.20 -40.11 15.32
N MET D 280 -27.00 -39.74 14.33
CA MET D 280 -26.83 -40.31 12.98
C MET D 280 -25.48 -39.92 12.40
N ASN D 281 -25.09 -38.65 12.55
CA ASN D 281 -23.79 -38.21 12.06
C ASN D 281 -22.66 -38.94 12.77
N TYR D 282 -22.78 -39.10 14.09
CA TYR D 282 -21.73 -39.82 14.83
C TYR D 282 -21.63 -41.28 14.37
N LEU D 283 -22.78 -41.95 14.20
CA LEU D 283 -22.73 -43.36 13.83
C LEU D 283 -22.20 -43.54 12.41
N LYS D 284 -22.52 -42.61 11.52
CA LYS D 284 -22.00 -42.72 10.16
C LYS D 284 -20.57 -42.19 10.04
N THR D 285 -20.07 -41.50 11.06
CA THR D 285 -18.70 -40.98 11.00
C THR D 285 -17.70 -41.88 11.69
N TRP D 286 -17.86 -42.12 13.00
CA TRP D 286 -16.81 -42.80 13.75
C TRP D 286 -17.29 -43.84 14.76
N PHE D 287 -18.60 -44.04 14.91
CA PHE D 287 -19.09 -44.84 16.04
C PHE D 287 -18.77 -46.32 15.88
N VAL D 288 -18.88 -46.86 14.65
CA VAL D 288 -18.69 -48.30 14.46
C VAL D 288 -17.23 -48.68 14.67
N ILE D 289 -16.31 -47.88 14.13
CA ILE D 289 -14.89 -48.18 14.30
C ILE D 289 -14.49 -48.01 15.76
N ASP D 290 -15.11 -47.07 16.45
CA ASP D 290 -14.81 -46.87 17.86
C ASP D 290 -15.34 -48.03 18.70
N LEU D 291 -16.52 -48.56 18.35
CA LEU D 291 -17.01 -49.75 19.05
C LEU D 291 -16.10 -50.95 18.82
N LEU D 292 -15.80 -51.27 17.57
CA LEU D 292 -14.92 -52.40 17.31
C LEU D 292 -13.53 -52.15 17.89
N SER D 293 -13.20 -50.88 18.14
CA SER D 293 -12.00 -50.51 18.89
C SER D 293 -12.14 -50.74 20.38
N CYS D 294 -13.35 -50.58 20.93
CA CYS D 294 -13.53 -50.45 22.37
C CYS D 294 -14.18 -51.69 22.99
N LEU D 295 -13.81 -52.88 22.53
CA LEU D 295 -14.30 -54.12 23.11
C LEU D 295 -13.17 -54.73 23.94
N PRO D 296 -13.43 -55.13 25.18
CA PRO D 296 -12.36 -55.70 26.02
C PRO D 296 -11.98 -57.12 25.59
N TYR D 297 -11.16 -57.23 24.54
CA TYR D 297 -10.72 -58.54 24.08
C TYR D 297 -9.88 -59.24 25.14
N ASP D 298 -8.99 -58.50 25.80
CA ASP D 298 -8.13 -59.08 26.83
C ASP D 298 -8.90 -59.43 28.10
N VAL D 299 -9.89 -58.62 28.47
CA VAL D 299 -10.68 -58.94 29.67
C VAL D 299 -11.49 -60.19 29.43
N ILE D 300 -12.08 -60.33 28.24
CA ILE D 300 -12.75 -61.58 27.88
C ILE D 300 -11.75 -62.72 27.79
N ASN D 301 -10.53 -62.42 27.33
CA ASN D 301 -9.49 -63.43 27.22
C ASN D 301 -9.09 -64.00 28.58
N ALA D 302 -9.43 -63.32 29.67
CA ALA D 302 -9.20 -63.88 31.00
C ALA D 302 -9.97 -65.19 31.18
N PHE D 303 -11.09 -65.35 30.49
CA PHE D 303 -11.81 -66.62 30.45
C PHE D 303 -11.47 -67.40 29.18
N GLU D 304 -11.71 -66.80 28.02
CA GLU D 304 -11.38 -67.42 26.74
C GLU D 304 -11.42 -66.35 25.66
N ASN D 305 -10.63 -66.57 24.60
CA ASN D 305 -10.59 -65.65 23.47
C ASN D 305 -10.67 -66.46 22.18
N VAL D 306 -11.45 -65.94 21.22
CA VAL D 306 -11.61 -66.63 19.94
C VAL D 306 -10.33 -66.63 19.13
N ASP D 307 -9.45 -65.66 19.35
CA ASP D 307 -8.20 -65.58 18.61
C ASP D 307 -7.15 -64.89 19.45
N GLU D 308 -5.90 -65.33 19.31
CA GLU D 308 -4.80 -64.71 20.03
C GLU D 308 -4.37 -63.39 19.40
N GLY D 309 -4.48 -63.29 18.08
CA GLY D 309 -4.05 -62.09 17.38
C GLY D 309 -4.99 -60.92 17.49
N ILE D 310 -6.18 -61.11 18.10
CA ILE D 310 -7.11 -60.01 18.28
C ILE D 310 -6.51 -58.95 19.19
N SER D 311 -5.80 -59.37 20.24
CA SER D 311 -5.13 -58.44 21.12
C SER D 311 -4.03 -57.65 20.42
N SER D 312 -3.51 -58.16 19.30
CA SER D 312 -2.53 -57.40 18.52
C SER D 312 -3.20 -56.30 17.72
N LEU D 313 -4.31 -56.62 17.05
CA LEU D 313 -5.06 -55.59 16.35
C LEU D 313 -5.71 -54.61 17.32
N PHE D 314 -5.80 -55.00 18.60
CA PHE D 314 -6.30 -54.09 19.63
C PHE D 314 -5.43 -52.84 19.71
N SER D 315 -4.16 -52.95 19.33
CA SER D 315 -3.28 -51.79 19.30
C SER D 315 -3.79 -50.75 18.31
N SER D 316 -3.77 -51.10 17.02
CA SER D 316 -4.24 -50.17 15.99
C SER D 316 -5.70 -49.80 16.21
N LEU D 317 -6.44 -50.65 16.93
CA LEU D 317 -7.80 -50.29 17.32
C LEU D 317 -7.78 -49.06 18.22
N LYS D 318 -6.93 -49.05 19.24
CA LYS D 318 -6.85 -47.90 20.13
C LYS D 318 -6.21 -46.70 19.43
N VAL D 319 -5.42 -46.95 18.39
CA VAL D 319 -4.74 -45.87 17.69
C VAL D 319 -5.72 -44.96 16.94
N VAL D 320 -6.94 -45.43 16.69
CA VAL D 320 -7.90 -44.58 15.96
C VAL D 320 -8.18 -43.31 16.75
N ARG D 321 -7.77 -43.33 17.97
CA ARG D 321 -8.04 -42.11 18.64
C ARG D 321 -6.98 -41.17 18.22
N LEU D 322 -5.79 -41.69 18.19
CA LEU D 322 -4.65 -40.83 17.88
C LEU D 322 -4.94 -39.91 16.70
N LEU D 323 -5.84 -40.32 15.80
CA LEU D 323 -6.28 -39.44 14.72
C LEU D 323 -7.60 -38.75 15.06
N ARG D 324 -8.53 -39.47 15.69
CA ARG D 324 -9.79 -38.86 16.10
C ARG D 324 -9.56 -37.75 17.11
N LEU D 325 -8.67 -37.97 18.07
CA LEU D 325 -8.33 -36.91 19.02
C LEU D 325 -7.19 -36.04 18.50
N GLY D 326 -6.22 -36.67 17.82
CA GLY D 326 -5.02 -35.93 17.43
C GLY D 326 -5.30 -34.79 16.48
N ARG D 327 -6.16 -35.01 15.49
CA ARG D 327 -6.52 -33.92 14.60
C ARG D 327 -7.49 -32.95 15.27
N VAL D 328 -8.33 -33.46 16.18
CA VAL D 328 -9.09 -32.58 17.05
C VAL D 328 -8.17 -31.94 18.09
N ALA D 329 -7.01 -32.53 18.35
CA ALA D 329 -6.04 -31.91 19.24
C ALA D 329 -5.46 -30.61 18.66
N ARG D 330 -5.93 -30.17 17.50
CA ARG D 330 -5.75 -28.77 17.15
C ARG D 330 -6.54 -27.86 18.07
N LYS D 331 -7.54 -28.41 18.77
CA LYS D 331 -8.14 -27.72 19.91
C LYS D 331 -7.25 -27.77 21.14
N LEU D 332 -6.40 -28.80 21.26
CA LEU D 332 -5.33 -28.74 22.26
C LEU D 332 -4.37 -27.59 21.94
N ASP D 333 -4.29 -27.19 20.67
CA ASP D 333 -3.57 -25.99 20.29
C ASP D 333 -4.43 -24.78 20.65
N HIS D 334 -4.70 -24.62 21.95
CA HIS D 334 -5.48 -23.49 22.46
C HIS D 334 -4.63 -22.57 23.33
N TYR D 335 -3.92 -23.13 24.31
CA TYR D 335 -2.93 -22.34 25.05
C TYR D 335 -1.85 -23.25 25.61
N ILE D 336 -0.77 -23.43 24.86
CA ILE D 336 0.53 -23.82 25.39
C ILE D 336 1.48 -22.77 24.79
N GLU D 337 0.95 -21.57 24.59
CA GLU D 337 1.48 -20.61 23.63
C GLU D 337 2.79 -19.99 24.13
N TYR D 338 3.86 -20.76 23.99
CA TYR D 338 5.22 -20.23 23.89
C TYR D 338 5.92 -21.13 22.88
N GLY D 339 5.85 -20.74 21.61
CA GLY D 339 6.18 -21.64 20.53
C GLY D 339 5.02 -22.56 20.23
N ALA D 340 4.92 -23.04 19.00
CA ALA D 340 3.79 -23.87 18.62
C ALA D 340 3.81 -25.21 19.37
N ALA D 341 2.63 -25.67 19.77
CA ALA D 341 2.52 -26.97 20.42
C ALA D 341 2.81 -28.11 19.45
N VAL D 342 2.89 -27.82 18.15
CA VAL D 342 3.26 -28.83 17.17
C VAL D 342 4.62 -29.42 17.51
N LEU D 343 5.43 -28.67 18.26
CA LEU D 343 6.76 -29.16 18.64
C LEU D 343 6.66 -30.27 19.67
N VAL D 344 5.83 -30.04 20.70
CA VAL D 344 5.55 -31.09 21.67
C VAL D 344 4.93 -32.29 20.97
N LEU D 345 4.04 -32.05 20.01
CA LEU D 345 3.43 -33.14 19.27
C LEU D 345 4.48 -33.94 18.49
N LEU D 346 5.41 -33.24 17.84
CA LEU D 346 6.41 -33.95 17.03
C LEU D 346 7.39 -34.71 17.89
N VAL D 347 7.79 -34.14 19.04
CA VAL D 347 8.71 -34.88 19.90
C VAL D 347 8.02 -36.10 20.50
N CYS D 348 6.74 -35.96 20.85
CA CYS D 348 6.00 -37.10 21.38
C CYS D 348 5.82 -38.19 20.33
N VAL D 349 5.52 -37.79 19.09
CA VAL D 349 5.33 -38.80 18.06
C VAL D 349 6.67 -39.45 17.70
N PHE D 350 7.75 -38.69 17.80
CA PHE D 350 9.08 -39.29 17.64
C PHE D 350 9.32 -40.35 18.70
N GLY D 351 8.97 -40.04 19.95
CA GLY D 351 9.14 -41.03 21.02
C GLY D 351 8.32 -42.28 20.79
N LEU D 352 7.04 -42.11 20.43
CA LEU D 352 6.17 -43.28 20.25
C LEU D 352 6.60 -44.09 19.02
N ALA D 353 7.06 -43.41 17.97
CA ALA D 353 7.57 -44.13 16.81
C ALA D 353 8.82 -44.91 17.16
N ALA D 354 9.71 -44.31 17.97
CA ALA D 354 10.89 -45.03 18.41
C ALA D 354 10.51 -46.27 19.21
N HIS D 355 9.50 -46.14 20.08
CA HIS D 355 9.01 -47.31 20.82
C HIS D 355 8.48 -48.39 19.88
N TRP D 356 7.66 -47.98 18.89
CA TRP D 356 7.11 -48.94 17.95
C TRP D 356 8.21 -49.69 17.22
N MET D 357 9.21 -48.95 16.75
CA MET D 357 10.23 -49.57 15.92
C MET D 357 11.21 -50.39 16.76
N ALA D 358 11.39 -50.03 18.04
CA ALA D 358 12.11 -50.91 18.95
C ALA D 358 11.37 -52.22 19.13
N CYS D 359 10.05 -52.15 19.31
CA CYS D 359 9.25 -53.37 19.40
C CYS D 359 9.43 -54.25 18.18
N ILE D 360 9.35 -53.65 16.99
CA ILE D 360 9.38 -54.48 15.78
C ILE D 360 10.79 -54.97 15.48
N TRP D 361 11.81 -54.22 15.93
CA TRP D 361 13.18 -54.74 15.88
C TRP D 361 13.35 -55.96 16.77
N TYR D 362 12.80 -55.92 17.99
CA TYR D 362 12.83 -57.11 18.84
C TYR D 362 12.12 -58.28 18.17
N SER D 363 10.95 -58.02 17.57
CA SER D 363 10.22 -59.08 16.91
C SER D 363 11.06 -59.71 15.82
N ILE D 364 11.72 -58.88 15.01
CA ILE D 364 12.55 -59.41 13.92
C ILE D 364 13.69 -60.25 14.49
N GLY D 365 14.38 -59.74 15.51
CA GLY D 365 15.49 -60.48 16.07
C GLY D 365 15.08 -61.83 16.63
N ASP D 366 13.98 -61.85 17.39
CA ASP D 366 13.49 -63.11 17.93
C ASP D 366 13.06 -64.07 16.83
N TYR D 367 12.49 -63.53 15.74
CA TYR D 367 12.13 -64.38 14.62
C TYR D 367 13.37 -64.92 13.91
N GLU D 368 14.50 -64.23 14.02
CA GLU D 368 15.67 -64.61 13.24
C GLU D 368 16.62 -65.54 13.98
N ILE D 369 16.75 -65.42 15.31
CA ILE D 369 17.89 -66.03 16.01
C ILE D 369 17.97 -67.53 15.76
N PHE D 370 16.86 -68.25 15.91
CA PHE D 370 16.92 -69.70 15.87
C PHE D 370 16.45 -70.23 14.52
N ASP D 371 16.96 -71.41 14.16
CA ASP D 371 16.69 -72.03 12.87
C ASP D 371 15.67 -73.15 12.97
N GLU D 372 14.91 -73.21 14.07
CA GLU D 372 13.83 -74.18 14.27
C GLU D 372 14.43 -75.58 14.19
N ASP D 373 13.93 -76.46 13.33
CA ASP D 373 14.39 -77.85 13.28
C ASP D 373 15.83 -77.98 12.82
N THR D 374 16.36 -76.96 12.12
CA THR D 374 17.74 -77.02 11.67
C THR D 374 18.73 -76.98 12.83
N LYS D 375 18.30 -76.51 14.00
CA LYS D 375 19.13 -76.46 15.20
C LYS D 375 20.37 -75.60 15.02
N THR D 376 20.37 -74.69 14.06
CA THR D 376 21.51 -73.82 13.82
C THR D 376 21.47 -72.63 14.77
N ILE D 377 22.63 -72.33 15.37
CA ILE D 377 22.71 -71.20 16.30
C ILE D 377 22.54 -69.87 15.59
N ARG D 378 23.01 -69.76 14.35
CA ARG D 378 22.86 -68.56 13.53
C ARG D 378 23.53 -67.37 14.22
N ASN D 379 24.86 -67.51 14.32
CA ASN D 379 25.69 -66.63 15.13
C ASN D 379 25.79 -65.20 14.60
N ASN D 380 25.49 -64.99 13.31
CA ASN D 380 25.67 -63.67 12.72
C ASN D 380 24.50 -62.74 13.10
N SER D 381 23.46 -63.29 13.71
CA SER D 381 22.33 -62.48 14.13
C SER D 381 22.75 -61.47 15.20
N TRP D 382 22.07 -60.33 15.23
CA TRP D 382 22.45 -59.28 16.16
C TRP D 382 22.21 -59.69 17.60
N LEU D 383 21.14 -60.46 17.86
CA LEU D 383 20.82 -60.79 19.24
C LEU D 383 21.87 -61.70 19.85
N TYR D 384 22.39 -62.65 19.07
CA TYR D 384 23.45 -63.54 19.55
C TYR D 384 24.76 -62.79 19.77
N GLN D 385 25.09 -61.85 18.88
CA GLN D 385 26.25 -61.00 19.11
C GLN D 385 26.09 -60.21 20.40
N LEU D 386 24.89 -59.67 20.63
CA LEU D 386 24.64 -58.93 21.85
C LEU D 386 24.75 -59.84 23.07
N ALA D 387 24.27 -61.09 22.95
CA ALA D 387 24.40 -62.04 24.05
C ALA D 387 25.85 -62.34 24.36
N LEU D 388 26.67 -62.51 23.32
CA LEU D 388 28.09 -62.75 23.55
C LEU D 388 28.77 -61.54 24.19
N ASP D 389 28.41 -60.34 23.75
CA ASP D 389 29.07 -59.14 24.25
C ASP D 389 28.64 -58.82 25.68
N ILE D 390 27.33 -58.89 25.95
CA ILE D 390 26.77 -58.56 27.26
C ILE D 390 27.22 -59.54 28.33
N GLY D 391 27.68 -60.72 27.94
CA GLY D 391 28.02 -61.78 28.87
C GLY D 391 26.91 -62.82 28.95
N THR D 392 27.19 -63.86 29.74
CA THR D 392 26.31 -65.01 29.91
C THR D 392 25.87 -65.56 28.56
N PRO D 393 26.77 -66.15 27.78
CA PRO D 393 26.40 -66.67 26.47
C PRO D 393 25.52 -67.91 26.59
N TYR D 394 24.95 -68.30 25.45
CA TYR D 394 24.06 -69.44 25.40
C TYR D 394 24.82 -70.74 25.66
N GLN D 395 24.10 -71.73 26.18
CA GLN D 395 24.66 -73.04 26.46
C GLN D 395 23.57 -74.09 26.29
N PHE D 396 23.99 -75.34 26.09
CA PHE D 396 23.07 -76.44 25.87
C PHE D 396 23.48 -77.62 26.73
N ASN D 397 22.51 -78.48 27.02
CA ASN D 397 22.76 -79.67 27.83
C ASN D 397 22.81 -80.93 26.96
N LYS D 403 17.81 -78.65 24.71
CA LYS D 403 17.46 -77.39 25.34
C LYS D 403 18.60 -76.39 25.23
N TRP D 404 18.27 -75.11 25.31
CA TRP D 404 19.24 -74.03 25.19
C TRP D 404 19.04 -73.02 26.31
N GLU D 405 20.14 -72.37 26.69
CA GLU D 405 20.10 -71.40 27.78
C GLU D 405 19.33 -70.15 27.36
N GLY D 406 18.89 -69.39 28.36
CA GLY D 406 18.12 -68.18 28.09
C GLY D 406 18.94 -66.98 27.65
N GLY D 407 20.20 -66.91 28.07
CA GLY D 407 21.06 -65.81 27.71
C GLY D 407 20.61 -64.49 28.29
N PRO D 408 20.45 -63.48 27.43
CA PRO D 408 20.13 -62.14 27.90
C PRO D 408 18.73 -62.06 28.51
N SER D 409 18.59 -61.16 29.48
CA SER D 409 17.30 -60.91 30.11
C SER D 409 16.49 -59.91 29.30
N LYS D 410 15.16 -59.98 29.46
CA LYS D 410 14.27 -59.19 28.62
C LYS D 410 14.46 -57.69 28.84
N ASN D 411 14.78 -57.28 30.06
CA ASN D 411 14.97 -55.86 30.35
C ASN D 411 16.07 -55.25 29.49
N SER D 412 17.24 -55.87 29.48
CA SER D 412 18.34 -55.36 28.67
C SER D 412 18.03 -55.44 27.18
N VAL D 413 17.31 -56.49 26.76
CA VAL D 413 17.00 -56.64 25.34
C VAL D 413 16.09 -55.51 24.88
N TYR D 414 15.07 -55.18 25.69
CA TYR D 414 14.19 -54.06 25.36
C TYR D 414 14.97 -52.77 25.17
N ILE D 415 15.82 -52.42 26.14
CA ILE D 415 16.49 -51.13 26.05
C ILE D 415 17.51 -51.11 24.92
N SER D 416 18.15 -52.26 24.66
CA SER D 416 19.10 -52.32 23.55
C SER D 416 18.41 -52.12 22.22
N SER D 417 17.25 -52.77 22.03
CA SER D 417 16.46 -52.53 20.83
C SER D 417 16.04 -51.06 20.74
N LEU D 418 15.68 -50.47 21.88
CA LEU D 418 15.33 -49.06 21.90
C LEU D 418 16.49 -48.19 21.43
N TYR D 419 17.71 -48.47 21.91
CA TYR D 419 18.87 -47.72 21.44
C TYR D 419 19.05 -47.89 19.94
N PHE D 420 18.92 -49.12 19.45
CA PHE D 420 19.12 -49.34 18.02
C PHE D 420 18.18 -48.48 17.21
N THR D 421 16.90 -48.51 17.59
CA THR D 421 15.91 -47.68 16.92
C THR D 421 16.23 -46.20 17.04
N MET D 422 16.73 -45.80 18.21
CA MET D 422 16.87 -44.38 18.52
C MET D 422 18.06 -43.79 17.79
N THR D 423 19.16 -44.54 17.76
CA THR D 423 20.35 -44.17 16.98
C THR D 423 20.05 -44.25 15.49
N SER D 424 19.13 -45.13 15.07
CA SER D 424 18.74 -45.17 13.67
C SER D 424 17.93 -43.93 13.28
N LEU D 425 16.95 -43.58 14.11
CA LEU D 425 16.08 -42.45 13.80
C LEU D 425 16.85 -41.13 13.83
N THR D 426 17.68 -40.93 14.85
CA THR D 426 18.38 -39.65 14.92
C THR D 426 19.68 -39.63 14.14
N SER D 427 20.01 -40.70 13.43
CA SER D 427 21.09 -40.70 12.44
C SER D 427 22.45 -40.39 13.04
N VAL D 428 22.77 -40.96 14.20
CA VAL D 428 24.11 -40.89 14.75
C VAL D 428 24.88 -42.18 14.47
N GLY D 429 24.20 -43.32 14.50
CA GLY D 429 24.77 -44.58 14.06
C GLY D 429 26.06 -44.94 14.75
N PHE D 430 25.99 -45.31 16.04
CA PHE D 430 27.20 -45.55 16.79
C PHE D 430 28.00 -46.71 16.20
N GLY D 431 27.39 -47.87 16.05
CA GLY D 431 28.05 -48.99 15.43
C GLY D 431 28.35 -50.19 16.32
N ASN D 432 27.74 -50.28 17.50
CA ASN D 432 28.00 -51.44 18.36
C ASN D 432 27.08 -52.61 18.05
N ILE D 433 25.79 -52.35 17.84
CA ILE D 433 24.80 -53.39 17.59
C ILE D 433 24.33 -53.24 16.15
N ALA D 434 24.49 -54.29 15.36
CA ALA D 434 24.46 -54.19 13.91
C ALA D 434 23.33 -55.00 13.30
N PRO D 435 22.68 -54.46 12.28
CA PRO D 435 21.92 -55.31 11.36
C PRO D 435 22.88 -56.10 10.48
N SER D 436 22.66 -57.41 10.43
CA SER D 436 23.60 -58.29 9.75
C SER D 436 22.97 -59.28 8.80
N THR D 437 21.68 -59.59 8.94
CA THR D 437 21.01 -60.46 7.99
C THR D 437 20.07 -59.64 7.11
N ASP D 438 19.39 -60.34 6.21
CA ASP D 438 18.73 -59.71 5.07
C ASP D 438 17.55 -58.85 5.53
N ILE D 439 16.79 -59.35 6.50
CA ILE D 439 15.58 -58.65 6.90
C ILE D 439 15.90 -57.50 7.84
N GLU D 440 16.90 -57.67 8.70
CA GLU D 440 17.41 -56.51 9.42
C GLU D 440 17.86 -55.46 8.43
N LYS D 441 18.29 -55.92 7.25
CA LYS D 441 18.86 -55.05 6.23
C LYS D 441 17.78 -54.13 5.72
N ILE D 442 16.68 -54.74 5.25
CA ILE D 442 15.53 -53.99 4.71
C ILE D 442 14.87 -53.16 5.80
N PHE D 443 14.85 -53.67 7.03
CA PHE D 443 14.32 -52.87 8.12
C PHE D 443 15.14 -51.61 8.34
N ALA D 444 16.47 -51.72 8.28
CA ALA D 444 17.29 -50.53 8.39
C ALA D 444 16.94 -49.56 7.28
N VAL D 445 16.78 -50.07 6.06
CA VAL D 445 16.32 -49.24 4.94
C VAL D 445 15.09 -48.41 5.31
N ALA D 446 14.02 -49.09 5.74
CA ALA D 446 12.78 -48.37 6.01
C ALA D 446 12.95 -47.39 7.16
N ILE D 447 13.61 -47.82 8.24
CA ILE D 447 13.73 -47.00 9.43
C ILE D 447 14.52 -45.73 9.12
N MET D 448 15.59 -45.86 8.35
CA MET D 448 16.41 -44.69 8.05
C MET D 448 15.68 -43.71 7.13
N MET D 449 14.94 -44.23 6.13
CA MET D 449 14.08 -43.34 5.35
C MET D 449 13.12 -42.53 6.22
N ILE D 450 12.29 -43.22 7.02
CA ILE D 450 11.25 -42.51 7.76
C ILE D 450 11.88 -41.56 8.80
N GLY D 451 13.02 -41.97 9.38
CA GLY D 451 13.71 -41.10 10.30
C GLY D 451 14.21 -39.83 9.65
N SER D 452 14.77 -39.95 8.44
CA SER D 452 15.20 -38.75 7.72
C SER D 452 14.02 -37.81 7.46
N LEU D 453 12.89 -38.38 7.05
CA LEU D 453 11.71 -37.54 6.80
C LEU D 453 11.31 -36.78 8.06
N LEU D 454 11.20 -37.48 9.19
CA LEU D 454 10.72 -36.83 10.40
C LEU D 454 11.74 -35.83 10.93
N TYR D 455 13.03 -36.14 10.75
CA TYR D 455 14.12 -35.23 11.07
C TYR D 455 13.98 -33.91 10.32
N ALA D 456 13.74 -34.00 9.01
CA ALA D 456 13.52 -32.82 8.20
C ALA D 456 12.30 -32.04 8.70
N THR D 457 11.24 -32.76 9.08
CA THR D 457 10.05 -32.08 9.58
C THR D 457 10.35 -31.27 10.84
N ILE D 458 11.08 -31.87 11.78
CA ILE D 458 11.45 -31.16 13.00
C ILE D 458 12.21 -29.89 12.67
N PHE D 459 13.20 -30.01 11.78
CA PHE D 459 14.02 -28.84 11.46
C PHE D 459 13.19 -27.72 10.83
N GLY D 460 12.32 -28.06 9.88
CA GLY D 460 11.49 -27.04 9.27
C GLY D 460 10.63 -26.32 10.28
N ASN D 461 9.99 -27.08 11.17
CA ASN D 461 9.10 -26.46 12.16
C ASN D 461 9.89 -25.52 13.08
N VAL D 462 11.05 -25.96 13.56
CA VAL D 462 11.79 -25.15 14.53
C VAL D 462 12.33 -23.88 13.86
N THR D 463 12.75 -23.99 12.59
CA THR D 463 13.20 -22.80 11.86
C THR D 463 12.07 -21.82 11.66
N THR D 464 10.87 -22.33 11.34
CA THR D 464 9.72 -21.43 11.20
C THR D 464 9.47 -20.68 12.50
N ILE D 465 9.62 -21.36 13.64
CA ILE D 465 9.39 -20.70 14.92
C ILE D 465 10.38 -19.56 15.10
N PHE D 466 11.67 -19.83 14.84
CA PHE D 466 12.68 -18.80 15.04
C PHE D 466 12.45 -17.59 14.15
N GLN D 467 12.15 -17.82 12.88
CA GLN D 467 11.94 -16.67 12.00
C GLN D 467 10.69 -15.88 12.40
N GLN D 468 9.62 -16.58 12.81
CA GLN D 468 8.45 -15.86 13.28
C GLN D 468 8.71 -15.09 14.57
N MET D 469 9.56 -15.60 15.46
CA MET D 469 9.80 -14.84 16.69
C MET D 469 10.67 -13.62 16.41
N TYR D 470 11.64 -13.75 15.51
CA TYR D 470 12.59 -12.66 15.32
C TYR D 470 12.23 -11.71 14.18
N ALA D 471 11.07 -11.89 13.53
CA ALA D 471 10.73 -11.03 12.40
C ALA D 471 10.67 -9.55 12.78
N ASN D 472 9.92 -9.21 13.84
CA ASN D 472 9.55 -7.82 14.07
C ASN D 472 10.73 -6.97 14.55
N THR D 473 11.60 -7.55 15.37
CA THR D 473 12.72 -6.79 15.91
C THR D 473 13.61 -6.25 14.79
N ASN D 474 13.85 -7.09 13.78
CA ASN D 474 14.72 -6.68 12.68
C ASN D 474 14.09 -5.54 11.87
N ARG D 475 12.79 -5.61 11.60
CA ARG D 475 12.16 -4.55 10.83
C ARG D 475 12.19 -3.23 11.60
N TYR D 476 11.93 -3.28 12.91
CA TYR D 476 11.99 -2.05 13.70
C TYR D 476 13.40 -1.46 13.71
N HIS D 477 14.41 -2.32 13.90
CA HIS D 477 15.78 -1.84 13.92
C HIS D 477 16.19 -1.28 12.57
N GLU D 478 15.76 -1.91 11.48
CA GLU D 478 16.08 -1.41 10.15
C GLU D 478 15.45 -0.05 9.91
N MET D 479 14.19 0.12 10.32
CA MET D 479 13.54 1.43 10.16
C MET D 479 14.27 2.50 10.96
N LEU D 480 14.66 2.17 12.21
CA LEU D 480 15.38 3.13 13.03
C LEU D 480 16.71 3.50 12.39
N ASN D 481 17.44 2.50 11.87
CA ASN D 481 18.73 2.77 11.25
C ASN D 481 18.57 3.62 10.00
N SER D 482 17.52 3.36 9.21
CA SER D 482 17.25 4.19 8.04
C SER D 482 16.97 5.64 8.44
N VAL D 483 16.18 5.84 9.50
CA VAL D 483 15.90 7.19 9.97
C VAL D 483 17.18 7.87 10.43
N ARG D 484 18.03 7.12 11.14
CA ARG D 484 19.29 7.68 11.62
C ARG D 484 20.19 8.08 10.46
N ASP D 485 20.27 7.25 9.42
CA ASP D 485 21.06 7.59 8.25
C ASP D 485 20.51 8.83 7.57
N PHE D 486 19.17 8.93 7.47
CA PHE D 486 18.58 10.10 6.84
C PHE D 486 18.91 11.37 7.61
N LEU D 487 18.83 11.33 8.94
CA LEU D 487 19.13 12.52 9.72
C LEU D 487 20.62 12.84 9.64
N LYS D 488 21.47 11.82 9.56
CA LYS D 488 22.91 12.07 9.43
C LYS D 488 23.23 12.73 8.09
N LEU D 489 22.51 12.35 7.02
CA LEU D 489 22.84 12.85 5.70
C LEU D 489 22.64 14.36 5.60
N TYR D 490 21.52 14.87 6.11
CA TYR D 490 21.16 16.26 5.87
C TYR D 490 21.64 17.22 6.95
N GLN D 491 22.67 16.85 7.71
CA GLN D 491 23.36 17.75 8.63
C GLN D 491 22.42 18.38 9.65
N VAL D 492 21.44 17.61 10.14
CA VAL D 492 20.54 18.16 11.15
C VAL D 492 21.30 18.30 12.47
N PRO D 493 21.12 19.40 13.20
CA PRO D 493 21.82 19.54 14.49
C PRO D 493 21.28 18.57 15.52
N LYS D 494 22.04 18.42 16.61
CA LYS D 494 21.68 17.48 17.65
C LYS D 494 20.37 17.88 18.33
N GLY D 495 20.15 19.19 18.52
CA GLY D 495 18.97 19.64 19.24
C GLY D 495 17.67 19.19 18.61
N LEU D 496 17.69 18.90 17.31
CA LEU D 496 16.50 18.45 16.59
C LEU D 496 16.52 16.95 16.33
N SER D 497 17.71 16.38 16.06
CA SER D 497 17.82 14.94 15.87
C SER D 497 17.43 14.20 17.15
N GLU D 498 17.85 14.71 18.30
CA GLU D 498 17.47 14.10 19.57
C GLU D 498 15.96 14.10 19.73
N ARG D 499 15.32 15.22 19.41
CA ARG D 499 13.86 15.30 19.55
C ARG D 499 13.16 14.32 18.62
N VAL D 500 13.60 14.23 17.36
CA VAL D 500 12.91 13.35 16.43
C VAL D 500 13.09 11.89 16.83
N MET D 501 14.29 11.51 17.27
CA MET D 501 14.50 10.12 17.65
C MET D 501 13.77 9.77 18.94
N ASP D 502 13.75 10.69 19.91
CA ASP D 502 12.92 10.46 21.10
C ASP D 502 11.46 10.30 20.74
N TYR D 503 10.94 11.16 19.85
CA TYR D 503 9.55 11.04 19.46
C TYR D 503 9.27 9.69 18.81
N ILE D 504 10.16 9.26 17.91
CA ILE D 504 9.95 8.01 17.20
C ILE D 504 9.96 6.84 18.18
N VAL D 505 10.96 6.80 19.06
CA VAL D 505 11.08 5.66 19.98
C VAL D 505 9.91 5.63 20.95
N SER D 506 9.48 6.81 21.42
CA SER D 506 8.37 6.85 22.36
C SER D 506 7.06 6.42 21.70
N THR D 507 6.79 6.91 20.49
CA THR D 507 5.55 6.55 19.83
C THR D 507 5.55 5.09 19.42
N TRP D 508 6.71 4.52 19.10
CA TRP D 508 6.77 3.10 18.81
C TRP D 508 6.57 2.27 20.08
N SER D 509 7.15 2.71 21.20
CA SER D 509 6.99 1.97 22.45
C SER D 509 5.53 2.00 22.90
N MET D 510 4.84 3.11 22.71
CA MET D 510 3.46 3.21 23.16
C MET D 510 2.49 2.55 22.18
N SER D 511 2.51 2.95 20.92
CA SER D 511 1.54 2.45 19.95
C SER D 511 1.85 1.04 19.46
N ARG D 512 3.11 0.61 19.53
CA ARG D 512 3.55 -0.69 19.03
C ARG D 512 3.19 -0.79 17.55
N GLY D 513 2.98 -2.00 17.06
CA GLY D 513 2.65 -2.21 15.66
C GLY D 513 1.16 -2.23 15.39
N ILE D 514 0.43 -1.27 15.94
CA ILE D 514 -1.02 -1.17 15.78
C ILE D 514 -1.37 0.20 15.24
N ASP D 515 -2.21 0.22 14.21
CA ASP D 515 -2.70 1.47 13.62
C ASP D 515 -4.12 1.73 14.11
N THR D 516 -4.31 2.83 14.83
CA THR D 516 -5.64 3.17 15.34
C THR D 516 -6.62 3.42 14.21
N GLU D 517 -6.17 4.13 13.16
CA GLU D 517 -7.04 4.41 12.03
C GLU D 517 -7.48 3.14 11.34
N LYS D 518 -6.54 2.21 11.12
CA LYS D 518 -6.89 0.94 10.47
C LYS D 518 -7.89 0.16 11.30
N VAL D 519 -7.67 0.09 12.62
CA VAL D 519 -8.60 -0.60 13.50
C VAL D 519 -9.98 0.03 13.42
N LEU D 520 -10.03 1.36 13.36
CA LEU D 520 -11.32 2.04 13.21
C LEU D 520 -11.99 1.68 11.90
N GLN D 521 -11.25 1.75 10.79
CA GLN D 521 -11.86 1.49 9.48
C GLN D 521 -12.28 0.03 9.33
N ILE D 522 -11.69 -0.88 10.10
CA ILE D 522 -12.11 -2.27 10.04
C ILE D 522 -13.56 -2.42 10.46
N CYS D 523 -13.95 -1.77 11.55
CA CYS D 523 -15.31 -1.89 12.05
C CYS D 523 -16.29 -1.15 11.15
N PRO D 524 -17.57 -1.56 11.16
CA PRO D 524 -18.58 -0.87 10.33
C PRO D 524 -18.98 0.47 10.92
N LYS D 525 -19.91 1.17 10.25
CA LYS D 525 -20.19 2.56 10.58
C LYS D 525 -20.74 2.71 11.99
N ASP D 526 -21.66 1.82 12.39
CA ASP D 526 -22.27 1.95 13.71
C ASP D 526 -21.25 1.74 14.81
N MET D 527 -20.45 0.68 14.70
CA MET D 527 -19.41 0.44 15.68
C MET D 527 -18.38 1.56 15.66
N ARG D 528 -18.07 2.09 14.47
CA ARG D 528 -17.13 3.21 14.39
C ARG D 528 -17.65 4.41 15.17
N ALA D 529 -18.93 4.74 14.99
CA ALA D 529 -19.49 5.89 15.70
C ALA D 529 -19.51 5.65 17.21
N ASP D 530 -19.88 4.43 17.63
CA ASP D 530 -19.90 4.13 19.06
C ASP D 530 -18.51 4.20 19.66
N ILE D 531 -17.50 3.68 18.95
CA ILE D 531 -16.12 3.79 19.41
C ILE D 531 -15.70 5.24 19.52
N CYS D 532 -16.06 6.06 18.54
CA CYS D 532 -15.69 7.48 18.60
C CYS D 532 -16.33 8.15 19.82
N VAL D 533 -17.60 7.84 20.08
CA VAL D 533 -18.27 8.39 21.25
C VAL D 533 -17.56 7.97 22.53
N HIS D 534 -17.18 6.69 22.62
CA HIS D 534 -16.50 6.21 23.81
C HIS D 534 -15.14 6.88 23.99
N LEU D 535 -14.37 6.99 22.90
CA LEU D 535 -13.06 7.64 22.97
C LEU D 535 -13.15 9.11 23.36
N ASN D 536 -14.17 9.81 22.90
CA ASN D 536 -14.27 11.23 23.20
C ASN D 536 -15.24 11.54 24.33
N ARG D 537 -15.73 10.51 25.05
CA ARG D 537 -16.79 10.72 26.02
C ARG D 537 -16.42 11.71 27.11
N LYS D 538 -15.13 11.87 27.38
CA LYS D 538 -14.72 12.77 28.45
C LYS D 538 -15.22 14.18 28.19
N VAL D 539 -14.98 14.70 26.97
CA VAL D 539 -15.27 16.10 26.69
C VAL D 539 -16.78 16.34 26.67
N PHE D 540 -17.56 15.40 26.14
CA PHE D 540 -19.01 15.61 26.15
C PHE D 540 -19.55 15.65 27.58
N LYS D 541 -19.19 14.65 28.39
CA LYS D 541 -19.80 14.52 29.71
C LYS D 541 -19.28 15.55 30.71
N GLU D 542 -18.09 16.10 30.49
CA GLU D 542 -17.61 17.11 31.42
C GLU D 542 -17.97 18.53 30.98
N HIS D 543 -17.76 18.87 29.71
CA HIS D 543 -18.00 20.22 29.25
C HIS D 543 -19.49 20.53 29.23
N PRO D 544 -19.95 21.61 29.87
CA PRO D 544 -21.38 21.91 29.89
C PRO D 544 -21.96 22.24 28.52
N ALA D 545 -21.13 22.62 27.55
CA ALA D 545 -21.64 23.01 26.25
C ALA D 545 -22.27 21.85 25.49
N PHE D 546 -21.97 20.61 25.87
CA PHE D 546 -22.49 19.44 25.19
C PHE D 546 -23.64 18.78 25.93
N ARG D 547 -24.14 19.41 27.00
CA ARG D 547 -25.21 18.80 27.78
C ARG D 547 -26.57 18.92 27.12
N LEU D 548 -26.68 19.67 26.01
CA LEU D 548 -27.91 19.74 25.23
C LEU D 548 -27.76 19.06 23.88
N ALA D 549 -26.89 18.06 23.79
CA ALA D 549 -26.58 17.43 22.52
C ALA D 549 -27.49 16.22 22.29
N SER D 550 -28.11 16.18 21.12
CA SER D 550 -28.86 15.01 20.70
C SER D 550 -27.89 13.92 20.24
N ASP D 551 -28.42 12.71 20.08
CA ASP D 551 -27.58 11.58 19.68
C ASP D 551 -27.01 11.79 18.28
N GLY D 552 -27.82 12.30 17.36
CA GLY D 552 -27.34 12.48 15.99
C GLY D 552 -26.21 13.48 15.88
N CYS D 553 -26.39 14.65 16.51
CA CYS D 553 -25.33 15.66 16.48
C CYS D 553 -24.12 15.19 17.26
N LEU D 554 -24.33 14.51 18.39
CA LEU D 554 -23.22 13.97 19.16
C LEU D 554 -22.39 13.02 18.32
N ARG D 555 -23.05 12.14 17.56
CA ARG D 555 -22.33 11.18 16.73
C ARG D 555 -21.64 11.86 15.55
N ALA D 556 -22.33 12.81 14.92
CA ALA D 556 -21.73 13.51 13.79
C ALA D 556 -20.50 14.29 14.21
N LEU D 557 -20.50 14.83 15.43
CA LEU D 557 -19.30 15.47 15.95
C LEU D 557 -18.23 14.44 16.33
N ALA D 558 -18.63 13.35 17.00
CA ALA D 558 -17.67 12.37 17.48
C ALA D 558 -16.93 11.71 16.34
N MET D 559 -17.56 11.58 15.17
CA MET D 559 -16.87 11.01 14.03
C MET D 559 -15.63 11.81 13.67
N GLU D 560 -15.62 13.11 13.98
CA GLU D 560 -14.54 13.97 13.48
C GLU D 560 -13.42 14.18 14.49
N PHE D 561 -13.73 14.26 15.80
CA PHE D 561 -12.71 14.62 16.78
C PHE D 561 -11.50 13.71 16.69
N GLN D 562 -10.32 14.31 16.77
CA GLN D 562 -9.05 13.61 16.74
C GLN D 562 -8.24 13.98 17.98
N THR D 563 -7.64 12.97 18.61
CA THR D 563 -6.88 13.16 19.84
C THR D 563 -5.40 13.35 19.52
N VAL D 564 -4.74 14.21 20.29
CA VAL D 564 -3.33 14.54 20.08
C VAL D 564 -2.61 14.41 21.41
N HIS D 565 -1.50 13.67 21.40
CA HIS D 565 -0.62 13.57 22.55
C HIS D 565 0.57 14.50 22.32
N CYS D 566 0.75 15.48 23.19
CA CYS D 566 1.80 16.47 23.05
C CYS D 566 2.80 16.31 24.19
N ALA D 567 4.07 16.17 23.85
CA ALA D 567 5.14 16.08 24.82
C ALA D 567 5.42 17.44 25.43
N PRO D 568 6.02 17.48 26.62
CA PRO D 568 6.41 18.77 27.19
C PRO D 568 7.42 19.49 26.30
N GLY D 569 7.23 20.79 26.15
CA GLY D 569 8.13 21.63 25.38
C GLY D 569 7.73 21.87 23.95
N ASP D 570 6.85 21.05 23.38
CA ASP D 570 6.43 21.26 21.99
C ASP D 570 5.37 22.35 21.91
N LEU D 571 5.35 23.03 20.77
CA LEU D 571 4.39 24.11 20.54
C LEU D 571 3.30 23.65 19.58
N ILE D 572 2.12 24.23 19.73
CA ILE D 572 0.94 23.87 18.96
C ILE D 572 0.61 24.93 17.92
N TYR D 573 0.41 26.17 18.38
CA TYR D 573 0.01 27.28 17.51
C TYR D 573 1.07 28.36 17.60
N HIS D 574 1.85 28.52 16.52
CA HIS D 574 2.88 29.52 16.49
C HIS D 574 2.30 30.89 16.16
N ALA D 575 2.97 31.94 16.64
CA ALA D 575 2.62 33.29 16.25
C ALA D 575 2.80 33.46 14.75
N GLY D 576 1.80 34.05 14.09
CA GLY D 576 1.79 34.18 12.66
C GLY D 576 1.06 33.08 11.92
N GLU D 577 0.73 31.98 12.59
CA GLU D 577 0.06 30.87 11.94
C GLU D 577 -1.44 31.09 11.93
N SER D 578 -2.10 30.56 10.91
CA SER D 578 -3.56 30.64 10.83
C SER D 578 -4.18 29.68 11.85
N VAL D 579 -5.19 30.18 12.56
CA VAL D 579 -5.92 29.38 13.53
C VAL D 579 -7.19 28.85 12.86
N ASP D 580 -7.33 27.52 12.81
CA ASP D 580 -8.46 26.93 12.12
C ASP D 580 -9.04 25.72 12.85
N SER D 581 -8.79 25.57 14.15
CA SER D 581 -9.20 24.34 14.83
C SER D 581 -9.47 24.64 16.30
N LEU D 582 -10.68 24.31 16.76
CA LEU D 582 -10.98 24.38 18.18
C LEU D 582 -10.49 23.11 18.87
N CYS D 583 -9.97 23.28 20.09
CA CYS D 583 -9.34 22.16 20.77
C CYS D 583 -9.58 22.23 22.27
N PHE D 584 -9.97 21.10 22.86
CA PHE D 584 -10.29 21.00 24.28
C PHE D 584 -9.16 20.31 25.01
N VAL D 585 -8.80 20.84 26.18
CA VAL D 585 -7.77 20.24 27.01
C VAL D 585 -8.44 19.26 27.98
N VAL D 586 -7.95 18.03 27.99
CA VAL D 586 -8.50 17.00 28.88
C VAL D 586 -7.51 16.56 29.95
N SER D 587 -6.21 16.72 29.72
CA SER D 587 -5.21 16.33 30.72
C SER D 587 -4.05 17.30 30.68
N GLY D 588 -3.35 17.40 31.80
CA GLY D 588 -2.18 18.25 31.89
C GLY D 588 -2.53 19.73 31.87
N SER D 589 -1.57 20.55 31.44
CA SER D 589 -1.74 21.99 31.44
C SER D 589 -0.89 22.62 30.34
N LEU D 590 -1.42 23.71 29.78
CA LEU D 590 -0.80 24.42 28.67
C LEU D 590 -0.69 25.90 29.01
N GLU D 591 0.27 26.59 28.38
CA GLU D 591 0.43 28.02 28.58
C GLU D 591 0.46 28.72 27.23
N VAL D 592 0.07 29.98 27.24
CA VAL D 592 0.14 30.84 26.06
C VAL D 592 1.13 31.97 26.36
N ILE D 593 2.09 32.17 25.44
CA ILE D 593 3.14 33.15 25.61
C ILE D 593 2.98 34.21 24.54
N GLN D 594 3.09 35.48 24.94
CA GLN D 594 2.94 36.60 24.01
C GLN D 594 4.04 37.61 24.31
N ASP D 595 4.86 37.90 23.30
CA ASP D 595 5.95 38.87 23.41
C ASP D 595 6.90 38.50 24.54
N ASP D 596 7.10 37.20 24.74
CA ASP D 596 7.95 36.65 25.80
C ASP D 596 7.40 37.04 27.18
N GLU D 597 6.08 36.97 27.31
CA GLU D 597 5.41 37.16 28.59
C GLU D 597 4.19 36.26 28.65
N VAL D 598 3.92 35.74 29.85
CA VAL D 598 2.79 34.84 30.06
C VAL D 598 1.53 35.68 30.31
N VAL D 599 0.49 35.40 29.53
CA VAL D 599 -0.77 36.11 29.66
C VAL D 599 -1.88 35.22 30.21
N ALA D 600 -1.82 33.91 29.99
CA ALA D 600 -2.81 33.00 30.52
C ALA D 600 -2.21 31.61 30.62
N ILE D 601 -2.81 30.80 31.49
CA ILE D 601 -2.40 29.41 31.69
C ILE D 601 -3.66 28.55 31.60
N LEU D 602 -3.52 27.38 30.99
CA LEU D 602 -4.66 26.53 30.69
C LEU D 602 -4.54 25.21 31.43
N GLY D 603 -5.68 24.72 31.92
CA GLY D 603 -5.70 23.47 32.66
C GLY D 603 -6.74 22.49 32.16
N LYS D 604 -7.20 21.60 33.04
CA LYS D 604 -8.19 20.61 32.65
C LYS D 604 -9.53 21.27 32.38
N GLY D 605 -10.24 20.74 31.38
CA GLY D 605 -11.56 21.23 31.04
C GLY D 605 -11.56 22.66 30.54
N ASP D 606 -10.61 23.02 29.70
CA ASP D 606 -10.52 24.36 29.15
C ASP D 606 -10.34 24.27 27.64
N VAL D 607 -10.90 25.25 26.93
CA VAL D 607 -10.88 25.29 25.48
C VAL D 607 -10.36 26.64 25.03
N PHE D 608 -9.66 26.67 23.90
CA PHE D 608 -9.12 27.91 23.37
C PHE D 608 -9.08 27.85 21.85
N GLY D 609 -9.35 28.99 21.22
CA GLY D 609 -9.42 29.08 19.77
C GLY D 609 -10.07 30.37 19.32
N ASP D 610 -11.05 30.27 18.42
CA ASP D 610 -11.77 31.44 17.93
C ASP D 610 -13.19 31.02 17.58
N VAL D 611 -14.09 32.01 17.57
CA VAL D 611 -15.49 31.77 17.23
C VAL D 611 -15.65 31.71 15.71
N PHE D 612 -15.50 30.51 15.15
CA PHE D 612 -15.55 30.36 13.70
C PHE D 612 -16.93 30.64 13.15
N TRP D 613 -17.96 30.18 13.85
CA TRP D 613 -19.33 30.32 13.36
C TRP D 613 -19.80 31.78 13.35
N LYS D 614 -19.17 32.64 14.14
CA LYS D 614 -19.56 34.05 14.20
C LYS D 614 -18.64 34.96 13.39
N GLU D 615 -17.32 34.77 13.51
CA GLU D 615 -16.40 35.58 12.73
C GLU D 615 -16.53 35.29 11.23
N ALA D 616 -16.70 34.03 10.87
CA ALA D 616 -16.83 33.59 9.48
C ALA D 616 -15.62 34.00 8.65
N THR D 617 -14.46 34.11 9.28
CA THR D 617 -13.23 34.43 8.57
C THR D 617 -12.05 33.93 9.39
N LEU D 618 -10.97 33.63 8.67
CA LEU D 618 -9.72 33.21 9.27
C LEU D 618 -8.91 34.39 9.78
N ALA D 619 -8.08 34.12 10.79
CA ALA D 619 -7.29 35.16 11.44
C ALA D 619 -5.92 34.62 11.82
N GLN D 620 -4.98 35.54 12.01
CA GLN D 620 -3.62 35.20 12.40
C GLN D 620 -3.53 34.95 13.91
N SER D 621 -2.74 33.95 14.29
CA SER D 621 -2.47 33.72 15.70
C SER D 621 -1.59 34.82 16.26
N CYS D 622 -2.01 35.41 17.39
CA CYS D 622 -1.32 36.53 17.97
C CYS D 622 -0.35 36.14 19.09
N ALA D 623 -0.27 34.85 19.41
CA ALA D 623 0.61 34.41 20.50
C ALA D 623 0.92 32.94 20.32
N ASN D 624 2.02 32.51 20.95
CA ASN D 624 2.40 31.11 20.92
C ASN D 624 1.83 30.36 22.12
N VAL D 625 1.49 29.10 21.90
CA VAL D 625 1.04 28.20 22.96
C VAL D 625 2.06 27.06 23.06
N ARG D 626 2.53 26.80 24.27
CA ARG D 626 3.59 25.83 24.52
C ARG D 626 3.14 24.80 25.53
N ALA D 627 3.62 23.57 25.36
CA ALA D 627 3.31 22.49 26.29
C ALA D 627 4.14 22.60 27.56
N LEU D 628 3.52 22.25 28.67
CA LEU D 628 4.21 22.15 29.96
C LEU D 628 4.37 20.71 30.43
N THR D 629 3.26 20.00 30.58
CA THR D 629 3.21 18.63 31.07
C THR D 629 2.76 17.73 29.92
N TYR D 630 2.85 16.42 30.12
CA TYR D 630 2.31 15.47 29.15
C TYR D 630 0.80 15.65 29.08
N CYS D 631 0.32 16.23 27.98
CA CYS D 631 -1.08 16.61 27.88
C CYS D 631 -1.74 15.89 26.71
N ASP D 632 -3.07 15.81 26.77
CA ASP D 632 -3.89 15.21 25.74
C ASP D 632 -4.88 16.25 25.24
N LEU D 633 -4.95 16.41 23.92
CA LEU D 633 -5.80 17.42 23.29
C LEU D 633 -6.83 16.75 22.39
N HIS D 634 -7.99 17.39 22.30
CA HIS D 634 -9.09 16.92 21.45
C HIS D 634 -9.42 18.06 20.48
N VAL D 635 -8.97 17.92 19.24
CA VAL D 635 -9.01 19.00 18.26
C VAL D 635 -10.14 18.77 17.26
N ILE D 636 -10.80 19.85 16.87
CA ILE D 636 -11.85 19.83 15.85
C ILE D 636 -11.51 20.85 14.76
N LYS D 637 -11.64 20.44 13.50
CA LYS D 637 -11.42 21.34 12.38
C LYS D 637 -12.60 22.31 12.23
N ARG D 638 -12.32 23.45 11.59
CA ARG D 638 -13.33 24.51 11.50
C ARG D 638 -14.41 24.17 10.49
N ASP D 639 -14.04 23.59 9.34
CA ASP D 639 -15.01 23.35 8.28
C ASP D 639 -16.06 22.31 8.71
N ALA D 640 -15.60 21.20 9.30
CA ALA D 640 -16.54 20.17 9.73
C ALA D 640 -17.45 20.66 10.85
N LEU D 641 -16.89 21.42 11.80
CA LEU D 641 -17.73 21.96 12.87
C LEU D 641 -18.78 22.91 12.30
N GLN D 642 -18.37 23.77 11.35
CA GLN D 642 -19.32 24.70 10.76
C GLN D 642 -20.42 23.96 10.02
N LYS D 643 -20.07 22.92 9.26
CA LYS D 643 -21.06 22.15 8.54
C LYS D 643 -22.05 21.48 9.50
N VAL D 644 -21.52 20.89 10.57
CA VAL D 644 -22.39 20.20 11.52
C VAL D 644 -23.32 21.20 12.22
N LEU D 645 -22.79 22.35 12.64
CA LEU D 645 -23.61 23.30 13.38
C LEU D 645 -24.67 23.93 12.48
N GLU D 646 -24.34 24.20 11.21
CA GLU D 646 -25.35 24.73 10.32
C GLU D 646 -26.39 23.67 9.97
N PHE D 647 -25.98 22.39 9.93
CA PHE D 647 -26.96 21.31 9.79
C PHE D 647 -27.90 21.26 10.99
N TYR D 648 -27.35 21.35 12.20
CA TYR D 648 -28.13 21.26 13.43
C TYR D 648 -28.34 22.67 13.99
N THR D 649 -29.30 23.39 13.39
CA THR D 649 -29.55 24.76 13.79
C THR D 649 -30.04 24.84 15.24
N ALA D 650 -30.93 23.93 15.62
CA ALA D 650 -31.46 23.94 16.98
C ALA D 650 -30.34 23.74 18.00
N PHE D 651 -29.42 22.82 17.71
CA PHE D 651 -28.28 22.64 18.61
C PHE D 651 -27.39 23.88 18.64
N SER D 652 -27.18 24.51 17.49
CA SER D 652 -26.28 25.67 17.45
C SER D 652 -26.85 26.83 18.26
N HIS D 653 -28.17 27.00 18.24
CA HIS D 653 -28.77 28.11 18.98
C HIS D 653 -28.47 28.06 20.47
N SER D 654 -28.12 26.90 21.02
CA SER D 654 -27.67 26.78 22.40
C SER D 654 -26.15 26.63 22.50
N PHE D 655 -25.53 26.01 21.50
CA PHE D 655 -24.08 25.84 21.52
C PHE D 655 -23.36 27.17 21.49
N SER D 656 -23.84 28.10 20.66
CA SER D 656 -23.23 29.43 20.60
C SER D 656 -23.38 30.17 21.93
N ARG D 657 -24.54 30.03 22.58
CA ARG D 657 -24.80 30.76 23.81
C ARG D 657 -24.04 30.15 25.00
N ASN D 658 -23.86 28.83 25.01
CA ASN D 658 -23.25 28.18 26.15
C ASN D 658 -21.74 28.06 26.05
N LEU D 659 -21.19 27.94 24.85
CA LEU D 659 -19.76 27.78 24.69
C LEU D 659 -19.06 29.13 24.84
N ILE D 660 -18.19 29.23 25.83
CA ILE D 660 -17.37 30.42 26.04
C ILE D 660 -15.90 29.99 26.03
N LEU D 661 -15.11 30.65 25.21
CA LEU D 661 -13.68 30.39 25.14
C LEU D 661 -12.96 30.87 26.39
N THR D 662 -11.93 30.13 26.80
CA THR D 662 -11.08 30.58 27.88
C THR D 662 -10.14 31.68 27.42
N TYR D 663 -9.56 31.52 26.23
CA TYR D 663 -8.70 32.53 25.63
C TYR D 663 -8.92 32.55 24.12
N ASN D 664 -9.03 33.76 23.56
CA ASN D 664 -9.23 33.94 22.13
C ASN D 664 -7.89 34.22 21.47
N LEU D 665 -7.52 33.37 20.51
CA LEU D 665 -6.24 33.55 19.83
C LEU D 665 -6.24 34.79 18.94
N ARG D 666 -7.39 35.09 18.32
CA ARG D 666 -7.47 36.27 17.46
C ARG D 666 -7.29 37.55 18.26
N LYS D 667 -7.94 37.64 19.42
CA LYS D 667 -7.82 38.82 20.26
C LYS D 667 -6.50 38.80 21.02
N ARG D 668 -5.88 39.96 21.15
CA ARG D 668 -4.57 40.08 21.80
C ARG D 668 -4.54 41.35 22.62
N ILE D 669 -3.85 41.28 23.76
CA ILE D 669 -3.84 42.37 24.73
C ILE D 669 -2.60 43.24 24.53
N VAL D 670 -2.73 44.51 24.92
CA VAL D 670 -1.61 45.45 24.91
C VAL D 670 -1.25 45.77 26.36
N PHE D 671 0.01 46.10 26.60
CA PHE D 671 0.50 46.29 27.95
C PHE D 671 1.86 46.96 27.91
N ARG D 672 2.43 47.14 29.10
CA ARG D 672 3.76 47.71 29.29
C ARG D 672 4.55 46.86 30.27
N LYS D 673 5.84 47.16 30.40
CA LYS D 673 6.72 46.40 31.28
C LYS D 673 7.21 47.28 32.43
N ILE D 674 7.56 46.62 33.55
CA ILE D 674 8.01 47.33 34.73
C ILE D 674 9.38 47.97 34.48
N SER D 675 10.30 47.20 33.89
CA SER D 675 11.63 47.74 33.61
C SER D 675 11.55 48.91 32.63
N ASP D 676 10.66 48.80 31.64
CA ASP D 676 10.53 49.86 30.64
C ASP D 676 10.04 51.16 31.28
N VAL D 677 9.00 51.08 32.10
CA VAL D 677 8.47 52.29 32.73
C VAL D 677 9.47 52.85 33.75
N LYS D 678 10.21 51.96 34.43
CA LYS D 678 11.24 52.43 35.35
C LYS D 678 12.34 53.20 34.62
N ARG D 679 12.79 52.68 33.48
CA ARG D 679 13.83 53.37 32.72
C ARG D 679 13.28 54.65 32.10
N GLU D 680 12.00 54.65 31.73
CA GLU D 680 11.38 55.88 31.24
C GLU D 680 11.34 56.95 32.32
N GLU D 681 11.01 56.56 33.55
CA GLU D 681 11.01 57.50 34.66
C GLU D 681 12.42 58.02 34.94
N GLU D 682 13.42 57.14 34.87
CA GLU D 682 14.79 57.57 35.07
C GLU D 682 15.23 58.54 33.98
N GLU D 683 14.86 58.26 32.72
CA GLU D 683 15.24 59.12 31.61
C GLU D 683 14.57 60.48 31.73
N ARG D 684 13.29 60.52 32.12
CA ARG D 684 12.59 61.78 32.24
C ARG D 684 13.21 62.65 33.33
N MET D 685 13.81 62.04 34.36
CA MET D 685 14.49 62.80 35.39
C MET D 685 15.74 63.49 34.88
N LYS D 686 16.32 63.01 33.79
CA LYS D 686 17.51 63.60 33.20
C LYS D 686 17.20 64.51 32.02
N ARG D 687 15.93 64.80 31.77
CA ARG D 687 15.54 65.64 30.65
C ARG D 687 16.01 67.09 30.85
N LEU D 695 13.80 67.64 17.82
CA LEU D 695 12.34 67.51 17.75
C LEU D 695 11.62 68.82 17.35
N PRO D 696 12.04 69.97 17.88
CA PRO D 696 11.44 71.24 17.42
C PRO D 696 11.61 71.47 15.92
N PRO D 697 12.73 71.08 15.29
CA PRO D 697 12.80 71.20 13.83
C PRO D 697 12.35 69.97 13.06
N ASP D 698 11.72 69.00 13.72
CA ASP D 698 11.33 67.76 13.07
C ASP D 698 9.98 67.89 12.37
N HIS D 699 9.86 68.88 11.48
CA HIS D 699 8.60 69.11 10.79
C HIS D 699 8.17 67.97 9.87
N PRO D 700 9.02 67.42 8.99
CA PRO D 700 8.54 66.35 8.10
C PRO D 700 8.03 65.13 8.83
N VAL D 701 8.73 64.69 9.87
CA VAL D 701 8.26 63.52 10.59
C VAL D 701 7.08 63.87 11.49
N ARG D 702 6.94 65.13 11.90
CA ARG D 702 5.72 65.55 12.56
C ARG D 702 4.52 65.44 11.63
N ARG D 703 4.68 65.88 10.37
CA ARG D 703 3.62 65.70 9.39
C ARG D 703 3.36 64.21 9.13
N LEU D 704 4.42 63.41 9.14
CA LEU D 704 4.27 61.96 9.03
C LEU D 704 3.40 61.40 10.15
N PHE D 705 3.69 61.80 11.39
CA PHE D 705 2.91 61.32 12.53
C PHE D 705 1.46 61.79 12.42
N GLN D 706 1.25 63.03 11.99
CA GLN D 706 -0.11 63.54 11.81
C GLN D 706 -0.87 62.72 10.76
N ARG D 707 -0.20 62.40 9.64
CA ARG D 707 -0.85 61.62 8.60
C ARG D 707 -1.16 60.21 9.10
N PHE D 708 -0.23 59.60 9.84
CA PHE D 708 -0.49 58.27 10.39
C PHE D 708 -1.67 58.28 11.35
N ARG D 709 -1.73 59.29 12.23
CA ARG D 709 -2.84 59.39 13.16
C ARG D 709 -4.16 59.61 12.44
N GLN D 710 -4.15 60.45 11.39
CA GLN D 710 -5.38 60.68 10.62
C GLN D 710 -5.83 59.41 9.93
N GLN D 711 -4.89 58.65 9.37
CA GLN D 711 -5.25 57.38 8.74
C GLN D 711 -5.80 56.39 9.76
N LYS D 712 -5.20 56.34 10.95
CA LYS D 712 -5.68 55.43 11.99
C LYS D 712 -7.03 55.87 12.55
N GLU D 713 -7.38 57.14 12.45
CA GLU D 713 -8.65 57.63 12.97
C GLU D 713 -9.83 57.08 12.17
N LEU E 1 -4.48 -22.05 -24.92
CA LEU E 1 -5.09 -20.74 -24.75
C LEU E 1 -5.35 -20.08 -26.10
N VAL E 2 -6.52 -20.35 -26.68
CA VAL E 2 -6.91 -19.78 -27.96
C VAL E 2 -8.33 -19.23 -27.83
N ALA E 3 -8.68 -18.35 -28.76
CA ALA E 3 -9.98 -17.70 -28.74
C ALA E 3 -10.62 -17.75 -30.11
N PRO E 4 -11.97 -17.81 -30.17
CA PRO E 4 -12.66 -17.67 -31.45
C PRO E 4 -12.36 -16.31 -32.08
N GLN E 5 -11.82 -16.34 -33.29
CA GLN E 5 -11.19 -15.18 -33.90
C GLN E 5 -11.79 -14.90 -35.26
N ASN E 6 -12.07 -13.62 -35.52
CA ASN E 6 -12.56 -13.19 -36.82
C ASN E 6 -11.37 -12.74 -37.67
N THR E 7 -11.11 -13.47 -38.75
CA THR E 7 -9.97 -13.17 -39.60
C THR E 7 -10.43 -12.70 -40.99
N PHE E 8 -11.47 -11.87 -41.02
CA PHE E 8 -12.01 -11.40 -42.29
C PHE E 8 -11.07 -10.42 -42.97
N LEU E 9 -10.79 -9.30 -42.29
CA LEU E 9 -9.98 -8.26 -42.90
C LEU E 9 -8.58 -8.77 -43.24
N GLU E 10 -7.98 -9.55 -42.33
CA GLU E 10 -6.61 -10.00 -42.54
C GLU E 10 -6.52 -10.92 -43.75
N ASN E 11 -7.45 -11.88 -43.86
CA ASN E 11 -7.47 -12.77 -45.02
C ASN E 11 -7.76 -12.01 -46.30
N ILE E 12 -8.68 -11.03 -46.27
CA ILE E 12 -9.03 -10.37 -47.52
C ILE E 12 -7.87 -9.49 -48.00
N VAL E 13 -7.17 -8.82 -47.08
CA VAL E 13 -6.05 -7.97 -47.49
C VAL E 13 -4.85 -8.82 -47.89
N ARG E 14 -4.67 -9.98 -47.26
CA ARG E 14 -3.57 -10.86 -47.66
C ARG E 14 -3.84 -11.47 -49.03
N ARG E 15 -5.09 -11.80 -49.32
CA ARG E 15 -5.44 -12.39 -50.60
C ARG E 15 -5.62 -11.36 -51.71
N SER E 16 -5.73 -10.08 -51.36
CA SER E 16 -5.98 -9.06 -52.37
C SER E 16 -4.86 -9.01 -53.40
N ASN E 17 -3.60 -9.09 -52.94
CA ASN E 17 -2.43 -9.06 -53.82
C ASN E 17 -2.41 -7.80 -54.67
N ASP E 18 -2.32 -6.66 -53.97
CA ASP E 18 -2.21 -5.34 -54.59
C ASP E 18 -3.44 -5.02 -55.44
N THR E 19 -4.62 -5.31 -54.90
CA THR E 19 -5.86 -4.93 -55.55
C THR E 19 -6.72 -4.08 -54.62
N ASN E 20 -7.98 -3.86 -54.99
CA ASN E 20 -8.90 -3.03 -54.24
C ASN E 20 -10.20 -3.77 -54.01
N PHE E 21 -10.98 -3.30 -53.03
CA PHE E 21 -12.26 -3.91 -52.71
C PHE E 21 -13.11 -2.94 -51.91
N VAL E 22 -14.43 -3.09 -52.03
CA VAL E 22 -15.40 -2.28 -51.32
C VAL E 22 -16.51 -3.19 -50.81
N LEU E 23 -16.88 -3.02 -49.55
CA LEU E 23 -17.84 -3.87 -48.88
C LEU E 23 -19.19 -3.18 -48.78
N GLY E 24 -20.26 -3.98 -48.83
CA GLY E 24 -21.60 -3.45 -48.73
C GLY E 24 -22.56 -4.43 -48.07
N ASN E 25 -23.62 -3.88 -47.48
CA ASN E 25 -24.57 -4.68 -46.74
C ASN E 25 -25.50 -5.42 -47.68
N ALA E 26 -26.04 -6.55 -47.21
CA ALA E 26 -26.83 -7.43 -48.05
C ALA E 26 -28.31 -7.46 -47.71
N GLN E 27 -28.67 -7.32 -46.43
CA GLN E 27 -30.07 -7.31 -46.01
C GLN E 27 -30.62 -5.89 -45.93
N ILE E 28 -30.07 -4.96 -46.71
CA ILE E 28 -30.38 -3.55 -46.57
C ILE E 28 -30.73 -2.98 -47.95
N VAL E 29 -31.78 -2.15 -47.99
CA VAL E 29 -32.30 -1.65 -49.26
C VAL E 29 -31.38 -0.60 -49.85
N ASP E 30 -31.12 -0.72 -51.15
CA ASP E 30 -30.23 0.10 -51.96
C ASP E 30 -28.76 -0.10 -51.62
N TRP E 31 -28.45 -0.89 -50.59
CA TRP E 31 -27.10 -1.29 -50.25
C TRP E 31 -26.13 -0.11 -50.06
N PRO E 32 -26.24 0.65 -48.97
CA PRO E 32 -25.17 1.57 -48.60
C PRO E 32 -23.85 0.86 -48.33
N ILE E 33 -22.75 1.57 -48.62
CA ILE E 33 -21.41 1.02 -48.46
C ILE E 33 -21.03 0.93 -46.99
N VAL E 34 -20.42 -0.18 -46.61
CA VAL E 34 -19.92 -0.35 -45.25
C VAL E 34 -18.39 -0.24 -45.17
N TYR E 35 -17.69 -0.31 -46.30
CA TYR E 35 -16.23 -0.21 -46.23
C TYR E 35 -15.65 0.19 -47.58
N SER E 36 -14.56 0.96 -47.53
CA SER E 36 -13.77 1.31 -48.69
C SER E 36 -12.29 1.04 -48.43
N ASN E 37 -11.46 1.22 -49.46
CA ASN E 37 -10.06 0.84 -49.43
C ASN E 37 -9.22 1.98 -50.01
N ASP E 38 -7.97 2.03 -49.56
CA ASP E 38 -7.07 3.11 -49.94
C ASP E 38 -6.86 3.15 -51.45
N GLY E 39 -6.72 1.99 -52.08
CA GLY E 39 -6.58 1.96 -53.53
C GLY E 39 -7.76 2.59 -54.24
N PHE E 40 -8.98 2.26 -53.80
CA PHE E 40 -10.16 2.86 -54.41
C PHE E 40 -10.17 4.37 -54.23
N CYS E 41 -9.94 4.84 -53.01
CA CYS E 41 -10.07 6.27 -52.76
C CYS E 41 -8.95 7.04 -53.46
N LYS E 42 -7.86 6.37 -53.79
CA LYS E 42 -6.82 7.05 -54.57
C LYS E 42 -7.16 7.07 -56.05
N LEU E 43 -7.72 5.98 -56.57
CA LEU E 43 -8.03 5.94 -58.01
C LEU E 43 -9.25 6.79 -58.36
N SER E 44 -10.26 6.82 -57.49
CA SER E 44 -11.50 7.52 -57.77
C SER E 44 -11.53 8.94 -57.21
N GLY E 45 -10.53 9.33 -56.44
CA GLY E 45 -10.44 10.68 -55.92
C GLY E 45 -11.41 11.02 -54.82
N TYR E 46 -12.26 10.07 -54.40
CA TYR E 46 -13.25 10.30 -53.36
C TYR E 46 -12.68 9.84 -52.03
N HIS E 47 -12.80 10.68 -51.01
CA HIS E 47 -12.31 10.32 -49.69
C HIS E 47 -13.21 9.27 -49.06
N ARG E 48 -12.66 8.53 -48.09
CA ARG E 48 -13.40 7.42 -47.49
C ARG E 48 -14.65 7.91 -46.77
N ALA E 49 -14.55 9.05 -46.09
CA ALA E 49 -15.68 9.53 -45.31
C ALA E 49 -16.83 9.97 -46.20
N GLU E 50 -16.52 10.50 -47.38
CA GLU E 50 -17.56 10.95 -48.31
C GLU E 50 -18.13 9.83 -49.18
N VAL E 51 -17.51 8.64 -49.21
CA VAL E 51 -18.14 7.54 -49.93
C VAL E 51 -18.99 6.68 -49.00
N MET E 52 -18.80 6.74 -47.69
CA MET E 52 -19.55 5.90 -46.78
C MET E 52 -21.04 6.19 -46.85
N GLN E 53 -21.82 5.14 -46.66
CA GLN E 53 -23.28 5.19 -46.73
C GLN E 53 -23.77 5.59 -48.13
N LYS E 54 -23.16 4.97 -49.14
CA LYS E 54 -23.55 5.20 -50.53
C LYS E 54 -24.00 3.88 -51.16
N SER E 55 -24.92 4.00 -52.12
CA SER E 55 -25.50 2.85 -52.79
C SER E 55 -24.42 1.91 -53.35
N SER E 56 -24.58 0.61 -53.10
CA SER E 56 -23.55 -0.27 -53.64
C SER E 56 -23.75 -0.55 -55.13
N ALA E 57 -24.84 -0.08 -55.71
CA ALA E 57 -25.03 -0.08 -57.16
C ALA E 57 -24.07 0.87 -57.86
N CYS E 58 -23.30 1.65 -57.11
CA CYS E 58 -22.28 2.56 -57.66
C CYS E 58 -22.91 3.65 -58.51
N SER E 59 -24.12 4.07 -58.16
CA SER E 59 -24.80 5.09 -58.94
C SER E 59 -24.12 6.46 -58.83
N PHE E 60 -23.39 6.70 -57.74
CA PHE E 60 -22.91 8.05 -57.48
C PHE E 60 -21.70 8.42 -58.32
N MET E 61 -21.05 7.47 -59.00
CA MET E 61 -20.13 7.81 -60.07
C MET E 61 -20.66 7.42 -61.45
N TYR E 62 -21.96 7.58 -61.68
CA TYR E 62 -22.50 7.34 -63.00
C TYR E 62 -22.27 8.58 -63.89
N GLY E 63 -22.62 8.44 -65.15
CA GLY E 63 -22.46 9.53 -66.09
C GLY E 63 -23.18 9.31 -67.40
N GLU E 64 -22.88 10.18 -68.37
CA GLU E 64 -23.65 10.20 -69.62
C GLU E 64 -23.50 8.90 -70.40
N LEU E 65 -22.31 8.30 -70.36
CA LEU E 65 -22.04 7.10 -71.14
C LEU E 65 -22.38 5.82 -70.39
N THR E 66 -22.90 5.92 -69.17
CA THR E 66 -23.34 4.72 -68.45
C THR E 66 -24.58 4.13 -69.12
N ASP E 67 -24.61 2.81 -69.21
CA ASP E 67 -25.69 2.09 -69.89
C ASP E 67 -26.73 1.63 -68.89
N LYS E 68 -28.01 1.93 -69.17
CA LYS E 68 -29.08 1.45 -68.30
C LYS E 68 -29.15 -0.07 -68.28
N ASP E 69 -28.71 -0.71 -69.37
CA ASP E 69 -28.62 -2.17 -69.39
C ASP E 69 -27.71 -2.68 -68.30
N THR E 70 -26.54 -2.03 -68.14
CA THR E 70 -25.62 -2.44 -67.07
C THR E 70 -26.19 -2.15 -65.69
N VAL E 71 -26.98 -1.08 -65.58
CA VAL E 71 -27.64 -0.79 -64.30
C VAL E 71 -28.61 -1.90 -63.94
N GLU E 72 -29.42 -2.33 -64.91
CA GLU E 72 -30.33 -3.45 -64.69
C GLU E 72 -29.56 -4.73 -64.39
N LYS E 73 -28.40 -4.92 -65.02
CA LYS E 73 -27.63 -6.13 -64.78
C LYS E 73 -27.08 -6.15 -63.36
N VAL E 74 -26.47 -5.05 -62.92
CA VAL E 74 -25.96 -5.00 -61.56
C VAL E 74 -27.10 -5.11 -60.55
N ARG E 75 -28.27 -4.55 -60.87
CA ARG E 75 -29.41 -4.65 -59.96
C ARG E 75 -29.89 -6.09 -59.84
N GLN E 76 -30.05 -6.79 -60.96
CA GLN E 76 -30.52 -8.17 -60.88
C GLN E 76 -29.46 -9.07 -60.26
N THR E 77 -28.17 -8.74 -60.41
CA THR E 77 -27.14 -9.53 -59.75
C THR E 77 -27.17 -9.32 -58.25
N PHE E 78 -27.34 -8.07 -57.80
CA PHE E 78 -27.44 -7.80 -56.37
C PHE E 78 -28.67 -8.48 -55.77
N GLU E 79 -29.81 -8.42 -56.46
CA GLU E 79 -31.02 -8.99 -55.88
C GLU E 79 -31.12 -10.50 -56.05
N ASN E 80 -30.34 -11.09 -56.96
CA ASN E 80 -30.29 -12.54 -57.08
C ASN E 80 -29.10 -13.18 -56.40
N TYR E 81 -28.12 -12.38 -55.96
CA TYR E 81 -26.95 -12.85 -55.21
C TYR E 81 -26.17 -13.90 -55.99
N GLU E 82 -25.54 -13.46 -57.09
CA GLU E 82 -24.75 -14.36 -57.91
C GLU E 82 -23.40 -13.74 -58.30
N MET E 83 -22.42 -14.60 -58.52
CA MET E 83 -21.08 -14.17 -58.92
C MET E 83 -21.19 -13.57 -60.31
N ASN E 84 -20.54 -12.44 -60.58
CA ASN E 84 -20.52 -12.00 -61.96
C ASN E 84 -19.51 -10.87 -62.08
N SER E 85 -19.21 -10.48 -63.33
CA SER E 85 -18.15 -9.53 -63.60
C SER E 85 -18.49 -8.75 -64.86
N PHE E 86 -18.55 -7.42 -64.74
CA PHE E 86 -18.93 -6.49 -65.80
C PHE E 86 -17.81 -5.51 -66.09
N GLU E 87 -17.95 -4.86 -67.25
CA GLU E 87 -17.12 -3.73 -67.64
C GLU E 87 -18.06 -2.62 -68.11
N ILE E 88 -17.78 -1.40 -67.68
CA ILE E 88 -18.74 -0.30 -67.80
C ILE E 88 -17.98 1.01 -67.54
N LEU E 89 -18.33 2.05 -68.28
CA LEU E 89 -17.62 3.32 -68.14
C LEU E 89 -18.01 4.03 -66.85
N MET E 90 -17.01 4.34 -66.02
CA MET E 90 -17.20 5.03 -64.75
C MET E 90 -16.70 6.46 -64.82
N TYR E 91 -17.01 7.23 -63.77
CA TYR E 91 -16.70 8.65 -63.70
C TYR E 91 -16.01 8.98 -62.39
N LYS E 92 -14.94 9.77 -62.45
CA LYS E 92 -14.20 10.15 -61.25
C LYS E 92 -14.65 11.52 -60.76
N LYS E 93 -13.89 12.08 -59.82
CA LYS E 93 -14.26 13.37 -59.21
C LYS E 93 -14.26 14.49 -60.25
N ASN E 94 -13.28 14.50 -61.15
CA ASN E 94 -13.16 15.47 -62.23
C ASN E 94 -14.06 15.16 -63.43
N ARG E 95 -15.00 14.24 -63.26
CA ARG E 95 -15.99 13.78 -64.25
C ARG E 95 -15.33 13.28 -65.54
N THR E 96 -14.03 12.98 -65.52
CA THR E 96 -13.40 12.44 -66.71
C THR E 96 -13.73 10.96 -66.85
N PRO E 97 -14.26 10.52 -67.99
CA PRO E 97 -14.61 9.11 -68.14
C PRO E 97 -13.38 8.24 -68.36
N VAL E 98 -13.34 7.11 -67.65
CA VAL E 98 -12.21 6.18 -67.72
C VAL E 98 -12.76 4.76 -67.79
N TRP E 99 -12.23 3.96 -68.71
CA TRP E 99 -12.71 2.61 -68.93
C TRP E 99 -12.53 1.76 -67.68
N PHE E 100 -13.53 0.91 -67.41
CA PHE E 100 -13.56 0.26 -66.09
C PHE E 100 -14.10 -1.15 -66.22
N PHE E 101 -13.66 -2.01 -65.28
CA PHE E 101 -14.14 -3.37 -65.15
C PHE E 101 -14.52 -3.60 -63.69
N VAL E 102 -15.56 -4.42 -63.45
CA VAL E 102 -16.04 -4.68 -62.10
C VAL E 102 -16.38 -6.16 -61.96
N LYS E 103 -16.44 -6.61 -60.71
CA LYS E 103 -16.86 -7.97 -60.38
C LYS E 103 -17.39 -7.99 -58.95
N ILE E 104 -18.54 -8.65 -58.75
CA ILE E 104 -19.22 -8.70 -57.46
C ILE E 104 -19.18 -10.11 -56.92
N ALA E 105 -19.14 -10.24 -55.60
CA ALA E 105 -19.13 -11.54 -54.93
C ALA E 105 -19.67 -11.39 -53.51
N PRO E 106 -20.95 -11.65 -53.30
CA PRO E 106 -21.48 -11.64 -51.94
C PRO E 106 -20.94 -12.81 -51.12
N ILE E 107 -20.99 -12.65 -49.80
CA ILE E 107 -20.45 -13.62 -48.86
C ILE E 107 -21.58 -14.10 -47.95
N ARG E 108 -21.57 -15.39 -47.62
CA ARG E 108 -22.61 -15.99 -46.79
C ARG E 108 -22.25 -15.77 -45.31
N ASN E 109 -22.99 -16.44 -44.42
CA ASN E 109 -22.79 -16.31 -42.99
C ASN E 109 -22.94 -17.67 -42.34
N GLU E 110 -22.36 -17.81 -41.14
CA GLU E 110 -22.42 -19.06 -40.40
C GLU E 110 -23.85 -19.47 -40.08
N GLN E 111 -24.76 -18.50 -39.99
CA GLN E 111 -26.16 -18.75 -39.69
C GLN E 111 -27.00 -18.98 -40.93
N ASP E 112 -26.36 -19.36 -42.04
CA ASP E 112 -27.03 -19.64 -43.31
C ASP E 112 -27.81 -18.41 -43.80
N LYS E 113 -27.05 -17.35 -44.07
CA LYS E 113 -27.62 -16.11 -44.58
C LYS E 113 -26.53 -15.33 -45.29
N VAL E 114 -26.95 -14.36 -46.09
CA VAL E 114 -26.04 -13.46 -46.79
C VAL E 114 -26.11 -12.10 -46.11
N VAL E 115 -24.95 -11.61 -45.64
CA VAL E 115 -24.89 -10.41 -44.82
C VAL E 115 -24.10 -9.29 -45.51
N LEU E 116 -23.00 -9.63 -46.18
CA LEU E 116 -22.11 -8.65 -46.77
C LEU E 116 -21.91 -8.91 -48.25
N PHE E 117 -21.76 -7.84 -49.01
CA PHE E 117 -21.34 -7.92 -50.40
C PHE E 117 -19.85 -7.64 -50.53
N LEU E 118 -19.30 -8.01 -51.68
CA LEU E 118 -17.91 -7.74 -52.00
C LEU E 118 -17.78 -7.49 -53.48
N CYS E 119 -17.40 -6.26 -53.84
CA CYS E 119 -17.22 -5.84 -55.21
C CYS E 119 -15.77 -5.40 -55.41
N THR E 120 -15.11 -5.98 -56.41
CA THR E 120 -13.73 -5.66 -56.74
C THR E 120 -13.69 -4.79 -57.99
N PHE E 121 -12.54 -4.16 -58.20
CA PHE E 121 -12.40 -3.14 -59.23
C PHE E 121 -11.07 -3.27 -59.96
N SER E 122 -11.05 -2.79 -61.19
CA SER E 122 -9.84 -2.78 -61.99
C SER E 122 -10.00 -1.77 -63.11
N ASP E 123 -8.88 -1.33 -63.66
CA ASP E 123 -8.85 -0.34 -64.72
C ASP E 123 -8.32 -0.99 -66.00
N ILE E 124 -8.98 -0.71 -67.12
CA ILE E 124 -8.55 -1.30 -68.37
C ILE E 124 -8.51 -0.18 -69.41
N THR E 125 -8.30 1.05 -68.92
CA THR E 125 -8.37 2.23 -69.77
C THR E 125 -7.40 2.15 -70.94
N ALA E 126 -6.20 1.63 -70.70
CA ALA E 126 -5.17 1.60 -71.74
C ALA E 126 -5.40 0.53 -72.78
N PHE E 127 -6.27 -0.46 -72.53
CA PHE E 127 -6.45 -1.57 -73.46
C PHE E 127 -7.85 -1.56 -74.08
N LYS E 128 -8.57 -0.44 -73.96
CA LYS E 128 -9.92 -0.36 -74.49
C LYS E 128 -9.97 0.71 -75.58
N GLN E 129 -11.17 0.93 -76.10
CA GLN E 129 -11.36 1.96 -77.12
C GLN E 129 -11.11 3.33 -76.51
N PRO E 130 -10.31 4.18 -77.14
CA PRO E 130 -10.02 5.50 -76.57
C PRO E 130 -11.22 6.44 -76.74
N ILE E 131 -11.72 6.95 -75.62
CA ILE E 131 -12.83 7.89 -75.60
C ILE E 131 -12.42 9.12 -74.81
N GLU E 132 -12.64 10.30 -75.37
CA GLU E 132 -12.26 11.55 -74.74
C GLU E 132 -13.43 12.52 -74.77
N ASP E 133 -13.48 13.38 -73.76
CA ASP E 133 -14.51 14.41 -73.65
C ASP E 133 -13.95 15.81 -73.88
N ASP E 134 -12.88 16.18 -73.19
CA ASP E 134 -12.25 17.48 -73.37
C ASP E 134 -10.79 17.35 -72.97
N SER E 135 -9.90 17.35 -73.97
CA SER E 135 -8.47 17.19 -73.73
C SER E 135 -7.70 18.15 -74.62
N CYS E 136 -6.49 18.49 -74.18
CA CYS E 136 -5.63 19.37 -74.97
C CYS E 136 -5.22 18.71 -76.29
N LYS E 137 -4.89 17.41 -76.23
CA LYS E 137 -4.49 16.69 -77.43
C LYS E 137 -4.86 15.22 -77.25
N GLY E 138 -4.95 14.52 -78.39
CA GLY E 138 -5.28 13.10 -78.34
C GLY E 138 -4.20 12.28 -77.65
N TRP E 139 -2.94 12.53 -78.00
CA TRP E 139 -1.85 11.78 -77.37
C TRP E 139 -1.70 12.17 -75.90
N GLY E 140 -2.00 13.42 -75.55
CA GLY E 140 -1.99 13.80 -74.15
C GLY E 140 -3.04 13.04 -73.35
N LYS E 141 -4.26 12.93 -73.88
CA LYS E 141 -5.30 12.16 -73.22
C LYS E 141 -4.91 10.68 -73.15
N PHE E 142 -4.28 10.17 -74.21
CA PHE E 142 -3.83 8.78 -74.19
C PHE E 142 -2.79 8.54 -73.09
N ALA E 143 -1.83 9.46 -72.96
CA ALA E 143 -0.83 9.34 -71.92
C ALA E 143 -1.45 9.45 -70.54
N ARG E 144 -2.43 10.35 -70.37
CA ARG E 144 -3.12 10.47 -69.09
C ARG E 144 -3.85 9.18 -68.74
N LEU E 145 -4.52 8.57 -69.72
CA LEU E 145 -5.24 7.33 -69.46
C LEU E 145 -4.28 6.19 -69.13
N THR E 146 -3.16 6.09 -69.88
CA THR E 146 -2.21 5.01 -69.64
C THR E 146 -1.50 5.17 -68.31
N ARG E 147 -1.32 6.41 -67.85
CA ARG E 147 -0.62 6.64 -66.58
C ARG E 147 -1.38 6.07 -65.39
N ALA E 148 -2.68 5.82 -65.53
CA ALA E 148 -3.48 5.26 -64.45
C ALA E 148 -3.51 3.73 -64.49
N LEU E 149 -2.80 3.10 -65.42
CA LEU E 149 -2.79 1.65 -65.57
C LEU E 149 -1.52 1.03 -64.98
N THR E 150 -1.00 1.61 -63.90
CA THR E 150 0.22 1.10 -63.30
C THR E 150 0.04 -0.31 -62.76
N SER E 151 -1.10 -0.58 -62.12
CA SER E 151 -1.34 -1.90 -61.55
C SER E 151 -1.38 -2.97 -62.64
N SER E 152 -2.06 -2.69 -63.75
CA SER E 152 -2.11 -3.65 -64.85
C SER E 152 -0.77 -3.77 -65.55
N ARG E 153 -0.06 -2.66 -65.71
CA ARG E 153 1.23 -2.67 -66.38
C ARG E 153 2.34 -3.25 -65.52
N GLY E 154 2.08 -3.48 -64.23
CA GLY E 154 3.08 -4.05 -63.35
C GLY E 154 3.35 -5.52 -63.62
N VAL E 155 3.76 -6.25 -62.58
CA VAL E 155 4.11 -7.65 -62.72
C VAL E 155 2.92 -8.51 -63.11
N LEU E 156 1.70 -7.97 -63.00
CA LEU E 156 0.52 -8.72 -63.42
C LEU E 156 0.56 -9.01 -64.92
N GLN E 157 0.99 -8.05 -65.73
CA GLN E 157 1.11 -8.21 -67.16
C GLN E 157 2.41 -7.61 -67.66
N GLN E 158 3.50 -7.88 -66.95
CA GLN E 158 4.80 -7.30 -67.30
C GLN E 158 5.35 -7.84 -68.61
N LEU E 159 4.89 -9.01 -69.06
CA LEU E 159 5.39 -9.59 -70.30
C LEU E 159 4.67 -9.06 -71.54
N ALA E 160 3.69 -8.18 -71.37
CA ALA E 160 2.94 -7.66 -72.52
C ALA E 160 3.82 -6.87 -73.50
N PRO E 161 4.65 -5.92 -73.07
CA PRO E 161 5.45 -5.17 -74.06
C PRO E 161 6.41 -6.06 -74.84
N SER E 162 6.91 -7.13 -74.23
CA SER E 162 7.84 -8.02 -74.92
C SER E 162 7.16 -8.92 -75.94
N VAL E 163 5.82 -8.98 -75.94
CA VAL E 163 5.08 -9.86 -76.85
C VAL E 163 4.03 -9.04 -77.58
N GLN E 164 3.22 -9.73 -78.39
CA GLN E 164 2.16 -9.09 -79.15
C GLN E 164 0.90 -9.95 -79.06
N LYS E 165 -0.25 -9.30 -79.24
CA LYS E 165 -1.56 -9.96 -79.17
C LYS E 165 -1.74 -10.70 -77.85
N GLY E 166 -1.28 -10.07 -76.76
CA GLY E 166 -1.39 -10.64 -75.43
C GLY E 166 -2.72 -10.45 -74.75
N GLU E 167 -3.68 -9.84 -75.46
CA GLU E 167 -5.02 -9.63 -74.91
C GLU E 167 -5.73 -10.93 -74.59
N ASN E 168 -5.35 -12.02 -75.27
CA ASN E 168 -6.02 -13.31 -75.04
C ASN E 168 -5.72 -13.87 -73.65
N VAL E 169 -4.66 -13.39 -72.99
CA VAL E 169 -4.30 -13.87 -71.67
C VAL E 169 -4.31 -12.79 -70.61
N HIS E 170 -4.32 -11.50 -70.98
CA HIS E 170 -4.31 -10.45 -69.98
C HIS E 170 -5.60 -10.46 -69.16
N LYS E 171 -6.74 -10.65 -69.82
CA LYS E 171 -8.01 -10.70 -69.10
C LYS E 171 -8.07 -11.89 -68.16
N HIS E 172 -7.56 -13.05 -68.60
CA HIS E 172 -7.53 -14.23 -67.74
C HIS E 172 -6.62 -14.00 -66.54
N SER E 173 -5.46 -13.37 -66.76
CA SER E 173 -4.57 -13.08 -65.65
C SER E 173 -5.21 -12.12 -64.66
N ARG E 174 -5.91 -11.10 -65.17
CA ARG E 174 -6.59 -10.16 -64.27
C ARG E 174 -7.70 -10.84 -63.48
N LEU E 175 -8.46 -11.72 -64.13
CA LEU E 175 -9.57 -12.39 -63.47
C LEU E 175 -9.11 -13.49 -62.51
N ALA E 176 -7.90 -14.03 -62.70
CA ALA E 176 -7.44 -15.11 -61.82
C ALA E 176 -7.32 -14.63 -60.38
N GLU E 177 -6.77 -13.43 -60.17
CA GLU E 177 -6.62 -12.92 -58.82
C GLU E 177 -7.99 -12.65 -58.17
N VAL E 178 -8.94 -12.13 -58.96
CA VAL E 178 -10.25 -11.81 -58.42
C VAL E 178 -11.01 -13.10 -58.07
N LEU E 179 -10.85 -14.14 -58.87
CA LEU E 179 -11.58 -15.39 -58.65
C LEU E 179 -11.19 -16.07 -57.34
N GLN E 180 -10.02 -15.74 -56.77
CA GLN E 180 -9.59 -16.35 -55.53
C GLN E 180 -10.36 -15.85 -54.32
N LEU E 181 -11.20 -14.82 -54.47
CA LEU E 181 -11.88 -14.21 -53.33
C LEU E 181 -12.80 -15.19 -52.62
N GLY E 182 -13.19 -16.29 -53.28
CA GLY E 182 -14.00 -17.30 -52.61
C GLY E 182 -13.28 -17.93 -51.43
N SER E 183 -11.94 -18.06 -51.52
CA SER E 183 -11.18 -18.59 -50.41
C SER E 183 -11.28 -17.68 -49.19
N ASP E 184 -11.21 -16.36 -49.40
CA ASP E 184 -11.38 -15.42 -48.30
C ASP E 184 -12.83 -15.37 -47.80
N ILE E 185 -13.77 -15.92 -48.58
CA ILE E 185 -15.17 -15.96 -48.15
C ILE E 185 -15.47 -17.15 -47.25
N LEU E 186 -14.50 -18.04 -47.04
CA LEU E 186 -14.73 -19.20 -46.19
C LEU E 186 -15.12 -18.85 -44.76
N PRO E 187 -14.49 -17.88 -44.08
CA PRO E 187 -14.95 -17.52 -42.73
C PRO E 187 -16.39 -17.06 -42.70
N GLN E 188 -16.89 -16.46 -43.78
CA GLN E 188 -18.29 -16.06 -43.91
C GLN E 188 -18.68 -15.07 -42.82
N TYR E 189 -17.73 -14.22 -42.41
CA TYR E 189 -17.94 -13.22 -41.37
C TYR E 189 -18.47 -13.88 -40.10
N LYS E 190 -17.65 -14.78 -39.56
CA LYS E 190 -18.02 -15.54 -38.38
C LYS E 190 -16.77 -15.82 -37.56
N GLN E 191 -16.99 -16.12 -36.27
CA GLN E 191 -15.90 -16.40 -35.34
C GLN E 191 -15.40 -17.81 -35.62
N GLU E 192 -14.57 -17.92 -36.66
CA GLU E 192 -14.02 -19.21 -37.07
C GLU E 192 -13.00 -19.67 -36.05
N ALA E 193 -13.22 -20.86 -35.48
CA ALA E 193 -12.31 -21.41 -34.50
C ALA E 193 -11.11 -22.06 -35.19
N PRO E 194 -9.94 -22.07 -34.54
CA PRO E 194 -8.76 -22.76 -35.11
C PRO E 194 -8.87 -24.28 -34.99
N LYS E 195 -9.57 -24.87 -35.95
CA LYS E 195 -9.79 -26.31 -35.94
C LYS E 195 -8.48 -27.07 -36.14
N THR E 196 -8.34 -28.18 -35.41
CA THR E 196 -7.12 -28.96 -35.49
C THR E 196 -7.04 -29.70 -36.82
N PRO E 197 -5.85 -29.79 -37.40
CA PRO E 197 -5.69 -30.56 -38.65
C PRO E 197 -5.91 -32.04 -38.41
N PRO E 198 -6.32 -32.79 -39.43
CA PRO E 198 -6.62 -34.21 -39.23
C PRO E 198 -5.39 -35.03 -38.86
N HIS E 199 -5.64 -36.13 -38.15
CA HIS E 199 -4.60 -37.08 -37.74
C HIS E 199 -3.55 -36.43 -36.84
N ILE E 200 -3.93 -35.37 -36.13
CA ILE E 200 -3.10 -34.74 -35.11
C ILE E 200 -3.96 -34.54 -33.88
N ILE E 201 -3.50 -35.04 -32.74
CA ILE E 201 -4.29 -35.07 -31.51
C ILE E 201 -3.67 -34.12 -30.49
N LEU E 202 -4.51 -33.38 -29.80
CA LEU E 202 -4.04 -32.45 -28.78
C LEU E 202 -3.34 -33.19 -27.65
N HIS E 203 -2.30 -32.56 -27.10
CA HIS E 203 -1.49 -33.17 -26.04
C HIS E 203 -2.15 -33.10 -24.66
N TYR E 204 -3.28 -32.40 -24.54
CA TYR E 204 -3.99 -32.31 -23.27
C TYR E 204 -5.12 -33.33 -23.17
N CYS E 205 -5.28 -34.17 -24.20
CA CYS E 205 -6.38 -35.13 -24.26
C CYS E 205 -6.25 -36.19 -23.18
N VAL E 206 -7.38 -36.84 -22.88
CA VAL E 206 -7.44 -37.84 -21.83
C VAL E 206 -6.52 -39.02 -22.16
N PHE E 207 -6.51 -39.44 -23.43
CA PHE E 207 -5.64 -40.55 -23.85
C PHE E 207 -4.19 -40.23 -23.53
N LYS E 208 -3.76 -39.00 -23.79
CA LYS E 208 -2.35 -38.66 -23.58
C LYS E 208 -2.05 -38.51 -22.09
N THR E 209 -3.02 -38.04 -21.31
CA THR E 209 -2.84 -37.99 -19.87
C THR E 209 -2.66 -39.38 -19.28
N THR E 210 -3.46 -40.34 -19.73
CA THR E 210 -3.30 -41.71 -19.24
C THR E 210 -2.09 -42.41 -19.87
N TRP E 211 -1.57 -41.91 -20.99
CA TRP E 211 -0.37 -42.47 -21.58
C TRP E 211 0.88 -41.95 -20.88
N ASP E 212 0.83 -40.73 -20.35
CA ASP E 212 1.98 -40.16 -19.66
C ASP E 212 2.30 -40.92 -18.37
N TRP E 213 1.27 -41.30 -17.61
CA TRP E 213 1.51 -42.05 -16.39
C TRP E 213 2.16 -43.40 -16.70
N ILE E 214 1.70 -44.08 -17.76
CA ILE E 214 2.24 -45.41 -18.03
C ILE E 214 3.66 -45.30 -18.54
N ILE E 215 3.94 -44.32 -19.39
CA ILE E 215 5.33 -44.18 -19.82
C ILE E 215 6.21 -43.80 -18.64
N LEU E 216 5.68 -43.03 -17.69
CA LEU E 216 6.47 -42.70 -16.50
C LEU E 216 6.80 -43.95 -15.70
N ILE E 217 5.81 -44.81 -15.45
CA ILE E 217 6.09 -45.98 -14.62
C ILE E 217 7.01 -46.94 -15.36
N LEU E 218 6.85 -47.07 -16.68
CA LEU E 218 7.75 -47.94 -17.45
C LEU E 218 9.18 -47.42 -17.43
N THR E 219 9.37 -46.12 -17.62
CA THR E 219 10.74 -45.59 -17.61
C THR E 219 11.35 -45.70 -16.22
N PHE E 220 10.53 -45.56 -15.17
CA PHE E 220 11.01 -45.76 -13.81
C PHE E 220 11.46 -47.20 -13.60
N TYR E 221 10.65 -48.16 -14.05
CA TYR E 221 11.00 -49.57 -13.91
C TYR E 221 12.28 -49.89 -14.66
N THR E 222 12.40 -49.41 -15.90
CA THR E 222 13.60 -49.69 -16.68
C THR E 222 14.84 -49.05 -16.05
N ALA E 223 14.71 -47.81 -15.57
CA ALA E 223 15.85 -47.15 -14.94
C ALA E 223 16.29 -47.91 -13.70
N ILE E 224 15.36 -48.50 -12.96
CA ILE E 224 15.75 -49.32 -11.82
C ILE E 224 16.46 -50.59 -12.29
N LEU E 225 15.85 -51.29 -13.26
CA LEU E 225 16.27 -52.65 -13.54
C LEU E 225 17.57 -52.74 -14.33
N VAL E 226 17.83 -51.78 -15.23
CA VAL E 226 18.92 -51.94 -16.19
C VAL E 226 20.30 -52.05 -15.52
N PRO E 227 20.70 -51.15 -14.61
CA PRO E 227 22.05 -51.28 -14.03
C PRO E 227 22.25 -52.59 -13.27
N TYR E 228 21.22 -53.06 -12.57
CA TYR E 228 21.30 -54.33 -11.87
C TYR E 228 21.57 -55.46 -12.86
N ASN E 229 20.88 -55.44 -14.00
CA ASN E 229 21.11 -56.46 -15.02
C ASN E 229 22.52 -56.36 -15.59
N VAL E 230 23.00 -55.14 -15.83
CA VAL E 230 24.24 -55.00 -16.60
C VAL E 230 25.48 -55.23 -15.75
N SER E 231 25.42 -54.94 -14.45
CA SER E 231 26.64 -55.01 -13.64
C SER E 231 26.73 -56.25 -12.76
N PHE E 232 25.61 -56.76 -12.27
CA PHE E 232 25.66 -57.87 -11.32
C PHE E 232 25.82 -59.23 -11.98
N LYS E 233 26.17 -59.26 -13.27
CA LYS E 233 26.56 -60.49 -13.95
C LYS E 233 25.47 -61.56 -13.86
N THR E 234 24.22 -61.12 -13.84
CA THR E 234 23.12 -62.07 -13.79
C THR E 234 22.99 -62.80 -15.13
N ARG E 235 22.50 -64.05 -15.05
CA ARG E 235 22.37 -64.89 -16.22
C ARG E 235 20.97 -64.76 -16.82
N GLN E 236 20.79 -65.39 -17.98
CA GLN E 236 19.52 -65.37 -18.70
C GLN E 236 18.75 -66.68 -18.53
N ASN E 237 18.75 -67.26 -17.33
CA ASN E 237 18.00 -68.47 -17.08
C ASN E 237 16.49 -68.26 -17.20
N ASN E 238 16.02 -67.02 -17.07
CA ASN E 238 14.60 -66.70 -17.15
C ASN E 238 14.34 -66.01 -18.50
N VAL E 239 13.48 -66.63 -19.32
CA VAL E 239 13.24 -66.10 -20.65
C VAL E 239 12.13 -65.05 -20.64
N ALA E 240 11.26 -65.09 -19.63
CA ALA E 240 10.12 -64.18 -19.60
C ALA E 240 10.56 -62.72 -19.54
N TRP E 241 11.70 -62.45 -18.92
CA TRP E 241 12.19 -61.07 -18.84
C TRP E 241 12.53 -60.52 -20.23
N LEU E 242 12.94 -61.38 -21.16
CA LEU E 242 13.16 -60.91 -22.52
C LEU E 242 11.85 -60.54 -23.21
N VAL E 243 10.78 -61.30 -22.94
CA VAL E 243 9.46 -60.94 -23.47
C VAL E 243 9.02 -59.60 -22.90
N VAL E 244 9.24 -59.41 -21.60
CA VAL E 244 8.91 -58.14 -20.97
C VAL E 244 9.73 -57.01 -21.58
N ASP E 245 11.02 -57.25 -21.81
CA ASP E 245 11.87 -56.23 -22.43
C ASP E 245 11.37 -55.90 -23.83
N SER E 246 10.93 -56.91 -24.58
CA SER E 246 10.42 -56.68 -25.93
C SER E 246 9.15 -55.83 -25.90
N ILE E 247 8.20 -56.15 -25.01
CA ILE E 247 6.98 -55.36 -24.96
C ILE E 247 7.27 -53.95 -24.47
N VAL E 248 8.23 -53.81 -23.54
CA VAL E 248 8.67 -52.50 -23.09
C VAL E 248 9.22 -51.68 -24.25
N ASP E 249 10.10 -52.31 -25.06
CA ASP E 249 10.69 -51.60 -26.19
C ASP E 249 9.63 -51.20 -27.21
N VAL E 250 8.68 -52.10 -27.50
CA VAL E 250 7.67 -51.75 -28.50
C VAL E 250 6.75 -50.65 -27.98
N ILE E 251 6.53 -50.59 -26.66
CA ILE E 251 5.78 -49.48 -26.10
C ILE E 251 6.53 -48.17 -26.29
N PHE E 252 7.84 -48.15 -26.02
CA PHE E 252 8.58 -46.92 -26.30
C PHE E 252 8.57 -46.56 -27.78
N LEU E 253 8.63 -47.56 -28.66
CA LEU E 253 8.52 -47.28 -30.10
C LEU E 253 7.17 -46.67 -30.45
N VAL E 254 6.09 -47.20 -29.87
CA VAL E 254 4.78 -46.62 -30.10
C VAL E 254 4.74 -45.17 -29.60
N ASP E 255 5.38 -44.90 -28.47
CA ASP E 255 5.41 -43.54 -27.95
C ASP E 255 6.16 -42.61 -28.88
N ILE E 256 7.33 -43.03 -29.37
CA ILE E 256 8.12 -42.16 -30.24
C ILE E 256 7.40 -41.94 -31.57
N VAL E 257 6.66 -42.94 -32.04
CA VAL E 257 5.88 -42.77 -33.26
C VAL E 257 4.72 -41.81 -33.02
N LEU E 258 4.05 -41.93 -31.87
CA LEU E 258 2.92 -41.06 -31.56
C LEU E 258 3.37 -39.61 -31.38
N ASN E 259 4.62 -39.40 -30.93
CA ASN E 259 5.08 -38.05 -30.70
C ASN E 259 5.13 -37.23 -31.99
N PHE E 260 5.16 -37.89 -33.16
CA PHE E 260 5.04 -37.16 -34.42
C PHE E 260 3.70 -36.43 -34.52
N HIS E 261 2.61 -37.17 -34.32
CA HIS E 261 1.27 -36.62 -34.52
C HIS E 261 0.69 -36.12 -33.21
N THR E 262 1.33 -35.08 -32.68
CA THR E 262 0.92 -34.50 -31.41
C THR E 262 1.43 -33.06 -31.35
N THR E 263 0.53 -32.13 -31.03
CA THR E 263 0.91 -30.74 -30.90
C THR E 263 1.76 -30.52 -29.66
N PHE E 264 2.57 -29.47 -29.70
CA PHE E 264 3.39 -29.08 -28.55
C PHE E 264 3.28 -27.59 -28.35
N VAL E 265 3.54 -27.17 -27.11
CA VAL E 265 3.49 -25.75 -26.75
C VAL E 265 4.76 -25.08 -27.27
N GLY E 266 4.57 -24.02 -28.06
CA GLY E 266 5.69 -23.28 -28.59
C GLY E 266 6.30 -22.35 -27.55
N PRO E 267 7.61 -22.46 -27.35
CA PRO E 267 8.27 -21.58 -26.38
C PRO E 267 8.16 -20.10 -26.72
N ALA E 268 8.13 -19.76 -28.00
CA ALA E 268 7.98 -18.38 -28.43
C ALA E 268 6.52 -17.97 -28.64
N GLY E 269 5.59 -18.89 -28.44
CA GLY E 269 4.17 -18.59 -28.60
C GLY E 269 3.35 -19.30 -27.56
N GLU E 270 2.14 -19.72 -27.95
CA GLU E 270 1.27 -20.47 -27.05
C GLU E 270 1.01 -21.88 -27.54
N VAL E 271 0.47 -22.05 -28.76
CA VAL E 271 0.15 -23.35 -29.32
C VAL E 271 0.53 -23.35 -30.78
N ILE E 272 1.25 -24.39 -31.21
CA ILE E 272 1.65 -24.56 -32.60
C ILE E 272 1.08 -25.90 -33.09
N SER E 273 0.36 -25.86 -34.21
CA SER E 273 -0.28 -27.05 -34.75
C SER E 273 -0.13 -27.11 -36.27
N ASP E 274 1.08 -26.84 -36.77
CA ASP E 274 1.33 -26.89 -38.20
C ASP E 274 2.14 -28.13 -38.52
N PRO E 275 1.55 -29.16 -39.11
CA PRO E 275 2.29 -30.41 -39.33
C PRO E 275 3.50 -30.26 -40.23
N LYS E 276 3.56 -29.21 -41.05
CA LYS E 276 4.74 -28.98 -41.86
C LYS E 276 5.97 -28.63 -41.02
N LEU E 277 5.78 -28.26 -39.76
CA LEU E 277 6.89 -27.90 -38.89
C LEU E 277 6.89 -28.61 -37.54
N ILE E 278 5.78 -29.25 -37.13
CA ILE E 278 5.79 -29.99 -35.87
C ILE E 278 6.82 -31.12 -35.93
N ARG E 279 6.79 -31.89 -37.02
CA ARG E 279 7.73 -32.99 -37.18
C ARG E 279 9.16 -32.49 -37.30
N MET E 280 9.36 -31.36 -37.98
CA MET E 280 10.70 -30.79 -38.09
C MET E 280 11.23 -30.37 -36.72
N ASN E 281 10.38 -29.73 -35.92
CA ASN E 281 10.80 -29.32 -34.58
C ASN E 281 11.13 -30.54 -33.73
N TYR E 282 10.31 -31.59 -33.81
CA TYR E 282 10.59 -32.79 -33.03
C TYR E 282 11.91 -33.43 -33.46
N LEU E 283 12.16 -33.54 -34.77
CA LEU E 283 13.37 -34.20 -35.23
C LEU E 283 14.61 -33.38 -34.87
N LYS E 284 14.49 -32.06 -34.91
CA LYS E 284 15.64 -31.23 -34.54
C LYS E 284 15.77 -31.07 -33.03
N THR E 285 14.76 -31.46 -32.26
CA THR E 285 14.83 -31.32 -30.81
C THR E 285 15.27 -32.62 -30.13
N TRP E 286 14.49 -33.70 -30.28
CA TRP E 286 14.74 -34.89 -29.49
C TRP E 286 14.62 -36.22 -30.23
N PHE E 287 14.28 -36.21 -31.52
CA PHE E 287 13.91 -37.47 -32.18
C PHE E 287 15.11 -38.38 -32.40
N VAL E 288 16.27 -37.82 -32.75
CA VAL E 288 17.43 -38.66 -33.07
C VAL E 288 17.96 -39.34 -31.81
N ILE E 289 18.06 -38.60 -30.71
CA ILE E 289 18.55 -39.20 -29.47
C ILE E 289 17.57 -40.23 -28.95
N ASP E 290 16.27 -39.99 -29.18
CA ASP E 290 15.26 -40.95 -28.75
C ASP E 290 15.32 -42.22 -29.59
N LEU E 291 15.58 -42.10 -30.90
CA LEU E 291 15.77 -43.28 -31.72
C LEU E 291 16.99 -44.08 -31.28
N LEU E 292 18.15 -43.43 -31.19
CA LEU E 292 19.34 -44.15 -30.75
C LEU E 292 19.18 -44.68 -29.33
N SER E 293 18.25 -44.09 -28.58
CA SER E 293 17.83 -44.63 -27.29
C SER E 293 16.92 -45.84 -27.40
N CYS E 294 16.10 -45.91 -28.45
CA CYS E 294 14.99 -46.85 -28.49
C CYS E 294 15.20 -47.98 -29.49
N LEU E 295 16.43 -48.49 -29.57
CA LEU E 295 16.73 -49.65 -30.41
C LEU E 295 16.90 -50.86 -29.51
N PRO E 296 16.25 -51.98 -29.82
CA PRO E 296 16.38 -53.17 -28.95
C PRO E 296 17.73 -53.85 -29.10
N TYR E 297 18.75 -53.31 -28.44
CA TYR E 297 20.08 -53.93 -28.50
C TYR E 297 20.07 -55.31 -27.88
N ASP E 298 19.38 -55.48 -26.76
CA ASP E 298 19.32 -56.78 -26.09
C ASP E 298 18.47 -57.79 -26.85
N VAL E 299 17.38 -57.36 -27.48
CA VAL E 299 16.56 -58.27 -28.27
C VAL E 299 17.33 -58.78 -29.47
N ILE E 300 18.08 -57.88 -30.14
CA ILE E 300 18.96 -58.31 -31.21
C ILE E 300 20.08 -59.18 -30.65
N ASN E 301 20.54 -58.88 -29.44
CA ASN E 301 21.59 -59.66 -28.81
C ASN E 301 21.17 -61.10 -28.56
N ALA E 302 19.87 -61.39 -28.58
CA ALA E 302 19.41 -62.77 -28.47
C ALA E 302 19.95 -63.62 -29.62
N PHE E 303 20.21 -63.00 -30.77
CA PHE E 303 20.89 -63.68 -31.88
C PHE E 303 22.37 -63.32 -31.91
N GLU E 304 22.70 -62.03 -31.98
CA GLU E 304 24.07 -61.56 -31.96
C GLU E 304 24.08 -60.06 -31.71
N ASN E 305 25.16 -59.58 -31.11
CA ASN E 305 25.34 -58.17 -30.83
C ASN E 305 26.74 -57.73 -31.25
N VAL E 306 26.81 -56.55 -31.86
CA VAL E 306 28.09 -56.03 -32.33
C VAL E 306 29.01 -55.68 -31.17
N ASP E 307 28.47 -55.37 -30.00
CA ASP E 307 29.28 -55.02 -28.84
C ASP E 307 28.53 -55.39 -27.57
N GLU E 308 29.29 -55.81 -26.55
CA GLU E 308 28.70 -56.14 -25.27
C GLU E 308 28.35 -54.90 -24.46
N GLY E 309 29.16 -53.85 -24.60
CA GLY E 309 28.95 -52.62 -23.83
C GLY E 309 27.80 -51.77 -24.31
N ILE E 310 27.20 -52.11 -25.45
CA ILE E 310 26.05 -51.34 -25.96
C ILE E 310 24.90 -51.43 -24.97
N SER E 311 24.67 -52.61 -24.38
CA SER E 311 23.62 -52.76 -23.39
C SER E 311 23.88 -51.94 -22.13
N SER E 312 25.14 -51.56 -21.87
CA SER E 312 25.44 -50.69 -20.75
C SER E 312 25.04 -49.25 -21.05
N LEU E 313 25.41 -48.75 -22.23
CA LEU E 313 24.97 -47.42 -22.63
C LEU E 313 23.47 -47.37 -22.86
N PHE E 314 22.84 -48.53 -23.01
CA PHE E 314 21.38 -48.60 -23.10
C PHE E 314 20.72 -48.01 -21.86
N SER E 315 21.42 -48.05 -20.71
CA SER E 315 20.90 -47.42 -19.50
C SER E 315 20.73 -45.92 -19.69
N SER E 316 21.85 -45.21 -19.87
CA SER E 316 21.80 -43.77 -20.06
C SER E 316 20.98 -43.40 -21.28
N LEU E 317 20.85 -44.34 -22.23
CA LEU E 317 19.94 -44.14 -23.36
C LEU E 317 18.51 -43.99 -22.87
N LYS E 318 18.06 -44.90 -22.01
CA LYS E 318 16.70 -44.80 -21.49
C LYS E 318 16.54 -43.63 -20.53
N VAL E 319 17.65 -43.18 -19.92
CA VAL E 319 17.59 -42.10 -18.96
C VAL E 319 17.20 -40.77 -19.62
N VAL E 320 17.34 -40.65 -20.95
CA VAL E 320 17.00 -39.38 -21.59
C VAL E 320 15.53 -39.07 -21.37
N ARG E 321 14.81 -40.05 -20.93
CA ARG E 321 13.47 -39.69 -20.73
C ARG E 321 13.41 -38.98 -19.44
N LEU E 322 14.14 -39.52 -18.50
CA LEU E 322 14.08 -38.94 -17.16
C LEU E 322 14.19 -37.43 -17.19
N LEU E 323 14.81 -36.86 -18.22
CA LEU E 323 14.83 -35.42 -18.40
C LEU E 323 13.75 -34.96 -19.38
N ARG E 324 13.55 -35.72 -20.46
CA ARG E 324 12.49 -35.38 -21.42
C ARG E 324 11.12 -35.42 -20.76
N LEU E 325 10.87 -36.44 -19.94
CA LEU E 325 9.61 -36.52 -19.22
C LEU E 325 9.71 -35.78 -17.88
N GLY E 326 10.86 -35.87 -17.22
CA GLY E 326 10.97 -35.34 -15.87
C GLY E 326 10.78 -33.84 -15.79
N ARG E 327 11.35 -33.10 -16.75
CA ARG E 327 11.12 -31.66 -16.76
C ARG E 327 9.73 -31.34 -17.30
N VAL E 328 9.22 -32.17 -18.21
CA VAL E 328 7.81 -32.09 -18.57
C VAL E 328 6.93 -32.59 -17.44
N ALA E 329 7.49 -33.41 -16.52
CA ALA E 329 6.74 -33.82 -15.35
C ALA E 329 6.43 -32.68 -14.41
N ARG E 330 6.78 -31.43 -14.76
CA ARG E 330 6.13 -30.29 -14.13
C ARG E 330 4.67 -30.22 -14.53
N LYS E 331 4.27 -30.90 -15.60
CA LYS E 331 2.87 -31.18 -15.87
C LYS E 331 2.32 -32.28 -14.98
N LEU E 332 3.16 -33.20 -14.52
CA LEU E 332 2.75 -34.08 -13.43
C LEU E 332 2.47 -33.28 -12.16
N ASP E 333 3.10 -32.12 -12.02
CA ASP E 333 2.74 -31.19 -10.97
C ASP E 333 1.42 -30.50 -11.34
N HIS E 334 0.36 -31.29 -11.46
CA HIS E 334 -0.96 -30.77 -11.78
C HIS E 334 -1.94 -30.97 -10.63
N TYR E 335 -2.03 -32.19 -10.09
CA TYR E 335 -2.78 -32.40 -8.85
C TYR E 335 -2.24 -33.61 -8.12
N ILE E 336 -1.30 -33.38 -7.20
CA ILE E 336 -1.02 -34.27 -6.08
C ILE E 336 -1.04 -33.33 -4.88
N GLU E 337 -1.87 -32.29 -4.98
CA GLU E 337 -1.71 -31.07 -4.20
C GLU E 337 -2.10 -31.28 -2.73
N TYR E 338 -1.17 -31.88 -2.00
CA TYR E 338 -1.08 -31.72 -0.54
C TYR E 338 0.41 -31.70 -0.25
N GLY E 339 0.99 -30.50 -0.26
CA GLY E 339 2.43 -30.38 -0.31
C GLY E 339 2.92 -30.53 -1.74
N ALA E 340 4.06 -29.94 -2.07
CA ALA E 340 4.56 -29.98 -3.44
C ALA E 340 4.95 -31.41 -3.82
N ALA E 341 4.65 -31.79 -5.06
CA ALA E 341 5.06 -33.09 -5.57
C ALA E 341 6.57 -33.18 -5.75
N VAL E 342 7.28 -32.05 -5.65
CA VAL E 342 8.74 -32.07 -5.69
C VAL E 342 9.29 -32.97 -4.60
N LEU E 343 8.51 -33.18 -3.54
CA LEU E 343 8.96 -34.03 -2.44
C LEU E 343 8.98 -35.50 -2.85
N VAL E 344 7.89 -35.94 -3.49
CA VAL E 344 7.86 -37.28 -4.05
C VAL E 344 8.97 -37.44 -5.08
N LEU E 345 9.20 -36.41 -5.89
CA LEU E 345 10.27 -36.46 -6.87
C LEU E 345 11.63 -36.62 -6.21
N LEU E 346 11.88 -35.87 -5.14
CA LEU E 346 13.20 -35.93 -4.50
C LEU E 346 13.40 -37.25 -3.77
N VAL E 347 12.35 -37.79 -3.14
CA VAL E 347 12.52 -39.08 -2.47
C VAL E 347 12.74 -40.18 -3.50
N CYS E 348 12.04 -40.11 -4.64
CA CYS E 348 12.24 -41.10 -5.69
C CYS E 348 13.63 -41.01 -6.29
N VAL E 349 14.13 -39.78 -6.51
CA VAL E 349 15.46 -39.65 -7.09
C VAL E 349 16.52 -40.07 -6.07
N PHE E 350 16.26 -39.86 -4.79
CA PHE E 350 17.14 -40.39 -3.76
C PHE E 350 17.20 -41.90 -3.83
N GLY E 351 16.05 -42.55 -3.98
CA GLY E 351 16.04 -44.00 -4.09
C GLY E 351 16.80 -44.50 -5.31
N LEU E 352 16.56 -43.88 -6.47
CA LEU E 352 17.22 -44.35 -7.68
C LEU E 352 18.73 -44.07 -7.63
N ALA E 353 19.12 -42.94 -7.04
CA ALA E 353 20.54 -42.65 -6.87
C ALA E 353 21.19 -43.66 -5.93
N ALA E 354 20.49 -44.03 -4.85
CA ALA E 354 21.01 -45.07 -3.96
C ALA E 354 21.19 -46.38 -4.70
N HIS E 355 20.23 -46.74 -5.55
CA HIS E 355 20.37 -47.95 -6.35
C HIS E 355 21.58 -47.87 -7.27
N TRP E 356 21.74 -46.73 -7.96
CA TRP E 356 22.88 -46.56 -8.87
C TRP E 356 24.19 -46.73 -8.12
N MET E 357 24.31 -46.08 -6.96
CA MET E 357 25.58 -46.09 -6.27
C MET E 357 25.84 -47.42 -5.57
N ALA E 358 24.78 -48.15 -5.21
CA ALA E 358 24.96 -49.54 -4.78
C ALA E 358 25.52 -50.39 -5.91
N CYS E 359 24.97 -50.21 -7.12
CA CYS E 359 25.49 -50.93 -8.27
C CYS E 359 26.97 -50.64 -8.48
N ILE E 360 27.36 -49.37 -8.40
CA ILE E 360 28.74 -49.03 -8.74
C ILE E 360 29.68 -49.40 -7.59
N TRP E 361 29.16 -49.45 -6.36
CA TRP E 361 29.94 -50.00 -5.25
C TRP E 361 30.21 -51.49 -5.46
N TYR E 362 29.19 -52.25 -5.89
CA TYR E 362 29.43 -53.65 -6.21
C TYR E 362 30.46 -53.79 -7.31
N SER E 363 30.35 -52.96 -8.35
CA SER E 363 31.32 -53.05 -9.44
C SER E 363 32.73 -52.82 -8.94
N ILE E 364 32.92 -51.81 -8.09
CA ILE E 364 34.24 -51.51 -7.55
C ILE E 364 34.75 -52.70 -6.72
N GLY E 365 33.91 -53.24 -5.85
CA GLY E 365 34.34 -54.35 -5.02
C GLY E 365 34.76 -55.56 -5.82
N ASP E 366 33.95 -55.92 -6.82
CA ASP E 366 34.28 -57.06 -7.68
C ASP E 366 35.55 -56.79 -8.48
N TYR E 367 35.77 -55.55 -8.89
CA TYR E 367 37.00 -55.20 -9.58
C TYR E 367 38.20 -55.29 -8.64
N GLU E 368 37.98 -55.12 -7.34
CA GLU E 368 39.10 -55.03 -6.41
C GLU E 368 39.51 -56.37 -5.80
N ILE E 369 38.55 -57.27 -5.56
CA ILE E 369 38.83 -58.40 -4.66
C ILE E 369 40.03 -59.22 -5.10
N PHE E 370 40.09 -59.59 -6.38
CA PHE E 370 41.12 -60.52 -6.81
C PHE E 370 42.25 -59.79 -7.52
N ASP E 371 43.43 -60.39 -7.46
CA ASP E 371 44.66 -59.81 -8.00
C ASP E 371 45.05 -60.42 -9.34
N GLU E 372 44.13 -61.12 -10.00
CA GLU E 372 44.34 -61.70 -11.33
C GLU E 372 45.51 -62.67 -11.25
N ASP E 373 46.54 -62.52 -12.07
CA ASP E 373 47.64 -63.49 -12.11
C ASP E 373 48.46 -63.50 -10.83
N THR E 374 48.40 -62.44 -10.03
CA THR E 374 49.14 -62.41 -8.77
C THR E 374 48.62 -63.42 -7.76
N LYS E 375 47.38 -63.88 -7.93
CA LYS E 375 46.76 -64.89 -7.08
C LYS E 375 46.66 -64.44 -5.62
N THR E 376 46.69 -63.13 -5.38
CA THR E 376 46.60 -62.60 -4.03
C THR E 376 45.14 -62.51 -3.60
N ILE E 377 44.85 -62.97 -2.38
CA ILE E 377 43.50 -62.93 -1.86
C ILE E 377 43.03 -61.50 -1.61
N ARG E 378 43.94 -60.61 -1.20
CA ARG E 378 43.63 -59.20 -1.00
C ARG E 378 42.56 -59.06 0.09
N ASN E 379 42.96 -59.47 1.30
CA ASN E 379 42.05 -59.64 2.42
C ASN E 379 41.49 -58.34 2.97
N ASN E 380 42.13 -57.20 2.69
CA ASN E 380 41.69 -55.94 3.26
C ASN E 380 40.48 -55.38 2.50
N SER E 381 40.13 -55.99 1.37
CA SER E 381 38.97 -55.55 0.61
C SER E 381 37.69 -55.75 1.42
N TRP E 382 36.71 -54.89 1.16
CA TRP E 382 35.46 -54.96 1.92
C TRP E 382 34.70 -56.24 1.64
N LEU E 383 34.73 -56.73 0.40
CA LEU E 383 33.92 -57.89 0.07
C LEU E 383 34.43 -59.13 0.77
N TYR E 384 35.75 -59.30 0.90
CA TYR E 384 36.31 -60.43 1.62
C TYR E 384 36.05 -60.34 3.12
N GLN E 385 36.11 -59.14 3.70
CA GLN E 385 35.71 -58.96 5.09
C GLN E 385 34.26 -59.36 5.29
N LEU E 386 33.39 -58.95 4.36
CA LEU E 386 31.99 -59.31 4.42
C LEU E 386 31.80 -60.82 4.30
N ALA E 387 32.60 -61.46 3.42
CA ALA E 387 32.53 -62.90 3.28
C ALA E 387 32.94 -63.61 4.57
N LEU E 388 33.99 -63.11 5.22
CA LEU E 388 34.40 -63.71 6.49
C LEU E 388 33.35 -63.52 7.56
N ASP E 389 32.73 -62.34 7.61
CA ASP E 389 31.77 -62.05 8.67
C ASP E 389 30.46 -62.80 8.45
N ILE E 390 29.95 -62.79 7.21
CA ILE E 390 28.67 -63.42 6.89
C ILE E 390 28.73 -64.93 7.03
N GLY E 391 29.93 -65.51 7.05
CA GLY E 391 30.10 -66.95 7.05
C GLY E 391 30.43 -67.48 5.67
N THR E 392 30.68 -68.79 5.62
CA THR E 392 31.09 -69.49 4.42
C THR E 392 32.25 -68.79 3.73
N PRO E 393 33.44 -68.78 4.34
CA PRO E 393 34.57 -68.09 3.73
C PRO E 393 35.08 -68.82 2.49
N TYR E 394 35.96 -68.13 1.76
CA TYR E 394 36.50 -68.69 0.53
C TYR E 394 37.43 -69.86 0.82
N GLN E 395 37.52 -70.76 -0.16
CA GLN E 395 38.39 -71.93 -0.06
C GLN E 395 38.90 -72.28 -1.45
N PHE E 396 39.99 -73.03 -1.48
CA PHE E 396 40.62 -73.42 -2.74
C PHE E 396 40.95 -74.91 -2.70
N ASN E 397 41.06 -75.50 -3.88
CA ASN E 397 41.38 -76.91 -4.02
C ASN E 397 42.83 -77.10 -4.45
N LYS E 403 41.40 -73.02 -8.50
CA LYS E 403 40.02 -72.59 -8.37
C LYS E 403 39.74 -72.07 -6.96
N TRP E 404 38.73 -71.21 -6.83
CA TRP E 404 38.36 -70.61 -5.56
C TRP E 404 36.86 -70.74 -5.33
N GLU E 405 36.47 -70.80 -4.06
CA GLU E 405 35.07 -70.94 -3.71
C GLU E 405 34.30 -69.66 -4.04
N GLY E 406 32.97 -69.81 -4.12
CA GLY E 406 32.12 -68.68 -4.45
C GLY E 406 31.84 -67.74 -3.30
N GLY E 407 31.87 -68.23 -2.07
CA GLY E 407 31.63 -67.42 -0.90
C GLY E 407 30.21 -66.88 -0.85
N PRO E 408 30.07 -65.56 -0.71
CA PRO E 408 28.74 -64.98 -0.54
C PRO E 408 27.87 -65.09 -1.77
N SER E 409 26.56 -65.19 -1.55
CA SER E 409 25.61 -65.24 -2.64
C SER E 409 25.25 -63.84 -3.11
N LYS E 410 24.81 -63.74 -4.37
CA LYS E 410 24.59 -62.44 -4.99
C LYS E 410 23.48 -61.65 -4.29
N ASN E 411 22.47 -62.34 -3.77
CA ASN E 411 21.37 -61.65 -3.10
C ASN E 411 21.85 -60.84 -1.91
N SER E 412 22.61 -61.47 -1.03
CA SER E 412 23.13 -60.75 0.14
C SER E 412 24.12 -59.66 -0.28
N VAL E 413 24.90 -59.90 -1.32
CA VAL E 413 25.88 -58.90 -1.77
C VAL E 413 25.17 -57.65 -2.25
N TYR E 414 24.11 -57.82 -3.05
CA TYR E 414 23.32 -56.68 -3.51
C TYR E 414 22.80 -55.84 -2.35
N ILE E 415 22.16 -56.49 -1.37
CA ILE E 415 21.53 -55.71 -0.32
C ILE E 415 22.59 -55.06 0.58
N SER E 416 23.72 -55.75 0.78
CA SER E 416 24.79 -55.16 1.58
C SER E 416 25.36 -53.92 0.91
N SER E 417 25.59 -53.99 -0.39
CA SER E 417 26.02 -52.80 -1.13
C SER E 417 24.97 -51.69 -1.04
N LEU E 418 23.69 -52.08 -1.10
CA LEU E 418 22.62 -51.10 -0.95
C LEU E 418 22.69 -50.40 0.40
N TYR E 419 22.91 -51.17 1.48
CA TYR E 419 23.05 -50.55 2.81
C TYR E 419 24.23 -49.61 2.83
N PHE E 420 25.37 -50.03 2.25
CA PHE E 420 26.55 -49.17 2.28
C PHE E 420 26.24 -47.83 1.64
N THR E 421 25.64 -47.88 0.46
CA THR E 421 25.25 -46.66 -0.24
C THR E 421 24.26 -45.84 0.57
N MET E 422 23.34 -46.53 1.26
CA MET E 422 22.21 -45.85 1.88
C MET E 422 22.65 -45.16 3.17
N THR E 423 23.50 -45.84 3.94
CA THR E 423 24.11 -45.26 5.13
C THR E 423 25.09 -44.16 4.73
N SER E 424 25.70 -44.25 3.54
CA SER E 424 26.57 -43.18 3.08
C SER E 424 25.77 -41.94 2.72
N LEU E 425 24.69 -42.11 1.96
CA LEU E 425 23.89 -40.99 1.52
C LEU E 425 23.21 -40.30 2.68
N THR E 426 22.61 -41.06 3.60
CA THR E 426 21.91 -40.41 4.69
C THR E 426 22.79 -40.08 5.88
N SER E 427 24.10 -40.32 5.78
CA SER E 427 25.07 -39.81 6.73
C SER E 427 24.84 -40.29 8.16
N VAL E 428 24.53 -41.58 8.32
CA VAL E 428 24.51 -42.19 9.64
C VAL E 428 25.78 -42.98 9.92
N GLY E 429 26.33 -43.62 8.89
CA GLY E 429 27.63 -44.23 8.97
C GLY E 429 27.79 -45.23 10.10
N PHE E 430 27.14 -46.38 9.98
CA PHE E 430 27.14 -47.33 11.09
C PHE E 430 28.55 -47.81 11.41
N GLY E 431 29.26 -48.34 10.42
CA GLY E 431 30.63 -48.76 10.63
C GLY E 431 30.92 -50.24 10.56
N ASN E 432 30.00 -51.05 10.02
CA ASN E 432 30.27 -52.49 9.94
C ASN E 432 31.01 -52.85 8.65
N ILE E 433 30.61 -52.28 7.51
CA ILE E 433 31.20 -52.59 6.22
C ILE E 433 31.93 -51.36 5.74
N ALA E 434 33.23 -51.50 5.49
CA ALA E 434 34.14 -50.37 5.42
C ALA E 434 34.78 -50.23 4.04
N PRO E 435 34.92 -49.01 3.55
CA PRO E 435 35.90 -48.75 2.49
C PRO E 435 37.30 -48.80 3.08
N SER E 436 38.17 -49.58 2.43
CA SER E 436 39.48 -49.85 2.97
C SER E 436 40.62 -49.69 1.98
N THR E 437 40.37 -49.74 0.68
CA THR E 437 41.42 -49.48 -0.30
C THR E 437 41.18 -48.13 -0.97
N ASP E 438 42.08 -47.80 -1.90
CA ASP E 438 42.23 -46.42 -2.36
C ASP E 438 41.01 -45.97 -3.15
N ILE E 439 40.47 -46.86 -3.98
CA ILE E 439 39.38 -46.48 -4.86
C ILE E 439 38.05 -46.46 -4.11
N GLU E 440 37.86 -47.39 -3.17
CA GLU E 440 36.74 -47.26 -2.26
C GLU E 440 36.83 -45.93 -1.55
N LYS E 441 38.06 -45.46 -1.35
CA LYS E 441 38.34 -44.25 -0.60
C LYS E 441 37.76 -43.06 -1.32
N ILE E 442 38.18 -42.91 -2.59
CA ILE E 442 37.71 -41.82 -3.44
C ILE E 442 36.21 -41.93 -3.72
N PHE E 443 35.72 -43.15 -3.84
CA PHE E 443 34.28 -43.34 -4.00
C PHE E 443 33.52 -42.82 -2.79
N ALA E 444 34.01 -43.10 -1.59
CA ALA E 444 33.36 -42.56 -0.41
C ALA E 444 33.37 -41.04 -0.47
N VAL E 445 34.50 -40.46 -0.87
CA VAL E 445 34.57 -39.01 -1.08
C VAL E 445 33.41 -38.50 -1.93
N ALA E 446 33.26 -39.06 -3.14
CA ALA E 446 32.24 -38.55 -4.05
C ALA E 446 30.84 -38.78 -3.49
N ILE E 447 30.59 -39.98 -2.95
CA ILE E 447 29.26 -40.33 -2.49
C ILE E 447 28.84 -39.41 -1.34
N MET E 448 29.75 -39.14 -0.42
CA MET E 448 29.41 -38.31 0.73
C MET E 448 29.17 -36.86 0.32
N MET E 449 29.98 -36.34 -0.61
CA MET E 449 29.67 -35.01 -1.16
C MET E 449 28.25 -34.94 -1.73
N ILE E 450 27.94 -35.81 -2.69
CA ILE E 450 26.65 -35.69 -3.38
C ILE E 450 25.49 -35.95 -2.42
N GLY E 451 25.70 -36.86 -1.45
CA GLY E 451 24.68 -37.10 -0.45
C GLY E 451 24.41 -35.88 0.41
N SER E 452 25.48 -35.17 0.81
CA SER E 452 25.29 -33.95 1.58
C SER E 452 24.49 -32.93 0.78
N LEU E 453 24.83 -32.78 -0.50
CA LEU E 453 24.08 -31.82 -1.32
C LEU E 453 22.60 -32.17 -1.37
N LEU E 454 22.28 -33.43 -1.65
CA LEU E 454 20.88 -33.79 -1.81
C LEU E 454 20.13 -33.72 -0.47
N TYR E 455 20.83 -34.04 0.62
CA TYR E 455 20.31 -33.89 1.97
C TYR E 455 19.89 -32.45 2.24
N ALA E 456 20.78 -31.51 1.90
CA ALA E 456 20.46 -30.09 2.05
C ALA E 456 19.25 -29.72 1.20
N THR E 457 19.18 -30.26 -0.02
CA THR E 457 18.04 -29.96 -0.88
C THR E 457 16.72 -30.40 -0.24
N ILE E 458 16.69 -31.62 0.30
CA ILE E 458 15.49 -32.12 0.96
C ILE E 458 15.08 -31.19 2.08
N PHE E 459 16.04 -30.81 2.92
CA PHE E 459 15.71 -29.96 4.06
C PHE E 459 15.15 -28.62 3.63
N GLY E 460 15.77 -27.98 2.64
CA GLY E 460 15.26 -26.71 2.17
C GLY E 460 13.84 -26.81 1.67
N ASN E 461 13.57 -27.83 0.86
CA ASN E 461 12.22 -27.98 0.30
C ASN E 461 11.18 -28.18 1.40
N VAL E 462 11.49 -29.05 2.37
CA VAL E 462 10.50 -29.36 3.39
C VAL E 462 10.25 -28.14 4.29
N THR E 463 11.30 -27.37 4.59
CA THR E 463 11.13 -26.15 5.36
C THR E 463 10.27 -25.13 4.63
N THR E 464 10.49 -25.00 3.31
CA THR E 464 9.65 -24.10 2.53
C THR E 464 8.19 -24.51 2.63
N ILE E 465 7.92 -25.81 2.59
CA ILE E 465 6.53 -26.27 2.68
C ILE E 465 5.93 -25.85 4.01
N PHE E 466 6.66 -26.08 5.11
CA PHE E 466 6.11 -25.75 6.42
C PHE E 466 5.85 -24.25 6.57
N GLN E 467 6.77 -23.42 6.12
CA GLN E 467 6.54 -21.98 6.27
C GLN E 467 5.37 -21.52 5.39
N GLN E 468 5.26 -22.08 4.18
CA GLN E 468 4.12 -21.73 3.34
C GLN E 468 2.80 -22.20 3.93
N MET E 469 2.77 -23.36 4.61
CA MET E 469 1.49 -23.80 5.15
C MET E 469 1.11 -22.97 6.37
N TYR E 470 2.09 -22.58 7.19
CA TYR E 470 1.75 -21.91 8.43
C TYR E 470 1.78 -20.39 8.35
N ALA E 471 2.02 -19.81 7.17
CA ALA E 471 2.11 -18.35 7.07
C ALA E 471 0.83 -17.64 7.54
N ASN E 472 -0.33 -18.05 7.01
CA ASN E 472 -1.54 -17.24 7.15
C ASN E 472 -2.09 -17.25 8.57
N THR E 473 -2.01 -18.41 9.24
CA THR E 473 -2.57 -18.52 10.58
C THR E 473 -1.92 -17.52 11.54
N ASN E 474 -0.59 -17.36 11.42
CA ASN E 474 0.12 -16.46 12.31
C ASN E 474 -0.27 -15.00 12.06
N ARG E 475 -0.41 -14.60 10.79
CA ARG E 475 -0.79 -13.23 10.52
C ARG E 475 -2.19 -12.92 11.04
N TYR E 476 -3.12 -13.88 10.86
CA TYR E 476 -4.47 -13.65 11.37
C TYR E 476 -4.47 -13.54 12.89
N HIS E 477 -3.73 -14.44 13.56
CA HIS E 477 -3.68 -14.40 15.02
C HIS E 477 -3.02 -13.13 15.52
N GLU E 478 -1.98 -12.67 14.83
CA GLU E 478 -1.32 -11.43 15.23
C GLU E 478 -2.25 -10.23 15.07
N MET E 479 -3.01 -10.18 13.98
CA MET E 479 -3.96 -9.08 13.80
C MET E 479 -5.02 -9.11 14.90
N LEU E 480 -5.54 -10.31 15.22
CA LEU E 480 -6.54 -10.42 16.27
C LEU E 480 -5.97 -9.97 17.62
N ASN E 481 -4.74 -10.37 17.93
CA ASN E 481 -4.14 -9.99 19.20
C ASN E 481 -3.89 -8.48 19.26
N SER E 482 -3.50 -7.88 18.14
CA SER E 482 -3.34 -6.43 18.10
C SER E 482 -4.66 -5.73 18.36
N VAL E 483 -5.74 -6.22 17.74
CA VAL E 483 -7.05 -5.62 17.96
C VAL E 483 -7.46 -5.76 19.43
N ARG E 484 -7.19 -6.93 20.01
CA ARG E 484 -7.53 -7.16 21.42
C ARG E 484 -6.75 -6.21 22.32
N ASP E 485 -5.47 -6.02 22.04
CA ASP E 485 -4.67 -5.09 22.84
C ASP E 485 -5.21 -3.67 22.70
N PHE E 486 -5.59 -3.27 21.49
CA PHE E 486 -6.12 -1.93 21.28
C PHE E 486 -7.40 -1.73 22.07
N LEU E 487 -8.30 -2.71 22.05
CA LEU E 487 -9.54 -2.57 22.79
C LEU E 487 -9.29 -2.58 24.29
N LYS E 488 -8.30 -3.35 24.74
CA LYS E 488 -7.96 -3.36 26.17
C LYS E 488 -7.41 -2.01 26.62
N LEU E 489 -6.64 -1.35 25.75
CA LEU E 489 -5.98 -0.11 26.14
C LEU E 489 -6.99 0.99 26.47
N TYR E 490 -8.00 1.16 25.62
CA TYR E 490 -8.88 2.32 25.73
C TYR E 490 -10.12 2.06 26.57
N GLN E 491 -10.09 1.07 27.47
CA GLN E 491 -11.13 0.86 28.47
C GLN E 491 -12.52 0.70 27.86
N VAL E 492 -12.61 0.04 26.72
CA VAL E 492 -13.93 -0.19 26.11
C VAL E 492 -14.71 -1.20 26.95
N PRO E 493 -16.00 -0.98 27.20
CA PRO E 493 -16.77 -1.95 27.97
C PRO E 493 -16.97 -3.25 27.20
N LYS E 494 -17.38 -4.28 27.93
CA LYS E 494 -17.57 -5.60 27.34
C LYS E 494 -18.67 -5.58 26.29
N GLY E 495 -19.74 -4.82 26.53
CA GLY E 495 -20.87 -4.83 25.62
C GLY E 495 -20.52 -4.40 24.20
N LEU E 496 -19.44 -3.64 24.04
CA LEU E 496 -18.97 -3.19 22.74
C LEU E 496 -17.78 -3.99 22.23
N SER E 497 -16.88 -4.39 23.13
CA SER E 497 -15.76 -5.22 22.74
C SER E 497 -16.23 -6.56 22.20
N GLU E 498 -17.23 -7.15 22.84
CA GLU E 498 -17.79 -8.41 22.34
C GLU E 498 -18.33 -8.24 20.93
N ARG E 499 -19.05 -7.15 20.69
CA ARG E 499 -19.62 -6.92 19.36
C ARG E 499 -18.53 -6.74 18.31
N VAL E 500 -17.49 -5.97 18.63
CA VAL E 500 -16.46 -5.73 17.62
C VAL E 500 -15.69 -7.01 17.32
N MET E 501 -15.39 -7.82 18.35
CA MET E 501 -14.65 -9.05 18.10
C MET E 501 -15.50 -10.08 17.36
N ASP E 502 -16.80 -10.18 17.71
CA ASP E 502 -17.68 -11.04 16.93
C ASP E 502 -17.75 -10.59 15.48
N TYR E 503 -17.87 -9.29 15.23
CA TYR E 503 -17.92 -8.82 13.86
C TYR E 503 -16.65 -9.18 13.11
N ILE E 504 -15.49 -8.96 13.75
CA ILE E 504 -14.22 -9.23 13.08
C ILE E 504 -14.10 -10.71 12.75
N VAL E 505 -14.39 -11.58 13.72
CA VAL E 505 -14.21 -13.02 13.51
C VAL E 505 -15.19 -13.52 12.45
N SER E 506 -16.43 -13.01 12.48
CA SER E 506 -17.41 -13.46 11.50
C SER E 506 -17.05 -13.01 10.10
N THR E 507 -16.63 -11.75 9.94
CA THR E 507 -16.29 -11.26 8.60
C THR E 507 -15.02 -11.92 8.08
N TRP E 508 -14.10 -12.28 8.97
CA TRP E 508 -12.92 -13.02 8.51
C TRP E 508 -13.28 -14.44 8.13
N SER E 509 -14.17 -15.09 8.89
CA SER E 509 -14.57 -16.45 8.56
C SER E 509 -15.31 -16.50 7.23
N MET E 510 -16.13 -15.48 6.95
CA MET E 510 -16.91 -15.49 5.71
C MET E 510 -16.07 -15.03 4.51
N SER E 511 -15.48 -13.84 4.60
CA SER E 511 -14.75 -13.27 3.46
C SER E 511 -13.38 -13.90 3.25
N ARG E 512 -12.78 -14.47 4.29
CA ARG E 512 -11.44 -15.04 4.23
C ARG E 512 -10.46 -13.96 3.78
N GLY E 513 -9.36 -14.36 3.13
CA GLY E 513 -8.38 -13.40 2.67
C GLY E 513 -8.61 -12.95 1.24
N ILE E 514 -9.85 -12.57 0.91
CA ILE E 514 -10.21 -12.12 -0.42
C ILE E 514 -10.86 -10.75 -0.31
N ASP E 515 -10.43 -9.82 -1.16
CA ASP E 515 -11.00 -8.49 -1.22
C ASP E 515 -11.91 -8.41 -2.45
N THR E 516 -13.21 -8.17 -2.21
CA THR E 516 -14.16 -8.07 -3.30
C THR E 516 -13.83 -6.89 -4.20
N GLU E 517 -13.48 -5.75 -3.61
CA GLU E 517 -13.16 -4.56 -4.40
C GLU E 517 -11.94 -4.82 -5.29
N LYS E 518 -10.90 -5.44 -4.73
CA LYS E 518 -9.71 -5.72 -5.52
C LYS E 518 -10.03 -6.66 -6.68
N VAL E 519 -10.81 -7.70 -6.42
CA VAL E 519 -11.20 -8.62 -7.48
C VAL E 519 -11.98 -7.89 -8.56
N LEU E 520 -12.85 -6.96 -8.17
CA LEU E 520 -13.58 -6.16 -9.15
C LEU E 520 -12.63 -5.31 -9.98
N GLN E 521 -11.72 -4.59 -9.33
CA GLN E 521 -10.83 -3.69 -10.06
C GLN E 521 -9.86 -4.46 -10.95
N ILE E 522 -9.60 -5.74 -10.66
CA ILE E 522 -8.74 -6.52 -11.54
C ILE E 522 -9.34 -6.65 -12.94
N CYS E 523 -10.63 -6.94 -13.01
CA CYS E 523 -11.29 -7.13 -14.29
C CYS E 523 -11.45 -5.80 -15.03
N PRO E 524 -11.54 -5.83 -16.37
CA PRO E 524 -11.73 -4.59 -17.12
C PRO E 524 -13.16 -4.05 -17.01
N LYS E 525 -13.43 -2.94 -17.68
CA LYS E 525 -14.68 -2.20 -17.45
C LYS E 525 -15.89 -3.03 -17.84
N ASP E 526 -15.83 -3.73 -18.98
CA ASP E 526 -16.99 -4.49 -19.43
C ASP E 526 -17.30 -5.64 -18.48
N MET E 527 -16.29 -6.40 -18.10
CA MET E 527 -16.50 -7.47 -17.15
C MET E 527 -16.94 -6.92 -15.80
N ARG E 528 -16.40 -5.76 -15.39
CA ARG E 528 -16.84 -5.16 -14.14
C ARG E 528 -18.32 -4.84 -14.17
N ALA E 529 -18.79 -4.24 -15.27
CA ALA E 529 -20.21 -3.90 -15.37
C ALA E 529 -21.08 -5.15 -15.37
N ASP E 530 -20.65 -6.19 -16.11
CA ASP E 530 -21.43 -7.42 -16.15
C ASP E 530 -21.48 -8.09 -14.78
N ILE E 531 -20.36 -8.10 -14.06
CA ILE E 531 -20.35 -8.63 -12.70
C ILE E 531 -21.28 -7.85 -11.81
N CYS E 532 -21.27 -6.51 -11.92
CA CYS E 532 -22.17 -5.71 -11.09
C CYS E 532 -23.63 -6.03 -11.39
N VAL E 533 -23.96 -6.18 -12.67
CA VAL E 533 -25.32 -6.55 -13.05
C VAL E 533 -25.70 -7.89 -12.44
N HIS E 534 -24.80 -8.88 -12.52
CA HIS E 534 -25.08 -10.18 -11.97
C HIS E 534 -25.26 -10.14 -10.46
N LEU E 535 -24.38 -9.42 -9.76
CA LEU E 535 -24.49 -9.30 -8.31
C LEU E 535 -25.77 -8.60 -7.87
N ASN E 536 -26.23 -7.61 -8.62
CA ASN E 536 -27.42 -6.88 -8.22
C ASN E 536 -28.67 -7.32 -8.95
N ARG E 537 -28.60 -8.42 -9.71
CA ARG E 537 -29.72 -8.78 -10.59
C ARG E 537 -31.02 -9.01 -9.84
N LYS E 538 -30.93 -9.35 -8.55
CA LYS E 538 -32.16 -9.62 -7.81
C LYS E 538 -33.07 -8.40 -7.81
N VAL E 539 -32.53 -7.23 -7.48
CA VAL E 539 -33.37 -6.05 -7.30
C VAL E 539 -33.94 -5.58 -8.63
N PHE E 540 -33.18 -5.67 -9.72
CA PHE E 540 -33.74 -5.25 -11.01
C PHE E 540 -34.89 -6.17 -11.42
N LYS E 541 -34.67 -7.48 -11.37
CA LYS E 541 -35.65 -8.41 -11.91
C LYS E 541 -36.87 -8.58 -11.02
N GLU E 542 -36.76 -8.29 -9.72
CA GLU E 542 -37.93 -8.39 -8.87
C GLU E 542 -38.69 -7.06 -8.75
N HIS E 543 -37.99 -5.96 -8.51
CA HIS E 543 -38.67 -4.68 -8.30
C HIS E 543 -39.29 -4.19 -9.60
N PRO E 544 -40.58 -3.86 -9.63
CA PRO E 544 -41.21 -3.41 -10.88
C PRO E 544 -40.68 -2.08 -11.39
N ALA E 545 -40.03 -1.28 -10.54
CA ALA E 545 -39.55 0.03 -10.95
C ALA E 545 -38.43 -0.06 -11.99
N PHE E 546 -37.77 -1.21 -12.10
CA PHE E 546 -36.66 -1.38 -13.04
C PHE E 546 -37.05 -2.14 -14.29
N ARG E 547 -38.35 -2.41 -14.49
CA ARG E 547 -38.77 -3.18 -15.64
C ARG E 547 -38.79 -2.35 -16.93
N LEU E 548 -38.57 -1.03 -16.83
CA LEU E 548 -38.45 -0.18 -18.01
C LEU E 548 -37.02 0.34 -18.19
N ALA E 549 -36.04 -0.41 -17.71
CA ALA E 549 -34.66 0.04 -17.72
C ALA E 549 -33.95 -0.41 -18.98
N SER E 550 -33.30 0.53 -19.65
CA SER E 550 -32.45 0.21 -20.77
C SER E 550 -31.12 -0.34 -20.26
N ASP E 551 -30.35 -0.93 -21.19
CA ASP E 551 -29.08 -1.53 -20.80
C ASP E 551 -28.11 -0.48 -20.27
N GLY E 552 -28.05 0.69 -20.91
CA GLY E 552 -27.10 1.70 -20.49
C GLY E 552 -27.39 2.22 -19.09
N CYS E 553 -28.65 2.57 -18.83
CA CYS E 553 -29.01 3.05 -17.50
C CYS E 553 -28.87 1.94 -16.46
N LEU E 554 -29.24 0.71 -16.83
CA LEU E 554 -29.08 -0.42 -15.93
C LEU E 554 -27.62 -0.59 -15.52
N ARG E 555 -26.71 -0.48 -16.49
CA ARG E 555 -25.29 -0.65 -16.17
C ARG E 555 -24.76 0.53 -15.37
N ALA E 556 -25.16 1.75 -15.74
CA ALA E 556 -24.69 2.92 -15.01
C ALA E 556 -25.15 2.89 -13.55
N LEU E 557 -26.34 2.35 -13.29
CA LEU E 557 -26.79 2.16 -11.92
C LEU E 557 -26.04 1.01 -11.25
N ALA E 558 -25.88 -0.12 -11.96
CA ALA E 558 -25.27 -1.30 -11.35
C ALA E 558 -23.84 -1.05 -10.95
N MET E 559 -23.14 -0.15 -11.65
CA MET E 559 -21.78 0.18 -11.26
C MET E 559 -21.73 0.74 -9.85
N GLU E 560 -22.81 1.35 -9.38
CA GLU E 560 -22.73 2.07 -8.12
C GLU E 560 -23.24 1.26 -6.93
N PHE E 561 -24.27 0.41 -7.12
CA PHE E 561 -24.89 -0.26 -5.98
C PHE E 561 -23.87 -1.03 -5.16
N GLN E 562 -23.99 -0.92 -3.84
CA GLN E 562 -23.14 -1.60 -2.89
C GLN E 562 -23.99 -2.41 -1.94
N THR E 563 -23.57 -3.65 -1.66
CA THR E 563 -24.32 -4.57 -0.81
C THR E 563 -23.81 -4.49 0.61
N VAL E 564 -24.72 -4.62 1.57
CA VAL E 564 -24.40 -4.52 2.99
C VAL E 564 -25.00 -5.71 3.70
N HIS E 565 -24.18 -6.40 4.49
CA HIS E 565 -24.64 -7.48 5.37
C HIS E 565 -24.77 -6.92 6.77
N CYS E 566 -25.98 -6.95 7.32
CA CYS E 566 -26.25 -6.40 8.65
C CYS E 566 -26.64 -7.53 9.59
N ALA E 567 -25.94 -7.61 10.71
CA ALA E 567 -26.23 -8.59 11.74
C ALA E 567 -27.49 -8.20 12.51
N PRO E 568 -28.15 -9.16 13.16
CA PRO E 568 -29.30 -8.80 14.00
C PRO E 568 -28.88 -7.87 15.12
N GLY E 569 -29.73 -6.86 15.39
CA GLY E 569 -29.50 -5.94 16.47
C GLY E 569 -28.81 -4.64 16.09
N ASP E 570 -28.12 -4.60 14.96
CA ASP E 570 -27.44 -3.38 14.56
C ASP E 570 -28.41 -2.39 13.92
N LEU E 571 -28.11 -1.11 14.06
CA LEU E 571 -28.96 -0.06 13.52
C LEU E 571 -28.30 0.55 12.28
N ILE E 572 -29.15 1.04 11.38
CA ILE E 572 -28.70 1.60 10.11
C ILE E 572 -28.82 3.11 10.10
N TYR E 573 -30.01 3.64 10.36
CA TYR E 573 -30.29 5.07 10.30
C TYR E 573 -30.77 5.52 11.67
N HIS E 574 -29.92 6.25 12.39
CA HIS E 574 -30.28 6.74 13.70
C HIS E 574 -31.15 7.99 13.60
N ALA E 575 -31.99 8.20 14.62
CA ALA E 575 -32.74 9.44 14.72
C ALA E 575 -31.78 10.61 14.86
N GLY E 576 -32.02 11.66 14.09
CA GLY E 576 -31.13 12.80 14.03
C GLY E 576 -30.10 12.76 12.92
N GLU E 577 -29.91 11.61 12.29
CA GLU E 577 -28.91 11.49 11.23
C GLU E 577 -29.48 11.93 9.89
N SER E 578 -28.61 12.45 9.04
CA SER E 578 -29.03 12.84 7.71
C SER E 578 -29.26 11.59 6.85
N VAL E 579 -30.37 11.58 6.11
CA VAL E 579 -30.69 10.49 5.20
C VAL E 579 -30.25 10.88 3.80
N ASP E 580 -29.35 10.06 3.22
CA ASP E 580 -28.82 10.40 1.91
C ASP E 580 -28.66 9.18 1.00
N SER E 581 -29.37 8.08 1.26
CA SER E 581 -29.13 6.86 0.50
C SER E 581 -30.40 6.04 0.43
N LEU E 582 -30.83 5.71 -0.78
CA LEU E 582 -31.93 4.78 -0.97
C LEU E 582 -31.41 3.35 -0.89
N CYS E 583 -32.20 2.47 -0.28
CA CYS E 583 -31.73 1.11 -0.01
C CYS E 583 -32.88 0.12 -0.13
N PHE E 584 -32.62 -0.97 -0.84
CA PHE E 584 -33.61 -2.01 -1.09
C PHE E 584 -33.32 -3.23 -0.23
N VAL E 585 -34.37 -3.80 0.35
CA VAL E 585 -34.24 -5.00 1.16
C VAL E 585 -34.42 -6.22 0.27
N VAL E 586 -33.45 -7.14 0.30
CA VAL E 586 -33.52 -8.34 -0.50
C VAL E 586 -33.66 -9.60 0.33
N SER E 587 -33.25 -9.59 1.60
CA SER E 587 -33.39 -10.76 2.46
C SER E 587 -33.67 -10.31 3.87
N GLY E 588 -34.30 -11.21 4.64
CA GLY E 588 -34.60 -10.93 6.03
C GLY E 588 -35.69 -9.88 6.20
N SER E 589 -35.67 -9.23 7.36
CA SER E 589 -36.70 -8.24 7.68
C SER E 589 -36.13 -7.19 8.63
N LEU E 590 -36.63 -5.96 8.48
CA LEU E 590 -36.18 -4.79 9.22
C LEU E 590 -37.38 -4.10 9.86
N GLU E 591 -37.14 -3.37 10.94
CA GLU E 591 -38.20 -2.61 11.60
C GLU E 591 -37.75 -1.17 11.79
N VAL E 592 -38.71 -0.27 11.85
CA VAL E 592 -38.48 1.13 12.14
C VAL E 592 -39.14 1.47 13.47
N ILE E 593 -38.39 2.08 14.38
CA ILE E 593 -38.86 2.40 15.71
C ILE E 593 -38.90 3.91 15.85
N GLN E 594 -39.99 4.43 16.41
CA GLN E 594 -40.16 5.87 16.60
C GLN E 594 -40.73 6.11 17.99
N ASP E 595 -40.00 6.87 18.80
CA ASP E 595 -40.41 7.22 20.15
C ASP E 595 -40.67 5.97 20.99
N ASP E 596 -39.87 4.94 20.75
CA ASP E 596 -39.98 3.65 21.42
C ASP E 596 -41.33 2.99 21.12
N GLU E 597 -41.76 3.10 19.87
CA GLU E 597 -42.95 2.42 19.38
C GLU E 597 -42.73 2.02 17.92
N VAL E 598 -43.27 0.86 17.56
CA VAL E 598 -43.14 0.33 16.21
C VAL E 598 -44.22 0.93 15.33
N VAL E 599 -43.81 1.52 14.21
CA VAL E 599 -44.74 2.13 13.29
C VAL E 599 -44.83 1.36 11.96
N ALA E 600 -43.78 0.65 11.58
CA ALA E 600 -43.80 -0.14 10.35
C ALA E 600 -42.77 -1.24 10.46
N ILE E 601 -42.98 -2.30 9.68
CA ILE E 601 -42.07 -3.43 9.60
C ILE E 601 -41.78 -3.68 8.12
N LEU E 602 -40.54 -4.03 7.82
CA LEU E 602 -40.08 -4.15 6.44
C LEU E 602 -39.67 -5.58 6.15
N GLY E 603 -39.99 -6.06 4.94
CA GLY E 603 -39.66 -7.40 4.54
C GLY E 603 -38.95 -7.48 3.21
N LYS E 604 -39.09 -8.62 2.52
CA LYS E 604 -38.44 -8.80 1.23
C LYS E 604 -39.08 -7.90 0.18
N GLY E 605 -38.25 -7.40 -0.73
CA GLY E 605 -38.73 -6.56 -1.81
C GLY E 605 -39.36 -5.26 -1.36
N ASP E 606 -38.74 -4.60 -0.39
CA ASP E 606 -39.25 -3.33 0.11
C ASP E 606 -38.11 -2.32 0.16
N VAL E 607 -38.46 -1.06 -0.07
CA VAL E 607 -37.48 0.03 -0.13
C VAL E 607 -37.95 1.15 0.80
N PHE E 608 -36.99 1.85 1.39
CA PHE E 608 -37.31 2.95 2.29
C PHE E 608 -36.23 4.01 2.21
N GLY E 609 -36.64 5.28 2.31
CA GLY E 609 -35.74 6.40 2.19
C GLY E 609 -36.49 7.71 2.00
N ASP E 610 -36.09 8.48 0.99
CA ASP E 610 -36.75 9.73 0.67
C ASP E 610 -36.65 10.00 -0.81
N VAL E 611 -37.55 10.83 -1.33
CA VAL E 611 -37.56 11.18 -2.74
C VAL E 611 -36.53 12.29 -3.00
N PHE E 612 -35.31 11.89 -3.30
CA PHE E 612 -34.23 12.84 -3.48
C PHE E 612 -34.44 13.70 -4.72
N TRP E 613 -34.90 13.09 -5.81
CA TRP E 613 -35.06 13.80 -7.07
C TRP E 613 -36.16 14.84 -7.01
N LYS E 614 -37.11 14.72 -6.09
CA LYS E 614 -38.21 15.67 -5.97
C LYS E 614 -38.01 16.68 -4.85
N GLU E 615 -37.59 16.22 -3.66
CA GLU E 615 -37.34 17.15 -2.56
C GLU E 615 -36.17 18.08 -2.88
N ALA E 616 -35.12 17.53 -3.49
CA ALA E 616 -33.91 18.28 -3.84
C ALA E 616 -33.27 18.94 -2.62
N THR E 617 -33.45 18.32 -1.45
CA THR E 617 -32.83 18.82 -0.23
C THR E 617 -32.71 17.67 0.76
N LEU E 618 -31.70 17.80 1.62
CA LEU E 618 -31.47 16.84 2.69
C LEU E 618 -32.39 17.08 3.89
N ALA E 619 -32.65 16.01 4.64
CA ALA E 619 -33.57 16.06 5.76
C ALA E 619 -33.07 15.17 6.89
N GLN E 620 -33.56 15.46 8.09
CA GLN E 620 -33.20 14.69 9.28
C GLN E 620 -34.03 13.41 9.38
N SER E 621 -33.39 12.33 9.79
CA SER E 621 -34.11 11.09 10.05
C SER E 621 -34.99 11.24 11.28
N CYS E 622 -36.26 10.88 11.15
CA CYS E 622 -37.23 11.05 12.22
C CYS E 622 -37.44 9.80 13.06
N ALA E 623 -36.77 8.70 12.73
CA ALA E 623 -36.96 7.46 13.46
C ALA E 623 -35.75 6.56 13.24
N ASN E 624 -35.58 5.60 14.16
CA ASN E 624 -34.51 4.64 14.05
C ASN E 624 -34.98 3.39 13.33
N VAL E 625 -34.08 2.78 12.57
CA VAL E 625 -34.32 1.50 11.91
C VAL E 625 -33.32 0.49 12.47
N ARG E 626 -33.84 -0.66 12.90
CA ARG E 626 -33.05 -1.68 13.59
C ARG E 626 -33.17 -3.01 12.86
N ALA E 627 -32.09 -3.79 12.90
CA ALA E 627 -32.08 -5.11 12.29
C ALA E 627 -32.77 -6.12 13.19
N LEU E 628 -33.48 -7.05 12.55
CA LEU E 628 -34.08 -8.19 13.24
C LEU E 628 -33.40 -9.51 12.92
N THR E 629 -33.33 -9.87 11.65
CA THR E 629 -32.75 -11.11 11.18
C THR E 629 -31.49 -10.78 10.38
N TYR E 630 -30.72 -11.80 10.03
CA TYR E 630 -29.58 -11.61 9.14
C TYR E 630 -30.08 -11.16 7.78
N CYS E 631 -29.87 -9.88 7.46
CA CYS E 631 -30.45 -9.29 6.28
C CYS E 631 -29.36 -8.78 5.33
N ASP E 632 -29.74 -8.63 4.07
CA ASP E 632 -28.86 -8.10 3.03
C ASP E 632 -29.50 -6.87 2.42
N LEU E 633 -28.73 -5.78 2.33
CA LEU E 633 -29.23 -4.52 1.85
C LEU E 633 -28.47 -4.08 0.60
N HIS E 634 -29.16 -3.39 -0.29
CA HIS E 634 -28.59 -2.86 -1.52
C HIS E 634 -28.79 -1.34 -1.50
N VAL E 635 -27.72 -0.61 -1.21
CA VAL E 635 -27.79 0.82 -0.93
C VAL E 635 -27.28 1.60 -2.13
N ILE E 636 -27.93 2.74 -2.40
CA ILE E 636 -27.53 3.67 -3.46
C ILE E 636 -27.38 5.07 -2.86
N LYS E 637 -26.29 5.74 -3.19
CA LYS E 637 -26.07 7.11 -2.75
C LYS E 637 -26.95 8.09 -3.53
N ARG E 638 -27.21 9.24 -2.92
CA ARG E 638 -28.15 10.19 -3.51
C ARG E 638 -27.53 10.92 -4.71
N ASP E 639 -26.26 11.31 -4.62
CA ASP E 639 -25.66 12.10 -5.69
C ASP E 639 -25.55 11.32 -6.99
N ALA E 640 -25.08 10.07 -6.90
CA ALA E 640 -24.94 9.25 -8.10
C ALA E 640 -26.29 8.94 -8.72
N LEU E 641 -27.30 8.63 -7.89
CA LEU E 641 -28.62 8.37 -8.44
C LEU E 641 -29.17 9.61 -9.13
N GLN E 642 -29.00 10.78 -8.51
CA GLN E 642 -29.49 12.00 -9.12
C GLN E 642 -28.81 12.26 -10.45
N LYS E 643 -27.49 12.08 -10.51
CA LYS E 643 -26.76 12.29 -11.75
C LYS E 643 -27.24 11.34 -12.84
N VAL E 644 -27.43 10.08 -12.49
CA VAL E 644 -27.86 9.09 -13.48
C VAL E 644 -29.26 9.41 -13.97
N LEU E 645 -30.18 9.76 -13.06
CA LEU E 645 -31.55 10.00 -13.47
C LEU E 645 -31.68 11.26 -14.30
N GLU E 646 -30.90 12.30 -13.98
CA GLU E 646 -30.94 13.50 -14.81
C GLU E 646 -30.29 13.25 -16.16
N PHE E 647 -29.28 12.38 -16.20
CA PHE E 647 -28.73 11.96 -17.50
C PHE E 647 -29.78 11.23 -18.33
N TYR E 648 -30.51 10.30 -17.71
CA TYR E 648 -31.51 9.48 -18.40
C TYR E 648 -32.90 10.04 -18.08
N THR E 649 -33.25 11.12 -18.77
CA THR E 649 -34.52 11.79 -18.53
C THR E 649 -35.69 10.87 -18.87
N ALA E 650 -35.61 10.17 -20.00
CA ALA E 650 -36.70 9.28 -20.41
C ALA E 650 -36.92 8.20 -19.36
N PHE E 651 -35.85 7.62 -18.82
CA PHE E 651 -36.00 6.64 -17.77
C PHE E 651 -36.61 7.25 -16.51
N SER E 652 -36.20 8.47 -16.16
CA SER E 652 -36.70 9.09 -14.93
C SER E 652 -38.19 9.37 -15.02
N HIS E 653 -38.67 9.73 -16.21
CA HIS E 653 -40.10 10.03 -16.36
C HIS E 653 -40.99 8.86 -15.99
N SER E 654 -40.47 7.63 -16.04
CA SER E 654 -41.20 6.47 -15.56
C SER E 654 -40.74 6.01 -14.19
N PHE E 655 -39.46 6.21 -13.87
CA PHE E 655 -38.94 5.80 -12.57
C PHE E 655 -39.61 6.56 -11.44
N SER E 656 -39.82 7.86 -11.63
CA SER E 656 -40.50 8.66 -10.60
C SER E 656 -41.94 8.20 -10.42
N ARG E 657 -42.62 7.86 -11.52
CA ARG E 657 -44.02 7.49 -11.44
C ARG E 657 -44.21 6.09 -10.86
N ASN E 658 -43.27 5.18 -11.14
CA ASN E 658 -43.43 3.79 -10.72
C ASN E 658 -42.86 3.49 -9.34
N LEU E 659 -41.80 4.20 -8.95
CA LEU E 659 -41.16 3.93 -7.65
C LEU E 659 -41.98 4.58 -6.54
N ILE E 660 -42.49 3.75 -5.63
CA ILE E 660 -43.18 4.22 -4.44
C ILE E 660 -42.47 3.65 -3.22
N LEU E 661 -42.14 4.54 -2.29
CA LEU E 661 -41.50 4.14 -1.05
C LEU E 661 -42.47 3.41 -0.14
N THR E 662 -41.95 2.44 0.60
CA THR E 662 -42.75 1.76 1.63
C THR E 662 -42.90 2.66 2.85
N TYR E 663 -41.82 3.31 3.26
CA TYR E 663 -41.85 4.24 4.38
C TYR E 663 -40.91 5.40 4.09
N ASN E 664 -41.35 6.62 4.37
CA ASN E 664 -40.57 7.82 4.15
C ASN E 664 -39.93 8.23 5.47
N LEU E 665 -38.59 8.31 5.48
CA LEU E 665 -37.89 8.68 6.70
C LEU E 665 -38.12 10.14 7.05
N ARG E 666 -38.23 11.01 6.05
CA ARG E 666 -38.46 12.43 6.32
C ARG E 666 -39.82 12.65 6.98
N LYS E 667 -40.85 11.99 6.46
CA LYS E 667 -42.19 12.12 7.03
C LYS E 667 -42.32 11.29 8.30
N ARG E 668 -43.01 11.85 9.29
CA ARG E 668 -43.15 11.21 10.59
C ARG E 668 -44.57 11.42 11.10
N ILE E 669 -45.09 10.42 11.80
CA ILE E 669 -46.49 10.42 12.23
C ILE E 669 -46.57 10.90 13.67
N VAL E 670 -47.73 11.47 14.02
CA VAL E 670 -48.05 11.89 15.38
C VAL E 670 -49.14 10.97 15.91
N PHE E 671 -49.17 10.77 17.22
CA PHE E 671 -50.08 9.81 17.82
C PHE E 671 -50.12 10.02 19.33
N ARG E 672 -50.87 9.16 20.00
CA ARG E 672 -51.02 9.15 21.45
C ARG E 672 -50.88 7.71 21.96
N LYS E 673 -50.80 7.56 23.28
CA LYS E 673 -50.64 6.26 23.90
C LYS E 673 -51.86 5.90 24.72
N ILE E 674 -52.09 4.59 24.89
CA ILE E 674 -53.24 4.10 25.63
C ILE E 674 -53.11 4.44 27.11
N SER E 675 -51.93 4.19 27.69
CA SER E 675 -51.73 4.50 29.10
C SER E 675 -51.86 6.00 29.36
N ASP E 676 -51.37 6.82 28.43
CA ASP E 676 -51.45 8.27 28.61
C ASP E 676 -52.89 8.76 28.63
N VAL E 677 -53.70 8.29 27.67
CA VAL E 677 -55.09 8.73 27.63
C VAL E 677 -55.87 8.16 28.82
N LYS E 678 -55.52 6.94 29.25
CA LYS E 678 -56.18 6.38 30.43
C LYS E 678 -55.88 7.21 31.68
N ARG E 679 -54.62 7.60 31.87
CA ARG E 679 -54.28 8.42 33.02
C ARG E 679 -54.88 9.82 32.90
N GLU E 680 -55.00 10.33 31.68
CA GLU E 680 -55.67 11.61 31.49
C GLU E 680 -57.14 11.54 31.88
N GLU E 681 -57.81 10.44 31.50
CA GLU E 681 -59.19 10.25 31.90
C GLU E 681 -59.32 10.12 33.41
N GLU E 682 -58.41 9.39 34.04
CA GLU E 682 -58.43 9.28 35.50
C GLU E 682 -58.21 10.62 36.17
N GLU E 683 -57.28 11.42 35.65
CA GLU E 683 -57.00 12.73 36.23
C GLU E 683 -58.20 13.67 36.08
N ARG E 684 -58.84 13.65 34.91
CA ARG E 684 -60.00 14.51 34.69
C ARG E 684 -61.15 14.17 35.63
N MET E 685 -61.24 12.91 36.04
CA MET E 685 -62.27 12.51 36.99
C MET E 685 -62.04 13.12 38.38
N LYS E 686 -60.79 13.49 38.69
CA LYS E 686 -60.46 14.07 39.98
C LYS E 686 -60.34 15.59 39.92
N ARG E 687 -60.74 16.20 38.81
CA ARG E 687 -60.67 17.66 38.67
C ARG E 687 -61.63 18.36 39.61
N LEU E 695 -53.79 28.67 36.95
CA LEU E 695 -54.07 28.90 35.54
C LEU E 695 -54.88 30.19 35.29
N PRO E 696 -55.91 30.49 36.10
CA PRO E 696 -56.62 31.76 35.95
C PRO E 696 -55.70 32.98 36.09
N PRO E 697 -54.69 32.97 36.98
CA PRO E 697 -53.76 34.11 36.99
C PRO E 697 -52.53 33.96 36.11
N ASP E 698 -52.51 32.96 35.23
CA ASP E 698 -51.34 32.69 34.40
C ASP E 698 -51.35 33.55 33.14
N HIS E 699 -51.43 34.86 33.31
CA HIS E 699 -51.48 35.76 32.16
C HIS E 699 -50.21 35.77 31.31
N PRO E 700 -48.99 35.89 31.88
CA PRO E 700 -47.81 35.94 31.01
C PRO E 700 -47.62 34.69 30.16
N VAL E 701 -47.84 33.51 30.73
CA VAL E 701 -47.67 32.30 29.94
C VAL E 701 -48.85 32.10 28.99
N ARG E 702 -50.02 32.66 29.31
CA ARG E 702 -51.12 32.69 28.35
C ARG E 702 -50.75 33.52 27.13
N ARG E 703 -50.14 34.69 27.35
CA ARG E 703 -49.65 35.50 26.24
C ARG E 703 -48.55 34.77 25.49
N LEU E 704 -47.71 34.03 26.21
CA LEU E 704 -46.70 33.20 25.56
C LEU E 704 -47.33 32.16 24.63
N PHE E 705 -48.36 31.47 25.10
CA PHE E 705 -49.04 30.47 24.28
C PHE E 705 -49.69 31.13 23.07
N GLN E 706 -50.30 32.30 23.27
CA GLN E 706 -50.91 33.02 22.15
C GLN E 706 -49.86 33.40 21.11
N ARG E 707 -48.71 33.88 21.55
CA ARG E 707 -47.64 34.26 20.62
C ARG E 707 -47.12 33.03 19.87
N PHE E 708 -46.96 31.91 20.58
CA PHE E 708 -46.49 30.69 19.93
C PHE E 708 -47.49 30.21 18.89
N ARG E 709 -48.79 30.25 19.22
CA ARG E 709 -49.81 29.85 18.26
C ARG E 709 -49.85 30.77 17.05
N GLN E 710 -49.71 32.08 17.28
CA GLN E 710 -49.69 33.02 16.17
C GLN E 710 -48.49 32.79 15.27
N GLN E 711 -47.32 32.52 15.86
CA GLN E 711 -46.13 32.21 15.06
C GLN E 711 -46.33 30.93 14.26
N LYS E 712 -46.93 29.90 14.89
CA LYS E 712 -47.16 28.65 14.19
C LYS E 712 -48.22 28.78 13.10
N GLU E 713 -49.12 29.76 13.19
CA GLU E 713 -50.17 29.94 12.20
C GLU E 713 -49.59 30.39 10.86
N GLU F 1 -35.86 26.95 44.14
CA GLU F 1 -36.30 26.18 45.29
C GLU F 1 -35.40 24.97 45.53
N GLU F 2 -34.74 24.52 44.46
CA GLU F 2 -33.85 23.38 44.53
C GLU F 2 -32.45 23.74 45.00
N GLN F 3 -32.12 25.03 45.08
CA GLN F 3 -30.78 25.43 45.51
C GLN F 3 -30.58 25.26 47.02
N ILE F 4 -31.67 25.18 47.79
CA ILE F 4 -31.56 25.06 49.23
C ILE F 4 -31.10 23.68 49.68
N ALA F 5 -30.96 22.73 48.76
CA ALA F 5 -30.55 21.37 49.11
C ALA F 5 -29.15 21.33 49.70
N GLU F 6 -28.30 22.32 49.40
CA GLU F 6 -26.95 22.34 49.92
C GLU F 6 -26.90 22.73 51.40
N PHE F 7 -28.02 23.20 51.97
CA PHE F 7 -28.03 23.61 53.37
C PHE F 7 -28.00 22.42 54.33
N LYS F 8 -28.16 21.19 53.84
CA LYS F 8 -28.18 20.03 54.72
C LYS F 8 -26.87 19.88 55.48
N GLU F 9 -25.74 20.07 54.79
CA GLU F 9 -24.45 19.97 55.45
C GLU F 9 -24.28 21.05 56.51
N ALA F 10 -24.72 22.28 56.20
CA ALA F 10 -24.61 23.38 57.16
C ALA F 10 -25.44 23.11 58.40
N PHE F 11 -26.66 22.59 58.22
CA PHE F 11 -27.50 22.28 59.37
C PHE F 11 -26.86 21.20 60.23
N SER F 12 -26.30 20.17 59.61
CA SER F 12 -25.65 19.10 60.36
C SER F 12 -24.44 19.63 61.13
N LEU F 13 -23.65 20.49 60.50
CA LEU F 13 -22.49 21.08 61.17
C LEU F 13 -22.90 21.95 62.34
N PHE F 14 -23.94 22.77 62.16
CA PHE F 14 -24.39 23.64 63.23
C PHE F 14 -25.01 22.86 64.38
N ASP F 15 -25.83 21.86 64.06
CA ASP F 15 -26.51 21.07 65.09
C ASP F 15 -25.60 19.91 65.53
N LYS F 16 -24.64 20.26 66.38
CA LYS F 16 -23.72 19.26 66.93
C LYS F 16 -24.36 18.39 67.98
N ASP F 17 -25.56 18.74 68.46
CA ASP F 17 -26.21 17.93 69.48
C ASP F 17 -26.57 16.54 68.96
N GLY F 18 -27.01 16.46 67.71
CA GLY F 18 -27.38 15.18 67.14
C GLY F 18 -28.74 14.66 67.54
N ASP F 19 -29.57 15.50 68.14
CA ASP F 19 -30.91 15.12 68.56
C ASP F 19 -31.98 15.58 67.57
N GLY F 20 -31.59 16.04 66.39
CA GLY F 20 -32.53 16.56 65.41
C GLY F 20 -32.87 18.01 65.59
N THR F 21 -32.39 18.66 66.65
CA THR F 21 -32.66 20.07 66.88
C THR F 21 -31.49 20.67 67.66
N ILE F 22 -31.37 21.99 67.59
CA ILE F 22 -30.29 22.67 68.29
C ILE F 22 -30.56 22.64 69.78
N THR F 23 -29.59 22.16 70.55
CA THR F 23 -29.69 22.08 71.99
C THR F 23 -28.96 23.26 72.64
N THR F 24 -29.35 23.55 73.89
CA THR F 24 -28.71 24.64 74.61
C THR F 24 -27.23 24.37 74.84
N LYS F 25 -26.88 23.11 75.13
CA LYS F 25 -25.47 22.76 75.32
C LYS F 25 -24.67 22.98 74.04
N GLU F 26 -25.22 22.62 72.89
CA GLU F 26 -24.53 22.84 71.63
C GLU F 26 -24.35 24.33 71.34
N LEU F 27 -25.39 25.12 71.60
CA LEU F 27 -25.28 26.56 71.41
C LEU F 27 -24.22 27.15 72.32
N GLY F 28 -24.19 26.75 73.59
CA GLY F 28 -23.15 27.23 74.48
C GLY F 28 -21.76 26.82 74.04
N THR F 29 -21.62 25.59 73.56
CA THR F 29 -20.32 25.10 73.12
C THR F 29 -19.81 25.89 71.92
N VAL F 30 -20.67 26.09 70.91
CA VAL F 30 -20.24 26.84 69.73
C VAL F 30 -20.00 28.30 70.09
N MET F 31 -20.79 28.83 71.02
CA MET F 31 -20.61 30.22 71.45
C MET F 31 -19.26 30.40 72.14
N ARG F 32 -18.90 29.47 73.02
CA ARG F 32 -17.60 29.54 73.69
C ARG F 32 -16.45 29.32 72.72
N SER F 33 -16.63 28.39 71.76
CA SER F 33 -15.59 28.15 70.77
C SER F 33 -15.33 29.38 69.92
N LEU F 34 -16.40 30.07 69.50
CA LEU F 34 -16.23 31.28 68.70
C LEU F 34 -15.67 32.42 69.55
N GLY F 35 -16.02 32.46 70.83
CA GLY F 35 -15.40 33.38 71.77
C GLY F 35 -16.30 34.47 72.30
N GLN F 36 -17.27 34.93 71.51
CA GLN F 36 -18.14 36.02 71.95
C GLN F 36 -19.08 35.54 73.04
N ASN F 37 -19.42 36.45 73.95
CA ASN F 37 -20.26 36.16 75.11
C ASN F 37 -21.36 37.21 75.25
N PRO F 38 -22.40 37.14 74.43
CA PRO F 38 -23.53 38.07 74.57
C PRO F 38 -24.46 37.62 75.68
N THR F 39 -25.55 38.37 75.84
CA THR F 39 -26.52 38.08 76.89
C THR F 39 -27.25 36.78 76.62
N GLU F 40 -27.47 36.00 77.69
CA GLU F 40 -28.18 34.73 77.55
C GLU F 40 -29.63 34.95 77.17
N ALA F 41 -30.27 35.99 77.73
CA ALA F 41 -31.65 36.29 77.37
C ALA F 41 -31.76 36.67 75.90
N GLU F 42 -30.73 37.31 75.34
CA GLU F 42 -30.72 37.61 73.92
C GLU F 42 -30.78 36.34 73.10
N LEU F 43 -29.97 35.34 73.46
CA LEU F 43 -30.01 34.06 72.75
C LEU F 43 -31.34 33.36 72.94
N GLN F 44 -31.92 33.45 74.15
CA GLN F 44 -33.21 32.83 74.41
C GLN F 44 -34.29 33.42 73.51
N ASP F 45 -34.37 34.75 73.43
CA ASP F 45 -35.38 35.36 72.59
C ASP F 45 -35.10 35.11 71.10
N MET F 46 -33.82 35.08 70.70
CA MET F 46 -33.50 34.81 69.30
C MET F 46 -33.94 33.41 68.90
N ILE F 47 -33.66 32.41 69.74
CA ILE F 47 -34.04 31.04 69.39
C ILE F 47 -35.55 30.87 69.50
N ASN F 48 -36.19 31.60 70.41
CA ASN F 48 -37.65 31.54 70.50
C ASN F 48 -38.31 32.12 69.25
N GLU F 49 -37.80 33.25 68.77
CA GLU F 49 -38.36 33.86 67.56
C GLU F 49 -38.07 33.03 66.32
N VAL F 50 -36.85 32.46 66.24
CA VAL F 50 -36.48 31.69 65.07
C VAL F 50 -37.29 30.40 64.98
N ASP F 51 -37.39 29.68 66.10
CA ASP F 51 -38.08 28.40 66.10
C ASP F 51 -39.59 28.61 66.02
N ALA F 52 -40.24 27.90 65.08
CA ALA F 52 -41.69 28.00 64.96
C ALA F 52 -42.38 27.41 66.19
N ASP F 53 -41.89 26.28 66.68
CA ASP F 53 -42.47 25.68 67.88
C ASP F 53 -42.25 26.55 69.10
N GLY F 54 -41.05 27.13 69.24
CA GLY F 54 -40.74 27.97 70.36
C GLY F 54 -40.46 27.25 71.66
N ASN F 55 -40.35 25.92 71.63
CA ASN F 55 -40.08 25.11 72.82
C ASN F 55 -38.60 24.80 73.01
N GLY F 56 -37.72 25.65 72.47
CA GLY F 56 -36.29 25.43 72.58
C GLY F 56 -35.71 24.47 71.56
N THR F 57 -36.50 23.96 70.63
CA THR F 57 -36.03 23.06 69.59
C THR F 57 -36.12 23.76 68.24
N ILE F 58 -35.00 23.78 67.51
CA ILE F 58 -34.93 24.42 66.20
C ILE F 58 -35.07 23.34 65.13
N ASP F 59 -36.04 23.53 64.24
CA ASP F 59 -36.30 22.59 63.17
C ASP F 59 -35.82 23.12 61.83
N PHE F 60 -35.87 22.27 60.82
CA PHE F 60 -35.47 22.67 59.48
C PHE F 60 -36.29 23.83 58.92
N PRO F 61 -37.63 23.83 58.99
CA PRO F 61 -38.38 24.97 58.44
C PRO F 61 -38.05 26.30 59.10
N GLU F 62 -37.66 26.29 60.38
CA GLU F 62 -37.33 27.53 61.07
C GLU F 62 -36.17 28.24 60.38
N PHE F 63 -35.12 27.49 60.03
CA PHE F 63 -34.00 28.08 59.29
C PHE F 63 -34.34 28.28 57.82
N LEU F 64 -35.17 27.41 57.24
CA LEU F 64 -35.52 27.55 55.84
C LEU F 64 -36.27 28.84 55.57
N THR F 65 -37.18 29.21 56.48
CA THR F 65 -37.94 30.45 56.30
C THR F 65 -37.01 31.66 56.33
N MET F 66 -36.06 31.68 57.27
CA MET F 66 -35.12 32.79 57.34
C MET F 66 -34.24 32.84 56.09
N MET F 67 -33.79 31.69 55.61
CA MET F 67 -32.97 31.66 54.41
C MET F 67 -33.75 32.17 53.20
N ALA F 68 -35.01 31.76 53.07
CA ALA F 68 -35.84 32.23 51.97
C ALA F 68 -36.10 33.74 52.06
N ARG F 69 -36.32 34.24 53.28
CA ARG F 69 -36.54 35.67 53.45
C ARG F 69 -35.29 36.47 53.10
N LYS F 70 -34.12 35.96 53.46
CA LYS F 70 -32.88 36.67 53.18
C LYS F 70 -32.34 36.42 51.78
N MET F 71 -32.92 35.48 51.03
CA MET F 71 -32.40 35.16 49.70
C MET F 71 -32.54 36.33 48.74
N LYS F 72 -33.76 36.86 48.62
CA LYS F 72 -34.07 37.96 47.71
C LYS F 72 -33.62 37.64 46.28
N ASP F 73 -34.23 36.61 45.72
CA ASP F 73 -33.85 36.13 44.39
C ASP F 73 -34.28 37.12 43.31
N THR F 74 -33.75 36.91 42.11
CA THR F 74 -34.07 37.78 40.98
C THR F 74 -35.51 37.59 40.54
N ASP F 75 -36.08 38.64 39.94
CA ASP F 75 -37.46 38.58 39.50
C ASP F 75 -37.67 37.56 38.39
N SER F 76 -36.76 37.52 37.41
CA SER F 76 -36.89 36.57 36.31
C SER F 76 -36.77 35.14 36.81
N GLU F 77 -35.82 34.88 37.71
CA GLU F 77 -35.66 33.53 38.26
C GLU F 77 -36.90 33.12 39.05
N GLU F 78 -37.45 34.04 39.84
CA GLU F 78 -38.68 33.74 40.58
C GLU F 78 -39.84 33.45 39.64
N GLU F 79 -39.97 34.22 38.57
CA GLU F 79 -41.04 34.01 37.61
C GLU F 79 -40.91 32.65 36.94
N ILE F 80 -39.69 32.30 36.51
CA ILE F 80 -39.50 31.03 35.81
C ILE F 80 -39.70 29.85 36.77
N ARG F 81 -39.27 30.00 38.03
CA ARG F 81 -39.48 28.94 39.01
C ARG F 81 -40.96 28.75 39.31
N GLU F 82 -41.70 29.85 39.45
CA GLU F 82 -43.14 29.74 39.67
C GLU F 82 -43.84 29.11 38.48
N ALA F 83 -43.43 29.48 37.27
CA ALA F 83 -44.01 28.87 36.07
C ALA F 83 -43.75 27.36 36.04
N PHE F 84 -42.52 26.96 36.38
CA PHE F 84 -42.20 25.53 36.40
C PHE F 84 -42.97 24.80 37.48
N ARG F 85 -43.18 25.46 38.62
CA ARG F 85 -43.99 24.84 39.68
C ARG F 85 -45.43 24.65 39.22
N VAL F 86 -45.99 25.62 38.49
CA VAL F 86 -47.40 25.53 38.13
C VAL F 86 -47.62 24.60 36.92
N PHE F 87 -46.65 24.50 36.00
CA PHE F 87 -46.82 23.55 34.91
C PHE F 87 -46.69 22.11 35.36
N ASP F 88 -45.76 21.83 36.27
CA ASP F 88 -45.51 20.46 36.72
C ASP F 88 -46.51 20.11 37.82
N LYS F 89 -47.57 19.40 37.43
CA LYS F 89 -48.56 18.98 38.41
C LYS F 89 -47.98 17.99 39.42
N ASP F 90 -47.12 17.08 38.94
CA ASP F 90 -46.51 16.09 39.83
C ASP F 90 -45.45 16.70 40.73
N GLY F 91 -44.89 17.85 40.37
CA GLY F 91 -43.86 18.46 41.18
C GLY F 91 -42.51 17.78 41.12
N ASN F 92 -42.27 16.98 40.09
CA ASN F 92 -41.01 16.26 39.94
C ASN F 92 -40.00 17.00 39.07
N GLY F 93 -40.32 18.21 38.63
CA GLY F 93 -39.41 18.96 37.79
C GLY F 93 -39.33 18.47 36.36
N TYR F 94 -40.34 17.74 35.89
CA TYR F 94 -40.38 17.21 34.54
C TYR F 94 -41.67 17.63 33.86
N ILE F 95 -41.57 17.93 32.56
CA ILE F 95 -42.71 18.36 31.76
C ILE F 95 -42.91 17.35 30.64
N SER F 96 -44.13 16.85 30.51
CA SER F 96 -44.49 15.89 29.48
C SER F 96 -45.59 16.48 28.60
N ALA F 97 -45.87 15.78 27.50
CA ALA F 97 -46.89 16.24 26.57
C ALA F 97 -48.27 16.24 27.21
N ALA F 98 -48.57 15.20 28.00
CA ALA F 98 -49.88 15.12 28.64
C ALA F 98 -50.05 16.22 29.68
N GLU F 99 -48.98 16.55 30.40
CA GLU F 99 -49.05 17.69 31.33
C GLU F 99 -49.29 18.98 30.59
N LEU F 100 -48.67 19.15 29.42
CA LEU F 100 -48.91 20.32 28.59
C LEU F 100 -50.37 20.39 28.17
N ARG F 101 -50.94 19.25 27.76
CA ARG F 101 -52.34 19.22 27.38
C ARG F 101 -53.23 19.57 28.57
N HIS F 102 -52.91 19.05 29.75
CA HIS F 102 -53.72 19.32 30.93
C HIS F 102 -53.70 20.81 31.28
N VAL F 103 -52.52 21.41 31.26
CA VAL F 103 -52.44 22.84 31.61
C VAL F 103 -53.08 23.70 30.52
N MET F 104 -52.97 23.28 29.26
CA MET F 104 -53.64 24.03 28.19
C MET F 104 -55.15 23.97 28.32
N THR F 105 -55.68 22.79 28.66
CA THR F 105 -57.12 22.67 28.87
C THR F 105 -57.57 23.47 30.08
N ASN F 106 -56.78 23.44 31.16
CA ASN F 106 -57.14 24.21 32.36
C ASN F 106 -57.15 25.70 32.09
N LEU F 107 -56.14 26.19 31.37
CA LEU F 107 -56.06 27.62 31.07
C LEU F 107 -57.06 28.05 30.00
N GLY F 108 -57.60 27.11 29.23
CA GLY F 108 -58.54 27.42 28.18
C GLY F 108 -57.92 27.68 26.83
N GLU F 109 -56.60 27.83 26.75
CA GLU F 109 -55.91 28.04 25.49
C GLU F 109 -55.58 26.69 24.85
N LYS F 110 -56.64 25.99 24.44
CA LYS F 110 -56.48 24.67 23.85
C LYS F 110 -55.92 24.77 22.45
N LEU F 111 -55.00 23.86 22.12
CA LEU F 111 -54.43 23.76 20.79
C LEU F 111 -54.60 22.33 20.29
N THR F 112 -54.49 22.18 18.96
CA THR F 112 -54.58 20.86 18.37
C THR F 112 -53.40 20.00 18.79
N ASP F 113 -53.59 18.68 18.72
CA ASP F 113 -52.53 17.76 19.14
C ASP F 113 -51.28 17.93 18.29
N GLU F 114 -51.46 18.17 16.99
CA GLU F 114 -50.30 18.44 16.15
C GLU F 114 -49.59 19.72 16.58
N GLU F 115 -50.34 20.76 16.93
CA GLU F 115 -49.73 22.00 17.40
C GLU F 115 -48.98 21.79 18.71
N VAL F 116 -49.58 21.04 19.64
CA VAL F 116 -48.91 20.76 20.91
C VAL F 116 -47.62 19.97 20.68
N ASP F 117 -47.68 18.97 19.79
CA ASP F 117 -46.49 18.19 19.50
C ASP F 117 -45.41 19.04 18.82
N GLU F 118 -45.82 19.95 17.94
CA GLU F 118 -44.85 20.84 17.31
C GLU F 118 -44.20 21.77 18.33
N MET F 119 -44.99 22.28 19.27
CA MET F 119 -44.42 23.10 20.34
C MET F 119 -43.45 22.29 21.19
N ILE F 120 -43.79 21.02 21.47
CA ILE F 120 -42.90 20.16 22.22
C ILE F 120 -41.58 19.98 21.48
N ARG F 121 -41.66 19.72 20.17
CA ARG F 121 -40.44 19.59 19.36
C ARG F 121 -39.63 20.87 19.36
N GLU F 122 -40.28 22.02 19.25
CA GLU F 122 -39.57 23.30 19.28
C GLU F 122 -38.84 23.47 20.61
N ALA F 123 -39.48 23.11 21.71
CA ALA F 123 -38.82 23.15 23.00
C ALA F 123 -37.81 22.02 23.15
N ASP F 124 -38.03 20.88 22.48
CA ASP F 124 -37.14 19.74 22.61
C ASP F 124 -35.82 20.00 21.89
N ILE F 125 -34.71 19.66 22.53
CA ILE F 125 -33.40 19.84 21.93
C ILE F 125 -32.65 18.52 21.73
N ASP F 126 -32.89 17.51 22.57
CA ASP F 126 -32.19 16.24 22.44
C ASP F 126 -33.01 15.19 21.69
N GLY F 127 -34.26 15.48 21.37
CA GLY F 127 -35.06 14.60 20.53
C GLY F 127 -35.34 13.23 21.10
N ASP F 128 -35.70 13.16 22.39
CA ASP F 128 -36.10 11.91 22.99
C ASP F 128 -37.45 11.97 23.71
N GLY F 129 -38.01 13.16 23.89
CA GLY F 129 -39.33 13.27 24.49
C GLY F 129 -39.34 13.91 25.87
N GLN F 130 -38.44 14.85 26.11
CA GLN F 130 -38.36 15.53 27.39
C GLN F 130 -38.23 17.03 27.20
N VAL F 131 -38.76 17.79 28.16
CA VAL F 131 -38.62 19.24 28.21
C VAL F 131 -37.94 19.59 29.52
N ASN F 132 -36.81 20.28 29.43
CA ASN F 132 -35.96 20.52 30.58
C ASN F 132 -35.91 22.01 30.94
N TYR F 133 -35.22 22.30 32.05
CA TYR F 133 -35.10 23.66 32.55
C TYR F 133 -34.50 24.58 31.50
N GLU F 134 -33.27 24.27 31.08
CA GLU F 134 -32.56 25.12 30.12
C GLU F 134 -33.29 25.18 28.78
N GLU F 135 -33.95 24.09 28.39
CA GLU F 135 -34.73 24.10 27.15
C GLU F 135 -35.80 25.18 27.20
N PHE F 136 -36.59 25.19 28.28
CA PHE F 136 -37.66 26.17 28.38
C PHE F 136 -37.12 27.58 28.50
N VAL F 137 -36.05 27.78 29.28
CA VAL F 137 -35.55 29.14 29.44
C VAL F 137 -34.95 29.65 28.12
N GLN F 138 -34.32 28.77 27.35
CA GLN F 138 -33.81 29.16 26.04
C GLN F 138 -34.95 29.49 25.08
N MET F 139 -36.04 28.73 25.15
CA MET F 139 -37.21 29.07 24.34
C MET F 139 -37.77 30.43 24.76
N MET F 140 -37.72 30.73 26.06
CA MET F 140 -38.29 31.99 26.53
C MET F 140 -37.41 33.16 26.16
N THR F 141 -36.09 32.94 26.07
CA THR F 141 -35.18 34.04 25.76
C THR F 141 -35.46 34.67 24.40
N ALA F 142 -35.77 33.83 23.41
CA ALA F 142 -36.06 34.33 22.07
C ALA F 142 -37.36 35.11 22.04
N GLU G 1 -58.44 -7.80 -22.05
CA GLU G 1 -58.82 -9.07 -22.65
C GLU G 1 -57.91 -10.19 -22.18
N GLU G 2 -56.68 -9.83 -21.79
CA GLU G 2 -55.71 -10.80 -21.32
C GLU G 2 -55.86 -11.15 -19.85
N GLN G 3 -56.70 -10.42 -19.11
CA GLN G 3 -56.89 -10.72 -17.69
C GLN G 3 -57.74 -11.96 -17.46
N ILE G 4 -58.51 -12.39 -18.45
CA ILE G 4 -59.38 -13.55 -18.30
C ILE G 4 -58.62 -14.87 -18.31
N ALA G 5 -57.31 -14.83 -18.55
CA ALA G 5 -56.52 -16.06 -18.59
C ALA G 5 -56.48 -16.78 -17.25
N GLU G 6 -56.69 -16.06 -16.15
CA GLU G 6 -56.69 -16.68 -14.83
C GLU G 6 -57.94 -17.51 -14.56
N PHE G 7 -58.96 -17.41 -15.41
CA PHE G 7 -60.19 -18.17 -15.20
C PHE G 7 -60.03 -19.65 -15.50
N LYS G 8 -58.91 -20.08 -16.10
CA LYS G 8 -58.73 -21.48 -16.45
C LYS G 8 -58.76 -22.37 -15.21
N GLU G 9 -58.11 -21.95 -14.13
CA GLU G 9 -58.13 -22.74 -12.91
C GLU G 9 -59.53 -22.82 -12.33
N ALA G 10 -60.27 -21.71 -12.35
CA ALA G 10 -61.63 -21.72 -11.81
C ALA G 10 -62.54 -22.65 -12.61
N PHE G 11 -62.41 -22.64 -13.94
CA PHE G 11 -63.22 -23.53 -14.77
C PHE G 11 -62.89 -24.99 -14.46
N SER G 12 -61.61 -25.31 -14.33
CA SER G 12 -61.21 -26.69 -14.02
C SER G 12 -61.74 -27.11 -12.65
N LEU G 13 -61.67 -26.22 -11.66
CA LEU G 13 -62.19 -26.55 -10.34
C LEU G 13 -63.69 -26.75 -10.36
N PHE G 14 -64.42 -25.90 -11.07
CA PHE G 14 -65.87 -26.02 -11.14
C PHE G 14 -66.29 -27.27 -11.90
N ASP G 15 -65.64 -27.54 -13.03
CA ASP G 15 -65.99 -28.69 -13.87
C ASP G 15 -65.25 -29.93 -13.37
N LYS G 16 -65.79 -30.51 -12.29
CA LYS G 16 -65.22 -31.73 -11.72
C LYS G 16 -65.54 -32.96 -12.54
N ASP G 17 -66.44 -32.86 -13.53
CA ASP G 17 -66.77 -34.02 -14.35
C ASP G 17 -65.58 -34.49 -15.17
N GLY G 18 -64.80 -33.55 -15.70
CA GLY G 18 -63.64 -33.90 -16.50
C GLY G 18 -63.96 -34.28 -17.94
N ASP G 19 -65.18 -34.02 -18.40
CA ASP G 19 -65.58 -34.33 -19.76
C ASP G 19 -65.54 -33.12 -20.68
N GLY G 20 -64.93 -32.01 -20.24
CA GLY G 20 -64.88 -30.79 -21.00
C GLY G 20 -66.09 -29.90 -20.84
N THR G 21 -67.10 -30.34 -20.10
CA THR G 21 -68.30 -29.53 -19.87
C THR G 21 -68.89 -29.93 -18.52
N ILE G 22 -69.70 -29.03 -17.97
CA ILE G 22 -70.33 -29.29 -16.69
C ILE G 22 -71.40 -30.35 -16.85
N THR G 23 -71.32 -31.40 -16.04
CA THR G 23 -72.28 -32.49 -16.07
C THR G 23 -73.30 -32.33 -14.95
N THR G 24 -74.46 -32.97 -15.13
CA THR G 24 -75.51 -32.91 -14.12
C THR G 24 -75.05 -33.53 -12.81
N LYS G 25 -74.29 -34.62 -12.88
CA LYS G 25 -73.78 -35.25 -11.66
C LYS G 25 -72.84 -34.31 -10.91
N GLU G 26 -71.96 -33.62 -11.64
CA GLU G 26 -71.06 -32.68 -10.99
C GLU G 26 -71.82 -31.52 -10.35
N LEU G 27 -72.84 -31.00 -11.04
CA LEU G 27 -73.65 -29.93 -10.47
C LEU G 27 -74.37 -30.40 -9.21
N GLY G 28 -74.94 -31.60 -9.24
CA GLY G 28 -75.58 -32.13 -8.05
C GLY G 28 -74.60 -32.33 -6.91
N THR G 29 -73.41 -32.82 -7.21
CA THR G 29 -72.40 -33.05 -6.18
C THR G 29 -71.97 -31.74 -5.52
N VAL G 30 -71.67 -30.72 -6.32
CA VAL G 30 -71.25 -29.45 -5.75
C VAL G 30 -72.41 -28.78 -5.01
N MET G 31 -73.65 -28.97 -5.51
CA MET G 31 -74.81 -28.41 -4.85
C MET G 31 -75.02 -29.05 -3.48
N ARG G 32 -74.88 -30.36 -3.40
CA ARG G 32 -75.01 -31.06 -2.11
C ARG G 32 -73.87 -30.70 -1.17
N SER G 33 -72.65 -30.56 -1.70
CA SER G 33 -71.52 -30.19 -0.86
C SER G 33 -71.70 -28.80 -0.27
N LEU G 34 -72.18 -27.85 -1.07
CA LEU G 34 -72.41 -26.51 -0.56
C LEU G 34 -73.59 -26.47 0.40
N GLY G 35 -74.60 -27.32 0.17
CA GLY G 35 -75.67 -27.53 1.12
C GLY G 35 -77.03 -27.03 0.68
N GLN G 36 -77.09 -25.97 -0.13
CA GLN G 36 -78.36 -25.42 -0.56
C GLN G 36 -79.06 -26.35 -1.55
N ASN G 37 -80.39 -26.37 -1.50
CA ASN G 37 -81.21 -27.26 -2.31
C ASN G 37 -82.33 -26.47 -2.98
N PRO G 38 -82.03 -25.72 -4.04
CA PRO G 38 -83.06 -25.01 -4.78
C PRO G 38 -83.80 -25.95 -5.74
N THR G 39 -84.72 -25.37 -6.50
CA THR G 39 -85.51 -26.15 -7.44
C THR G 39 -84.65 -26.68 -8.58
N GLU G 40 -84.92 -27.93 -8.97
CA GLU G 40 -84.17 -28.53 -10.07
C GLU G 40 -84.48 -27.84 -11.39
N ALA G 41 -85.74 -27.45 -11.60
CA ALA G 41 -86.10 -26.74 -12.83
C ALA G 41 -85.38 -25.40 -12.91
N GLU G 42 -85.14 -24.76 -11.76
CA GLU G 42 -84.38 -23.52 -11.74
C GLU G 42 -82.97 -23.74 -12.28
N LEU G 43 -82.31 -24.81 -11.82
CA LEU G 43 -80.98 -25.12 -12.34
C LEU G 43 -81.02 -25.48 -13.81
N GLN G 44 -82.07 -26.20 -14.24
CA GLN G 44 -82.19 -26.56 -15.64
C GLN G 44 -82.29 -25.32 -16.53
N ASP G 45 -83.16 -24.38 -16.16
CA ASP G 45 -83.28 -23.17 -16.96
C ASP G 45 -82.04 -22.30 -16.87
N MET G 46 -81.38 -22.27 -15.71
CA MET G 46 -80.15 -21.48 -15.58
C MET G 46 -79.06 -22.02 -16.50
N ILE G 47 -78.86 -23.34 -16.51
CA ILE G 47 -77.81 -23.92 -17.34
C ILE G 47 -78.20 -23.84 -18.81
N ASN G 48 -79.50 -23.90 -19.13
CA ASN G 48 -79.93 -23.74 -20.51
C ASN G 48 -79.67 -22.32 -21.01
N GLU G 49 -79.96 -21.32 -20.18
CA GLU G 49 -79.73 -19.94 -20.59
C GLU G 49 -78.23 -19.63 -20.66
N VAL G 50 -77.45 -20.16 -19.72
CA VAL G 50 -76.02 -19.88 -19.70
C VAL G 50 -75.32 -20.51 -20.90
N ASP G 51 -75.61 -21.77 -21.17
CA ASP G 51 -74.95 -22.50 -22.25
C ASP G 51 -75.47 -22.02 -23.59
N ALA G 52 -74.54 -21.68 -24.50
CA ALA G 52 -74.93 -21.28 -25.84
C ALA G 52 -75.58 -22.43 -26.60
N ASP G 53 -75.00 -23.63 -26.49
CA ASP G 53 -75.58 -24.79 -27.16
C ASP G 53 -76.94 -25.16 -26.57
N GLY G 54 -77.07 -25.09 -25.25
CA GLY G 54 -78.32 -25.42 -24.61
C GLY G 54 -78.63 -26.89 -24.51
N ASN G 55 -77.68 -27.76 -24.84
CA ASN G 55 -77.87 -29.20 -24.79
C ASN G 55 -77.35 -29.82 -23.48
N GLY G 56 -77.30 -29.04 -22.41
CA GLY G 56 -76.82 -29.53 -21.13
C GLY G 56 -75.32 -29.51 -20.96
N THR G 57 -74.57 -29.01 -21.93
CA THR G 57 -73.12 -28.93 -21.86
C THR G 57 -72.70 -27.48 -21.80
N ILE G 58 -71.90 -27.13 -20.80
CA ILE G 58 -71.43 -25.77 -20.59
C ILE G 58 -70.02 -25.66 -21.16
N ASP G 59 -69.81 -24.72 -22.06
CA ASP G 59 -68.52 -24.50 -22.70
C ASP G 59 -67.84 -23.25 -22.14
N PHE G 60 -66.59 -23.07 -22.55
CA PHE G 60 -65.83 -21.89 -22.12
C PHE G 60 -66.48 -20.58 -22.54
N PRO G 61 -66.91 -20.39 -23.79
CA PRO G 61 -67.52 -19.09 -24.15
C PRO G 61 -68.77 -18.77 -23.36
N GLU G 62 -69.52 -19.79 -22.92
CA GLU G 62 -70.73 -19.52 -22.14
C GLU G 62 -70.42 -18.77 -20.86
N PHE G 63 -69.36 -19.19 -20.15
CA PHE G 63 -68.94 -18.48 -18.95
C PHE G 63 -68.18 -17.20 -19.29
N LEU G 64 -67.44 -17.21 -20.39
CA LEU G 64 -66.67 -16.02 -20.78
C LEU G 64 -67.59 -14.84 -21.07
N THR G 65 -68.71 -15.09 -21.74
CA THR G 65 -69.65 -14.01 -22.05
C THR G 65 -70.23 -13.41 -20.77
N MET G 66 -70.60 -14.25 -19.81
CA MET G 66 -71.13 -13.74 -18.55
C MET G 66 -70.07 -12.96 -17.78
N MET G 67 -68.83 -13.45 -17.78
CA MET G 67 -67.76 -12.74 -17.10
C MET G 67 -67.51 -11.38 -17.74
N ALA G 68 -67.51 -11.32 -19.08
CA ALA G 68 -67.31 -10.05 -19.76
C ALA G 68 -68.47 -9.09 -19.50
N ARG G 69 -69.70 -9.61 -19.47
CA ARG G 69 -70.85 -8.76 -19.18
C ARG G 69 -70.79 -8.20 -17.77
N LYS G 70 -70.35 -9.02 -16.81
CA LYS G 70 -70.29 -8.57 -15.42
C LYS G 70 -69.01 -7.80 -15.09
N MET G 71 -68.03 -7.77 -16.00
CA MET G 71 -66.77 -7.11 -15.69
C MET G 71 -66.95 -5.60 -15.51
N LYS G 72 -67.58 -4.95 -16.49
CA LYS G 72 -67.79 -3.50 -16.47
C LYS G 72 -66.47 -2.74 -16.23
N ASP G 73 -65.57 -2.90 -17.19
CA ASP G 73 -64.24 -2.31 -17.08
C ASP G 73 -64.30 -0.79 -17.22
N THR G 74 -63.19 -0.15 -16.87
CA THR G 74 -63.10 1.31 -16.95
C THR G 74 -63.08 1.76 -18.41
N ASP G 75 -63.55 2.99 -18.62
CA ASP G 75 -63.61 3.54 -19.98
C ASP G 75 -62.22 3.72 -20.59
N SER G 76 -61.27 4.23 -19.81
CA SER G 76 -59.93 4.44 -20.31
C SER G 76 -59.26 3.12 -20.65
N GLU G 77 -59.42 2.12 -19.78
CA GLU G 77 -58.84 0.80 -20.05
C GLU G 77 -59.45 0.18 -21.29
N GLU G 78 -60.77 0.31 -21.46
CA GLU G 78 -61.42 -0.21 -22.66
C GLU G 78 -60.90 0.50 -23.92
N GLU G 79 -60.75 1.81 -23.85
CA GLU G 79 -60.25 2.57 -25.00
C GLU G 79 -58.84 2.15 -25.36
N ILE G 80 -57.97 2.01 -24.36
CA ILE G 80 -56.59 1.65 -24.65
C ILE G 80 -56.49 0.21 -25.16
N ARG G 81 -57.33 -0.69 -24.64
CA ARG G 81 -57.33 -2.07 -25.12
C ARG G 81 -57.83 -2.15 -26.55
N GLU G 82 -58.88 -1.39 -26.88
CA GLU G 82 -59.37 -1.36 -28.25
C GLU G 82 -58.33 -0.78 -29.20
N ALA G 83 -57.64 0.28 -28.77
CA ALA G 83 -56.59 0.86 -29.60
C ALA G 83 -55.47 -0.15 -29.84
N PHE G 84 -55.07 -0.89 -28.81
CA PHE G 84 -54.03 -1.90 -28.98
C PHE G 84 -54.49 -3.04 -29.87
N ARG G 85 -55.77 -3.40 -29.79
CA ARG G 85 -56.30 -4.43 -30.68
C ARG G 85 -56.27 -3.95 -32.13
N VAL G 86 -56.60 -2.68 -32.37
CA VAL G 86 -56.69 -2.23 -33.76
C VAL G 86 -55.31 -1.90 -34.36
N PHE G 87 -54.34 -1.48 -33.54
CA PHE G 87 -53.01 -1.26 -34.09
C PHE G 87 -52.30 -2.57 -34.41
N ASP G 88 -52.47 -3.60 -33.58
CA ASP G 88 -51.77 -4.86 -33.76
C ASP G 88 -52.56 -5.71 -34.74
N LYS G 89 -52.12 -5.71 -36.01
CA LYS G 89 -52.79 -6.51 -37.02
C LYS G 89 -52.63 -8.01 -36.73
N ASP G 90 -51.45 -8.42 -36.27
CA ASP G 90 -51.21 -9.83 -35.97
C ASP G 90 -51.93 -10.28 -34.70
N GLY G 91 -52.30 -9.36 -33.82
CA GLY G 91 -52.97 -9.74 -32.59
C GLY G 91 -52.08 -10.39 -31.55
N ASN G 92 -50.77 -10.21 -31.66
CA ASN G 92 -49.83 -10.81 -30.72
C ASN G 92 -49.44 -9.87 -29.58
N GLY G 93 -50.05 -8.69 -29.51
CA GLY G 93 -49.73 -7.74 -28.46
C GLY G 93 -48.41 -7.04 -28.64
N TYR G 94 -47.89 -6.98 -29.87
CA TYR G 94 -46.63 -6.34 -30.17
C TYR G 94 -46.81 -5.32 -31.28
N ILE G 95 -46.11 -4.20 -31.17
CA ILE G 95 -46.18 -3.12 -32.14
C ILE G 95 -44.79 -2.93 -32.75
N SER G 96 -44.72 -2.95 -34.08
CA SER G 96 -43.47 -2.75 -34.80
C SER G 96 -43.58 -1.53 -35.69
N ALA G 97 -42.44 -1.13 -36.26
CA ALA G 97 -42.42 0.05 -37.12
C ALA G 97 -43.24 -0.18 -38.38
N ALA G 98 -43.16 -1.37 -38.96
CA ALA G 98 -43.93 -1.66 -40.18
C ALA G 98 -45.42 -1.67 -39.91
N GLU G 99 -45.84 -2.17 -38.74
CA GLU G 99 -47.24 -2.10 -38.37
C GLU G 99 -47.69 -0.65 -38.21
N LEU G 100 -46.83 0.19 -37.64
CA LEU G 100 -47.14 1.61 -37.54
C LEU G 100 -47.31 2.24 -38.91
N ARG G 101 -46.42 1.89 -39.85
CA ARG G 101 -46.55 2.40 -41.21
C ARG G 101 -47.84 1.94 -41.85
N HIS G 102 -48.20 0.66 -41.65
CA HIS G 102 -49.42 0.12 -42.24
C HIS G 102 -50.65 0.84 -41.70
N VAL G 103 -50.72 1.04 -40.38
CA VAL G 103 -51.89 1.70 -39.82
C VAL G 103 -51.92 3.17 -40.21
N MET G 104 -50.75 3.82 -40.33
CA MET G 104 -50.71 5.21 -40.76
C MET G 104 -51.20 5.34 -42.20
N THR G 105 -50.79 4.43 -43.07
CA THR G 105 -51.26 4.46 -44.46
C THR G 105 -52.76 4.17 -44.53
N ASN G 106 -53.24 3.23 -43.73
CA ASN G 106 -54.67 2.91 -43.74
C ASN G 106 -55.50 4.09 -43.26
N LEU G 107 -55.05 4.76 -42.19
CA LEU G 107 -55.80 5.90 -41.67
C LEU G 107 -55.65 7.14 -42.53
N GLY G 108 -54.65 7.19 -43.41
CA GLY G 108 -54.42 8.34 -44.25
C GLY G 108 -53.50 9.39 -43.68
N GLU G 109 -53.17 9.30 -42.38
CA GLU G 109 -52.25 10.25 -41.74
C GLU G 109 -50.81 9.75 -41.93
N LYS G 110 -50.36 9.79 -43.18
CA LYS G 110 -49.03 9.32 -43.51
C LYS G 110 -47.97 10.31 -43.04
N LEU G 111 -46.87 9.78 -42.50
CA LEU G 111 -45.74 10.58 -42.08
C LEU G 111 -44.48 10.05 -42.75
N THR G 112 -43.46 10.89 -42.79
CA THR G 112 -42.18 10.48 -43.35
C THR G 112 -41.54 9.39 -42.49
N ASP G 113 -40.67 8.61 -43.11
CA ASP G 113 -40.02 7.51 -42.41
C ASP G 113 -39.19 8.01 -41.23
N GLU G 114 -38.53 9.15 -41.39
CA GLU G 114 -37.81 9.75 -40.27
C GLU G 114 -38.76 10.13 -39.14
N GLU G 115 -39.92 10.69 -39.48
CA GLU G 115 -40.90 11.06 -38.47
C GLU G 115 -41.44 9.83 -37.75
N VAL G 116 -41.73 8.76 -38.49
CA VAL G 116 -42.21 7.52 -37.88
C VAL G 116 -41.15 6.94 -36.96
N ASP G 117 -39.90 6.95 -37.39
CA ASP G 117 -38.82 6.43 -36.55
C ASP G 117 -38.64 7.27 -35.30
N GLU G 118 -38.76 8.59 -35.43
CA GLU G 118 -38.66 9.47 -34.27
C GLU G 118 -39.80 9.21 -33.29
N MET G 119 -41.01 9.00 -33.79
CA MET G 119 -42.12 8.65 -32.92
C MET G 119 -41.88 7.32 -32.21
N ILE G 120 -41.30 6.36 -32.95
CA ILE G 120 -40.97 5.06 -32.35
C ILE G 120 -39.97 5.25 -31.21
N ARG G 121 -38.94 6.06 -31.46
CA ARG G 121 -37.95 6.33 -30.41
C ARG G 121 -38.58 7.04 -29.21
N GLU G 122 -39.47 7.99 -29.46
CA GLU G 122 -40.15 8.68 -28.36
C GLU G 122 -40.96 7.69 -27.52
N ALA G 123 -41.65 6.76 -28.19
CA ALA G 123 -42.37 5.71 -27.46
C ALA G 123 -41.41 4.68 -26.87
N ASP G 124 -40.25 4.47 -27.50
CA ASP G 124 -39.31 3.46 -27.04
C ASP G 124 -38.62 3.92 -25.77
N ILE G 125 -38.51 3.02 -24.79
CA ILE G 125 -37.85 3.34 -23.54
C ILE G 125 -36.61 2.49 -23.28
N ASP G 126 -36.56 1.25 -23.79
CA ASP G 126 -35.41 0.38 -23.56
C ASP G 126 -34.43 0.38 -24.73
N GLY G 127 -34.76 1.04 -25.84
CA GLY G 127 -33.82 1.23 -26.92
C GLY G 127 -33.37 -0.04 -27.62
N ASP G 128 -34.30 -0.96 -27.89
CA ASP G 128 -33.97 -2.15 -28.66
C ASP G 128 -34.89 -2.39 -29.85
N GLY G 129 -35.98 -1.64 -29.97
CA GLY G 129 -36.84 -1.76 -31.14
C GLY G 129 -38.21 -2.35 -30.84
N GLN G 130 -38.75 -2.07 -29.67
CA GLN G 130 -40.06 -2.58 -29.28
C GLN G 130 -40.90 -1.48 -28.67
N VAL G 131 -42.22 -1.59 -28.86
CA VAL G 131 -43.19 -0.70 -28.25
C VAL G 131 -44.13 -1.55 -27.40
N ASN G 132 -44.22 -1.24 -26.11
CA ASN G 132 -44.91 -2.08 -25.16
C ASN G 132 -46.14 -1.37 -24.59
N TYR G 133 -46.89 -2.13 -23.78
CA TYR G 133 -48.12 -1.61 -23.18
C TYR G 133 -47.87 -0.34 -22.37
N GLU G 134 -47.01 -0.46 -21.35
CA GLU G 134 -46.74 0.66 -20.47
C GLU G 134 -46.07 1.81 -21.21
N GLU G 135 -45.26 1.50 -22.22
CA GLU G 135 -44.65 2.56 -23.03
C GLU G 135 -45.72 3.43 -23.67
N PHE G 136 -46.69 2.79 -24.34
CA PHE G 136 -47.73 3.55 -25.02
C PHE G 136 -48.61 4.29 -24.03
N VAL G 137 -48.97 3.66 -22.91
CA VAL G 137 -49.85 4.34 -21.97
C VAL G 137 -49.12 5.54 -21.33
N GLN G 138 -47.81 5.40 -21.08
CA GLN G 138 -47.05 6.52 -20.55
C GLN G 138 -46.96 7.65 -21.57
N MET G 139 -46.79 7.31 -22.85
CA MET G 139 -46.82 8.33 -23.89
C MET G 139 -48.18 9.03 -23.94
N MET G 140 -49.25 8.26 -23.71
CA MET G 140 -50.59 8.85 -23.79
C MET G 140 -50.87 9.73 -22.59
N THR G 141 -50.28 9.42 -21.43
CA THR G 141 -50.57 10.18 -20.23
C THR G 141 -50.14 11.64 -20.37
N ALA G 142 -48.99 11.88 -21.00
CA ALA G 142 -48.50 13.25 -21.20
C ALA G 142 -49.39 14.02 -22.17
N GLU H 1 3.53 22.20 -58.80
CA GLU H 1 4.68 21.91 -59.64
C GLU H 1 5.41 20.67 -59.14
N GLU H 2 5.27 20.37 -57.84
CA GLU H 2 5.91 19.22 -57.24
C GLU H 2 5.13 17.93 -57.41
N GLN H 3 3.89 18.00 -57.90
CA GLN H 3 3.09 16.79 -58.09
C GLN H 3 3.54 15.98 -59.30
N ILE H 4 4.26 16.60 -60.24
CA ILE H 4 4.70 15.90 -61.44
C ILE H 4 5.83 14.92 -61.19
N ALA H 5 6.36 14.87 -59.96
CA ALA H 5 7.46 13.96 -59.65
C ALA H 5 7.07 12.50 -59.78
N GLU H 6 5.78 12.18 -59.66
CA GLU H 6 5.32 10.80 -59.79
C GLU H 6 5.36 10.30 -61.23
N PHE H 7 5.56 11.18 -62.21
CA PHE H 7 5.57 10.79 -63.61
C PHE H 7 6.83 10.03 -63.99
N LYS H 8 7.84 9.99 -63.12
CA LYS H 8 9.10 9.32 -63.46
C LYS H 8 8.88 7.83 -63.72
N GLU H 9 8.06 7.17 -62.90
CA GLU H 9 7.79 5.76 -63.11
C GLU H 9 7.04 5.53 -64.41
N ALA H 10 6.08 6.40 -64.73
CA ALA H 10 5.31 6.26 -65.97
C ALA H 10 6.21 6.43 -67.18
N PHE H 11 7.13 7.39 -67.14
CA PHE H 11 8.05 7.58 -68.26
C PHE H 11 8.95 6.36 -68.45
N SER H 12 9.46 5.81 -67.34
CA SER H 12 10.31 4.62 -67.44
C SER H 12 9.55 3.43 -67.99
N LEU H 13 8.30 3.26 -67.55
CA LEU H 13 7.48 2.16 -68.06
C LEU H 13 7.19 2.33 -69.55
N PHE H 14 6.87 3.56 -69.98
CA PHE H 14 6.56 3.78 -71.38
C PHE H 14 7.80 3.64 -72.26
N ASP H 15 8.93 4.18 -71.80
CA ASP H 15 10.17 4.13 -72.58
C ASP H 15 10.91 2.82 -72.29
N LYS H 16 10.43 1.76 -72.92
CA LYS H 16 11.05 0.44 -72.77
C LYS H 16 12.36 0.32 -73.55
N ASP H 17 12.68 1.29 -74.42
CA ASP H 17 13.91 1.22 -75.19
C ASP H 17 15.14 1.31 -74.28
N GLY H 18 15.07 2.16 -73.26
CA GLY H 18 16.20 2.32 -72.35
C GLY H 18 17.31 3.20 -72.86
N ASP H 19 17.08 3.93 -73.94
CA ASP H 19 18.08 4.83 -74.52
C ASP H 19 17.87 6.28 -74.10
N GLY H 20 17.00 6.54 -73.13
CA GLY H 20 16.68 7.89 -72.71
C GLY H 20 15.60 8.56 -73.53
N THR H 21 15.12 7.93 -74.58
CA THR H 21 14.06 8.49 -75.41
C THR H 21 13.26 7.35 -76.02
N ILE H 22 12.04 7.66 -76.44
CA ILE H 22 11.17 6.66 -77.03
C ILE H 22 11.69 6.30 -78.42
N THR H 23 11.90 5.01 -78.65
CA THR H 23 12.38 4.51 -79.93
C THR H 23 11.22 3.98 -80.76
N THR H 24 11.45 3.91 -82.07
CA THR H 24 10.42 3.41 -82.97
C THR H 24 10.10 1.94 -82.68
N LYS H 25 11.12 1.15 -82.35
CA LYS H 25 10.90 -0.25 -82.01
C LYS H 25 10.04 -0.39 -80.77
N GLU H 26 10.30 0.44 -79.74
CA GLU H 26 9.49 0.39 -78.53
C GLU H 26 8.05 0.79 -78.81
N LEU H 27 7.85 1.83 -79.62
CA LEU H 27 6.50 2.24 -79.98
C LEU H 27 5.77 1.13 -80.73
N GLY H 28 6.44 0.50 -81.69
CA GLY H 28 5.82 -0.61 -82.40
C GLY H 28 5.49 -1.77 -81.49
N THR H 29 6.39 -2.08 -80.54
CA THR H 29 6.14 -3.19 -79.62
C THR H 29 4.94 -2.92 -78.73
N VAL H 30 4.87 -1.73 -78.14
CA VAL H 30 3.73 -1.42 -77.28
C VAL H 30 2.45 -1.32 -78.09
N MET H 31 2.54 -0.84 -79.33
CA MET H 31 1.37 -0.74 -80.20
C MET H 31 0.83 -2.14 -80.53
N ARG H 32 1.73 -3.08 -80.85
CA ARG H 32 1.30 -4.44 -81.12
C ARG H 32 0.77 -5.13 -79.88
N SER H 33 1.40 -4.87 -78.73
CA SER H 33 0.92 -5.47 -77.49
C SER H 33 -0.49 -4.99 -77.14
N LEU H 34 -0.75 -3.69 -77.30
CA LEU H 34 -2.07 -3.18 -77.03
C LEU H 34 -3.09 -3.64 -78.07
N GLY H 35 -2.65 -3.83 -79.32
CA GLY H 35 -3.46 -4.46 -80.33
C GLY H 35 -3.91 -3.55 -81.46
N GLN H 36 -4.11 -2.27 -81.20
CA GLN H 36 -4.58 -1.36 -82.23
C GLN H 36 -3.49 -1.10 -83.26
N ASN H 37 -3.92 -0.89 -84.51
CA ASN H 37 -3.01 -0.70 -85.64
C ASN H 37 -3.43 0.52 -86.46
N PRO H 38 -3.15 1.72 -85.97
CA PRO H 38 -3.45 2.93 -86.75
C PRO H 38 -2.39 3.17 -87.82
N THR H 39 -2.55 4.29 -88.53
CA THR H 39 -1.63 4.64 -89.60
C THR H 39 -0.25 4.98 -89.05
N GLU H 40 0.79 4.53 -89.75
CA GLU H 40 2.15 4.82 -89.32
C GLU H 40 2.46 6.31 -89.45
N ALA H 41 1.97 6.94 -90.51
CA ALA H 41 2.19 8.37 -90.68
C ALA H 41 1.53 9.17 -89.55
N GLU H 42 0.40 8.67 -89.04
CA GLU H 42 -0.23 9.31 -87.89
C GLU H 42 0.69 9.31 -86.69
N LEU H 43 1.31 8.16 -86.41
CA LEU H 43 2.26 8.08 -85.30
C LEU H 43 3.48 8.97 -85.55
N GLN H 44 3.95 9.02 -86.80
CA GLN H 44 5.09 9.85 -87.13
C GLN H 44 4.80 11.32 -86.85
N ASP H 45 3.65 11.81 -87.31
CA ASP H 45 3.32 13.22 -87.06
C ASP H 45 3.03 13.47 -85.59
N MET H 46 2.42 12.51 -84.89
CA MET H 46 2.18 12.68 -83.46
C MET H 46 3.47 12.81 -82.68
N ILE H 47 4.45 11.94 -82.96
CA ILE H 47 5.71 11.99 -82.23
C ILE H 47 6.52 13.22 -82.65
N ASN H 48 6.38 13.65 -83.91
CA ASN H 48 7.07 14.86 -84.34
C ASN H 48 6.51 16.10 -83.64
N GLU H 49 5.19 16.18 -83.51
CA GLU H 49 4.57 17.32 -82.84
C GLU H 49 4.85 17.30 -81.34
N VAL H 50 4.83 16.11 -80.73
CA VAL H 50 5.04 16.00 -79.29
C VAL H 50 6.48 16.36 -78.94
N ASP H 51 7.45 15.80 -79.66
CA ASP H 51 8.85 16.01 -79.36
C ASP H 51 9.26 17.43 -79.76
N ALA H 52 9.91 18.14 -78.83
CA ALA H 52 10.40 19.47 -79.14
C ALA H 52 11.51 19.42 -80.19
N ASP H 53 12.43 18.46 -80.05
CA ASP H 53 13.50 18.33 -81.03
C ASP H 53 12.96 17.91 -82.40
N GLY H 54 11.99 16.99 -82.41
CA GLY H 54 11.42 16.54 -83.66
C GLY H 54 12.27 15.58 -84.46
N ASN H 55 13.38 15.08 -83.88
CA ASN H 55 14.27 14.15 -84.56
C ASN H 55 13.97 12.70 -84.21
N GLY H 56 12.74 12.38 -83.83
CA GLY H 56 12.37 11.04 -83.47
C GLY H 56 12.69 10.63 -82.05
N THR H 57 13.22 11.54 -81.24
CA THR H 57 13.55 11.27 -79.84
C THR H 57 12.63 12.08 -78.94
N ILE H 58 11.97 11.40 -78.01
CA ILE H 58 11.03 12.03 -77.08
C ILE H 58 11.75 12.24 -75.76
N ASP H 59 11.77 13.49 -75.30
CA ASP H 59 12.43 13.87 -74.06
C ASP H 59 11.40 14.12 -72.96
N PHE H 60 11.92 14.31 -71.74
CA PHE H 60 11.06 14.60 -70.60
C PHE H 60 10.23 15.88 -70.78
N PRO H 61 10.81 17.01 -71.19
CA PRO H 61 9.98 18.23 -71.34
C PRO H 61 8.87 18.08 -72.35
N GLU H 62 9.04 17.24 -73.37
CA GLU H 62 7.99 17.06 -74.37
C GLU H 62 6.71 16.52 -73.73
N PHE H 63 6.84 15.53 -72.86
CA PHE H 63 5.68 15.01 -72.14
C PHE H 63 5.25 15.94 -71.00
N LEU H 64 6.21 16.63 -70.38
CA LEU H 64 5.88 17.52 -69.27
C LEU H 64 4.99 18.67 -69.75
N THR H 65 5.28 19.22 -70.92
CA THR H 65 4.46 20.31 -71.45
C THR H 65 3.03 19.86 -71.70
N MET H 66 2.87 18.67 -72.29
CA MET H 66 1.52 18.16 -72.52
C MET H 66 0.79 17.89 -71.22
N MET H 67 1.48 17.34 -70.22
CA MET H 67 0.86 17.09 -68.94
C MET H 67 0.43 18.40 -68.27
N ALA H 68 1.28 19.43 -68.34
CA ALA H 68 0.93 20.71 -67.76
C ALA H 68 -0.25 21.34 -68.49
N ARG H 69 -0.28 21.22 -69.82
CA ARG H 69 -1.39 21.78 -70.58
C ARG H 69 -2.70 21.06 -70.24
N LYS H 70 -2.66 19.75 -70.06
CA LYS H 70 -3.86 18.99 -69.76
C LYS H 70 -4.23 19.00 -68.28
N MET H 71 -3.36 19.50 -67.41
CA MET H 71 -3.64 19.47 -65.98
C MET H 71 -4.85 20.32 -65.62
N LYS H 72 -4.83 21.59 -66.04
CA LYS H 72 -5.91 22.55 -65.73
C LYS H 72 -6.18 22.61 -64.23
N ASP H 73 -5.17 23.06 -63.49
CA ASP H 73 -5.26 23.10 -62.04
C ASP H 73 -6.22 24.19 -61.58
N THR H 74 -6.57 24.14 -60.30
CA THR H 74 -7.48 25.11 -59.71
C THR H 74 -6.83 26.48 -59.63
N ASP H 75 -7.66 27.52 -59.65
CA ASP H 75 -7.15 28.89 -59.61
C ASP H 75 -6.46 29.19 -58.28
N SER H 76 -7.06 28.77 -57.17
CA SER H 76 -6.46 29.03 -55.87
C SER H 76 -5.13 28.30 -55.71
N GLU H 77 -5.07 27.04 -56.15
CA GLU H 77 -3.82 26.29 -56.09
C GLU H 77 -2.74 26.94 -56.96
N GLU H 78 -3.11 27.40 -58.15
CA GLU H 78 -2.14 28.07 -59.01
C GLU H 78 -1.65 29.36 -58.37
N GLU H 79 -2.55 30.13 -57.77
CA GLU H 79 -2.16 31.37 -57.11
C GLU H 79 -1.20 31.10 -55.96
N ILE H 80 -1.52 30.11 -55.12
CA ILE H 80 -0.67 29.84 -53.97
C ILE H 80 0.68 29.29 -54.41
N ARG H 81 0.70 28.47 -55.47
CA ARG H 81 1.97 27.95 -55.98
C ARG H 81 2.84 29.06 -56.56
N GLU H 82 2.22 29.98 -57.30
CA GLU H 82 2.97 31.11 -57.83
C GLU H 82 3.51 32.00 -56.72
N ALA H 83 2.69 32.23 -55.68
CA ALA H 83 3.16 33.02 -54.54
C ALA H 83 4.35 32.35 -53.87
N PHE H 84 4.28 31.02 -53.68
CA PHE H 84 5.40 30.31 -53.07
C PHE H 84 6.63 30.34 -53.94
N ARG H 85 6.45 30.28 -55.26
CA ARG H 85 7.59 30.39 -56.17
C ARG H 85 8.24 31.76 -56.07
N VAL H 86 7.44 32.83 -55.95
CA VAL H 86 8.02 34.16 -55.96
C VAL H 86 8.60 34.54 -54.60
N PHE H 87 8.05 34.03 -53.49
CA PHE H 87 8.66 34.32 -52.20
C PHE H 87 9.99 33.60 -52.01
N ASP H 88 10.09 32.35 -52.47
CA ASP H 88 11.28 31.54 -52.26
C ASP H 88 12.28 31.88 -53.36
N LYS H 89 13.24 32.74 -53.03
CA LYS H 89 14.28 33.11 -53.99
C LYS H 89 15.15 31.91 -54.35
N ASP H 90 15.48 31.08 -53.35
CA ASP H 90 16.31 29.91 -53.59
C ASP H 90 15.57 28.80 -54.34
N GLY H 91 14.25 28.81 -54.32
CA GLY H 91 13.50 27.78 -55.00
C GLY H 91 13.52 26.42 -54.33
N ASN H 92 13.84 26.36 -53.05
CA ASN H 92 13.91 25.11 -52.31
C ASN H 92 12.62 24.79 -51.55
N GLY H 93 11.58 25.61 -51.72
CA GLY H 93 10.34 25.37 -51.02
C GLY H 93 10.37 25.72 -49.55
N TYR H 94 11.30 26.56 -49.13
CA TYR H 94 11.43 26.96 -47.74
C TYR H 94 11.42 28.48 -47.64
N ILE H 95 10.78 28.99 -46.58
CA ILE H 95 10.67 30.41 -46.33
C ILE H 95 11.34 30.72 -45.00
N SER H 96 12.27 31.68 -45.02
CA SER H 96 12.99 32.12 -43.84
C SER H 96 12.70 33.59 -43.56
N ALA H 97 13.15 34.05 -42.39
CA ALA H 97 12.92 35.45 -42.02
C ALA H 97 13.67 36.39 -42.95
N ALA H 98 14.90 36.05 -43.33
CA ALA H 98 15.68 36.90 -44.20
C ALA H 98 15.06 36.98 -45.59
N GLU H 99 14.51 35.87 -46.08
CA GLU H 99 13.79 35.90 -47.35
C GLU H 99 12.56 36.79 -47.26
N LEU H 100 11.86 36.74 -46.13
CA LEU H 100 10.72 37.64 -45.92
C LEU H 100 11.16 39.09 -45.95
N ARG H 101 12.28 39.40 -45.30
CA ARG H 101 12.80 40.77 -45.32
C ARG H 101 13.17 41.19 -46.74
N HIS H 102 13.79 40.28 -47.49
CA HIS H 102 14.20 40.61 -48.87
C HIS H 102 12.98 40.90 -49.74
N VAL H 103 11.95 40.06 -49.65
CA VAL H 103 10.77 40.28 -50.48
C VAL H 103 10.01 41.53 -50.03
N MET H 104 10.00 41.80 -48.72
CA MET H 104 9.35 43.02 -48.23
C MET H 104 10.06 44.26 -48.73
N THR H 105 11.40 44.25 -48.71
CA THR H 105 12.16 45.38 -49.23
C THR H 105 11.96 45.54 -50.74
N ASN H 106 11.93 44.42 -51.47
CA ASN H 106 11.72 44.50 -52.91
C ASN H 106 10.35 45.06 -53.26
N LEU H 107 9.31 44.61 -52.55
CA LEU H 107 7.96 45.09 -52.80
C LEU H 107 7.72 46.50 -52.29
N GLY H 108 8.58 46.99 -51.39
CA GLY H 108 8.42 48.31 -50.83
C GLY H 108 7.59 48.38 -49.57
N GLU H 109 6.89 47.30 -49.21
CA GLU H 109 6.09 47.26 -48.00
C GLU H 109 6.98 46.81 -46.83
N LYS H 110 7.92 47.68 -46.48
CA LYS H 110 8.85 47.37 -45.40
C LYS H 110 8.17 47.46 -44.04
N LEU H 111 8.50 46.52 -43.17
CA LEU H 111 8.01 46.51 -41.80
C LEU H 111 9.19 46.43 -40.85
N THR H 112 8.94 46.81 -39.59
CA THR H 112 9.98 46.72 -38.58
C THR H 112 10.34 45.26 -38.30
N ASP H 113 11.56 45.06 -37.79
CA ASP H 113 12.03 43.71 -37.53
C ASP H 113 11.15 43.00 -36.50
N GLU H 114 10.66 43.73 -35.50
CA GLU H 114 9.73 43.14 -34.55
C GLU H 114 8.44 42.72 -35.24
N GLU H 115 7.94 43.56 -36.16
CA GLU H 115 6.71 43.22 -36.88
C GLU H 115 6.92 41.99 -37.77
N VAL H 116 8.07 41.91 -38.45
CA VAL H 116 8.36 40.76 -39.30
C VAL H 116 8.45 39.50 -38.45
N ASP H 117 9.12 39.59 -37.30
CA ASP H 117 9.23 38.44 -36.41
C ASP H 117 7.87 38.01 -35.87
N GLU H 118 7.02 38.98 -35.54
CA GLU H 118 5.67 38.66 -35.07
C GLU H 118 4.86 37.97 -36.17
N MET H 119 4.99 38.43 -37.41
CA MET H 119 4.32 37.77 -38.51
C MET H 119 4.83 36.35 -38.70
N ILE H 120 6.14 36.17 -38.54
CA ILE H 120 6.73 34.83 -38.65
C ILE H 120 6.14 33.92 -37.57
N ARG H 121 6.06 34.42 -36.33
CA ARG H 121 5.47 33.64 -35.26
C ARG H 121 4.01 33.31 -35.53
N GLU H 122 3.25 34.28 -36.05
CA GLU H 122 1.85 34.02 -36.38
C GLU H 122 1.73 32.93 -37.43
N ALA H 123 2.60 32.95 -38.44
CA ALA H 123 2.62 31.87 -39.42
C ALA H 123 3.23 30.59 -38.85
N ASP H 124 4.14 30.71 -37.88
CA ASP H 124 4.80 29.54 -37.32
C ASP H 124 3.84 28.76 -36.43
N ILE H 125 3.84 27.44 -36.57
CA ILE H 125 2.99 26.58 -35.77
C ILE H 125 3.76 25.62 -34.89
N ASP H 126 4.97 25.19 -35.30
CA ASP H 126 5.75 24.25 -34.50
C ASP H 126 6.81 24.93 -33.66
N GLY H 127 7.00 26.24 -33.82
CA GLY H 127 7.88 27.00 -32.94
C GLY H 127 9.34 26.62 -32.99
N ASP H 128 9.88 26.41 -34.19
CA ASP H 128 11.31 26.14 -34.35
C ASP H 128 11.98 27.05 -35.37
N GLY H 129 11.23 27.83 -36.14
CA GLY H 129 11.83 28.78 -37.06
C GLY H 129 11.64 28.45 -38.52
N GLN H 130 10.51 27.85 -38.87
CA GLN H 130 10.21 27.48 -40.24
C GLN H 130 8.80 27.90 -40.61
N VAL H 131 8.61 28.20 -41.89
CA VAL H 131 7.30 28.51 -42.46
C VAL H 131 7.04 27.50 -43.58
N ASN H 132 5.94 26.76 -43.47
CA ASN H 132 5.69 25.64 -44.36
C ASN H 132 4.46 25.90 -45.23
N TYR H 133 4.21 24.96 -46.14
CA TYR H 133 3.09 25.07 -47.08
C TYR H 133 1.77 25.23 -46.34
N GLU H 134 1.42 24.24 -45.53
CA GLU H 134 0.14 24.24 -44.83
C GLU H 134 0.05 25.42 -43.85
N GLU H 135 1.17 25.81 -43.26
CA GLU H 135 1.16 26.98 -42.38
C GLU H 135 0.67 28.22 -43.13
N PHE H 136 1.27 28.49 -44.28
CA PHE H 136 0.89 29.68 -45.04
C PHE H 136 -0.54 29.58 -45.55
N VAL H 137 -0.94 28.41 -46.03
CA VAL H 137 -2.30 28.31 -46.56
C VAL H 137 -3.34 28.46 -45.44
N GLN H 138 -3.03 27.94 -44.24
CA GLN H 138 -3.91 28.13 -43.10
C GLN H 138 -3.98 29.59 -42.69
N MET H 139 -2.85 30.29 -42.73
CA MET H 139 -2.87 31.73 -42.46
C MET H 139 -3.70 32.46 -43.51
N MET H 140 -3.66 32.01 -44.77
CA MET H 140 -4.40 32.68 -45.82
C MET H 140 -5.89 32.42 -45.71
N THR H 141 -6.27 31.25 -45.19
CA THR H 141 -7.68 30.89 -45.11
C THR H 141 -8.45 31.85 -44.23
N ALA H 142 -7.86 32.27 -43.11
CA ALA H 142 -8.53 33.19 -42.19
C ALA H 142 -8.67 34.57 -42.81
#